data_7Z88
#
_entry.id   7Z88
#
_cell.length_a   1.00
_cell.length_b   1.00
_cell.length_c   1.00
_cell.angle_alpha   90.00
_cell.angle_beta   90.00
_cell.angle_gamma   90.00
#
_symmetry.space_group_name_H-M   'P 1'
#
loop_
_entity.id
_entity.type
_entity.pdbx_description
1 polymer 'DNA-dependent protein kinase catalytic subunit'
2 polymer 'X-ray repair cross-complementing protein 6'
3 polymer 'X-ray repair cross-complementing protein 5'
4 polymer 'DNA (26-MER)'
5 polymer 'DNA (26-MER)'
6 non-polymer (~{S})-[2-chloranyl-4-fluoranyl-5-(7-morpholin-4-ylquinazolin-4-yl)phenyl]-(6-methoxypyridazin-3-yl)methanol
#
loop_
_entity_poly.entity_id
_entity_poly.type
_entity_poly.pdbx_seq_one_letter_code
_entity_poly.pdbx_strand_id
1 'polypeptide(L)'
;MAGSGAGVRCSLLRLQETLSAADRCGAALAGHQLIRGLGQECVLSSSPAVLALQTSLVFSRDFGLLVFVRKSLNSIEFRE
CREEILKFLCIFLEKMGQKIAPYSVEIKNTCTSVYTKDRAAKCKIPALDLLIKLLQTFRSSRLMDEFKIGELFSKFYGEL
ALKKKIPDTVLEKVYELLGLLGEVHPSEMINNAENLFRAFLGELKTQMTSAVREPKLPVLAGCLKGLSSLLCNFTKSMEE
DPQTSREIFNFVLKAIRPQIDLKRYAVPSAGLRLFALHASQFSTCLLDNYVSLFEVLLKWCAHTNVELKKAALSALESFL
KQVSNMVAKNAEMHKNKLQYFMEQFYGIIRNVDSNNKELSIAIRGYGLFAGPCKVINAKDVDFMYVELIQRCKQMFLTQT
DTGDDRVYQMPSFLQSVASVLLYLDTVPEVYTPVLEHLVVMQIDSFPQYSPKMQLVCCRAIVKVFLALAAKGPVLRNCIS
TVVHQGLIRICSKPVVLPKGPESESEDHRASGEVRTGKWKVPTYKDYVDLFRHLLSSDQMMDSILADEAFFSVNSSSESL
NHLLYDEFVKSVLKIVEKLDLTLEIQTVGEQENGDEAPGVWMIPTSDPAANLHPAKPKDFSAFINLVEFCREILPEKQAE
FFEPWVYSFSYELILQSTRLPLISGFYKLLSITVRNAKKIKYFEGVSPKSLKHSPEDPEKYSCFALFVKFGKEVAVKMKQ
YKDELLASCLTFLLSLPHNIIELDVRAYVPALQMAFKLGLSYTPLAEVGLNALEEWSIYIDRHVMQPYYKDILPCLDGYL
KTSALSDETKNNWEVSALSRAAQKGFNKVVLKHLKKTKNLSSNEAISLEEIRIRVVQMLGSLGGQINKNLLTVTSSDEMM
KSYVAWDREKRLSFAVPFREMKPVIFLDVFLPRVTELALTASDRQTKVAACELLHSMVMFMLGKATQMPEGGQGAPPMYQ
LYKRTFPVLLRLACDVDQVTRQLYEPLVMQLIHWFTNNKKFESQDTVALLEAILDGIVDPVDSTLRDFCGRCIREFLKWS
IKQITPQQQEKSPVNTKSLFKRLYSLALHPNAFKRLGASLAFNNIYREFREEESLVEQFVFEALVIYMESLALAHADEKS
LGTIQQCCDAIDHLCRIIEKKHVSLNKAKKRRLPRGFPPSASLCLLDLVKWLLAHCGRPQTECRHKSIELFYKFVPLLPG
NRSPNLWLKDVLKEEGVSFLINTFEGGGCGQPSGILAQPTLLYLRGPFSLQATLCWLDLLLAALECYNTFIGERTVGALQ
VLGTEAQSSLLKAVAFFLESIAMHDIIAAEKCFGTGAAGNRTSPQEGERYNYSKCTVVVRIMEFTTTLLNTSPEGWKLLK
KDLCNTHLMRVLVQTLCEPASIGFNIGDVQVMAHLPDVCVNLMKALKMSPYKDILETHLREKITAQSIEELCAVNLYGPD
AQVDRSRLAAVVSACKQLHRAGLLHNILPSQSTDLHHSVGTELLSLVYKGIAPGDERQCLPSLDLSCKQLASGLLELAFA
FGGLCERLVSLLLNPAVLSTASLGSSQGSVIHFSHGEYFYSLFSETINTELLKNLDLAVLELMQSSVDNTKMVSAVLNGM
LDQSFRERANQKHQGLKLATTILQHWKKCDSWWAKDSPLETKMAVLALLAKILQIDSSVSFNTSHGSFPEVFTTYISLLA
DTKLDLHLKGQAVTLLPFFTSLTGGSLEELRRVLEQLIVAHFPMQSREFPPGTPRFNNYVDCMKKFLDALELSQSPMLLE
LMTEVLCREQQHVMEELFQSSFRRIARRGSCVTQVGLLESVYEMFRKDDPRLSFTRQSFVDRSLLTLLWHCSLDALREFF
STIVVDAIDVLKSRFTKLNESTFDTQITKKMGYYKILDVMYSRLPKDDVHAKESKINQVFHGSCITEGNELTKTLIKLCY
DAFTENMAGENQLLERRRLYHCAAYNCAISVICCVFNELKFYQGFLFSEKPEKNLLIFENLIDLKRRYNFPVEVEVPMER
KKKYIEIRKEAREAANGDSDGPSYMSSLSYLADSTLSEEMSQFDFSTGVQSYSYSSQDPRPATGRFRRREQRDPTVHDDV
LELEMDELNRHECMAPLTALVKHMHRSLGPPQGEEDSVPRDLPSWMKFLHGKLGNPIVPLNIRLFLAKLVINTEEVFRPY
AKHWLSPLLQLAASENNGGEGIHYMVVEIVATILSWTGLATPTGVPKDEVLANRLLNFLMKHVFHPKRAVFRHNLEIIKT
LVECWKDCLSIPYRLIFEKFSGKDPNSKDNSVGIQLLGIVMANDLPPYDPQCGIQSSEYFQALVNNMSFVRYKEVYAAAA
EVLGLILRYVMERKNILEESLCELVAKQLKQHQNTMEDKFIVCLNKVTKSFPPLADRFMNAVFFLLPKFHGVLKTLCLEV
VLCRVEGMTELYFQLKSKDFVQVMRHRDDERQKVCLDIIYKMMPKLKPVELRELLNPVVEFVSHPSTTCREQMYNILMWI
HDNYRDPESETDNDSQEIFKLAKDVLIQGLIDENPGLQLIIRNFWSHETRLPSNTLDRLLALNSLYSPKIEVHFLSLATN
FLLEMTSMSPDYPNPMFEHPLSECEFQEYTIDSDWRFRSTVLTPMFVETQASQGTLQTRTQEGSLSARWPVAGQIRATQQ
QHDFTLTQTADGRSSFDWLTGSSTDPLVDHTSPSSDSLLFAHKRSERLQRAPLKSVGPDFGKKRLGLPGDEVDNKVKGAA
GRTDLLRLRRRFMRDQEKLSLMYARKGVAEQKREKEIKSELKMKQDAQVVLYRSYRHGDLPDIQIKHSSLITPLQAVAQR
DPIIAKQLFSSLFSGILKEMDKFKTLSEKNNITQKLLQDFNRFLNTTFSFFPPFVSCIQDISCQHAALLSLDPAAVSAGC
LASLQQPVGIRLLEEALLRLLPAELPAKRVRGKARLPPDVLRWVELAKLYRSIGEYDVLRGIFTSEIGTKQITQSALLAE
ARSDYSEAAKQYDEALNKQDWVDGEPTEAEKDFWELASLDCYNHLAEWKSLEYCSTASIDSENPPDLNKIWSEPFYQETY
LPYMIRSKLKLLLQGEADQSLLTFIDKAMHGELQKAILELHYSQELSLLYLLQDDVDRAKYYIQNGIQSFMQNYSSIDVL
LHQSRLTKLQSVQALTEIQEFISFISKQGNLSSQVPLKRLLNTWTNRYPDAKMDPMNIWDDIITNRCFFLSKIEEKLTPL
PEDNSMNVDQDGDPSDRMEVQEQEEDISSLIRSCKFSMKMKMIDSARKQNNFSLAMKLLKELHKESKTRDDWLVSWVQSY
CRLSHCRSRSQGCSEQVLTVLKTVSLLDENNVSSYLSKNILAFRDQNILLGTTYRIIANALSSEPACLAEIEEDKARRIL
ELSGSSSEDSEKVIAGLYQRAFQHLSEAVQAAEEEAQPPSWSCGPAAGVIDAYMTLADFCDQQLRKEEENASVIDSAELQ
AYPALVVEKMLKALKLNSNEARLKFPRLLQIIERYPEETLSLMTKEISSVPCWQFISWISHMVALLDKDQAVAVQHSVEE
ITDNYPQAIVYPFIISSESYSFKDTSTGHKNKEFVARIKSKLDQGGVIQDFINALDQLSNPELLFKDWSNDVRAELAKTP
VNKKNIEKMYERMYAALGDPKAPGLGAFRRKFIQTFGKEFDKHFGKGGSKLLRMKLSDFNDITNMLLLKMNKDSKPPGNL
KECSPWMSDFKVEFLRNELEIPGQYDGRGKPLPEYHVRIAGFDERVTVMASLRRPKRIIIRGHDEREHPFLVKGGEDLRQ
DQRVEQLFQVMNGILAQDSACSQRALQLRTYSVVPMTSRLGLIEWLENTVTLKDLLLNTMSQEEKAAYLSDPRAPPCEYK
DWLTKMSGKHDVGAYMLMYKGANRTETVTSFRKRESKVPADLLKRAFVRMSTSPEAFLALRSHFASSHALICISHWILGI
GDRHLNNFMVAMETGGVIGIDFGHAFGSATQFLPVPELMPFRLTRQFINLMLPMKETGLMYSIMVHALRAFRSDPGLLTN
TMDVFVKEPSFDWKNFEQKMLKKGGSWIQEINVAEKNWYPRQKICYAKRKLAGANPAVITCDELLLGHEKAPAFRDYVAV
ARGSKDHNIRAQEPESGLSEETQVKCLMDQATDPNILGRTWEGWEPWM
;
A
2 'polypeptide(L)'
;MSGWESYYKTEGDEEAEEEQEENLEASGDYKYSGRDSLIFLVDASKAMFESQSEDELTPFDMSIQCIQSVYISKIISSDR
DLLAVVFYGTEKDKNSVNFKNIYVLQELDNPGAKRILELDQFKGQQGQKRFQDMMGHGSDYSLSEVLWVCANLFSDVQFK
MSHKRIMLFTNEDNPHGNDSAKASRARTKAGDLRDTGIFLDLMHLKKPGGFDISLFYRDIISIAEDEDLRVHFEESSKLE
DLLRKVRAKETRKRALSRLKLKLNKDIVISVGIYNLVQKALKPPPIKLYRETNEPVKTKTRTFNTSTGGLLLPSDTKRSQ
IYGSRQIILEKEETEELKRFDDPGLMLMGFKPLVLLKKHHYLRPSLFVYPEESLVIGSSTLFSALLIKCLEKEVAALCRY
TPRRNIPPYFVALVPQEEELDDQKIQVTPPGFQLVFLPFADDKRKMPFTEKIMATPEQVGKMKAIVEKLRFTYRSDSFEN
PVLQQHFRNLEALALDLMEPEQAVDLTLPKVEAMNKRLGSLVDEFKELVYPPDYNPEGKVTKRKHDNEGSGSKRPKVEYS
EEELKTHISKGTLGKFTVPMLKEACRAYGLKSGLKKQELLEALTKHFQD
;
B
3 'polypeptide(L)'
;MVRSGNKAAVVLCMDVGFTMSNSIPGIESPFEQAKKVITMFVQRQVFAENKDEIALVLFGTDGTDNPLSGGDQYQNITVH
RHLMLPDFDLLEDIESKIQPGSQQADFLDALIVSMDVIQHETIGKKFEKRHIEIFTDLSSRFSKSQLDIIIHSLKKCDIS
LQFFLPFSLGKEDGSGDRGDGPFRLGGHGPSFPLKGITEQQKEGLEIVKMVMISLEGEDGLDEIYSFSESLRKLCVFKKI
ERHSIHWPCRLTIGSNLSIRIAAYKSILQERVKKTWTVVDAKTLKKEDIQKETVYCLNDDDETEVLKEDIIQGFRYGSDI
VPFSKVDEEQMKYKSEGKCFSVLGFCKSSQVQRRFFMGNQVLKVFAARDDEAAAVALSSLIHALDDLDMVAIVRYAYDKR
ANPQVGVAFPHIKHNYECLVYVQLPFMEDLRQYMFSSLKNSKKYAPTEAQLNAVDALIDSMSLAKKDEKTDTLEDLFPTT
KIPNPRFQRLFQCLLHRALHPREPLPPIQQHIWNMLNPPAEVTTKSQIPLSKIKTLFPLIEAKKKDQVTAQEIFQDNHED
GPTAKKLKTEQGGAHFSVSSLAEGSVTSVGSVNPAENFRVLVKQKKASFEEASNQLINHIEQFLDTNETPYFMKSIDCIR
AFREEAIKFSEEQRFNNFLKALQEKVEIKQLNHFWEIVVQDGITLITKEEASGSSVTAEEAKKFLAPKDKPSGDTAAVFE
EGGDVDDLLDMI
;
C
4 'polydeoxyribonucleotide'
;(DC)(DC)(DC)(DG)(DC)(DT)(DG)(DC)(DC)(DG)(DA)(DT)(DT)(DC)(DC)(DG)(DC)(DT)(DG)(DG)
(DA)(DA)(DC)(DA)(DT)(DT)
;
D
5 'polydeoxyribonucleotide'
;(DA)(DA)(DT)(DG)(DT)(DT)(DC)(DC)(DA)(DG)(DC)(DG)(DG)(DA)(DA)(DT)(DC)(DG)(DG)(DC)
(DA)(DG)(DC)(DG)(DG)(DG)
;
E
#
loop_
_chem_comp.id
_chem_comp.type
_chem_comp.name
_chem_comp.formula
1IX non-polymer (~{S})-[2-chloranyl-4-fluoranyl-5-(7-morpholin-4-ylquinazolin-4-yl)phenyl]-(6-methoxypyridazin-3-yl)methanol 'C24 H21 Cl F N5 O3'
DA DNA linking 2'-DEOXYADENOSINE-5'-MONOPHOSPHATE 'C10 H14 N5 O6 P'
DC DNA linking 2'-DEOXYCYTIDINE-5'-MONOPHOSPHATE 'C9 H14 N3 O7 P'
DG DNA linking 2'-DEOXYGUANOSINE-5'-MONOPHOSPHATE 'C10 H14 N5 O7 P'
DT DNA linking THYMIDINE-5'-MONOPHOSPHATE 'C10 H15 N2 O8 P'
#
# COMPACT_ATOMS: atom_id res chain seq x y z
N GLY A 7 7.64 -1.36 -22.73
CA GLY A 7 6.99 -0.52 -21.76
C GLY A 7 7.96 0.30 -20.92
N VAL A 8 9.00 -0.35 -20.42
CA VAL A 8 9.98 0.30 -19.54
C VAL A 8 11.19 0.70 -20.38
N ARG A 9 11.45 2.01 -20.44
CA ARG A 9 12.66 2.59 -21.02
C ARG A 9 12.66 2.48 -22.54
N CYS A 10 11.68 1.79 -23.11
CA CYS A 10 11.55 1.72 -24.56
C CYS A 10 10.66 2.83 -25.09
N SER A 11 9.61 3.19 -24.35
CA SER A 11 8.78 4.33 -24.74
C SER A 11 9.58 5.63 -24.67
N LEU A 12 10.43 5.77 -23.65
CA LEU A 12 11.32 6.93 -23.60
C LEU A 12 12.30 6.93 -24.76
N LEU A 13 12.79 5.74 -25.13
CA LEU A 13 13.69 5.64 -26.28
C LEU A 13 12.99 6.09 -27.56
N ARG A 14 11.75 5.65 -27.76
CA ARG A 14 10.97 6.11 -28.92
C ARG A 14 10.70 7.61 -28.84
N LEU A 15 10.50 8.12 -27.62
CA LEU A 15 10.30 9.56 -27.45
C LEU A 15 11.51 10.35 -27.95
N GLN A 16 12.72 9.91 -27.59
CA GLN A 16 13.90 10.62 -28.06
C GLN A 16 14.19 10.31 -29.53
N GLU A 17 13.69 9.18 -30.04
CA GLU A 17 13.89 8.86 -31.45
C GLU A 17 13.02 9.72 -32.34
N THR A 18 11.79 10.02 -31.90
CA THR A 18 10.85 10.80 -32.69
C THR A 18 11.09 12.30 -32.60
N LEU A 19 12.25 12.72 -32.07
CA LEU A 19 12.56 14.13 -31.98
C LEU A 19 12.90 14.73 -33.34
N SER A 20 13.71 14.03 -34.13
CA SER A 20 14.26 14.57 -35.36
C SER A 20 13.41 14.26 -36.59
N ALA A 21 12.28 13.59 -36.43
CA ALA A 21 11.43 13.26 -37.57
C ALA A 21 10.81 14.52 -38.16
N ALA A 22 10.80 14.60 -39.49
CA ALA A 22 10.23 15.76 -40.16
C ALA A 22 8.71 15.81 -39.96
N ASP A 23 8.19 17.03 -39.89
CA ASP A 23 6.78 17.29 -39.61
C ASP A 23 6.37 16.60 -38.30
N ARG A 24 7.02 17.04 -37.22
CA ARG A 24 6.84 16.44 -35.90
C ARG A 24 5.54 16.96 -35.28
N CYS A 25 4.43 16.66 -35.97
CA CYS A 25 3.10 17.05 -35.51
C CYS A 25 2.27 15.83 -35.14
N GLY A 26 2.09 14.88 -36.07
CA GLY A 26 1.50 13.60 -35.69
C GLY A 26 2.42 12.80 -34.79
N ALA A 27 3.72 12.85 -35.07
CA ALA A 27 4.70 12.24 -34.17
C ALA A 27 4.66 12.90 -32.80
N ALA A 28 4.32 14.19 -32.75
CA ALA A 28 4.13 14.85 -31.46
C ALA A 28 2.99 14.21 -30.68
N LEU A 29 1.87 13.93 -31.36
CA LEU A 29 0.75 13.27 -30.70
C LEU A 29 1.12 11.86 -30.26
N ALA A 30 1.89 11.14 -31.09
CA ALA A 30 2.32 9.80 -30.71
C ALA A 30 3.20 9.84 -29.47
N GLY A 31 4.15 10.78 -29.42
CA GLY A 31 4.98 10.92 -28.25
C GLY A 31 4.19 11.31 -27.01
N HIS A 32 3.22 12.21 -27.18
CA HIS A 32 2.36 12.60 -26.07
C HIS A 32 1.57 11.40 -25.53
N GLN A 33 1.04 10.57 -26.43
CA GLN A 33 0.33 9.37 -26.01
C GLN A 33 1.28 8.41 -25.28
N LEU A 34 2.51 8.27 -25.78
CA LEU A 34 3.49 7.42 -25.11
C LEU A 34 3.80 7.93 -23.71
N ILE A 35 3.93 9.25 -23.56
CA ILE A 35 4.18 9.84 -22.25
C ILE A 35 3.01 9.59 -21.32
N ARG A 36 1.79 9.74 -21.83
CA ARG A 36 0.60 9.44 -21.03
C ARG A 36 0.61 7.99 -20.57
N GLY A 37 0.93 7.07 -21.47
CA GLY A 37 0.99 5.66 -21.10
C GLY A 37 2.06 5.38 -20.07
N LEU A 38 3.22 6.02 -20.21
CA LEU A 38 4.29 5.85 -19.22
C LEU A 38 3.85 6.33 -17.85
N GLY A 39 3.21 7.49 -17.80
CA GLY A 39 2.72 8.00 -16.53
C GLY A 39 1.66 7.09 -15.92
N GLN A 40 0.73 6.61 -16.74
CA GLN A 40 -0.29 5.70 -16.25
C GLN A 40 0.34 4.41 -15.70
N GLU A 41 1.34 3.87 -16.40
CA GLU A 41 2.00 2.66 -15.94
C GLU A 41 2.73 2.89 -14.62
N CYS A 42 3.48 3.99 -14.52
CA CYS A 42 4.25 4.25 -13.31
C CYS A 42 3.33 4.48 -12.11
N VAL A 43 2.24 5.23 -12.31
CA VAL A 43 1.30 5.46 -11.21
C VAL A 43 0.60 4.16 -10.83
N LEU A 44 0.27 3.33 -11.83
CA LEU A 44 -0.38 2.05 -11.54
C LEU A 44 0.54 1.10 -10.79
N SER A 45 1.85 1.29 -10.91
CA SER A 45 2.80 0.43 -10.23
C SER A 45 2.64 0.55 -8.73
N SER A 46 2.52 -0.60 -8.06
CA SER A 46 2.31 -0.64 -6.61
C SER A 46 3.47 -1.22 -5.83
N SER A 47 4.33 -2.00 -6.47
CA SER A 47 5.48 -2.59 -5.77
C SER A 47 6.57 -1.53 -5.60
N PRO A 48 7.01 -1.25 -4.38
CA PRO A 48 8.06 -0.23 -4.19
C PRO A 48 9.37 -0.56 -4.89
N ALA A 49 9.71 -1.84 -5.02
CA ALA A 49 10.96 -2.21 -5.69
C ALA A 49 10.93 -1.81 -7.16
N VAL A 50 9.89 -2.22 -7.88
CA VAL A 50 9.79 -1.83 -9.28
C VAL A 50 9.50 -0.34 -9.40
N LEU A 51 8.91 0.26 -8.36
CA LEU A 51 8.74 1.71 -8.35
C LEU A 51 10.07 2.42 -8.38
N ALA A 52 11.01 2.01 -7.52
CA ALA A 52 12.36 2.58 -7.54
C ALA A 52 13.09 2.22 -8.82
N LEU A 53 12.84 1.02 -9.35
CA LEU A 53 13.46 0.62 -10.61
C LEU A 53 13.08 1.58 -11.73
N GLN A 54 11.78 1.82 -11.91
CA GLN A 54 11.33 2.76 -12.94
C GLN A 54 11.71 4.20 -12.59
N THR A 55 11.83 4.51 -11.30
CA THR A 55 12.32 5.82 -10.89
C THR A 55 13.72 6.08 -11.44
N SER A 56 14.62 5.13 -11.23
CA SER A 56 15.95 5.25 -11.83
C SER A 56 15.89 5.16 -13.34
N LEU A 57 14.90 4.43 -13.87
CA LEU A 57 14.78 4.24 -15.31
C LEU A 57 14.46 5.54 -16.03
N VAL A 58 13.55 6.34 -15.49
CA VAL A 58 13.09 7.52 -16.22
C VAL A 58 14.18 8.58 -16.29
N PHE A 59 14.93 8.76 -15.21
CA PHE A 59 15.95 9.80 -15.13
C PHE A 59 17.31 9.19 -15.47
N SER A 60 17.77 9.41 -16.70
CA SER A 60 19.06 8.94 -17.16
C SER A 60 19.70 10.01 -18.04
N ARG A 61 20.98 10.30 -17.77
CA ARG A 61 21.67 11.36 -18.50
C ARG A 61 21.83 11.05 -19.98
N ASP A 62 22.16 9.80 -20.32
CA ASP A 62 22.36 9.42 -21.71
C ASP A 62 21.09 9.57 -22.54
N PHE A 63 19.95 9.15 -21.99
CA PHE A 63 18.66 9.34 -22.66
C PHE A 63 17.54 9.24 -21.64
N GLY A 64 16.59 10.16 -21.74
CA GLY A 64 15.47 10.19 -20.83
C GLY A 64 14.58 11.39 -21.11
N LEU A 65 13.47 11.44 -20.39
CA LEU A 65 12.55 12.56 -20.53
C LEU A 65 13.15 13.85 -19.99
N LEU A 66 14.00 13.76 -18.98
CA LEU A 66 14.67 14.95 -18.46
C LEU A 66 15.54 15.59 -19.53
N VAL A 67 16.38 14.78 -20.18
CA VAL A 67 17.22 15.29 -21.25
C VAL A 67 16.38 15.64 -22.48
N PHE A 68 15.25 14.96 -22.65
CA PHE A 68 14.32 15.33 -23.72
C PHE A 68 13.84 16.77 -23.55
N VAL A 69 13.37 17.11 -22.34
CA VAL A 69 12.96 18.48 -22.06
C VAL A 69 14.14 19.42 -22.21
N ARG A 70 15.32 19.00 -21.73
CA ARG A 70 16.52 19.82 -21.86
C ARG A 70 16.94 20.04 -23.31
N LYS A 71 16.48 19.20 -24.24
CA LYS A 71 16.82 19.34 -25.64
C LYS A 71 15.65 19.79 -26.52
N SER A 72 14.41 19.55 -26.10
CA SER A 72 13.23 20.01 -26.81
C SER A 72 12.88 21.45 -26.48
N LEU A 73 13.83 22.20 -25.92
CA LEU A 73 13.55 23.57 -25.50
C LEU A 73 13.14 24.45 -26.68
N ASN A 74 13.82 24.31 -27.82
CA ASN A 74 13.55 25.16 -28.98
C ASN A 74 12.52 24.50 -29.89
N SER A 75 11.32 24.29 -29.34
CA SER A 75 10.24 23.65 -30.08
C SER A 75 8.93 24.32 -29.67
N ILE A 76 8.34 25.05 -30.60
CA ILE A 76 7.06 25.72 -30.32
C ILE A 76 5.95 24.69 -30.18
N GLU A 77 5.89 23.73 -31.09
CA GLU A 77 4.80 22.76 -31.10
C GLU A 77 4.93 21.72 -29.99
N PHE A 78 6.16 21.37 -29.58
CA PHE A 78 6.33 20.48 -28.43
C PHE A 78 6.03 21.20 -27.13
N ARG A 79 4.76 21.53 -26.92
CA ARG A 79 4.30 22.13 -25.67
C ARG A 79 3.40 21.18 -24.90
N GLU A 80 2.35 20.67 -25.54
CA GLU A 80 1.43 19.76 -24.87
C GLU A 80 2.13 18.48 -24.43
N CYS A 81 3.13 18.03 -25.20
CA CYS A 81 3.95 16.91 -24.75
C CYS A 81 4.84 17.33 -23.60
N ARG A 82 5.47 18.50 -23.71
CA ARG A 82 6.26 19.04 -22.61
C ARG A 82 5.39 19.28 -21.39
N GLU A 83 4.20 19.84 -21.60
CA GLU A 83 3.27 20.05 -20.49
C GLU A 83 2.86 18.73 -19.84
N GLU A 84 2.62 17.71 -20.65
CA GLU A 84 2.28 16.39 -20.11
C GLU A 84 3.43 15.81 -19.30
N ILE A 85 4.66 15.97 -19.78
CA ILE A 85 5.83 15.49 -19.03
C ILE A 85 5.95 16.24 -17.70
N LEU A 86 5.74 17.56 -17.73
CA LEU A 86 5.82 18.33 -16.49
C LEU A 86 4.74 17.90 -15.50
N LYS A 87 3.53 17.68 -15.98
CA LYS A 87 2.46 17.24 -15.10
C LYS A 87 2.77 15.86 -14.53
N PHE A 88 3.33 14.97 -15.35
CA PHE A 88 3.73 13.66 -14.85
C PHE A 88 4.82 13.79 -13.79
N LEU A 89 5.75 14.72 -13.98
CA LEU A 89 6.78 14.96 -12.97
C LEU A 89 6.17 15.47 -11.67
N CYS A 90 5.18 16.35 -11.77
CA CYS A 90 4.48 16.81 -10.57
C CYS A 90 3.78 15.66 -9.87
N ILE A 91 3.18 14.75 -10.65
CA ILE A 91 2.52 13.58 -10.07
C ILE A 91 3.56 12.70 -9.37
N PHE A 92 4.71 12.50 -10.01
CA PHE A 92 5.73 11.60 -9.50
C PHE A 92 6.36 12.13 -8.22
N LEU A 93 6.58 13.45 -8.15
CA LEU A 93 7.32 14.01 -7.03
C LEU A 93 6.62 13.76 -5.70
N GLU A 94 5.32 13.45 -5.74
CA GLU A 94 4.59 13.01 -4.56
C GLU A 94 4.11 11.57 -4.64
N LYS A 95 4.22 10.94 -5.83
CA LYS A 95 3.88 9.53 -5.93
C LYS A 95 4.83 8.68 -5.11
N MET A 96 6.10 9.02 -5.10
CA MET A 96 7.13 8.28 -4.40
C MET A 96 7.59 9.07 -3.18
N GLY A 97 8.59 8.55 -2.47
CA GLY A 97 9.00 9.11 -1.19
C GLY A 97 9.84 10.35 -1.29
N GLN A 98 10.83 10.48 -0.40
CA GLN A 98 11.70 11.65 -0.34
C GLN A 98 13.11 11.34 -0.82
N LYS A 99 13.27 10.33 -1.66
CA LYS A 99 14.59 9.96 -2.19
C LYS A 99 14.76 10.41 -3.64
N ILE A 100 14.21 11.58 -3.98
CA ILE A 100 14.43 12.20 -5.29
C ILE A 100 15.84 12.72 -5.44
N ALA A 101 16.57 12.90 -4.32
CA ALA A 101 17.83 13.62 -4.19
C ALA A 101 18.75 13.52 -5.40
N PRO A 102 19.15 12.32 -5.86
CA PRO A 102 20.11 12.28 -6.97
C PRO A 102 19.59 12.94 -8.24
N TYR A 103 18.27 13.06 -8.39
CA TYR A 103 17.67 13.73 -9.53
C TYR A 103 17.07 15.08 -9.17
N SER A 104 17.14 15.50 -7.90
CA SER A 104 16.43 16.70 -7.48
C SER A 104 16.92 17.94 -8.21
N VAL A 105 18.20 18.28 -8.03
CA VAL A 105 18.68 19.60 -8.42
C VAL A 105 18.45 19.83 -9.91
N GLU A 106 18.78 18.84 -10.74
CA GLU A 106 18.56 19.00 -12.16
C GLU A 106 17.10 19.27 -12.48
N ILE A 107 16.17 18.50 -11.88
CA ILE A 107 14.75 18.81 -12.02
C ILE A 107 14.51 20.28 -11.72
N LYS A 108 14.96 20.74 -10.55
CA LYS A 108 14.80 22.14 -10.23
C LYS A 108 15.38 23.00 -11.35
N ASN A 109 16.64 22.74 -11.71
CA ASN A 109 17.24 23.46 -12.83
C ASN A 109 16.37 23.35 -14.07
N THR A 110 16.01 22.12 -14.46
CA THR A 110 15.24 22.03 -15.70
C THR A 110 13.88 22.69 -15.53
N CYS A 111 13.32 22.63 -14.31
CA CYS A 111 12.08 23.35 -14.08
C CYS A 111 12.25 24.81 -14.44
N THR A 112 13.29 25.45 -13.89
CA THR A 112 13.56 26.84 -14.25
C THR A 112 13.74 26.96 -15.76
N SER A 113 14.48 26.03 -16.37
CA SER A 113 14.65 26.10 -17.81
C SER A 113 13.30 25.96 -18.50
N VAL A 114 12.53 24.94 -18.12
CA VAL A 114 11.26 24.71 -18.81
C VAL A 114 10.28 25.83 -18.45
N TYR A 115 10.67 26.69 -17.53
CA TYR A 115 9.91 27.92 -17.28
C TYR A 115 10.54 29.09 -18.01
N THR A 116 11.87 29.22 -17.92
CA THR A 116 12.49 30.46 -18.36
C THR A 116 12.61 30.57 -19.87
N LYS A 117 12.34 29.49 -20.60
CA LYS A 117 12.25 29.57 -22.05
C LYS A 117 10.84 29.39 -22.57
N ASP A 118 10.12 28.38 -22.10
CA ASP A 118 8.76 28.16 -22.55
C ASP A 118 7.89 29.39 -22.29
N ARG A 119 7.11 29.76 -23.29
CA ARG A 119 6.32 30.98 -23.26
C ARG A 119 4.88 30.74 -22.83
N ALA A 120 4.30 29.60 -23.18
CA ALA A 120 2.89 29.34 -22.88
C ALA A 120 2.69 29.19 -21.39
N ALA A 121 1.69 29.90 -20.85
CA ALA A 121 1.38 29.79 -19.43
C ALA A 121 0.82 28.43 -19.09
N LYS A 122 0.43 27.64 -20.08
CA LYS A 122 0.02 26.27 -19.83
C LYS A 122 1.19 25.38 -19.44
N CYS A 123 2.41 25.81 -19.74
CA CYS A 123 3.61 25.14 -19.27
C CYS A 123 4.37 25.94 -18.22
N LYS A 124 4.12 27.25 -18.14
CA LYS A 124 4.73 28.05 -17.10
C LYS A 124 4.15 27.72 -15.73
N ILE A 125 2.87 27.31 -15.66
CA ILE A 125 2.32 26.83 -14.39
C ILE A 125 2.98 25.54 -13.93
N PRO A 126 3.03 24.45 -14.71
CA PRO A 126 3.71 23.24 -14.21
C PRO A 126 5.16 23.48 -13.89
N ALA A 127 5.81 24.39 -14.58
CA ALA A 127 7.18 24.78 -14.29
C ALA A 127 7.30 25.69 -13.09
N LEU A 128 6.19 25.88 -12.40
CA LEU A 128 6.17 26.43 -11.06
C LEU A 128 5.55 25.48 -10.05
N ASP A 129 4.58 24.66 -10.47
CA ASP A 129 4.03 23.64 -9.59
C ASP A 129 5.11 22.64 -9.18
N LEU A 130 5.86 22.13 -10.15
CA LEU A 130 6.90 21.16 -9.87
C LEU A 130 7.97 21.76 -8.95
N LEU A 131 8.30 23.04 -9.14
CA LEU A 131 9.38 23.64 -8.36
C LEU A 131 8.92 24.00 -6.95
N ILE A 132 7.66 24.40 -6.78
CA ILE A 132 7.10 24.57 -5.44
C ILE A 132 7.06 23.22 -4.73
N LYS A 133 6.67 22.16 -5.44
CA LYS A 133 6.66 20.83 -4.85
C LYS A 133 8.05 20.41 -4.43
N LEU A 134 9.05 20.70 -5.27
CA LEU A 134 10.43 20.36 -4.95
C LEU A 134 10.91 21.09 -3.71
N LEU A 135 10.60 22.38 -3.59
CA LEU A 135 11.05 23.11 -2.41
C LEU A 135 10.20 22.81 -1.18
N GLN A 136 9.05 22.16 -1.35
CA GLN A 136 8.29 21.75 -0.18
C GLN A 136 8.74 20.39 0.33
N THR A 137 9.04 19.44 -0.58
CA THR A 137 9.38 18.09 -0.15
C THR A 137 10.86 17.93 0.18
N PHE A 138 11.67 18.95 -0.07
CA PHE A 138 13.04 19.02 0.45
C PHE A 138 13.22 20.23 1.35
N ARG A 139 12.28 20.41 2.27
CA ARG A 139 12.39 21.51 3.23
C ARG A 139 13.60 21.34 4.13
N SER A 140 14.04 20.10 4.35
CA SER A 140 15.25 19.86 5.14
C SER A 140 16.48 20.41 4.44
N SER A 141 17.41 20.92 5.24
CA SER A 141 18.62 21.52 4.68
C SER A 141 19.43 20.52 3.88
N ARG A 142 19.52 19.27 4.34
CA ARG A 142 20.25 18.25 3.60
C ARG A 142 19.63 18.03 2.23
N LEU A 143 20.50 17.81 1.23
CA LEU A 143 20.12 17.57 -0.15
C LEU A 143 19.37 18.74 -0.76
N MET A 144 19.43 19.90 -0.11
CA MET A 144 18.69 21.09 -0.51
C MET A 144 19.53 22.32 -0.75
N ASP A 145 20.67 22.47 -0.07
CA ASP A 145 21.50 23.64 -0.33
C ASP A 145 22.08 23.61 -1.74
N GLU A 146 21.94 22.49 -2.45
CA GLU A 146 22.25 22.46 -3.87
C GLU A 146 21.31 23.38 -4.65
N PHE A 147 20.15 23.71 -4.08
CA PHE A 147 19.25 24.69 -4.67
C PHE A 147 19.60 26.05 -4.09
N LYS A 148 20.34 26.85 -4.85
CA LYS A 148 20.73 28.17 -4.35
C LYS A 148 19.49 29.05 -4.26
N ILE A 149 18.99 29.23 -3.04
CA ILE A 149 17.83 30.09 -2.83
C ILE A 149 18.14 31.52 -3.27
N GLY A 150 19.41 31.92 -3.21
CA GLY A 150 19.81 33.25 -3.58
C GLY A 150 19.38 33.70 -4.97
N GLU A 151 19.97 33.10 -6.02
CA GLU A 151 19.60 33.54 -7.36
C GLU A 151 18.23 33.04 -7.78
N LEU A 152 17.72 31.98 -7.15
CA LEU A 152 16.34 31.57 -7.43
C LEU A 152 15.36 32.68 -7.03
N PHE A 153 15.51 33.19 -5.81
CA PHE A 153 14.75 34.36 -5.39
C PHE A 153 15.04 35.54 -6.29
N SER A 154 16.31 35.76 -6.61
CA SER A 154 16.68 36.91 -7.42
C SER A 154 15.90 36.94 -8.73
N LYS A 155 15.90 35.81 -9.46
CA LYS A 155 15.23 35.79 -10.75
C LYS A 155 13.71 35.76 -10.62
N PHE A 156 13.16 34.98 -9.68
CA PHE A 156 11.70 34.96 -9.60
C PHE A 156 11.13 36.20 -8.94
N TYR A 157 11.98 37.07 -8.38
CA TYR A 157 11.57 38.39 -7.94
C TYR A 157 11.82 39.46 -8.98
N GLY A 158 12.82 39.25 -9.84
CA GLY A 158 13.06 40.15 -10.95
C GLY A 158 12.14 39.93 -12.12
N GLU A 159 11.46 38.78 -12.15
CA GLU A 159 10.49 38.50 -13.20
C GLU A 159 9.10 39.02 -12.87
N LEU A 160 9.02 40.00 -11.96
CA LEU A 160 7.79 40.75 -11.73
C LEU A 160 8.07 42.23 -11.55
N ALA A 161 9.19 42.72 -12.10
CA ALA A 161 9.52 44.14 -12.11
C ALA A 161 9.40 44.73 -13.51
N LEU A 162 8.52 44.18 -14.33
CA LEU A 162 8.51 44.46 -15.76
C LEU A 162 7.07 44.77 -16.19
N LYS A 163 6.86 44.78 -17.51
CA LYS A 163 5.55 45.06 -18.07
C LYS A 163 4.48 44.14 -17.48
N LYS A 164 3.24 44.61 -17.51
CA LYS A 164 2.11 43.85 -16.99
C LYS A 164 1.82 42.74 -17.99
N LYS A 165 2.64 41.69 -17.92
CA LYS A 165 2.65 40.62 -18.91
C LYS A 165 2.09 39.32 -18.37
N ILE A 166 2.58 38.85 -17.23
CA ILE A 166 2.35 37.46 -16.84
C ILE A 166 0.91 37.31 -16.35
N PRO A 167 0.18 36.29 -16.83
CA PRO A 167 -1.28 36.32 -16.79
C PRO A 167 -1.93 35.97 -15.46
N ASP A 168 -1.47 36.54 -14.36
CA ASP A 168 -2.23 36.53 -13.11
C ASP A 168 -2.45 35.13 -12.53
N THR A 169 -1.98 34.10 -13.21
CA THR A 169 -1.94 32.75 -12.67
C THR A 169 -0.52 32.28 -12.43
N VAL A 170 0.34 32.47 -13.44
CA VAL A 170 1.76 32.32 -13.21
C VAL A 170 2.23 33.32 -12.16
N LEU A 171 1.63 34.50 -12.12
CA LEU A 171 1.96 35.46 -11.08
C LEU A 171 1.50 34.98 -9.71
N GLU A 172 0.35 34.30 -9.66
CA GLU A 172 -0.11 33.69 -8.42
C GLU A 172 0.90 32.68 -7.91
N LYS A 173 1.35 31.78 -8.79
CA LYS A 173 2.35 30.79 -8.37
C LYS A 173 3.69 31.44 -8.04
N VAL A 174 4.04 32.55 -8.72
CA VAL A 174 5.27 33.26 -8.40
C VAL A 174 5.23 33.83 -6.99
N TYR A 175 4.12 34.47 -6.61
CA TYR A 175 4.01 34.94 -5.23
C TYR A 175 4.04 33.78 -4.24
N GLU A 176 3.35 32.68 -4.57
CA GLU A 176 3.42 31.50 -3.70
C GLU A 176 4.85 31.02 -3.52
N LEU A 177 5.64 31.04 -4.60
CA LEU A 177 7.00 30.53 -4.55
C LEU A 177 7.92 31.48 -3.82
N LEU A 178 7.71 32.79 -3.97
CA LEU A 178 8.49 33.76 -3.20
C LEU A 178 8.25 33.57 -1.71
N GLY A 179 6.99 33.39 -1.32
CA GLY A 179 6.71 33.10 0.06
C GLY A 179 7.34 31.80 0.54
N LEU A 180 7.22 30.74 -0.26
CA LEU A 180 7.77 29.45 0.14
C LEU A 180 9.28 29.53 0.30
N LEU A 181 9.96 30.27 -0.60
CA LEU A 181 11.38 30.53 -0.42
C LEU A 181 11.65 31.24 0.89
N GLY A 182 10.77 32.18 1.24
CA GLY A 182 10.87 32.79 2.56
C GLY A 182 10.72 31.79 3.69
N GLU A 183 9.95 30.73 3.47
CA GLU A 183 9.62 29.82 4.57
C GLU A 183 10.58 28.63 4.62
N VAL A 184 10.67 27.86 3.54
CA VAL A 184 11.64 26.78 3.48
C VAL A 184 13.01 27.40 3.24
N HIS A 185 13.99 26.97 4.03
CA HIS A 185 15.33 27.54 4.00
C HIS A 185 15.29 29.06 4.21
N PRO A 186 15.07 29.52 5.41
CA PRO A 186 15.08 30.97 5.66
C PRO A 186 16.49 31.50 5.92
N SER A 187 17.51 30.72 5.57
CA SER A 187 18.86 30.97 6.06
C SER A 187 19.70 31.89 5.17
N GLU A 188 19.59 31.80 3.85
CA GLU A 188 20.32 32.73 2.99
C GLU A 188 19.57 34.02 2.76
N MET A 189 18.25 33.98 2.71
CA MET A 189 17.48 35.20 2.43
C MET A 189 17.05 35.92 3.72
N ILE A 190 18.00 36.11 4.62
CA ILE A 190 17.77 36.96 5.78
C ILE A 190 17.67 38.42 5.40
N ASN A 191 18.26 38.81 4.27
CA ASN A 191 18.44 40.20 3.89
C ASN A 191 17.41 40.72 2.91
N ASN A 192 16.95 39.89 1.97
CA ASN A 192 16.03 40.34 0.95
C ASN A 192 14.57 40.09 1.28
N ALA A 193 14.28 39.60 2.50
CA ALA A 193 12.89 39.38 2.87
C ALA A 193 12.15 40.69 3.10
N GLU A 194 12.88 41.76 3.40
CA GLU A 194 12.23 43.07 3.51
C GLU A 194 11.67 43.50 2.17
N ASN A 195 12.42 43.27 1.09
CA ASN A 195 11.94 43.59 -0.25
C ASN A 195 10.73 42.75 -0.61
N LEU A 196 10.74 41.48 -0.23
CA LEU A 196 9.60 40.61 -0.53
C LEU A 196 8.38 41.00 0.27
N PHE A 197 8.56 41.39 1.54
CA PHE A 197 7.43 41.88 2.33
C PHE A 197 6.86 43.15 1.72
N ARG A 198 7.72 44.07 1.29
CA ARG A 198 7.22 45.32 0.72
C ARG A 198 6.52 45.06 -0.62
N ALA A 199 7.04 44.11 -1.39
CA ALA A 199 6.38 43.71 -2.64
C ALA A 199 4.99 43.15 -2.37
N PHE A 200 4.89 42.22 -1.42
CA PHE A 200 3.60 41.62 -1.10
C PHE A 200 2.60 42.68 -0.66
N LEU A 201 3.01 43.54 0.29
CA LEU A 201 2.07 44.53 0.81
C LEU A 201 1.67 45.53 -0.27
N GLY A 202 2.61 45.97 -1.10
CA GLY A 202 2.26 46.89 -2.17
C GLY A 202 1.31 46.30 -3.19
N GLU A 203 1.57 45.07 -3.62
CA GLU A 203 0.72 44.49 -4.66
C GLU A 203 -0.66 44.15 -4.10
N LEU A 204 -0.70 43.61 -2.88
CA LEU A 204 -1.95 43.36 -2.20
C LEU A 204 -2.74 44.66 -2.03
N LYS A 205 -2.04 45.76 -1.74
CA LYS A 205 -2.65 47.07 -1.69
C LYS A 205 -3.33 47.42 -3.00
N THR A 206 -2.56 47.40 -4.10
CA THR A 206 -3.13 47.72 -5.40
C THR A 206 -4.36 46.87 -5.69
N GLN A 207 -4.32 45.60 -5.28
CA GLN A 207 -5.47 44.73 -5.50
C GLN A 207 -6.69 45.15 -4.68
N MET A 208 -6.46 45.62 -3.45
CA MET A 208 -7.59 45.90 -2.57
C MET A 208 -7.96 47.38 -2.48
N THR A 209 -7.25 48.26 -3.18
CA THR A 209 -7.56 49.70 -3.19
C THR A 209 -7.39 50.24 -4.61
N SER A 210 -8.50 50.32 -5.34
CA SER A 210 -8.49 50.86 -6.71
C SER A 210 -9.92 51.07 -7.21
N ALA A 211 -10.22 52.24 -7.75
CA ALA A 211 -11.54 52.43 -8.38
C ALA A 211 -11.47 52.11 -9.87
N VAL A 212 -10.83 51.00 -10.19
CA VAL A 212 -10.58 50.56 -11.56
C VAL A 212 -10.33 49.06 -11.46
N ARG A 213 -10.50 48.34 -12.58
CA ARG A 213 -9.87 47.03 -12.71
C ARG A 213 -10.32 46.00 -11.68
N GLU A 214 -11.53 45.45 -11.83
CA GLU A 214 -12.02 44.31 -11.05
C GLU A 214 -10.89 43.38 -10.64
N PRO A 215 -10.81 42.98 -9.37
CA PRO A 215 -9.57 42.40 -8.83
C PRO A 215 -9.12 41.15 -9.57
N LYS A 216 -7.80 41.00 -9.66
CA LYS A 216 -7.17 39.77 -10.09
C LYS A 216 -7.20 38.83 -8.90
N LEU A 217 -8.31 38.12 -8.74
CA LEU A 217 -8.50 37.29 -7.55
C LEU A 217 -7.45 36.20 -7.41
N PRO A 218 -7.06 35.47 -8.47
CA PRO A 218 -5.93 34.52 -8.30
C PRO A 218 -4.66 35.18 -7.80
N VAL A 219 -4.37 36.39 -8.27
CA VAL A 219 -3.20 37.11 -7.78
C VAL A 219 -3.35 37.45 -6.30
N LEU A 220 -4.55 37.82 -5.88
CA LEU A 220 -4.77 38.12 -4.48
C LEU A 220 -4.55 36.88 -3.62
N ALA A 221 -5.07 35.73 -4.07
CA ALA A 221 -4.88 34.48 -3.33
C ALA A 221 -3.41 34.11 -3.24
N GLY A 222 -2.70 34.21 -4.36
CA GLY A 222 -1.28 33.90 -4.36
C GLY A 222 -0.48 34.81 -3.47
N CYS A 223 -0.77 36.12 -3.53
CA CYS A 223 -0.08 37.06 -2.67
C CYS A 223 -0.32 36.75 -1.20
N LEU A 224 -1.56 36.42 -0.84
CA LEU A 224 -1.85 36.16 0.56
C LEU A 224 -1.21 34.88 1.05
N LYS A 225 -1.28 33.79 0.28
CA LYS A 225 -0.66 32.56 0.76
C LYS A 225 0.85 32.66 0.79
N GLY A 226 1.45 33.33 -0.20
CA GLY A 226 2.89 33.56 -0.15
C GLY A 226 3.30 34.42 1.03
N LEU A 227 2.52 35.45 1.35
CA LEU A 227 2.83 36.27 2.51
C LEU A 227 2.71 35.45 3.79
N SER A 228 1.73 34.54 3.84
CA SER A 228 1.62 33.66 4.99
C SER A 228 2.86 32.80 5.15
N SER A 229 3.31 32.18 4.07
CA SER A 229 4.50 31.34 4.14
C SER A 229 5.72 32.16 4.54
N LEU A 230 5.89 33.34 3.95
CA LEU A 230 7.02 34.19 4.29
C LEU A 230 6.97 34.65 5.74
N LEU A 231 5.78 34.84 6.31
CA LEU A 231 5.70 35.26 7.70
C LEU A 231 6.15 34.13 8.64
N CYS A 232 6.14 32.89 8.16
CA CYS A 232 6.83 31.83 8.87
C CYS A 232 8.33 32.00 8.68
N ASN A 233 9.07 32.04 9.79
CA ASN A 233 10.49 32.26 9.91
C ASN A 233 10.87 33.74 9.76
N PHE A 234 9.92 34.63 9.48
CA PHE A 234 10.22 36.06 9.32
C PHE A 234 9.14 36.87 10.01
N THR A 235 8.77 36.43 11.22
CA THR A 235 7.71 37.05 12.00
C THR A 235 7.86 38.57 12.06
N LYS A 236 6.73 39.28 12.04
CA LYS A 236 6.66 40.67 12.49
C LYS A 236 5.60 40.72 13.58
N SER A 237 6.01 40.46 14.82
CA SER A 237 5.07 40.55 15.93
C SER A 237 4.55 41.98 16.08
N MET A 238 3.34 42.09 16.61
CA MET A 238 2.67 43.38 16.70
C MET A 238 3.17 44.18 17.90
N GLU A 239 4.49 44.30 18.05
CA GLU A 239 5.06 45.27 18.98
C GLU A 239 6.31 45.97 18.48
N GLU A 240 7.08 45.40 17.56
CA GLU A 240 8.36 45.97 17.16
C GLU A 240 8.20 47.08 16.13
N ASP A 241 7.58 46.78 14.99
CA ASP A 241 7.29 47.77 13.94
C ASP A 241 5.77 47.85 13.81
N PRO A 242 5.14 48.79 14.50
CA PRO A 242 3.67 48.81 14.50
C PRO A 242 3.07 49.51 13.30
N GLN A 243 3.56 49.17 12.11
CA GLN A 243 2.95 49.61 10.86
C GLN A 243 2.64 48.44 9.93
N THR A 244 3.61 47.56 9.71
CA THR A 244 3.42 46.49 8.73
C THR A 244 2.46 45.43 9.23
N SER A 245 2.42 45.21 10.54
CA SER A 245 1.49 44.22 11.08
C SER A 245 0.05 44.74 11.04
N ARG A 246 -0.15 46.02 11.37
CA ARG A 246 -1.45 46.66 11.14
C ARG A 246 -1.92 46.44 9.72
N GLU A 247 -1.03 46.61 8.75
CA GLU A 247 -1.44 46.58 7.35
C GLU A 247 -1.68 45.15 6.88
N ILE A 248 -0.89 44.20 7.35
CA ILE A 248 -1.14 42.81 6.99
C ILE A 248 -2.47 42.34 7.59
N PHE A 249 -2.76 42.73 8.84
CA PHE A 249 -4.04 42.33 9.42
C PHE A 249 -5.21 43.04 8.76
N ASN A 250 -5.03 44.31 8.38
CA ASN A 250 -6.07 45.01 7.62
C ASN A 250 -6.37 44.28 6.31
N PHE A 251 -5.33 43.87 5.59
CA PHE A 251 -5.54 43.15 4.36
C PHE A 251 -6.22 41.81 4.61
N VAL A 252 -5.88 41.13 5.70
CA VAL A 252 -6.54 39.87 6.02
C VAL A 252 -8.02 40.10 6.31
N LEU A 253 -8.33 41.10 7.14
CA LEU A 253 -9.72 41.51 7.33
C LEU A 253 -10.44 41.69 6.00
N LYS A 254 -9.94 42.58 5.15
CA LYS A 254 -10.61 42.84 3.88
C LYS A 254 -10.74 41.60 3.03
N ALA A 255 -9.80 40.66 3.16
CA ALA A 255 -9.90 39.41 2.42
C ALA A 255 -10.87 38.44 3.05
N ILE A 256 -11.28 38.68 4.30
CA ILE A 256 -12.29 37.86 4.95
C ILE A 256 -13.51 38.67 5.34
N ARG A 257 -13.61 39.92 4.90
CA ARG A 257 -14.82 40.68 5.13
C ARG A 257 -15.99 39.99 4.42
N PRO A 258 -17.16 39.89 5.05
CA PRO A 258 -18.26 39.12 4.44
C PRO A 258 -18.94 39.84 3.29
N GLN A 259 -18.66 39.39 2.06
CA GLN A 259 -19.38 39.89 0.90
C GLN A 259 -20.80 39.35 0.87
N ILE A 260 -21.73 40.20 0.42
CA ILE A 260 -23.13 39.76 0.30
C ILE A 260 -23.25 38.66 -0.75
N ASP A 261 -22.58 38.83 -1.89
CA ASP A 261 -22.68 37.87 -2.99
C ASP A 261 -21.35 37.83 -3.74
N LEU A 262 -20.52 36.84 -3.42
CA LEU A 262 -19.33 36.54 -4.21
C LEU A 262 -19.37 35.06 -4.58
N LYS A 263 -18.89 34.75 -5.77
CA LYS A 263 -19.00 33.39 -6.28
C LYS A 263 -17.82 32.52 -5.90
N ARG A 264 -16.60 33.03 -6.00
CA ARG A 264 -15.40 32.24 -5.79
C ARG A 264 -14.87 32.46 -4.38
N TYR A 265 -14.46 31.36 -3.74
CA TYR A 265 -13.89 31.39 -2.40
C TYR A 265 -12.45 30.90 -2.50
N ALA A 266 -11.54 31.82 -2.87
CA ALA A 266 -10.12 31.55 -2.87
C ALA A 266 -9.33 32.57 -2.07
N VAL A 267 -9.71 33.85 -2.17
CA VAL A 267 -9.17 34.84 -1.23
C VAL A 267 -9.57 34.55 0.21
N PRO A 268 -10.83 34.17 0.53
CA PRO A 268 -11.11 33.87 1.94
C PRO A 268 -10.36 32.65 2.44
N SER A 269 -10.16 31.64 1.59
CA SER A 269 -9.43 30.45 2.03
C SER A 269 -8.01 30.81 2.47
N ALA A 270 -7.26 31.50 1.59
CA ALA A 270 -5.88 31.83 1.91
C ALA A 270 -5.79 32.85 3.03
N GLY A 271 -6.71 33.81 3.08
CA GLY A 271 -6.71 34.75 4.18
C GLY A 271 -6.98 34.07 5.51
N LEU A 272 -7.91 33.11 5.52
CA LEU A 272 -8.23 32.38 6.73
C LEU A 272 -7.08 31.49 7.16
N ARG A 273 -6.40 30.86 6.20
CA ARG A 273 -5.23 30.05 6.56
C ARG A 273 -4.11 30.92 7.12
N LEU A 274 -3.90 32.10 6.56
CA LEU A 274 -2.93 33.03 7.14
C LEU A 274 -3.31 33.39 8.57
N PHE A 275 -4.58 33.74 8.78
CA PHE A 275 -5.03 34.07 10.13
C PHE A 275 -4.84 32.90 11.08
N ALA A 276 -5.17 31.68 10.64
CA ALA A 276 -5.01 30.51 11.48
C ALA A 276 -3.56 30.30 11.86
N LEU A 277 -2.66 30.41 10.89
CA LEU A 277 -1.25 30.20 11.16
C LEU A 277 -0.69 31.27 12.09
N HIS A 278 -1.15 32.51 11.96
CA HIS A 278 -0.39 33.63 12.50
C HIS A 278 -1.24 34.60 13.31
N ALA A 279 -2.33 34.13 13.92
CA ALA A 279 -3.11 35.01 14.79
C ALA A 279 -2.26 35.63 15.90
N SER A 280 -1.29 34.87 16.43
CA SER A 280 -0.41 35.42 17.45
C SER A 280 0.38 36.60 16.92
N GLN A 281 0.68 36.60 15.61
CA GLN A 281 1.46 37.68 15.02
C GLN A 281 0.74 39.02 15.14
N PHE A 282 -0.58 39.00 15.02
CA PHE A 282 -1.40 40.21 15.05
C PHE A 282 -2.01 40.27 16.45
N SER A 283 -1.27 40.83 17.39
CA SER A 283 -1.67 40.77 18.80
C SER A 283 -2.69 41.86 19.14
N THR A 284 -2.26 43.12 19.10
CA THR A 284 -3.14 44.21 19.54
C THR A 284 -4.18 44.59 18.49
N CYS A 285 -3.95 44.26 17.22
CA CYS A 285 -4.98 44.47 16.21
C CYS A 285 -6.15 43.50 16.36
N LEU A 286 -5.98 42.45 17.15
CA LEU A 286 -6.96 41.38 17.25
C LEU A 286 -7.87 41.53 18.46
N LEU A 287 -8.14 42.76 18.89
CA LEU A 287 -9.03 43.03 20.02
C LEU A 287 -10.00 44.16 19.76
N ASP A 288 -10.06 44.69 18.53
CA ASP A 288 -10.85 45.89 18.25
C ASP A 288 -12.26 45.54 17.76
N ASN A 289 -12.37 44.80 16.67
CA ASN A 289 -13.66 44.43 16.10
C ASN A 289 -13.98 42.94 16.32
N TYR A 290 -13.45 42.37 17.39
CA TYR A 290 -13.50 40.93 17.64
C TYR A 290 -14.89 40.33 17.41
N VAL A 291 -15.95 41.10 17.66
CA VAL A 291 -17.30 40.60 17.47
C VAL A 291 -17.52 40.20 16.01
N SER A 292 -17.21 41.12 15.09
CA SER A 292 -17.42 40.87 13.67
C SER A 292 -16.59 39.68 13.21
N LEU A 293 -15.35 39.57 13.71
CA LEU A 293 -14.56 38.38 13.47
C LEU A 293 -15.31 37.13 13.90
N PHE A 294 -15.94 37.18 15.07
CA PHE A 294 -16.69 36.02 15.57
C PHE A 294 -17.80 35.63 14.59
N GLU A 295 -18.62 36.59 14.17
CA GLU A 295 -19.71 36.23 13.27
C GLU A 295 -19.18 35.73 11.92
N VAL A 296 -18.18 36.40 11.34
CA VAL A 296 -17.71 35.98 10.03
C VAL A 296 -17.09 34.59 10.10
N LEU A 297 -16.43 34.27 11.22
CA LEU A 297 -15.86 32.94 11.36
C LEU A 297 -16.94 31.88 11.50
N LEU A 298 -18.01 32.17 12.24
CA LEU A 298 -19.13 31.23 12.27
C LEU A 298 -19.77 31.07 10.89
N LYS A 299 -19.93 32.17 10.17
CA LYS A 299 -20.47 32.09 8.81
C LYS A 299 -19.68 31.11 7.96
N TRP A 300 -18.39 31.36 7.81
CA TRP A 300 -17.56 30.48 6.98
C TRP A 300 -17.33 29.11 7.60
N CYS A 301 -17.62 28.92 8.88
CA CYS A 301 -17.71 27.57 9.41
C CYS A 301 -18.96 26.87 8.91
N ALA A 302 -20.02 27.63 8.64
CA ALA A 302 -21.29 27.08 8.16
C ALA A 302 -21.43 27.15 6.65
N HIS A 303 -20.31 27.27 5.92
CA HIS A 303 -20.37 27.63 4.51
C HIS A 303 -20.81 26.49 3.59
N THR A 304 -20.72 25.24 4.03
CA THR A 304 -21.03 24.06 3.21
C THR A 304 -20.11 23.92 1.99
N ASN A 305 -18.90 24.46 2.07
CA ASN A 305 -17.86 24.24 1.08
C ASN A 305 -17.11 22.94 1.42
N VAL A 306 -15.97 22.71 0.78
CA VAL A 306 -15.15 21.55 1.09
C VAL A 306 -13.83 21.93 1.75
N GLU A 307 -13.15 22.98 1.28
CA GLU A 307 -11.92 23.44 1.89
C GLU A 307 -12.04 24.82 2.52
N LEU A 308 -13.17 25.51 2.36
CA LEU A 308 -13.34 26.78 3.04
C LEU A 308 -13.66 26.58 4.52
N LYS A 309 -14.47 25.55 4.84
CA LYS A 309 -14.69 25.28 6.26
C LYS A 309 -13.43 24.75 6.92
N LYS A 310 -12.67 23.90 6.22
CA LYS A 310 -11.48 23.30 6.81
C LYS A 310 -10.50 24.35 7.32
N ALA A 311 -10.48 25.54 6.72
CA ALA A 311 -9.61 26.63 7.16
C ALA A 311 -10.34 27.68 7.97
N ALA A 312 -11.65 27.85 7.74
CA ALA A 312 -12.42 28.74 8.59
C ALA A 312 -12.44 28.25 10.02
N LEU A 313 -12.64 26.94 10.21
CA LEU A 313 -12.62 26.38 11.56
C LEU A 313 -11.26 26.53 12.20
N SER A 314 -10.19 26.33 11.45
CA SER A 314 -8.84 26.49 12.01
C SER A 314 -8.59 27.93 12.41
N ALA A 315 -9.02 28.87 11.57
CA ALA A 315 -8.85 30.28 11.90
C ALA A 315 -9.66 30.67 13.12
N LEU A 316 -10.90 30.17 13.23
CA LEU A 316 -11.72 30.43 14.40
C LEU A 316 -11.09 29.84 15.65
N GLU A 317 -10.60 28.60 15.57
CA GLU A 317 -9.95 27.97 16.71
C GLU A 317 -8.75 28.79 17.17
N SER A 318 -7.88 29.17 16.23
CA SER A 318 -6.70 29.95 16.58
C SER A 318 -7.08 31.32 17.12
N PHE A 319 -8.16 31.90 16.59
CA PHE A 319 -8.63 33.20 17.05
C PHE A 319 -9.06 33.13 18.51
N LEU A 320 -9.92 32.16 18.83
CA LEU A 320 -10.36 31.98 20.20
C LEU A 320 -9.18 31.65 21.11
N LYS A 321 -8.26 30.81 20.63
CA LYS A 321 -7.06 30.48 21.41
C LYS A 321 -6.25 31.73 21.75
N GLN A 322 -6.04 32.59 20.76
CA GLN A 322 -5.21 33.77 20.98
C GLN A 322 -5.91 34.77 21.90
N VAL A 323 -7.23 34.96 21.71
CA VAL A 323 -7.91 35.94 22.56
C VAL A 323 -8.07 35.39 23.98
N SER A 324 -8.12 34.06 24.13
CA SER A 324 -8.11 33.48 25.47
C SER A 324 -6.75 33.70 26.13
N ASN A 325 -5.67 33.41 25.42
CA ASN A 325 -4.33 33.67 25.95
C ASN A 325 -4.10 35.15 26.18
N MET A 326 -4.93 36.00 25.57
CA MET A 326 -4.79 37.44 25.73
C MET A 326 -5.54 37.94 26.97
N VAL A 327 -6.82 37.56 27.09
CA VAL A 327 -7.61 37.98 28.25
C VAL A 327 -7.00 37.46 29.54
N ALA A 328 -6.28 36.34 29.48
CA ALA A 328 -5.70 35.70 30.65
C ALA A 328 -4.46 36.43 31.17
N LYS A 329 -4.20 37.64 30.70
CA LYS A 329 -3.10 38.45 31.18
C LYS A 329 -3.55 39.61 32.06
N ASN A 330 -4.48 40.43 31.57
CA ASN A 330 -4.85 41.68 32.21
C ASN A 330 -6.37 41.81 32.24
N ALA A 331 -7.06 40.78 32.71
CA ALA A 331 -8.52 40.76 32.64
C ALA A 331 -9.16 41.69 33.66
N GLU A 332 -8.84 42.99 33.58
CA GLU A 332 -9.57 44.02 34.31
C GLU A 332 -10.57 44.75 33.42
N MET A 333 -10.12 45.27 32.29
CA MET A 333 -11.01 45.84 31.30
C MET A 333 -11.58 44.79 30.34
N HIS A 334 -11.26 43.52 30.57
CA HIS A 334 -11.76 42.43 29.74
C HIS A 334 -12.93 41.70 30.36
N LYS A 335 -13.56 42.29 31.39
CA LYS A 335 -14.77 41.69 31.95
C LYS A 335 -15.87 41.63 30.91
N ASN A 336 -16.09 42.74 30.19
CA ASN A 336 -17.16 42.77 29.18
C ASN A 336 -16.87 41.82 28.03
N LYS A 337 -15.63 41.82 27.53
CA LYS A 337 -15.30 40.94 26.42
C LYS A 337 -15.36 39.48 26.83
N LEU A 338 -14.88 39.17 28.04
CA LEU A 338 -14.99 37.81 28.56
C LEU A 338 -16.44 37.38 28.63
N GLN A 339 -17.30 38.23 29.21
CA GLN A 339 -18.70 37.89 29.34
C GLN A 339 -19.34 37.71 27.98
N TYR A 340 -18.99 38.57 27.01
CA TYR A 340 -19.54 38.44 25.67
C TYR A 340 -19.16 37.11 25.04
N PHE A 341 -17.89 36.75 25.11
CA PHE A 341 -17.45 35.51 24.50
C PHE A 341 -18.16 34.31 25.12
N MET A 342 -18.18 34.23 26.46
CA MET A 342 -18.79 33.09 27.11
C MET A 342 -20.30 33.03 26.88
N GLU A 343 -20.97 34.19 26.83
CA GLU A 343 -22.40 34.17 26.58
C GLU A 343 -22.71 33.81 25.14
N GLN A 344 -21.82 34.15 24.21
CA GLN A 344 -22.05 33.75 22.83
C GLN A 344 -21.80 32.25 22.67
N PHE A 345 -20.89 31.69 23.47
CA PHE A 345 -20.76 30.23 23.52
C PHE A 345 -22.03 29.60 24.08
N TYR A 346 -22.60 30.17 25.14
CA TYR A 346 -23.94 29.74 25.57
C TYR A 346 -24.95 29.83 24.43
N GLY A 347 -24.89 30.88 23.63
CA GLY A 347 -25.80 30.99 22.51
C GLY A 347 -25.64 29.85 21.52
N ILE A 348 -24.38 29.50 21.22
CA ILE A 348 -24.12 28.40 20.29
C ILE A 348 -24.59 27.07 20.88
N ILE A 349 -24.50 26.91 22.21
CA ILE A 349 -24.70 25.57 22.76
C ILE A 349 -26.15 25.34 23.17
N ARG A 350 -26.85 26.38 23.62
CA ARG A 350 -28.26 26.22 23.97
C ARG A 350 -29.19 26.31 22.76
N ASN A 351 -28.75 26.92 21.66
CA ASN A 351 -29.59 27.04 20.48
C ASN A 351 -29.81 25.67 19.83
N VAL A 352 -31.03 25.46 19.34
CA VAL A 352 -31.40 24.21 18.69
C VAL A 352 -30.92 24.25 17.24
N ASP A 353 -29.73 23.71 16.98
CA ASP A 353 -29.17 23.65 15.65
C ASP A 353 -28.90 22.21 15.25
N SER A 354 -29.12 21.90 13.97
CA SER A 354 -28.89 20.58 13.44
C SER A 354 -27.47 20.40 12.91
N ASN A 355 -26.53 21.20 13.38
CA ASN A 355 -25.15 21.13 12.94
C ASN A 355 -24.35 20.16 13.81
N ASN A 356 -23.14 19.87 13.36
CA ASN A 356 -22.22 18.98 14.07
C ASN A 356 -21.01 19.71 14.62
N LYS A 357 -20.30 20.47 13.78
CA LYS A 357 -19.13 21.20 14.21
C LYS A 357 -19.47 22.54 14.85
N GLU A 358 -20.76 22.88 14.97
CA GLU A 358 -21.13 24.15 15.57
C GLU A 358 -21.01 24.10 17.08
N LEU A 359 -21.70 23.15 17.72
CA LEU A 359 -21.64 23.02 19.17
C LEU A 359 -20.27 22.56 19.65
N SER A 360 -19.46 21.97 18.78
CA SER A 360 -18.09 21.62 19.14
C SER A 360 -17.16 22.82 19.12
N ILE A 361 -17.68 24.01 18.85
CA ILE A 361 -16.93 25.25 18.97
C ILE A 361 -17.18 25.92 20.31
N ALA A 362 -18.45 25.98 20.73
CA ALA A 362 -18.79 26.59 21.99
C ALA A 362 -18.13 25.88 23.16
N ILE A 363 -18.08 24.54 23.12
CA ILE A 363 -17.50 23.78 24.23
C ILE A 363 -16.01 24.05 24.35
N ARG A 364 -15.30 24.05 23.21
CA ARG A 364 -13.86 24.27 23.26
C ARG A 364 -13.55 25.71 23.66
N GLY A 365 -14.31 26.67 23.17
CA GLY A 365 -14.14 28.04 23.62
C GLY A 365 -14.43 28.19 25.10
N TYR A 366 -15.45 27.48 25.58
CA TYR A 366 -15.75 27.40 27.01
C TYR A 366 -14.54 26.94 27.80
N GLY A 367 -13.91 25.85 27.34
CA GLY A 367 -12.76 25.33 28.04
C GLY A 367 -11.57 26.27 28.02
N LEU A 368 -11.31 26.90 26.86
CA LEU A 368 -10.21 27.85 26.77
C LEU A 368 -10.46 29.07 27.66
N PHE A 369 -11.68 29.61 27.63
CA PHE A 369 -12.01 30.81 28.38
C PHE A 369 -12.26 30.53 29.85
N ALA A 370 -12.27 29.25 30.25
CA ALA A 370 -12.37 28.91 31.66
C ALA A 370 -11.24 29.55 32.47
N GLY A 371 -10.00 29.34 32.05
CA GLY A 371 -8.85 29.80 32.79
C GLY A 371 -8.85 31.29 33.10
N PRO A 372 -9.18 32.14 32.12
CA PRO A 372 -9.35 33.56 32.42
C PRO A 372 -10.50 33.88 33.37
N CYS A 373 -11.42 32.94 33.61
CA CYS A 373 -12.48 33.18 34.57
C CYS A 373 -12.02 32.97 36.01
N LYS A 374 -10.96 32.19 36.21
CA LYS A 374 -10.48 31.96 37.57
C LYS A 374 -9.98 33.26 38.20
N VAL A 375 -9.57 34.22 37.36
CA VAL A 375 -9.07 35.49 37.89
C VAL A 375 -10.16 36.56 37.94
N ILE A 376 -11.37 36.25 37.51
CA ILE A 376 -12.48 37.18 37.69
C ILE A 376 -13.42 36.69 38.80
N ASN A 377 -13.56 35.39 38.97
CA ASN A 377 -14.44 34.92 40.05
C ASN A 377 -13.76 33.91 40.97
N ALA A 378 -12.97 33.00 40.42
CA ALA A 378 -12.36 31.89 41.15
C ALA A 378 -13.42 30.91 41.65
N LYS A 379 -14.68 31.26 41.43
CA LYS A 379 -15.81 30.37 41.70
C LYS A 379 -16.41 29.76 40.45
N ASP A 380 -16.31 30.46 39.31
CA ASP A 380 -16.90 29.94 38.09
C ASP A 380 -16.10 28.79 37.49
N VAL A 381 -14.84 28.61 37.89
CA VAL A 381 -14.17 27.37 37.55
C VAL A 381 -14.90 26.19 38.16
N ASP A 382 -15.61 26.43 39.26
CA ASP A 382 -16.49 25.45 39.88
C ASP A 382 -17.95 25.61 39.46
N PHE A 383 -18.39 26.84 39.16
CA PHE A 383 -19.69 27.00 38.52
C PHE A 383 -19.71 26.32 37.16
N MET A 384 -18.65 26.49 36.38
CA MET A 384 -18.39 25.59 35.27
C MET A 384 -17.83 24.28 35.80
N TYR A 385 -17.62 23.34 34.88
CA TYR A 385 -16.99 22.06 35.17
C TYR A 385 -17.93 21.18 35.99
N VAL A 386 -19.04 21.73 36.44
CA VAL A 386 -20.10 20.97 37.07
C VAL A 386 -21.28 20.81 36.14
N GLU A 387 -21.79 21.94 35.62
CA GLU A 387 -22.72 21.89 34.50
C GLU A 387 -22.08 21.19 33.31
N LEU A 388 -20.77 21.30 33.17
CA LEU A 388 -20.08 20.63 32.08
C LEU A 388 -20.09 19.12 32.27
N ILE A 389 -19.70 18.66 33.47
CA ILE A 389 -19.80 17.24 33.76
C ILE A 389 -21.25 16.77 33.82
N GLN A 390 -22.17 17.62 34.32
CA GLN A 390 -23.56 17.21 34.37
C GLN A 390 -24.12 17.00 32.97
N ARG A 391 -23.79 17.90 32.03
CA ARG A 391 -24.19 17.70 30.64
C ARG A 391 -23.53 16.46 30.06
N CYS A 392 -22.25 16.22 30.38
CA CYS A 392 -21.61 14.99 29.92
C CYS A 392 -22.36 13.76 30.40
N LYS A 393 -22.81 13.78 31.66
CA LYS A 393 -23.51 12.63 32.21
C LYS A 393 -24.87 12.45 31.55
N GLN A 394 -25.60 13.54 31.34
CA GLN A 394 -26.88 13.45 30.66
C GLN A 394 -26.71 12.92 29.23
N MET A 395 -25.69 13.42 28.52
CA MET A 395 -25.57 13.15 27.10
C MET A 395 -25.02 11.76 26.83
N PHE A 396 -23.83 11.47 27.32
CA PHE A 396 -23.14 10.25 26.91
C PHE A 396 -22.65 9.46 28.12
N LEU A 397 -23.50 9.36 29.13
CA LEU A 397 -23.45 8.26 30.08
C LEU A 397 -24.77 7.51 30.16
N THR A 398 -25.90 8.21 30.09
CA THR A 398 -27.21 7.56 30.23
C THR A 398 -28.05 7.64 28.98
N GLN A 399 -28.32 8.83 28.46
CA GLN A 399 -29.37 8.99 27.45
C GLN A 399 -28.79 8.95 26.05
N THR A 400 -29.34 8.09 25.19
CA THR A 400 -28.82 7.86 23.85
C THR A 400 -27.35 7.47 23.89
N ASP A 401 -26.97 6.74 24.93
CA ASP A 401 -25.59 6.28 25.06
C ASP A 401 -25.20 5.36 23.91
N THR A 402 -26.17 4.69 23.30
CA THR A 402 -25.91 3.73 22.23
C THR A 402 -26.31 4.25 20.86
N GLY A 403 -27.59 4.58 20.65
CA GLY A 403 -28.02 5.03 19.35
C GLY A 403 -28.32 6.51 19.26
N ASP A 404 -27.40 7.26 18.66
CA ASP A 404 -27.57 8.68 18.35
C ASP A 404 -26.37 9.10 17.50
N ASP A 405 -26.32 10.39 17.18
CA ASP A 405 -25.18 10.98 16.49
C ASP A 405 -24.22 11.70 17.42
N ARG A 406 -24.51 11.74 18.73
CA ARG A 406 -23.70 12.50 19.68
C ARG A 406 -22.51 11.66 20.14
N VAL A 407 -21.59 11.44 19.19
CA VAL A 407 -20.32 10.81 19.48
C VAL A 407 -19.22 11.76 19.02
N TYR A 408 -19.57 12.64 18.06
CA TYR A 408 -18.62 13.59 17.53
C TYR A 408 -18.15 14.60 18.57
N GLN A 409 -19.04 15.01 19.47
CA GLN A 409 -18.78 16.15 20.34
C GLN A 409 -18.34 15.73 21.74
N MET A 410 -17.73 14.56 21.87
CA MET A 410 -17.12 14.18 23.15
C MET A 410 -15.74 14.77 23.33
N PRO A 411 -14.80 14.67 22.37
CA PRO A 411 -13.47 15.23 22.61
C PRO A 411 -13.50 16.70 23.00
N SER A 412 -14.44 17.47 22.46
CA SER A 412 -14.55 18.88 22.84
C SER A 412 -14.85 19.01 24.32
N PHE A 413 -15.83 18.24 24.81
CA PHE A 413 -16.10 18.17 26.24
C PHE A 413 -14.86 17.81 27.02
N LEU A 414 -14.06 16.85 26.54
CA LEU A 414 -12.93 16.40 27.32
C LEU A 414 -11.80 17.43 27.37
N GLN A 415 -11.49 18.09 26.25
CA GLN A 415 -10.49 19.14 26.33
C GLN A 415 -10.97 20.28 27.21
N SER A 416 -12.25 20.65 27.10
CA SER A 416 -12.76 21.74 27.92
C SER A 416 -12.69 21.40 29.41
N VAL A 417 -13.09 20.17 29.76
CA VAL A 417 -12.99 19.71 31.14
C VAL A 417 -11.55 19.77 31.63
N ALA A 418 -10.61 19.21 30.88
CA ALA A 418 -9.21 19.22 31.31
C ALA A 418 -8.70 20.64 31.48
N SER A 419 -9.05 21.53 30.56
CA SER A 419 -8.60 22.91 30.63
C SER A 419 -9.08 23.58 31.90
N VAL A 420 -10.40 23.52 32.17
CA VAL A 420 -10.91 24.11 33.40
C VAL A 420 -10.37 23.37 34.62
N LEU A 421 -10.02 22.08 34.45
CA LEU A 421 -9.47 21.29 35.54
C LEU A 421 -8.15 21.87 36.01
N LEU A 422 -7.23 22.15 35.09
CA LEU A 422 -5.94 22.67 35.50
C LEU A 422 -6.09 23.98 36.26
N TYR A 423 -7.04 24.81 35.84
CA TYR A 423 -7.24 26.14 36.39
C TYR A 423 -8.15 26.14 37.60
N LEU A 424 -8.25 25.00 38.26
CA LEU A 424 -9.16 24.87 39.39
C LEU A 424 -8.55 24.15 40.58
N ASP A 425 -8.21 24.91 41.61
CA ASP A 425 -7.69 24.31 42.83
C ASP A 425 -8.82 23.80 43.70
N THR A 426 -8.48 23.04 44.75
CA THR A 426 -9.41 22.42 45.70
C THR A 426 -10.59 21.81 44.95
N VAL A 427 -10.25 20.80 44.15
CA VAL A 427 -11.16 20.01 43.31
C VAL A 427 -12.48 19.74 44.02
N PRO A 428 -13.62 19.80 43.33
CA PRO A 428 -14.89 19.43 43.96
C PRO A 428 -14.89 18.01 44.51
N GLU A 429 -14.09 17.11 43.93
CA GLU A 429 -13.77 15.79 44.47
C GLU A 429 -14.99 14.91 44.72
N VAL A 430 -16.13 15.22 44.12
CA VAL A 430 -17.26 14.30 44.09
C VAL A 430 -17.60 13.87 42.68
N TYR A 431 -17.09 14.56 41.66
CA TYR A 431 -17.29 14.23 40.27
C TYR A 431 -16.10 13.50 39.64
N THR A 432 -14.97 13.46 40.34
CA THR A 432 -13.79 12.76 39.81
C THR A 432 -14.08 11.32 39.39
N PRO A 433 -14.91 10.54 40.09
CA PRO A 433 -15.29 9.24 39.51
C PRO A 433 -15.93 9.39 38.15
N VAL A 434 -16.76 10.41 37.94
CA VAL A 434 -17.37 10.60 36.63
C VAL A 434 -16.35 11.18 35.66
N LEU A 435 -15.39 11.96 36.16
CA LEU A 435 -14.31 12.44 35.31
C LEU A 435 -13.52 11.30 34.69
N GLU A 436 -13.06 10.37 35.52
CA GLU A 436 -12.37 9.21 35.00
C GLU A 436 -13.31 8.33 34.18
N HIS A 437 -14.58 8.23 34.59
CA HIS A 437 -15.54 7.44 33.83
C HIS A 437 -15.87 8.07 32.49
N LEU A 438 -15.51 9.33 32.32
CA LEU A 438 -15.74 10.05 31.08
C LEU A 438 -14.56 9.93 30.13
N VAL A 439 -13.34 10.07 30.67
CA VAL A 439 -12.19 9.92 29.79
C VAL A 439 -11.97 8.46 29.41
N VAL A 440 -12.34 7.50 30.28
CA VAL A 440 -12.31 6.11 29.85
C VAL A 440 -13.23 5.89 28.66
N MET A 441 -14.38 6.57 28.65
CA MET A 441 -15.34 6.29 27.60
C MET A 441 -15.07 7.16 26.38
N GLN A 442 -14.25 8.20 26.52
CA GLN A 442 -13.60 8.80 25.36
C GLN A 442 -12.68 7.78 24.70
N ILE A 443 -11.91 7.05 25.51
CA ILE A 443 -11.12 5.94 24.99
C ILE A 443 -12.01 4.95 24.25
N ASP A 444 -13.08 4.50 24.91
CA ASP A 444 -13.88 3.39 24.40
C ASP A 444 -14.35 3.63 22.97
N SER A 445 -14.52 4.89 22.59
CA SER A 445 -15.13 5.24 21.32
C SER A 445 -14.14 5.83 20.32
N PHE A 446 -12.84 5.58 20.50
CA PHE A 446 -11.85 6.12 19.57
C PHE A 446 -11.90 5.56 18.15
N PRO A 447 -12.27 4.30 17.89
CA PRO A 447 -12.18 3.82 16.51
C PRO A 447 -13.33 4.28 15.64
N GLN A 448 -14.46 4.69 16.21
CA GLN A 448 -15.54 5.27 15.41
C GLN A 448 -15.39 6.79 15.33
N TYR A 449 -14.18 7.23 14.96
CA TYR A 449 -13.90 8.62 14.67
C TYR A 449 -13.14 8.72 13.36
N SER A 450 -12.70 9.91 13.01
CA SER A 450 -11.97 10.17 11.77
C SER A 450 -10.62 10.76 12.11
N PRO A 451 -9.67 10.70 11.18
CA PRO A 451 -8.42 11.45 11.38
C PRO A 451 -8.69 12.94 11.57
N LYS A 452 -7.71 13.61 12.16
CA LYS A 452 -7.64 15.02 12.55
C LYS A 452 -8.60 15.38 13.66
N MET A 453 -9.45 14.45 14.10
CA MET A 453 -9.98 14.47 15.45
C MET A 453 -9.42 13.35 16.31
N GLN A 454 -8.97 12.25 15.69
CA GLN A 454 -8.17 11.27 16.42
C GLN A 454 -6.90 11.91 16.98
N LEU A 455 -6.29 12.82 16.21
CA LEU A 455 -5.21 13.63 16.77
C LEU A 455 -5.72 14.51 17.90
N VAL A 456 -6.86 15.18 17.70
CA VAL A 456 -7.39 16.06 18.74
C VAL A 456 -7.95 15.24 19.90
N CYS A 457 -8.48 14.05 19.62
CA CYS A 457 -8.93 13.20 20.73
C CYS A 457 -7.75 12.73 21.57
N CYS A 458 -6.63 12.38 20.92
CA CYS A 458 -5.41 12.08 21.65
C CYS A 458 -4.94 13.29 22.45
N ARG A 459 -5.11 14.50 21.87
CA ARG A 459 -4.82 15.72 22.61
C ARG A 459 -5.68 15.81 23.86
N ALA A 460 -6.97 15.51 23.73
CA ALA A 460 -7.86 15.55 24.89
C ALA A 460 -7.42 14.57 25.95
N ILE A 461 -7.05 13.35 25.54
CA ILE A 461 -6.71 12.32 26.51
C ILE A 461 -5.42 12.66 27.25
N VAL A 462 -4.37 13.03 26.51
CA VAL A 462 -3.14 13.45 27.17
C VAL A 462 -3.37 14.71 27.98
N LYS A 463 -4.31 15.56 27.57
CA LYS A 463 -4.53 16.80 28.28
C LYS A 463 -5.17 16.54 29.64
N VAL A 464 -6.19 15.70 29.66
CA VAL A 464 -6.79 15.29 30.93
C VAL A 464 -5.73 14.63 31.81
N PHE A 465 -4.92 13.74 31.23
CA PHE A 465 -3.89 13.06 32.01
C PHE A 465 -2.93 14.06 32.64
N LEU A 466 -2.37 14.95 31.82
CA LEU A 466 -1.38 15.91 32.30
C LEU A 466 -1.98 16.96 33.22
N ALA A 467 -3.31 17.14 33.18
CA ALA A 467 -3.95 18.08 34.08
C ALA A 467 -4.16 17.45 35.45
N LEU A 468 -4.89 16.34 35.50
CA LEU A 468 -5.16 15.71 36.79
C LEU A 468 -3.89 15.17 37.43
N ALA A 469 -2.84 14.90 36.65
CA ALA A 469 -1.64 14.32 37.23
C ALA A 469 -0.72 15.34 37.87
N ALA A 470 -1.02 16.62 37.77
CA ALA A 470 -0.11 17.66 38.23
C ALA A 470 -0.62 18.37 39.49
N LYS A 471 -1.48 17.71 40.26
CA LYS A 471 -2.11 18.35 41.41
C LYS A 471 -2.08 17.44 42.63
N GLY A 472 -0.94 16.82 42.90
CA GLY A 472 -0.80 15.98 44.06
C GLY A 472 -1.25 14.55 43.82
N PRO A 473 -0.67 13.61 44.58
CA PRO A 473 -0.86 12.18 44.27
C PRO A 473 -2.27 11.67 44.51
N VAL A 474 -3.11 12.39 45.25
CA VAL A 474 -4.41 11.86 45.63
C VAL A 474 -5.26 11.57 44.39
N LEU A 475 -5.35 12.53 43.49
CA LEU A 475 -6.10 12.32 42.26
C LEU A 475 -5.21 11.82 41.12
N ARG A 476 -3.88 11.93 41.23
CA ARG A 476 -3.04 11.20 40.30
C ARG A 476 -3.14 9.70 40.50
N ASN A 477 -3.69 9.27 41.64
CA ASN A 477 -4.00 7.86 41.81
C ASN A 477 -5.08 7.40 40.85
N CYS A 478 -5.87 8.32 40.31
CA CYS A 478 -6.95 7.93 39.40
C CYS A 478 -6.49 7.85 37.95
N ILE A 479 -5.33 8.39 37.62
CA ILE A 479 -4.78 8.18 36.28
C ILE A 479 -4.46 6.71 36.09
N SER A 480 -4.00 6.04 37.14
CA SER A 480 -3.78 4.61 37.06
C SER A 480 -5.09 3.88 36.78
N THR A 481 -6.16 4.26 37.49
CA THR A 481 -7.45 3.60 37.32
C THR A 481 -8.01 3.82 35.93
N VAL A 482 -7.88 5.03 35.41
CA VAL A 482 -8.38 5.32 34.06
C VAL A 482 -7.60 4.57 32.99
N VAL A 483 -6.26 4.57 33.07
CA VAL A 483 -5.49 3.81 32.10
C VAL A 483 -5.87 2.34 32.17
N HIS A 484 -5.98 1.81 33.39
CA HIS A 484 -6.36 0.41 33.55
C HIS A 484 -7.71 0.14 32.90
N GLN A 485 -8.68 1.04 33.10
CA GLN A 485 -10.03 0.78 32.61
C GLN A 485 -10.11 0.94 31.09
N GLY A 486 -9.39 1.93 30.54
CA GLY A 486 -9.25 2.01 29.10
C GLY A 486 -8.70 0.72 28.51
N LEU A 487 -7.59 0.23 29.06
CA LEU A 487 -7.15 -1.12 28.75
C LEU A 487 -8.31 -2.12 28.80
N ILE A 488 -9.06 -2.13 29.90
CA ILE A 488 -10.10 -3.14 30.09
C ILE A 488 -11.11 -3.10 28.95
N ARG A 489 -11.40 -1.91 28.43
CA ARG A 489 -12.35 -1.83 27.32
C ARG A 489 -11.69 -2.17 25.99
N ILE A 490 -10.69 -1.39 25.59
CA ILE A 490 -10.13 -1.49 24.24
C ILE A 490 -9.32 -2.76 24.10
N CYS A 491 -9.26 -3.56 25.16
CA CYS A 491 -8.85 -4.94 25.06
C CYS A 491 -10.03 -5.89 25.07
N SER A 492 -11.25 -5.40 25.25
CA SER A 492 -12.41 -6.27 25.27
C SER A 492 -13.21 -6.24 23.96
N LYS A 493 -13.04 -5.19 23.16
CA LYS A 493 -13.75 -5.08 21.89
C LYS A 493 -13.27 -6.14 20.92
N PRO A 494 -14.08 -7.17 20.60
CA PRO A 494 -13.65 -8.24 19.70
C PRO A 494 -13.57 -7.77 18.26
N LYS A 518 -26.39 -0.66 9.00
CA LYS A 518 -25.15 -1.34 9.36
C LYS A 518 -24.31 -0.48 10.29
N TRP A 519 -23.42 -1.13 11.04
CA TRP A 519 -22.53 -0.44 11.96
C TRP A 519 -21.17 -1.12 11.93
N LYS A 520 -20.11 -0.32 11.89
CA LYS A 520 -18.74 -0.82 11.79
C LYS A 520 -18.04 -0.63 13.13
N VAL A 521 -17.34 -1.68 13.56
CA VAL A 521 -16.59 -1.63 14.81
C VAL A 521 -15.14 -2.03 14.56
N PRO A 522 -14.22 -1.07 14.43
CA PRO A 522 -12.79 -1.42 14.49
C PRO A 522 -12.41 -1.78 15.93
N THR A 523 -11.59 -2.81 16.06
CA THR A 523 -11.48 -3.49 17.36
C THR A 523 -10.43 -2.84 18.25
N TYR A 524 -9.15 -2.99 17.90
CA TYR A 524 -8.08 -2.31 18.63
C TYR A 524 -7.00 -1.73 17.73
N LYS A 525 -6.95 -2.11 16.45
CA LYS A 525 -5.80 -1.83 15.60
C LYS A 525 -5.61 -0.35 15.33
N ASP A 526 -6.59 0.50 15.68
CA ASP A 526 -6.49 1.93 15.45
C ASP A 526 -6.53 2.73 16.74
N TYR A 527 -6.66 2.07 17.90
CA TYR A 527 -6.32 2.72 19.16
C TYR A 527 -4.82 2.91 19.31
N VAL A 528 -4.03 2.20 18.50
CA VAL A 528 -2.60 2.04 18.80
C VAL A 528 -1.87 3.37 18.70
N ASP A 529 -2.09 4.11 17.61
CA ASP A 529 -1.35 5.35 17.43
C ASP A 529 -1.68 6.34 18.54
N LEU A 530 -2.93 6.35 19.00
CA LEU A 530 -3.31 7.13 20.17
C LEU A 530 -2.38 6.84 21.34
N PHE A 531 -2.30 5.57 21.75
CA PHE A 531 -1.50 5.21 22.90
C PHE A 531 -0.01 5.48 22.68
N ARG A 532 0.47 5.31 21.45
CA ARG A 532 1.87 5.63 21.17
C ARG A 532 2.13 7.12 21.34
N HIS A 533 1.22 7.98 20.89
CA HIS A 533 1.40 9.41 21.10
C HIS A 533 1.17 9.79 22.57
N LEU A 534 0.44 8.97 23.32
CA LEU A 534 0.25 9.26 24.73
C LEU A 534 1.58 9.29 25.48
N LEU A 535 2.59 8.58 24.97
CA LEU A 535 3.84 8.44 25.69
C LEU A 535 5.08 8.76 24.85
N SER A 536 5.06 8.44 23.56
CA SER A 536 6.26 8.54 22.74
C SER A 536 6.26 9.78 21.85
N SER A 537 5.20 9.97 21.06
CA SER A 537 5.04 11.20 20.31
C SER A 537 4.44 12.26 21.23
N ASP A 538 5.11 12.52 22.35
CA ASP A 538 4.54 13.31 23.45
C ASP A 538 5.09 14.72 23.52
N GLN A 539 6.40 14.90 23.34
CA GLN A 539 6.97 16.24 23.38
C GLN A 539 6.49 17.11 22.23
N MET A 540 5.95 16.50 21.18
CA MET A 540 5.48 17.24 20.01
C MET A 540 4.02 17.62 20.09
N MET A 541 3.31 17.27 21.17
CA MET A 541 1.94 17.68 21.35
C MET A 541 1.70 18.49 22.63
N ASP A 542 2.48 18.28 23.68
CA ASP A 542 2.36 19.05 24.90
C ASP A 542 3.12 20.37 24.86
N SER A 543 3.98 20.56 23.85
CA SER A 543 4.77 21.79 23.78
C SER A 543 3.88 23.02 23.68
N ILE A 544 2.66 22.87 23.16
CA ILE A 544 1.71 23.98 23.14
C ILE A 544 0.98 24.15 24.47
N LEU A 545 1.34 23.34 25.47
CA LEU A 545 0.73 23.41 26.80
C LEU A 545 1.78 23.78 27.83
N ALA A 546 1.39 24.64 28.77
CA ALA A 546 2.27 25.10 29.85
C ALA A 546 3.57 25.68 29.31
N SER A 559 8.42 13.16 31.52
CA SER A 559 7.33 13.51 32.43
C SER A 559 6.17 12.53 32.27
N LEU A 560 5.09 13.01 31.66
CA LEU A 560 3.91 12.18 31.43
C LEU A 560 4.25 10.90 30.68
N ASN A 561 5.31 10.90 29.88
CA ASN A 561 5.74 9.68 29.19
C ASN A 561 6.06 8.59 30.19
N HIS A 562 6.89 8.90 31.20
CA HIS A 562 7.29 7.90 32.17
C HIS A 562 6.09 7.41 32.98
N LEU A 563 5.27 8.33 33.48
CA LEU A 563 4.10 7.95 34.27
C LEU A 563 3.16 7.07 33.46
N LEU A 564 2.90 7.44 32.21
CA LEU A 564 1.95 6.67 31.41
C LEU A 564 2.52 5.31 31.00
N TYR A 565 3.82 5.22 30.74
CA TYR A 565 4.42 3.93 30.44
C TYR A 565 4.34 3.02 31.66
N ASP A 566 4.68 3.55 32.84
CA ASP A 566 4.59 2.75 34.05
C ASP A 566 3.16 2.34 34.35
N GLU A 567 2.20 3.25 34.13
CA GLU A 567 0.80 2.92 34.34
C GLU A 567 0.34 1.83 33.38
N PHE A 568 0.78 1.91 32.11
CA PHE A 568 0.42 0.88 31.15
C PHE A 568 0.98 -0.46 31.56
N VAL A 569 2.21 -0.48 32.09
CA VAL A 569 2.80 -1.76 32.48
C VAL A 569 2.13 -2.32 33.72
N LYS A 570 1.87 -1.47 34.72
CA LYS A 570 1.12 -1.93 35.89
C LYS A 570 -0.24 -2.47 35.49
N SER A 571 -1.00 -1.72 34.69
CA SER A 571 -2.31 -2.17 34.23
C SER A 571 -2.24 -3.50 33.50
N VAL A 572 -1.26 -3.67 32.60
CA VAL A 572 -1.19 -4.95 31.89
C VAL A 572 -0.83 -6.06 32.85
N LEU A 573 -0.01 -5.77 33.86
CA LEU A 573 0.30 -6.77 34.89
C LEU A 573 -0.94 -7.14 35.68
N LYS A 574 -1.77 -6.14 36.01
CA LYS A 574 -3.02 -6.38 36.70
C LYS A 574 -3.92 -7.31 35.89
N ILE A 575 -4.11 -6.99 34.61
CA ILE A 575 -5.00 -7.80 33.79
C ILE A 575 -4.47 -9.23 33.69
N VAL A 576 -3.16 -9.39 33.48
CA VAL A 576 -2.60 -10.75 33.47
C VAL A 576 -2.86 -11.44 34.81
N GLU A 577 -2.76 -10.70 35.91
CA GLU A 577 -3.01 -11.29 37.22
C GLU A 577 -4.43 -11.82 37.32
N LYS A 578 -5.41 -11.07 36.82
CA LYS A 578 -6.82 -11.49 36.91
C LYS A 578 -7.43 -11.60 35.52
N LEU A 579 -7.26 -12.76 34.87
CA LEU A 579 -7.99 -13.09 33.65
C LEU A 579 -8.47 -14.53 33.55
N ASP A 580 -8.05 -15.41 34.44
CA ASP A 580 -8.39 -16.84 34.34
C ASP A 580 -8.19 -17.36 32.92
N LEU A 581 -6.96 -17.25 32.44
CA LEU A 581 -6.51 -17.77 31.15
C LEU A 581 -6.45 -19.26 31.10
N THR A 582 -6.90 -19.99 32.11
CA THR A 582 -6.83 -21.44 32.06
C THR A 582 -7.73 -21.98 30.97
N LEU A 583 -7.55 -23.26 30.67
CA LEU A 583 -8.29 -23.94 29.61
C LEU A 583 -8.95 -25.20 30.16
N GLU A 584 -10.02 -25.62 29.51
CA GLU A 584 -10.76 -26.80 29.90
C GLU A 584 -10.95 -27.72 28.70
N ILE A 585 -10.96 -29.02 28.95
CA ILE A 585 -11.16 -30.01 27.90
C ILE A 585 -12.66 -30.15 27.63
N GLN A 586 -13.01 -30.32 26.36
CA GLN A 586 -14.40 -30.41 25.95
C GLN A 586 -14.63 -31.74 25.23
N THR A 587 -15.83 -32.29 25.40
CA THR A 587 -16.18 -33.56 24.79
C THR A 587 -16.26 -33.44 23.28
N MET A 602 -11.27 -39.58 21.55
CA MET A 602 -9.93 -40.11 21.41
C MET A 602 -9.02 -39.58 22.51
N ILE A 603 -7.71 -39.69 22.31
CA ILE A 603 -6.74 -39.32 23.34
C ILE A 603 -5.66 -38.47 22.68
N PRO A 604 -5.75 -37.14 22.75
CA PRO A 604 -4.71 -36.30 22.13
C PRO A 604 -3.42 -36.37 22.92
N THR A 605 -2.34 -36.72 22.23
CA THR A 605 -1.02 -36.56 22.83
C THR A 605 -0.56 -35.12 22.78
N SER A 606 -1.06 -34.35 21.81
CA SER A 606 -0.77 -32.94 21.75
C SER A 606 -1.28 -32.27 23.01
N ASP A 607 -0.37 -31.69 23.80
CA ASP A 607 -0.81 -31.06 25.03
C ASP A 607 -1.72 -29.89 24.72
N PRO A 608 -1.41 -29.06 23.71
CA PRO A 608 -2.47 -28.22 23.12
C PRO A 608 -3.32 -29.06 22.20
N ALA A 609 -4.62 -29.13 22.50
CA ALA A 609 -5.50 -30.13 21.93
C ALA A 609 -6.88 -29.50 21.79
N ALA A 610 -7.92 -30.33 21.71
CA ALA A 610 -9.28 -29.84 21.92
C ALA A 610 -9.35 -28.93 23.12
N ASN A 611 -8.43 -29.09 24.08
CA ASN A 611 -8.27 -28.19 25.20
C ASN A 611 -7.93 -26.77 24.76
N LEU A 612 -7.69 -26.55 23.47
CA LEU A 612 -7.47 -25.20 22.97
C LEU A 612 -8.80 -24.46 22.96
N HIS A 613 -9.42 -24.36 24.13
CA HIS A 613 -10.74 -23.77 24.33
C HIS A 613 -10.81 -23.24 25.75
N PRO A 614 -10.64 -21.94 25.93
CA PRO A 614 -10.59 -21.37 27.28
C PRO A 614 -11.90 -21.56 28.04
N ALA A 615 -11.83 -21.36 29.36
CA ALA A 615 -13.02 -21.38 30.18
C ALA A 615 -13.83 -20.11 30.00
N LYS A 616 -13.16 -18.97 29.83
CA LYS A 616 -13.81 -17.66 29.77
C LYS A 616 -13.34 -16.95 28.49
N PRO A 617 -13.95 -17.26 27.35
CA PRO A 617 -13.41 -16.78 26.07
C PRO A 617 -13.32 -15.28 25.95
N LYS A 618 -14.18 -14.52 26.65
CA LYS A 618 -14.06 -13.07 26.60
C LYS A 618 -12.76 -12.63 27.23
N ASP A 619 -12.37 -13.26 28.35
CA ASP A 619 -11.07 -13.00 28.94
C ASP A 619 -9.95 -13.36 27.98
N PHE A 620 -10.07 -14.49 27.30
CA PHE A 620 -9.01 -14.93 26.40
C PHE A 620 -8.81 -13.94 25.26
N SER A 621 -9.91 -13.52 24.62
CA SER A 621 -9.81 -12.49 23.59
C SER A 621 -9.28 -11.18 24.15
N ALA A 622 -9.59 -10.90 25.43
CA ALA A 622 -9.03 -9.70 26.06
C ALA A 622 -7.52 -9.81 26.18
N PHE A 623 -7.03 -10.98 26.57
CA PHE A 623 -5.59 -11.20 26.66
C PHE A 623 -4.95 -11.06 25.29
N ILE A 624 -5.64 -11.54 24.25
CA ILE A 624 -5.08 -11.46 22.90
C ILE A 624 -4.98 -10.02 22.44
N ASN A 625 -6.08 -9.26 22.57
CA ASN A 625 -6.02 -7.84 22.26
C ASN A 625 -4.90 -7.18 23.06
N LEU A 626 -4.72 -7.62 24.31
CA LEU A 626 -3.64 -7.13 25.15
C LEU A 626 -2.27 -7.43 24.55
N VAL A 627 -2.06 -8.67 24.08
CA VAL A 627 -0.73 -9.03 23.62
C VAL A 627 -0.35 -8.25 22.37
N GLU A 628 -1.25 -8.19 21.36
CA GLU A 628 -0.88 -7.32 20.22
C GLU A 628 -0.82 -5.84 20.60
N PHE A 629 -1.67 -5.36 21.48
CA PHE A 629 -1.62 -3.95 21.82
C PHE A 629 -0.28 -3.61 22.45
N CYS A 630 0.17 -4.41 23.41
CA CYS A 630 1.50 -4.23 23.99
C CYS A 630 2.60 -4.44 22.95
N ARG A 631 2.43 -5.41 22.05
CA ARG A 631 3.43 -5.69 21.04
C ARG A 631 3.70 -4.48 20.18
N GLU A 632 2.66 -3.70 19.87
CA GLU A 632 2.98 -2.51 19.10
C GLU A 632 3.24 -1.30 19.99
N ILE A 633 2.87 -1.34 21.27
CA ILE A 633 3.26 -0.28 22.18
C ILE A 633 4.63 -0.52 22.79
N LEU A 634 5.13 -1.76 22.78
CA LEU A 634 6.40 -2.00 23.47
C LEU A 634 7.51 -2.62 22.61
N PRO A 635 7.76 -2.19 21.37
CA PRO A 635 9.06 -2.50 20.76
C PRO A 635 10.05 -1.42 21.13
N GLU A 636 9.49 -0.24 21.41
CA GLU A 636 10.24 0.98 21.58
C GLU A 636 9.73 1.75 22.78
N LYS A 637 10.14 3.01 22.90
CA LYS A 637 9.88 3.82 24.09
C LYS A 637 10.61 3.24 25.30
N GLN A 638 11.52 2.30 25.04
CA GLN A 638 12.33 1.66 26.07
C GLN A 638 13.68 2.33 26.26
N ALA A 639 13.87 3.52 25.69
CA ALA A 639 15.18 4.19 25.73
C ALA A 639 15.71 4.25 27.17
N GLU A 640 14.85 4.58 28.11
CA GLU A 640 15.17 4.39 29.52
C GLU A 640 13.99 3.92 30.35
N PHE A 641 12.83 3.68 29.73
CA PHE A 641 11.61 3.49 30.51
C PHE A 641 11.43 2.06 30.98
N PHE A 642 11.70 1.08 30.12
CA PHE A 642 11.58 -0.33 30.49
C PHE A 642 12.76 -0.80 31.34
N GLU A 643 13.73 0.08 31.62
CA GLU A 643 14.92 -0.27 32.39
C GLU A 643 14.61 -0.95 33.72
N PRO A 644 13.68 -0.48 34.55
CA PRO A 644 13.41 -1.18 35.82
C PRO A 644 12.34 -2.25 35.76
N TRP A 645 11.62 -2.37 34.65
CA TRP A 645 10.49 -3.27 34.60
C TRP A 645 10.87 -4.68 34.15
N VAL A 646 12.11 -4.87 33.70
CA VAL A 646 12.47 -6.13 33.05
C VAL A 646 12.35 -7.29 34.02
N TYR A 647 12.94 -7.16 35.21
CA TYR A 647 12.99 -8.30 36.13
C TYR A 647 11.60 -8.71 36.58
N SER A 648 10.81 -7.75 37.05
CA SER A 648 9.44 -8.06 37.46
C SER A 648 8.67 -8.66 36.30
N PHE A 649 8.42 -7.84 35.27
CA PHE A 649 7.64 -8.26 34.10
C PHE A 649 7.99 -9.67 33.69
N SER A 650 9.28 -9.95 33.45
CA SER A 650 9.73 -11.31 33.24
C SER A 650 9.20 -12.23 34.32
N TYR A 651 9.58 -12.00 35.57
CA TYR A 651 9.38 -12.98 36.63
C TYR A 651 7.94 -13.48 36.70
N GLU A 652 6.97 -12.56 36.69
CA GLU A 652 5.60 -13.08 36.67
C GLU A 652 5.14 -13.59 35.31
N LEU A 653 5.74 -13.16 34.19
CA LEU A 653 5.40 -13.86 32.95
C LEU A 653 5.88 -15.31 32.97
N ILE A 654 7.10 -15.55 33.46
CA ILE A 654 7.58 -16.93 33.66
C ILE A 654 6.68 -17.67 34.63
N LEU A 655 6.27 -17.03 35.73
CA LEU A 655 5.46 -17.75 36.71
C LEU A 655 4.11 -18.17 36.13
N GLN A 656 3.43 -17.26 35.43
CA GLN A 656 2.16 -17.64 34.81
C GLN A 656 2.36 -18.65 33.69
N SER A 657 3.27 -18.36 32.75
CA SER A 657 3.58 -19.26 31.65
C SER A 657 4.14 -20.59 32.10
N THR A 658 4.44 -20.76 33.39
CA THR A 658 4.86 -22.08 33.84
C THR A 658 3.68 -22.89 34.36
N ARG A 659 2.68 -22.23 34.93
CA ARG A 659 1.40 -22.87 35.24
C ARG A 659 0.37 -22.69 34.14
N LEU A 660 0.57 -21.71 33.26
CA LEU A 660 -0.20 -21.63 32.03
C LEU A 660 0.76 -21.82 30.87
N PRO A 661 1.30 -23.02 30.68
CA PRO A 661 2.40 -23.20 29.73
C PRO A 661 1.99 -23.05 28.28
N LEU A 662 0.87 -23.69 27.94
CA LEU A 662 0.38 -23.78 26.56
C LEU A 662 -0.60 -22.66 26.23
N ILE A 663 -0.20 -21.43 26.58
CA ILE A 663 -0.97 -20.23 26.31
C ILE A 663 0.00 -19.24 25.69
N SER A 664 -0.13 -19.00 24.39
CA SER A 664 0.73 -18.04 23.75
C SER A 664 0.45 -16.64 24.29
N GLY A 665 1.24 -15.68 23.83
CA GLY A 665 1.13 -14.31 24.30
C GLY A 665 1.88 -14.07 25.59
N PHE A 666 1.80 -15.03 26.53
CA PHE A 666 2.82 -15.07 27.57
C PHE A 666 4.20 -15.08 26.96
N TYR A 667 4.47 -16.08 26.11
CA TYR A 667 5.70 -16.15 25.34
C TYR A 667 5.93 -14.87 24.54
N LYS A 668 4.87 -14.31 23.97
CA LYS A 668 5.02 -13.10 23.16
C LYS A 668 5.41 -11.90 24.01
N LEU A 669 4.80 -11.77 25.20
CA LEU A 669 5.20 -10.70 26.11
C LEU A 669 6.64 -10.92 26.59
N LEU A 670 7.01 -12.17 26.81
CA LEU A 670 8.39 -12.49 27.17
C LEU A 670 9.35 -12.08 26.07
N SER A 671 9.01 -12.35 24.81
CA SER A 671 9.89 -11.95 23.73
C SER A 671 9.95 -10.42 23.62
N ILE A 672 8.84 -9.74 23.88
CA ILE A 672 8.86 -8.27 23.88
C ILE A 672 9.79 -7.75 24.97
N THR A 673 9.68 -8.32 26.19
CA THR A 673 10.47 -7.80 27.30
C THR A 673 11.94 -8.16 27.15
N VAL A 674 12.24 -9.33 26.57
CA VAL A 674 13.63 -9.70 26.38
C VAL A 674 14.25 -8.88 25.25
N ARG A 675 13.48 -8.55 24.21
CA ARG A 675 14.03 -7.70 23.17
C ARG A 675 14.18 -6.26 23.65
N ASN A 676 13.39 -5.86 24.64
CA ASN A 676 13.59 -4.55 25.24
C ASN A 676 14.79 -4.55 26.19
N ALA A 677 14.99 -5.67 26.89
CA ALA A 677 16.21 -5.91 27.65
C ALA A 677 17.43 -6.07 26.77
N LYS A 678 17.23 -6.27 25.46
CA LYS A 678 18.33 -6.36 24.51
C LYS A 678 18.65 -5.02 23.85
N LYS A 679 17.64 -4.22 23.52
CA LYS A 679 17.93 -2.90 22.94
C LYS A 679 18.76 -2.07 23.91
N ILE A 680 18.23 -1.78 25.09
CA ILE A 680 19.08 -1.43 26.21
C ILE A 680 19.83 -2.69 26.64
N LYS A 681 21.00 -2.51 27.26
CA LYS A 681 21.91 -3.64 27.37
C LYS A 681 21.44 -4.67 28.39
N TYR A 682 21.44 -4.30 29.68
CA TYR A 682 20.81 -5.08 30.73
C TYR A 682 21.38 -6.49 30.92
N PHE A 683 22.33 -6.90 30.10
CA PHE A 683 22.82 -8.28 30.20
C PHE A 683 24.33 -8.31 30.10
N GLU A 684 24.99 -7.42 30.85
CA GLU A 684 26.45 -7.36 30.89
C GLU A 684 27.04 -8.13 32.06
N GLY A 685 26.76 -9.42 32.12
CA GLY A 685 27.28 -10.27 33.17
C GLY A 685 26.83 -11.72 33.04
N LYS A 700 19.48 -8.39 39.19
CA LYS A 700 19.78 -8.54 37.78
C LYS A 700 20.21 -9.96 37.48
N TYR A 701 21.34 -10.36 38.07
CA TYR A 701 21.83 -11.71 37.89
C TYR A 701 20.76 -12.75 38.24
N SER A 702 19.87 -12.42 39.17
CA SER A 702 18.75 -13.29 39.46
C SER A 702 17.87 -13.50 38.24
N CYS A 703 17.57 -12.41 37.51
CA CYS A 703 16.78 -12.57 36.29
C CYS A 703 17.60 -13.25 35.21
N PHE A 704 18.93 -13.10 35.23
CA PHE A 704 19.77 -13.85 34.30
C PHE A 704 19.60 -15.35 34.51
N ALA A 705 19.72 -15.81 35.76
CA ALA A 705 19.54 -17.23 36.03
C ALA A 705 18.11 -17.66 35.73
N LEU A 706 17.15 -16.76 35.96
CA LEU A 706 15.76 -17.06 35.60
C LEU A 706 15.63 -17.31 34.11
N PHE A 707 16.13 -16.39 33.29
CA PHE A 707 16.06 -16.56 31.84
C PHE A 707 16.79 -17.80 31.38
N VAL A 708 17.96 -18.09 31.95
CA VAL A 708 18.68 -19.29 31.54
C VAL A 708 17.83 -20.53 31.81
N LYS A 709 17.31 -20.66 33.03
CA LYS A 709 16.56 -21.86 33.38
C LYS A 709 15.28 -21.96 32.57
N PHE A 710 14.60 -20.83 32.36
CA PHE A 710 13.34 -20.87 31.63
C PHE A 710 13.57 -21.10 30.15
N GLY A 711 14.65 -20.54 29.60
CA GLY A 711 14.98 -20.82 28.22
C GLY A 711 15.23 -22.30 28.00
N LYS A 712 15.99 -22.93 28.89
CA LYS A 712 16.17 -24.37 28.79
C LYS A 712 14.84 -25.11 28.88
N GLU A 713 14.02 -24.76 29.88
CA GLU A 713 12.77 -25.49 30.09
C GLU A 713 11.82 -25.34 28.91
N VAL A 714 11.65 -24.11 28.42
CA VAL A 714 10.78 -23.86 27.28
C VAL A 714 11.33 -24.48 26.01
N ALA A 715 12.67 -24.49 25.83
CA ALA A 715 13.25 -25.12 24.66
C ALA A 715 13.01 -26.63 24.65
N VAL A 716 12.90 -27.24 25.84
CA VAL A 716 12.61 -28.66 25.86
C VAL A 716 11.12 -28.93 25.74
N LYS A 717 10.29 -28.04 26.31
CA LYS A 717 8.85 -28.23 26.21
C LYS A 717 8.30 -27.88 24.84
N MET A 718 9.00 -27.02 24.10
CA MET A 718 8.57 -26.52 22.79
C MET A 718 8.46 -27.61 21.75
N LYS A 719 9.19 -28.70 21.89
CA LYS A 719 9.22 -29.77 20.91
C LYS A 719 7.90 -30.49 20.76
N GLN A 720 6.88 -30.04 21.49
CA GLN A 720 5.54 -30.59 21.37
C GLN A 720 4.54 -29.63 20.73
N TYR A 721 4.86 -28.34 20.65
CA TYR A 721 3.88 -27.32 20.34
C TYR A 721 3.69 -27.18 18.83
N LYS A 722 2.44 -26.88 18.44
CA LYS A 722 2.07 -26.67 17.05
C LYS A 722 2.03 -25.18 16.72
N ASP A 723 1.49 -24.86 15.54
CA ASP A 723 1.81 -23.64 14.79
C ASP A 723 1.89 -22.34 15.57
N GLU A 724 0.80 -21.86 16.17
CA GLU A 724 0.86 -20.53 16.78
C GLU A 724 1.67 -20.55 18.08
N LEU A 725 1.43 -21.56 18.92
CA LEU A 725 2.20 -21.69 20.15
C LEU A 725 3.68 -21.89 19.84
N LEU A 726 4.01 -22.86 18.98
CA LEU A 726 5.39 -23.11 18.61
C LEU A 726 6.05 -21.88 18.01
N ALA A 727 5.31 -21.12 17.20
CA ALA A 727 5.89 -19.91 16.62
C ALA A 727 6.22 -18.89 17.69
N SER A 728 5.33 -18.72 18.67
CA SER A 728 5.59 -17.77 19.74
C SER A 728 6.78 -18.21 20.59
N CYS A 729 6.87 -19.50 20.88
CA CYS A 729 8.01 -20.03 21.62
C CYS A 729 9.32 -19.81 20.87
N LEU A 730 9.34 -20.09 19.57
CA LEU A 730 10.55 -19.91 18.79
C LEU A 730 10.96 -18.45 18.71
N THR A 731 10.00 -17.54 18.50
CA THR A 731 10.34 -16.12 18.47
C THR A 731 10.85 -15.67 19.83
N PHE A 732 10.37 -16.29 20.91
CA PHE A 732 10.95 -16.02 22.22
C PHE A 732 12.40 -16.48 22.29
N LEU A 733 12.64 -17.77 22.04
CA LEU A 733 13.98 -18.34 22.20
C LEU A 733 15.01 -17.62 21.36
N LEU A 734 14.68 -17.33 20.11
CA LEU A 734 15.64 -16.69 19.23
C LEU A 734 15.68 -15.18 19.42
N SER A 735 15.16 -14.72 20.56
CA SER A 735 15.21 -13.32 20.93
C SER A 735 15.97 -13.10 22.23
N LEU A 736 16.43 -14.16 22.88
CA LEU A 736 17.41 -14.01 23.95
C LEU A 736 18.65 -13.36 23.39
N PRO A 737 19.38 -12.57 24.20
CA PRO A 737 20.57 -11.90 23.66
C PRO A 737 21.56 -12.89 23.09
N HIS A 738 21.98 -13.86 23.91
CA HIS A 738 22.61 -15.11 23.48
C HIS A 738 24.00 -14.82 22.91
N ASN A 739 24.30 -13.55 22.68
CA ASN A 739 25.66 -13.06 22.75
C ASN A 739 26.06 -12.81 24.18
N ILE A 740 25.13 -13.08 25.09
CA ILE A 740 25.41 -13.15 26.51
C ILE A 740 25.24 -14.57 27.03
N ILE A 741 24.25 -15.29 26.51
CA ILE A 741 24.17 -16.75 26.70
C ILE A 741 24.87 -17.38 25.51
N GLU A 742 26.20 -17.45 25.59
CA GLU A 742 26.97 -18.30 24.69
C GLU A 742 26.94 -19.76 25.10
N LEU A 743 26.55 -20.04 26.34
CA LEU A 743 26.68 -21.38 26.90
C LEU A 743 25.58 -22.30 26.35
N ASP A 744 25.84 -23.60 26.46
CA ASP A 744 24.91 -24.65 26.05
C ASP A 744 24.21 -24.29 24.74
N VAL A 745 25.00 -23.90 23.74
CA VAL A 745 24.44 -23.52 22.45
C VAL A 745 23.94 -24.73 21.67
N ARG A 746 24.23 -25.94 22.14
CA ARG A 746 23.73 -27.14 21.47
C ARG A 746 22.25 -27.37 21.72
N ALA A 747 21.63 -26.60 22.60
CA ALA A 747 20.21 -26.72 22.88
C ALA A 747 19.38 -25.60 22.26
N TYR A 748 20.02 -24.57 21.73
CA TYR A 748 19.32 -23.52 21.01
C TYR A 748 19.44 -23.66 19.50
N VAL A 749 20.13 -24.68 19.00
CA VAL A 749 20.21 -24.87 17.55
C VAL A 749 18.94 -25.51 17.00
N PRO A 750 18.31 -26.51 17.64
CA PRO A 750 17.05 -27.02 17.06
C PRO A 750 15.96 -25.95 17.01
N ALA A 751 16.06 -24.94 17.87
CA ALA A 751 15.07 -23.87 17.85
C ALA A 751 15.37 -22.84 16.78
N LEU A 752 16.57 -22.88 16.19
CA LEU A 752 16.84 -22.04 15.03
C LEU A 752 16.64 -22.78 13.72
N GLN A 753 16.89 -24.09 13.69
CA GLN A 753 16.57 -24.82 12.47
C GLN A 753 15.09 -25.16 12.36
N MET A 754 14.33 -25.12 13.46
CA MET A 754 12.88 -25.19 13.30
C MET A 754 12.27 -23.84 12.99
N ALA A 755 12.95 -22.74 13.34
CA ALA A 755 12.47 -21.45 12.90
C ALA A 755 12.93 -21.12 11.48
N PHE A 756 13.88 -21.89 10.95
CA PHE A 756 14.20 -21.81 9.53
C PHE A 756 13.28 -22.72 8.72
N LYS A 757 13.16 -23.98 9.13
CA LYS A 757 12.29 -24.92 8.41
C LYS A 757 10.85 -24.45 8.38
N LEU A 758 10.37 -23.88 9.49
CA LEU A 758 9.00 -23.37 9.51
C LEU A 758 8.85 -22.05 8.77
N GLY A 759 9.95 -21.38 8.48
CA GLY A 759 9.91 -20.33 7.49
C GLY A 759 9.59 -20.94 6.14
N LEU A 760 9.77 -20.18 5.06
CA LEU A 760 9.42 -20.60 3.71
C LEU A 760 7.91 -20.58 3.56
N SER A 761 7.21 -20.38 4.68
CA SER A 761 5.77 -20.27 4.74
C SER A 761 5.30 -19.18 5.68
N TYR A 762 6.00 -18.93 6.78
CA TYR A 762 5.61 -17.91 7.74
C TYR A 762 6.80 -16.96 7.81
N THR A 763 6.74 -15.88 7.02
CA THR A 763 7.90 -15.02 6.82
C THR A 763 8.47 -14.42 8.10
N PRO A 764 7.70 -13.92 9.06
CA PRO A 764 8.34 -13.37 10.26
C PRO A 764 9.17 -14.38 11.05
N LEU A 765 8.80 -15.66 11.00
CA LEU A 765 9.65 -16.67 11.62
C LEU A 765 10.99 -16.78 10.88
N ALA A 766 10.95 -16.65 9.55
CA ALA A 766 12.21 -16.57 8.80
C ALA A 766 13.01 -15.36 9.21
N GLU A 767 12.34 -14.23 9.44
CA GLU A 767 13.04 -13.01 9.83
C GLU A 767 13.70 -13.17 11.20
N VAL A 768 12.99 -13.76 12.16
CA VAL A 768 13.57 -13.95 13.48
C VAL A 768 14.74 -14.93 13.41
N GLY A 769 14.61 -15.98 12.59
CA GLY A 769 15.73 -16.88 12.39
C GLY A 769 16.94 -16.18 11.79
N LEU A 770 16.71 -15.26 10.85
CA LEU A 770 17.81 -14.54 10.22
C LEU A 770 18.51 -13.63 11.22
N ASN A 771 17.75 -12.86 12.01
CA ASN A 771 18.38 -12.01 13.02
C ASN A 771 19.10 -12.85 14.06
N ALA A 772 18.53 -14.01 14.42
CA ALA A 772 19.19 -14.91 15.34
C ALA A 772 20.56 -15.32 14.82
N LEU A 773 20.59 -15.97 13.65
CA LEU A 773 21.87 -16.42 13.08
C LEU A 773 22.84 -15.27 12.90
N GLU A 774 22.34 -14.10 12.51
CA GLU A 774 23.20 -12.94 12.33
C GLU A 774 23.88 -12.54 13.63
N GLU A 775 23.12 -12.45 14.72
CA GLU A 775 23.70 -12.12 16.02
C GLU A 775 24.65 -13.22 16.49
N TRP A 776 24.25 -14.49 16.35
CA TRP A 776 25.09 -15.60 16.77
C TRP A 776 26.42 -15.59 16.04
N SER A 777 26.42 -15.11 14.80
CA SER A 777 27.67 -15.03 14.04
C SER A 777 28.49 -13.82 14.46
N ILE A 778 27.85 -12.66 14.58
CA ILE A 778 28.61 -11.43 14.76
C ILE A 778 29.07 -11.21 16.20
N TYR A 779 28.49 -11.91 17.19
CA TYR A 779 28.85 -11.60 18.57
C TYR A 779 29.31 -12.80 19.39
N ILE A 780 28.81 -14.00 19.12
CA ILE A 780 29.28 -15.17 19.85
C ILE A 780 30.74 -15.42 19.48
N ASP A 781 31.44 -16.19 20.32
CA ASP A 781 32.85 -16.47 20.11
C ASP A 781 33.03 -17.35 18.87
N ARG A 782 34.02 -16.99 18.04
CA ARG A 782 34.23 -17.64 16.76
C ARG A 782 35.16 -18.84 16.87
N HIS A 783 34.91 -19.68 17.87
CA HIS A 783 35.37 -21.06 17.90
C HIS A 783 34.32 -22.05 18.36
N VAL A 784 33.35 -21.63 19.18
CA VAL A 784 32.23 -22.48 19.55
C VAL A 784 31.07 -22.35 18.58
N MET A 785 30.91 -21.20 17.94
CA MET A 785 29.86 -21.05 16.92
C MET A 785 30.18 -21.88 15.68
N GLN A 786 31.42 -22.34 15.54
CA GLN A 786 31.83 -23.04 14.31
C GLN A 786 31.27 -24.45 14.21
N PRO A 787 31.45 -25.34 15.20
CA PRO A 787 30.90 -26.70 15.05
C PRO A 787 29.41 -26.73 14.81
N TYR A 788 28.72 -25.63 15.08
CA TYR A 788 27.28 -25.52 14.91
C TYR A 788 26.92 -24.66 13.71
N TYR A 789 27.72 -24.79 12.66
CA TYR A 789 27.40 -24.30 11.33
C TYR A 789 27.04 -25.41 10.35
N LYS A 790 27.57 -26.62 10.52
CA LYS A 790 27.28 -27.70 9.59
C LYS A 790 25.87 -28.23 9.76
N ASP A 791 25.14 -27.68 10.74
CA ASP A 791 23.76 -28.06 10.96
C ASP A 791 22.88 -26.84 11.24
N ILE A 792 23.30 -25.66 10.81
CA ILE A 792 22.48 -24.46 10.90
C ILE A 792 22.35 -23.74 9.57
N LEU A 793 23.31 -23.89 8.65
CA LEU A 793 23.22 -23.41 7.28
C LEU A 793 22.41 -24.35 6.39
N PRO A 794 22.59 -25.68 6.47
CA PRO A 794 21.91 -26.56 5.50
C PRO A 794 20.40 -26.57 5.61
N CYS A 795 19.83 -25.96 6.64
CA CYS A 795 18.39 -25.73 6.69
C CYS A 795 18.02 -24.37 6.14
N LEU A 796 19.00 -23.61 5.66
CA LEU A 796 18.80 -22.31 5.06
C LEU A 796 18.97 -22.35 3.55
N ASP A 797 18.98 -23.54 2.96
CA ASP A 797 19.20 -23.70 1.52
C ASP A 797 17.90 -23.67 0.73
N GLY A 798 16.83 -24.25 1.28
CA GLY A 798 15.56 -24.24 0.61
C GLY A 798 14.98 -22.85 0.42
N TYR A 799 15.55 -21.86 1.10
CA TYR A 799 15.13 -20.49 0.86
C TYR A 799 15.53 -20.05 -0.55
N LEU A 800 16.74 -20.43 -0.98
CA LEU A 800 17.25 -20.10 -2.31
C LEU A 800 16.66 -21.05 -3.34
N LYS A 801 15.37 -20.90 -3.57
CA LYS A 801 14.64 -21.67 -4.57
C LYS A 801 13.47 -20.87 -5.10
N GLU A 814 -7.65 -4.40 -10.86
CA GLU A 814 -6.96 -3.87 -12.02
C GLU A 814 -7.44 -2.46 -12.35
N VAL A 815 -8.71 -2.34 -12.72
CA VAL A 815 -9.30 -1.05 -13.08
C VAL A 815 -9.87 -0.47 -11.78
N SER A 816 -9.01 0.22 -11.03
CA SER A 816 -9.40 0.87 -9.79
C SER A 816 -9.62 2.36 -10.03
N ALA A 817 -9.93 3.08 -8.95
CA ALA A 817 -10.12 4.52 -9.05
C ALA A 817 -8.82 5.21 -9.48
N LEU A 818 -7.68 4.74 -8.97
CA LEU A 818 -6.40 5.32 -9.35
C LEU A 818 -6.14 5.12 -10.84
N SER A 819 -6.47 3.95 -11.37
CA SER A 819 -6.28 3.69 -12.80
C SER A 819 -7.14 4.62 -13.65
N ARG A 820 -8.41 4.80 -13.27
CA ARG A 820 -9.27 5.72 -14.00
C ARG A 820 -8.75 7.15 -13.92
N ALA A 821 -8.28 7.55 -12.74
CA ALA A 821 -7.72 8.90 -12.60
C ALA A 821 -6.49 9.08 -13.49
N ALA A 822 -5.62 8.08 -13.55
CA ALA A 822 -4.45 8.16 -14.41
C ALA A 822 -4.85 8.24 -15.87
N GLN A 823 -5.86 7.46 -16.27
CA GLN A 823 -6.28 7.46 -17.66
C GLN A 823 -6.85 8.82 -18.06
N LYS A 824 -7.61 9.46 -17.17
CA LYS A 824 -8.23 10.75 -17.46
C LYS A 824 -7.31 11.90 -17.07
N GLY A 825 -6.16 11.95 -17.73
CA GLY A 825 -5.20 13.00 -17.45
C GLY A 825 -4.64 12.88 -16.03
N PHE A 826 -4.09 14.00 -15.55
CA PHE A 826 -3.63 14.10 -14.16
C PHE A 826 -3.93 15.52 -13.68
N ASN A 827 -5.13 15.71 -13.10
CA ASN A 827 -5.52 16.99 -12.51
C ASN A 827 -6.13 16.74 -11.13
N LYS A 828 -5.27 16.59 -10.12
CA LYS A 828 -5.66 16.56 -8.72
C LYS A 828 -6.49 15.32 -8.36
N VAL A 829 -6.81 14.49 -9.36
CA VAL A 829 -7.57 13.28 -9.08
C VAL A 829 -6.64 12.14 -8.67
N VAL A 830 -5.49 12.02 -9.34
CA VAL A 830 -4.49 11.04 -8.92
C VAL A 830 -3.96 11.39 -7.54
N LEU A 831 -3.84 12.69 -7.24
CA LEU A 831 -3.36 13.12 -5.93
C LEU A 831 -4.28 12.61 -4.82
N LYS A 832 -5.58 12.88 -4.95
CA LYS A 832 -6.52 12.45 -3.91
C LYS A 832 -6.67 10.94 -3.87
N HIS A 833 -6.61 10.28 -5.04
CA HIS A 833 -6.75 8.83 -5.07
C HIS A 833 -5.56 8.14 -4.42
N LEU A 834 -4.36 8.69 -4.59
CA LEU A 834 -3.19 8.15 -3.91
C LEU A 834 -3.19 8.52 -2.43
N LYS A 835 -3.69 9.70 -2.09
CA LYS A 835 -3.78 10.10 -0.68
C LYS A 835 -4.77 9.25 0.09
N LYS A 836 -5.80 8.72 -0.60
CA LYS A 836 -6.71 7.80 0.07
C LYS A 836 -5.98 6.52 0.49
N THR A 837 -5.07 6.04 -0.34
CA THR A 837 -4.31 4.84 -0.03
C THR A 837 -2.95 5.21 0.60
N GLU A 844 2.44 -5.10 6.92
CA GLU A 844 3.88 -5.00 6.93
C GLU A 844 4.55 -6.38 6.99
N ALA A 845 3.87 -7.38 6.45
CA ALA A 845 4.46 -8.71 6.35
C ALA A 845 5.68 -8.66 5.44
N ILE A 846 6.79 -9.24 5.90
CA ILE A 846 8.04 -9.14 5.15
C ILE A 846 7.93 -9.94 3.85
N SER A 847 8.62 -9.45 2.83
CA SER A 847 8.61 -10.08 1.51
C SER A 847 9.64 -11.20 1.44
N LEU A 848 9.22 -12.33 0.89
CA LEU A 848 10.10 -13.50 0.84
C LEU A 848 11.31 -13.23 -0.05
N GLU A 849 11.13 -12.44 -1.11
CA GLU A 849 12.26 -12.11 -1.97
C GLU A 849 13.36 -11.38 -1.19
N GLU A 850 12.98 -10.45 -0.32
CA GLU A 850 13.97 -9.80 0.53
C GLU A 850 14.58 -10.78 1.52
N ILE A 851 13.84 -11.82 1.91
CA ILE A 851 14.39 -12.85 2.77
C ILE A 851 15.51 -13.60 2.06
N ARG A 852 15.28 -13.97 0.79
CA ARG A 852 16.35 -14.60 0.02
C ARG A 852 17.53 -13.66 -0.19
N ILE A 853 17.23 -12.38 -0.43
CA ILE A 853 18.29 -11.39 -0.62
C ILE A 853 19.17 -11.33 0.62
N ARG A 854 18.54 -11.31 1.81
CA ARG A 854 19.33 -11.28 3.04
C ARG A 854 20.02 -12.60 3.30
N VAL A 855 19.43 -13.72 2.89
CA VAL A 855 20.10 -15.01 3.04
C VAL A 855 21.42 -15.02 2.29
N VAL A 856 21.40 -14.58 1.03
CA VAL A 856 22.67 -14.53 0.29
C VAL A 856 23.58 -13.44 0.83
N GLN A 857 23.01 -12.31 1.27
CA GLN A 857 23.82 -11.22 1.79
C GLN A 857 24.65 -11.67 2.98
N MET A 858 24.00 -12.25 3.99
CA MET A 858 24.78 -12.72 5.13
C MET A 858 25.51 -14.01 4.82
N LEU A 859 25.12 -14.71 3.76
CA LEU A 859 25.81 -15.93 3.39
C LEU A 859 27.18 -15.62 2.81
N GLY A 860 27.29 -14.52 2.07
CA GLY A 860 28.59 -14.02 1.70
C GLY A 860 29.27 -13.25 2.82
N SER A 861 28.46 -12.61 3.67
CA SER A 861 29.03 -11.84 4.79
C SER A 861 29.66 -12.74 5.83
N LEU A 862 29.29 -14.02 5.86
CA LEU A 862 29.91 -14.99 6.76
C LEU A 862 31.10 -15.70 6.14
N GLY A 863 31.52 -15.29 4.95
CA GLY A 863 32.78 -15.75 4.39
C GLY A 863 32.61 -16.86 3.37
N GLY A 864 33.70 -17.59 3.18
CA GLY A 864 33.71 -18.77 2.35
C GLY A 864 34.23 -19.96 3.14
N GLN A 865 34.96 -19.65 4.22
CA GLN A 865 35.35 -20.68 5.17
C GLN A 865 34.13 -21.27 5.85
N ILE A 866 33.27 -20.41 6.38
CA ILE A 866 32.03 -20.84 7.02
C ILE A 866 31.01 -21.28 5.98
N ASN A 867 31.08 -20.71 4.78
CA ASN A 867 29.99 -20.77 3.83
C ASN A 867 29.75 -22.17 3.28
N LYS A 868 30.79 -22.97 3.14
CA LYS A 868 30.67 -24.23 2.44
C LYS A 868 29.75 -25.20 3.15
N ASN A 869 29.39 -24.91 4.41
CA ASN A 869 28.48 -25.74 5.18
C ASN A 869 27.04 -25.61 4.75
N LEU A 870 26.70 -24.67 3.86
CA LEU A 870 25.32 -24.57 3.39
C LEU A 870 24.91 -25.81 2.60
N LEU A 871 25.87 -26.48 1.99
CA LEU A 871 25.55 -27.61 1.14
C LEU A 871 26.28 -28.88 1.55
N THR A 872 27.02 -28.85 2.65
CA THR A 872 27.51 -30.07 3.29
C THR A 872 26.50 -30.59 4.29
N VAL A 873 25.26 -30.79 3.85
CA VAL A 873 24.28 -31.39 4.75
C VAL A 873 24.65 -32.86 4.91
N THR A 874 24.45 -33.66 3.88
CA THR A 874 25.22 -34.86 3.58
C THR A 874 25.51 -34.99 2.09
N SER A 875 24.95 -34.08 1.27
CA SER A 875 24.89 -34.09 -0.19
C SER A 875 23.87 -35.11 -0.68
N SER A 876 23.39 -35.96 0.23
CA SER A 876 22.15 -36.70 0.07
C SER A 876 21.82 -37.40 1.38
N ASP A 877 20.66 -37.13 1.97
CA ASP A 877 20.26 -37.84 3.18
C ASP A 877 18.90 -38.51 3.06
N GLU A 878 17.86 -37.75 2.68
CA GLU A 878 16.52 -38.30 2.53
C GLU A 878 15.82 -37.82 1.27
N MET A 879 16.33 -36.79 0.59
CA MET A 879 15.83 -36.46 -0.74
C MET A 879 16.17 -37.55 -1.74
N MET A 880 17.13 -38.41 -1.41
CA MET A 880 17.37 -39.60 -2.24
C MET A 880 16.22 -40.58 -2.12
N LYS A 881 15.61 -40.67 -0.94
CA LYS A 881 14.37 -41.43 -0.83
C LYS A 881 13.33 -40.88 -1.78
N SER A 882 13.38 -39.58 -2.08
CA SER A 882 12.63 -38.98 -3.17
C SER A 882 13.39 -39.00 -4.49
N TYR A 883 14.65 -39.43 -4.51
CA TYR A 883 15.43 -39.56 -5.73
C TYR A 883 15.83 -40.99 -6.04
N VAL A 884 15.17 -41.97 -5.46
CA VAL A 884 15.39 -43.37 -5.82
C VAL A 884 14.10 -43.94 -6.40
N ALA A 885 14.23 -45.10 -7.01
CA ALA A 885 13.07 -45.82 -7.51
C ALA A 885 12.31 -46.41 -6.33
N TRP A 886 11.06 -45.97 -6.16
CA TRP A 886 10.24 -46.47 -5.06
C TRP A 886 10.16 -47.98 -5.06
N ASP A 887 10.24 -48.61 -6.24
CA ASP A 887 10.20 -50.05 -6.36
C ASP A 887 11.29 -50.52 -7.30
N ARG A 888 11.69 -51.79 -7.10
CA ARG A 888 12.77 -52.35 -7.92
C ARG A 888 12.35 -52.48 -9.37
N GLU A 889 11.15 -53.01 -9.63
CA GLU A 889 10.67 -53.17 -10.99
C GLU A 889 9.24 -52.65 -11.06
N LYS A 890 8.93 -51.97 -12.17
CA LYS A 890 7.69 -51.21 -12.25
C LYS A 890 6.47 -52.11 -12.28
N ARG A 891 5.41 -51.65 -11.61
CA ARG A 891 4.07 -52.21 -11.75
C ARG A 891 3.15 -51.07 -12.15
N LEU A 892 1.84 -51.23 -11.97
CA LEU A 892 0.89 -50.14 -12.22
C LEU A 892 0.87 -49.75 -13.70
N SER A 893 0.78 -50.76 -14.57
CA SER A 893 0.73 -50.52 -16.01
C SER A 893 -0.70 -50.18 -16.38
N PHE A 894 -0.92 -48.97 -16.90
CA PHE A 894 -2.24 -48.43 -17.16
C PHE A 894 -2.38 -48.15 -18.66
N ALA A 895 -3.26 -48.88 -19.32
CA ALA A 895 -3.48 -48.71 -20.75
C ALA A 895 -4.51 -47.60 -20.93
N VAL A 896 -4.04 -46.43 -21.35
CA VAL A 896 -4.92 -45.28 -21.57
C VAL A 896 -5.65 -45.49 -22.90
N PRO A 897 -6.97 -45.60 -22.88
CA PRO A 897 -7.70 -46.05 -24.07
C PRO A 897 -8.00 -44.95 -25.07
N PHE A 898 -7.31 -44.95 -26.21
CA PHE A 898 -7.65 -44.07 -27.31
C PHE A 898 -8.66 -44.79 -28.21
N ARG A 899 -8.89 -44.25 -29.41
CA ARG A 899 -9.84 -44.88 -30.33
C ARG A 899 -9.48 -46.34 -30.60
N GLU A 900 -8.22 -46.60 -30.95
CA GLU A 900 -7.85 -47.89 -31.52
C GLU A 900 -6.56 -48.49 -31.00
N MET A 901 -5.71 -47.75 -30.29
CA MET A 901 -4.36 -48.22 -30.00
C MET A 901 -4.16 -48.60 -28.54
N LYS A 902 -4.64 -47.79 -27.59
CA LYS A 902 -4.57 -48.09 -26.16
C LYS A 902 -3.14 -48.31 -25.68
N PRO A 903 -2.32 -47.25 -25.63
CA PRO A 903 -0.93 -47.42 -25.18
C PRO A 903 -0.82 -47.45 -23.66
N VAL A 904 0.30 -48.00 -23.20
CA VAL A 904 0.50 -48.34 -21.79
C VAL A 904 1.43 -47.33 -21.15
N ILE A 905 0.89 -46.58 -20.18
CA ILE A 905 1.64 -45.62 -19.36
C ILE A 905 1.96 -46.29 -18.03
N PHE A 906 2.90 -45.73 -17.29
CA PHE A 906 3.24 -46.22 -15.97
C PHE A 906 2.97 -45.14 -14.93
N LEU A 907 2.13 -45.47 -13.95
CA LEU A 907 1.76 -44.51 -12.93
C LEU A 907 2.85 -44.32 -11.87
N ASP A 908 3.67 -45.35 -11.64
CA ASP A 908 4.78 -45.24 -10.69
C ASP A 908 5.56 -43.96 -10.87
N VAL A 909 6.08 -43.72 -12.09
CA VAL A 909 7.08 -42.69 -12.31
C VAL A 909 6.66 -41.36 -11.68
N PHE A 910 5.39 -40.98 -11.80
CA PHE A 910 4.93 -39.72 -11.23
C PHE A 910 4.18 -39.91 -9.92
N LEU A 911 4.20 -41.11 -9.36
CA LEU A 911 3.66 -41.32 -8.01
C LEU A 911 4.40 -40.51 -6.95
N PRO A 912 5.74 -40.44 -6.94
CA PRO A 912 6.40 -39.56 -5.94
C PRO A 912 6.00 -38.10 -6.03
N ARG A 913 6.03 -37.52 -7.22
CA ARG A 913 5.70 -36.11 -7.35
C ARG A 913 4.25 -35.85 -6.95
N VAL A 914 3.34 -36.77 -7.29
CA VAL A 914 1.95 -36.60 -6.92
C VAL A 914 1.77 -36.72 -5.41
N THR A 915 2.45 -37.71 -4.79
CA THR A 915 2.24 -37.94 -3.38
C THR A 915 2.90 -36.87 -2.53
N GLU A 916 3.88 -36.14 -3.06
CA GLU A 916 4.42 -35.01 -2.33
C GLU A 916 3.77 -33.69 -2.73
N LEU A 917 3.05 -33.66 -3.85
CA LEU A 917 2.20 -32.52 -4.15
C LEU A 917 0.94 -32.54 -3.30
N ALA A 918 0.44 -33.73 -3.01
CA ALA A 918 -0.70 -33.86 -2.10
C ALA A 918 -0.35 -33.29 -0.73
N LEU A 919 0.78 -33.71 -0.16
CA LEU A 919 1.17 -33.26 1.17
C LEU A 919 1.62 -31.81 1.15
N THR A 920 2.68 -31.52 0.43
CA THR A 920 3.30 -30.19 0.42
C THR A 920 3.00 -29.55 -0.92
N ALA A 921 1.99 -28.70 -0.96
CA ALA A 921 1.58 -28.07 -2.20
C ALA A 921 1.60 -26.55 -2.14
N SER A 922 1.18 -25.96 -1.03
CA SER A 922 1.05 -24.50 -0.90
C SER A 922 0.20 -23.91 -2.01
N ASP A 923 -0.64 -24.74 -2.64
CA ASP A 923 -1.55 -24.28 -3.69
C ASP A 923 -2.80 -25.12 -3.59
N ARG A 924 -3.94 -24.49 -3.29
CA ARG A 924 -5.14 -25.23 -3.00
C ARG A 924 -5.62 -26.05 -4.19
N GLN A 925 -5.61 -25.46 -5.39
CA GLN A 925 -6.05 -26.18 -6.56
C GLN A 925 -5.12 -27.35 -6.88
N THR A 926 -3.81 -27.13 -6.79
CA THR A 926 -2.85 -28.20 -7.02
C THR A 926 -2.97 -29.27 -5.94
N LYS A 927 -3.18 -28.85 -4.69
CA LYS A 927 -3.36 -29.82 -3.61
C LYS A 927 -4.57 -30.70 -3.86
N VAL A 928 -5.70 -30.10 -4.28
CA VAL A 928 -6.91 -30.88 -4.53
C VAL A 928 -6.70 -31.84 -5.68
N ALA A 929 -6.07 -31.38 -6.76
CA ALA A 929 -5.81 -32.26 -7.89
C ALA A 929 -4.92 -33.42 -7.48
N ALA A 930 -3.87 -33.14 -6.71
CA ALA A 930 -2.94 -34.19 -6.30
C ALA A 930 -3.61 -35.18 -5.37
N CYS A 931 -4.47 -34.71 -4.47
CA CYS A 931 -5.19 -35.61 -3.58
C CYS A 931 -6.15 -36.49 -4.37
N GLU A 932 -6.80 -35.92 -5.39
CA GLU A 932 -7.66 -36.74 -6.24
C GLU A 932 -6.87 -37.81 -6.98
N LEU A 933 -5.68 -37.46 -7.49
CA LEU A 933 -4.85 -38.48 -8.13
C LEU A 933 -4.39 -39.55 -7.15
N LEU A 934 -3.93 -39.18 -5.96
CA LEU A 934 -3.57 -40.24 -5.02
C LEU A 934 -4.75 -41.13 -4.71
N HIS A 935 -5.95 -40.56 -4.56
CA HIS A 935 -7.13 -41.39 -4.37
C HIS A 935 -7.27 -42.38 -5.52
N SER A 936 -7.25 -41.87 -6.76
CA SER A 936 -7.44 -42.73 -7.93
C SER A 936 -6.35 -43.79 -8.02
N MET A 937 -5.10 -43.38 -7.87
CA MET A 937 -3.98 -44.32 -7.97
C MET A 937 -3.98 -45.33 -6.84
N VAL A 938 -4.37 -44.93 -5.63
CA VAL A 938 -4.48 -45.87 -4.52
C VAL A 938 -5.49 -46.95 -4.86
N MET A 939 -6.66 -46.55 -5.36
CA MET A 939 -7.63 -47.55 -5.77
C MET A 939 -7.10 -48.40 -6.92
N PHE A 940 -6.41 -47.78 -7.87
CA PHE A 940 -5.80 -48.51 -8.98
C PHE A 940 -4.87 -49.59 -8.47
N MET A 941 -3.93 -49.23 -7.59
CA MET A 941 -2.91 -50.15 -7.11
C MET A 941 -3.44 -51.19 -6.14
N LEU A 942 -4.56 -50.91 -5.46
CA LEU A 942 -5.15 -52.00 -4.68
C LEU A 942 -5.96 -52.92 -5.57
N GLY A 943 -6.46 -52.41 -6.70
CA GLY A 943 -7.07 -53.29 -7.69
C GLY A 943 -6.06 -54.18 -8.39
N LYS A 944 -4.88 -53.64 -8.71
CA LYS A 944 -3.96 -54.33 -9.62
C LYS A 944 -3.45 -55.64 -9.04
N ALA A 945 -3.29 -55.72 -7.72
CA ALA A 945 -2.81 -56.94 -7.08
C ALA A 945 -3.92 -57.94 -6.81
N THR A 946 -5.16 -57.60 -7.12
CA THR A 946 -6.30 -58.48 -6.87
C THR A 946 -6.38 -59.63 -7.87
N GLN A 947 -5.94 -59.41 -9.11
CA GLN A 947 -6.00 -60.46 -10.12
C GLN A 947 -4.62 -61.07 -10.37
N PRO A 956 0.97 -60.02 -9.01
CA PRO A 956 2.02 -58.98 -8.95
C PRO A 956 2.42 -58.60 -7.52
N PRO A 957 3.39 -59.31 -6.95
CA PRO A 957 3.91 -58.93 -5.62
C PRO A 957 4.38 -57.48 -5.63
N MET A 958 3.75 -56.66 -4.80
CA MET A 958 3.91 -55.21 -4.94
C MET A 958 3.97 -54.46 -3.60
N TYR A 959 4.23 -55.13 -2.48
CA TYR A 959 4.09 -54.48 -1.18
C TYR A 959 5.08 -53.34 -0.98
N GLN A 960 6.22 -53.36 -1.68
CA GLN A 960 7.25 -52.35 -1.44
C GLN A 960 6.77 -50.95 -1.80
N LEU A 961 5.66 -50.82 -2.50
CA LEU A 961 5.16 -49.49 -2.78
C LEU A 961 4.03 -49.10 -1.82
N TYR A 962 3.32 -50.09 -1.27
CA TYR A 962 2.55 -49.86 -0.03
C TYR A 962 3.45 -49.30 1.06
N LYS A 963 4.64 -49.87 1.23
CA LYS A 963 5.53 -49.39 2.27
C LYS A 963 5.91 -47.93 2.06
N ARG A 964 5.92 -47.47 0.81
CA ARG A 964 6.19 -46.07 0.55
C ARG A 964 4.94 -45.20 0.66
N THR A 965 3.76 -45.77 0.42
CA THR A 965 2.56 -44.96 0.26
C THR A 965 1.61 -45.00 1.43
N PHE A 966 1.78 -45.88 2.39
CA PHE A 966 0.91 -45.82 3.56
C PHE A 966 1.37 -44.72 4.51
N PRO A 967 2.70 -44.59 4.78
CA PRO A 967 3.18 -43.44 5.55
C PRO A 967 2.79 -42.09 4.98
N VAL A 968 2.15 -42.04 3.82
CA VAL A 968 1.61 -40.79 3.31
C VAL A 968 0.09 -40.76 3.31
N LEU A 969 -0.59 -41.91 3.16
CA LEU A 969 -2.02 -41.94 3.43
C LEU A 969 -2.32 -41.54 4.87
N LEU A 970 -1.52 -42.00 5.83
CA LEU A 970 -1.75 -41.63 7.22
C LEU A 970 -1.46 -40.15 7.45
N ARG A 971 -0.43 -39.61 6.79
CA ARG A 971 -0.17 -38.18 6.90
C ARG A 971 -1.28 -37.36 6.27
N LEU A 972 -1.94 -37.90 5.25
CA LEU A 972 -2.95 -37.14 4.53
C LEU A 972 -4.32 -37.24 5.20
N ALA A 973 -4.59 -38.36 5.88
CA ALA A 973 -5.85 -38.51 6.57
C ALA A 973 -6.06 -37.40 7.59
N CYS A 974 -5.22 -37.36 8.62
CA CYS A 974 -5.25 -36.29 9.61
C CYS A 974 -4.46 -35.08 9.15
N ASP A 975 -4.84 -34.52 8.02
CA ASP A 975 -4.20 -33.32 7.48
C ASP A 975 -4.90 -32.08 8.05
N VAL A 976 -4.28 -30.92 7.87
CA VAL A 976 -4.82 -29.66 8.38
C VAL A 976 -6.17 -29.22 7.78
N ASP A 977 -6.34 -29.40 6.48
CA ASP A 977 -7.57 -28.99 5.80
C ASP A 977 -8.74 -29.94 6.01
N GLN A 978 -9.96 -29.45 5.75
CA GLN A 978 -11.16 -30.25 5.91
C GLN A 978 -11.38 -31.14 4.69
N VAL A 979 -11.15 -30.62 3.49
CA VAL A 979 -11.45 -31.40 2.30
C VAL A 979 -10.54 -32.63 2.19
N THR A 980 -9.23 -32.44 2.37
CA THR A 980 -8.28 -33.54 2.28
C THR A 980 -8.19 -34.35 3.54
N ARG A 981 -8.90 -33.98 4.60
CA ARG A 981 -9.01 -34.80 5.80
C ARG A 981 -10.26 -35.68 5.76
N GLN A 982 -11.41 -35.08 5.44
CA GLN A 982 -12.62 -35.88 5.28
C GLN A 982 -12.54 -36.76 4.05
N LEU A 983 -11.79 -36.36 3.03
CA LEU A 983 -11.18 -37.28 2.10
C LEU A 983 -9.92 -37.82 2.77
N TYR A 984 -9.62 -39.09 2.54
CA TYR A 984 -8.47 -39.81 3.07
C TYR A 984 -8.63 -40.21 4.53
N GLU A 985 -9.65 -39.74 5.26
CA GLU A 985 -9.88 -40.43 6.52
C GLU A 985 -10.69 -41.70 6.23
N PRO A 986 -11.79 -41.63 5.49
CA PRO A 986 -12.42 -42.87 5.03
C PRO A 986 -11.50 -43.76 4.24
N LEU A 987 -10.54 -43.20 3.51
CA LEU A 987 -9.58 -44.04 2.79
C LEU A 987 -8.82 -44.94 3.76
N VAL A 988 -8.17 -44.35 4.75
CA VAL A 988 -7.35 -45.15 5.66
C VAL A 988 -8.22 -46.09 6.47
N MET A 989 -9.41 -45.64 6.88
CA MET A 989 -10.30 -46.53 7.62
C MET A 989 -10.74 -47.72 6.77
N GLN A 990 -11.09 -47.48 5.51
CA GLN A 990 -11.55 -48.55 4.65
C GLN A 990 -10.41 -49.51 4.29
N LEU A 991 -9.20 -48.99 4.15
CA LEU A 991 -8.05 -49.89 3.97
C LEU A 991 -7.78 -50.68 5.24
N ILE A 992 -7.95 -50.08 6.41
CA ILE A 992 -7.85 -50.86 7.65
C ILE A 992 -8.88 -51.96 7.66
N HIS A 993 -10.07 -51.67 7.10
CA HIS A 993 -11.13 -52.68 7.07
C HIS A 993 -10.75 -53.82 6.13
N TRP A 994 -10.30 -53.48 4.92
CA TRP A 994 -10.06 -54.49 3.90
C TRP A 994 -8.79 -55.29 4.18
N PHE A 995 -7.70 -54.62 4.57
CA PHE A 995 -6.48 -55.33 4.95
C PHE A 995 -6.67 -56.19 6.18
N THR A 996 -7.71 -55.94 6.96
CA THR A 996 -8.13 -56.84 8.02
C THR A 996 -9.28 -57.72 7.54
N ASN A 997 -8.93 -58.70 6.72
CA ASN A 997 -9.90 -59.64 6.17
C ASN A 997 -9.14 -60.88 5.71
N ASN A 998 -9.83 -62.03 5.79
CA ASN A 998 -9.19 -63.31 5.48
C ASN A 998 -8.59 -63.32 4.08
N LYS A 999 -9.16 -62.60 3.12
CA LYS A 999 -8.54 -62.47 1.82
C LYS A 999 -7.21 -61.74 1.89
N LYS A 1000 -7.14 -60.68 2.70
CA LYS A 1000 -5.91 -59.93 2.91
C LYS A 1000 -5.18 -60.35 4.18
N PHE A 1001 -5.48 -61.54 4.69
CA PHE A 1001 -4.84 -62.02 5.91
C PHE A 1001 -3.51 -62.70 5.60
N GLU A 1002 -2.61 -62.67 6.59
CA GLU A 1002 -1.29 -63.31 6.49
C GLU A 1002 -0.52 -62.78 5.28
N SER A 1003 -0.70 -61.50 4.98
CA SER A 1003 -0.09 -60.86 3.83
C SER A 1003 0.97 -59.88 4.29
N GLN A 1004 2.07 -59.80 3.53
CA GLN A 1004 3.06 -58.77 3.80
C GLN A 1004 2.49 -57.38 3.57
N ASP A 1005 1.42 -57.28 2.79
CA ASP A 1005 0.71 -56.01 2.65
C ASP A 1005 0.16 -55.57 4.00
N THR A 1006 -0.50 -56.49 4.72
CA THR A 1006 -1.10 -56.15 6.00
C THR A 1006 -0.05 -55.87 7.06
N VAL A 1007 1.02 -56.67 7.10
CA VAL A 1007 2.06 -56.39 8.08
C VAL A 1007 2.73 -55.07 7.77
N ALA A 1008 2.84 -54.71 6.48
CA ALA A 1008 3.37 -53.40 6.11
C ALA A 1008 2.46 -52.28 6.61
N LEU A 1009 1.15 -52.45 6.45
CA LEU A 1009 0.22 -51.44 6.95
C LEU A 1009 0.34 -51.31 8.47
N LEU A 1010 0.41 -52.43 9.17
CA LEU A 1010 0.55 -52.39 10.62
C LEU A 1010 1.85 -51.73 11.04
N GLU A 1011 2.96 -52.08 10.39
CA GLU A 1011 4.22 -51.43 10.69
C GLU A 1011 4.10 -49.92 10.49
N ALA A 1012 3.58 -49.49 9.34
CA ALA A 1012 3.46 -48.07 9.04
C ALA A 1012 2.64 -47.35 10.10
N ILE A 1013 1.54 -47.97 10.53
CA ILE A 1013 0.67 -47.28 11.49
C ILE A 1013 1.35 -47.21 12.85
N LEU A 1014 2.11 -48.25 13.21
CA LEU A 1014 2.94 -48.17 14.42
C LEU A 1014 3.98 -47.07 14.32
N ASP A 1015 4.89 -47.14 13.34
CA ASP A 1015 5.93 -46.10 13.38
C ASP A 1015 5.37 -44.73 13.06
N GLY A 1016 4.07 -44.62 12.79
CA GLY A 1016 3.38 -43.36 12.93
C GLY A 1016 2.92 -43.09 14.35
N ILE A 1017 2.55 -44.13 15.10
CA ILE A 1017 2.14 -43.91 16.49
C ILE A 1017 3.33 -43.58 17.37
N VAL A 1018 4.53 -43.98 16.97
CA VAL A 1018 5.73 -43.74 17.76
C VAL A 1018 6.68 -42.89 16.92
N ASP A 1019 6.55 -41.58 17.00
CA ASP A 1019 7.49 -40.72 16.29
C ASP A 1019 7.54 -39.36 16.96
N PRO A 1020 8.58 -38.57 16.67
CA PRO A 1020 8.66 -37.16 17.10
C PRO A 1020 7.63 -36.27 16.42
N VAL A 1021 7.96 -34.98 16.39
CA VAL A 1021 7.08 -33.83 16.56
C VAL A 1021 5.68 -33.93 15.93
N ASP A 1022 5.45 -34.85 15.01
CA ASP A 1022 4.11 -35.01 14.46
C ASP A 1022 3.20 -35.70 15.47
N SER A 1023 2.51 -34.90 16.30
CA SER A 1023 1.60 -35.46 17.30
C SER A 1023 0.21 -35.67 16.74
N THR A 1024 -0.26 -34.72 15.91
CA THR A 1024 -1.52 -34.89 15.22
C THR A 1024 -1.54 -36.17 14.41
N LEU A 1025 -0.36 -36.74 14.15
CA LEU A 1025 -0.27 -38.06 13.56
C LEU A 1025 -0.37 -39.17 14.59
N ARG A 1026 0.13 -38.96 15.82
CA ARG A 1026 -0.04 -39.96 16.87
C ARG A 1026 -1.50 -40.13 17.25
N ASP A 1027 -2.24 -39.04 17.37
CA ASP A 1027 -3.66 -39.16 17.68
C ASP A 1027 -4.37 -40.06 16.67
N PHE A 1028 -4.21 -39.74 15.39
CA PHE A 1028 -4.90 -40.51 14.36
C PHE A 1028 -4.35 -41.92 14.27
N CYS A 1029 -3.09 -42.12 14.62
CA CYS A 1029 -2.53 -43.47 14.59
C CYS A 1029 -3.10 -44.32 15.70
N GLY A 1030 -3.35 -43.73 16.86
CA GLY A 1030 -4.07 -44.45 17.90
C GLY A 1030 -5.47 -44.83 17.47
N ARG A 1031 -6.16 -43.92 16.77
CA ARG A 1031 -7.46 -44.25 16.21
C ARG A 1031 -7.35 -45.42 15.22
N CYS A 1032 -6.32 -45.43 14.39
CA CYS A 1032 -6.15 -46.54 13.47
C CYS A 1032 -5.87 -47.85 14.20
N ILE A 1033 -5.12 -47.80 15.31
CA ILE A 1033 -4.85 -49.03 16.05
C ILE A 1033 -6.13 -49.56 16.69
N ARG A 1034 -7.00 -48.66 17.19
CA ARG A 1034 -8.24 -49.18 17.76
C ARG A 1034 -9.11 -49.78 16.66
N GLU A 1035 -9.08 -49.21 15.45
CA GLU A 1035 -9.80 -49.84 14.34
C GLU A 1035 -9.22 -51.21 14.00
N PHE A 1036 -7.89 -51.33 14.00
CA PHE A 1036 -7.25 -52.65 13.90
C PHE A 1036 -7.82 -53.63 14.91
N LEU A 1037 -7.85 -53.21 16.18
CA LEU A 1037 -8.36 -54.11 17.22
C LEU A 1037 -9.79 -54.53 16.93
N LYS A 1038 -10.66 -53.58 16.58
CA LYS A 1038 -12.02 -53.91 16.18
C LYS A 1038 -12.03 -55.02 15.14
N TRP A 1039 -11.45 -54.73 13.96
CA TRP A 1039 -11.69 -55.59 12.82
C TRP A 1039 -10.88 -56.87 12.83
N SER A 1040 -9.79 -56.94 13.60
CA SER A 1040 -9.02 -58.18 13.63
C SER A 1040 -9.75 -59.26 14.43
N ILE A 1041 -10.35 -58.90 15.56
CA ILE A 1041 -11.21 -59.84 16.25
C ILE A 1041 -12.51 -60.04 15.47
N LYS A 1042 -12.97 -59.00 14.76
CA LYS A 1042 -14.20 -59.13 13.98
C LYS A 1042 -14.02 -60.06 12.79
N GLN A 1043 -12.80 -60.34 12.36
CA GLN A 1043 -12.57 -61.16 11.18
C GLN A 1043 -12.00 -62.54 11.49
N ILE A 1044 -10.88 -62.61 12.20
CA ILE A 1044 -10.19 -63.89 12.39
C ILE A 1044 -11.00 -64.78 13.33
N THR A 1045 -11.38 -65.96 12.82
CA THR A 1045 -12.21 -66.89 13.58
C THR A 1045 -11.40 -67.59 14.67
N PRO A 1046 -12.04 -67.97 15.77
CA PRO A 1046 -11.31 -68.67 16.84
C PRO A 1046 -10.71 -70.01 16.41
N GLN A 1047 -11.25 -70.63 15.36
CA GLN A 1047 -10.68 -71.89 14.88
C GLN A 1047 -9.28 -71.71 14.31
N GLN A 1048 -8.91 -70.48 13.94
CA GLN A 1048 -7.60 -70.20 13.37
C GLN A 1048 -6.82 -69.18 14.20
N GLN A 1049 -7.35 -68.76 15.34
CA GLN A 1049 -6.65 -67.80 16.19
C GLN A 1049 -5.63 -68.51 17.07
N GLU A 1050 -4.75 -69.31 16.46
CA GLU A 1050 -3.68 -69.97 17.18
C GLU A 1050 -2.34 -69.93 16.45
N LYS A 1051 -2.31 -69.57 15.17
CA LYS A 1051 -1.08 -69.47 14.40
C LYS A 1051 -0.89 -68.09 13.77
N SER A 1052 -1.80 -67.16 14.00
CA SER A 1052 -1.70 -65.85 13.39
C SER A 1052 -0.58 -65.04 14.04
N PRO A 1053 0.35 -64.50 13.26
CA PRO A 1053 1.37 -63.60 13.84
C PRO A 1053 0.96 -62.14 13.86
N VAL A 1054 -0.26 -61.82 13.43
CA VAL A 1054 -0.76 -60.45 13.39
C VAL A 1054 -2.04 -60.29 14.20
N ASN A 1055 -2.47 -61.34 14.90
CA ASN A 1055 -3.68 -61.29 15.70
C ASN A 1055 -3.45 -60.39 16.93
N THR A 1056 -4.47 -60.29 17.77
CA THR A 1056 -4.39 -59.38 18.91
C THR A 1056 -3.36 -59.82 19.92
N LYS A 1057 -3.13 -61.12 20.08
CA LYS A 1057 -2.09 -61.58 20.99
C LYS A 1057 -0.75 -60.97 20.64
N SER A 1058 -0.31 -61.15 19.39
CA SER A 1058 0.99 -60.63 18.96
C SER A 1058 0.97 -59.11 18.87
N LEU A 1059 -0.19 -58.53 18.58
CA LEU A 1059 -0.31 -57.08 18.63
C LEU A 1059 0.01 -56.56 20.03
N PHE A 1060 -0.51 -57.23 21.05
CA PHE A 1060 -0.24 -56.79 22.41
C PHE A 1060 1.19 -57.09 22.82
N LYS A 1061 1.78 -58.20 22.35
CA LYS A 1061 3.19 -58.43 22.64
C LYS A 1061 4.07 -57.35 22.01
N ARG A 1062 3.77 -56.94 20.78
CA ARG A 1062 4.56 -55.88 20.18
C ARG A 1062 4.29 -54.55 20.86
N LEU A 1063 3.08 -54.35 21.39
CA LEU A 1063 2.81 -53.17 22.19
C LEU A 1063 3.65 -53.17 23.47
N TYR A 1064 3.78 -54.33 24.10
CA TYR A 1064 4.59 -54.42 25.31
C TYR A 1064 6.04 -54.13 25.01
N SER A 1065 6.58 -54.72 23.93
CA SER A 1065 7.96 -54.45 23.55
C SER A 1065 8.14 -52.98 23.15
N LEU A 1066 7.08 -52.36 22.64
CA LEU A 1066 7.12 -50.94 22.33
C LEU A 1066 7.04 -50.11 23.60
N ALA A 1067 6.54 -50.70 24.68
CA ALA A 1067 6.39 -49.99 25.95
C ALA A 1067 7.62 -50.13 26.83
N LEU A 1068 8.23 -51.31 26.87
CA LEU A 1068 9.44 -51.53 27.65
C LEU A 1068 10.68 -51.09 26.87
N HIS A 1069 10.66 -49.86 26.36
CA HIS A 1069 11.71 -49.48 25.42
C HIS A 1069 12.39 -48.20 25.89
N PRO A 1070 13.70 -48.08 25.70
CA PRO A 1070 14.42 -46.90 26.20
C PRO A 1070 14.03 -45.60 25.54
N ASN A 1071 13.23 -45.63 24.48
CA ASN A 1071 12.96 -44.42 23.73
C ASN A 1071 11.75 -43.70 24.30
N ALA A 1072 11.91 -42.43 24.59
CA ALA A 1072 10.91 -41.59 25.21
C ALA A 1072 9.73 -41.31 24.30
N PHE A 1073 9.66 -41.94 23.12
CA PHE A 1073 8.59 -41.68 22.18
C PHE A 1073 7.98 -42.97 21.67
N LYS A 1074 8.50 -44.11 22.11
CA LYS A 1074 7.83 -45.38 21.81
C LYS A 1074 6.96 -45.84 22.97
N ARG A 1075 7.41 -45.57 24.20
CA ARG A 1075 6.55 -45.81 25.35
C ARG A 1075 5.31 -44.94 25.26
N LEU A 1076 5.47 -43.69 24.84
CA LEU A 1076 4.30 -42.84 24.56
C LEU A 1076 3.40 -43.48 23.53
N GLY A 1077 3.97 -44.12 22.51
CA GLY A 1077 3.14 -44.76 21.50
C GLY A 1077 2.33 -45.92 22.07
N ALA A 1078 2.96 -46.75 22.90
CA ALA A 1078 2.21 -47.85 23.50
C ALA A 1078 1.17 -47.33 24.48
N SER A 1079 1.47 -46.22 25.14
CA SER A 1079 0.49 -45.57 25.99
C SER A 1079 -0.75 -45.18 25.20
N LEU A 1080 -0.54 -44.50 24.06
CA LEU A 1080 -1.68 -44.12 23.21
C LEU A 1080 -2.40 -45.33 22.66
N ALA A 1081 -1.67 -46.40 22.35
CA ALA A 1081 -2.31 -47.61 21.85
C ALA A 1081 -3.27 -48.19 22.90
N PHE A 1082 -2.80 -48.30 24.15
CA PHE A 1082 -3.70 -48.73 25.21
C PHE A 1082 -4.87 -47.77 25.37
N ASN A 1083 -4.58 -46.46 25.47
CA ASN A 1083 -5.63 -45.47 25.65
C ASN A 1083 -6.70 -45.57 24.58
N ASN A 1084 -6.35 -46.02 23.38
CA ASN A 1084 -7.37 -46.10 22.36
C ASN A 1084 -8.04 -47.46 22.29
N ILE A 1085 -7.35 -48.52 22.70
CA ILE A 1085 -7.92 -49.86 22.63
C ILE A 1085 -8.41 -50.36 23.99
N TYR A 1086 -8.62 -49.48 24.96
CA TYR A 1086 -9.22 -49.94 26.21
C TYR A 1086 -10.73 -50.00 26.11
N ARG A 1087 -11.34 -49.16 25.28
CA ARG A 1087 -12.77 -49.26 25.03
C ARG A 1087 -13.15 -50.62 24.49
N GLU A 1088 -12.19 -51.35 23.94
CA GLU A 1088 -12.33 -52.76 23.63
C GLU A 1088 -11.36 -53.54 24.52
N PHE A 1089 -11.44 -54.86 24.40
CA PHE A 1089 -10.70 -55.79 25.27
C PHE A 1089 -11.24 -55.73 26.69
N ARG A 1090 -12.13 -54.78 26.96
CA ARG A 1090 -12.84 -54.70 28.22
C ARG A 1090 -14.32 -54.98 28.08
N GLU A 1091 -14.86 -54.84 26.88
CA GLU A 1091 -16.18 -55.35 26.54
C GLU A 1091 -16.10 -56.73 25.93
N GLU A 1092 -14.90 -57.29 25.82
CA GLU A 1092 -14.66 -58.64 25.32
C GLU A 1092 -14.07 -59.48 26.44
N GLU A 1093 -14.34 -60.79 26.40
CA GLU A 1093 -13.90 -61.70 27.44
C GLU A 1093 -13.61 -63.07 26.81
N SER A 1094 -13.39 -64.05 27.70
CA SER A 1094 -13.12 -65.45 27.36
C SER A 1094 -11.71 -65.64 26.81
N LEU A 1095 -11.01 -64.54 26.54
CA LEU A 1095 -9.58 -64.61 26.23
C LEU A 1095 -8.81 -63.44 26.82
N VAL A 1096 -9.44 -62.57 27.61
CA VAL A 1096 -8.82 -61.33 28.01
C VAL A 1096 -8.20 -61.39 29.40
N GLU A 1097 -8.14 -62.56 30.02
CA GLU A 1097 -7.61 -62.66 31.37
C GLU A 1097 -6.13 -62.92 31.40
N GLN A 1098 -5.50 -63.02 30.23
CA GLN A 1098 -4.08 -63.30 30.14
C GLN A 1098 -3.29 -62.23 29.40
N PHE A 1099 -3.95 -61.42 28.59
CA PHE A 1099 -3.23 -60.47 27.73
C PHE A 1099 -2.79 -59.24 28.52
N VAL A 1100 -3.75 -58.52 29.11
CA VAL A 1100 -3.48 -57.20 29.66
C VAL A 1100 -3.79 -57.11 31.16
N PHE A 1101 -4.90 -57.69 31.63
CA PHE A 1101 -5.15 -57.70 33.07
C PHE A 1101 -3.94 -58.24 33.82
N GLU A 1102 -3.34 -59.32 33.32
CA GLU A 1102 -2.05 -59.77 33.83
C GLU A 1102 -0.94 -58.75 33.58
N ALA A 1103 -0.93 -58.10 32.42
CA ALA A 1103 0.09 -57.12 32.10
C ALA A 1103 -0.32 -55.70 32.48
N LEU A 1104 -0.76 -55.49 33.72
CA LEU A 1104 -0.71 -54.16 34.32
C LEU A 1104 0.70 -53.88 34.80
N VAL A 1105 1.39 -54.93 35.24
CA VAL A 1105 2.76 -54.82 35.74
C VAL A 1105 3.70 -54.29 34.65
N ILE A 1106 3.51 -54.72 33.42
CA ILE A 1106 4.43 -54.33 32.35
C ILE A 1106 4.31 -52.83 32.06
N TYR A 1107 3.11 -52.30 32.15
CA TYR A 1107 2.92 -50.89 31.86
C TYR A 1107 3.24 -50.06 33.10
N MET A 1108 3.17 -50.68 34.28
CA MET A 1108 3.78 -50.12 35.48
C MET A 1108 5.28 -49.93 35.30
N GLU A 1109 5.96 -50.95 34.76
CA GLU A 1109 7.36 -50.81 34.43
C GLU A 1109 7.58 -49.75 33.36
N SER A 1110 6.61 -49.57 32.47
CA SER A 1110 6.70 -48.46 31.51
C SER A 1110 6.71 -47.12 32.23
N LEU A 1111 5.85 -46.96 33.24
CA LEU A 1111 5.89 -45.76 34.06
C LEU A 1111 7.18 -45.67 34.87
N ALA A 1112 7.81 -46.81 35.16
CA ALA A 1112 9.09 -46.78 35.84
C ALA A 1112 10.19 -46.28 34.91
N LEU A 1113 10.18 -46.74 33.66
CA LEU A 1113 11.15 -46.29 32.68
C LEU A 1113 10.95 -44.83 32.31
N ALA A 1114 9.73 -44.34 32.38
CA ALA A 1114 9.45 -42.94 32.14
C ALA A 1114 10.00 -42.01 33.23
N HIS A 1115 10.77 -42.56 34.17
CA HIS A 1115 11.24 -41.81 35.33
C HIS A 1115 12.13 -40.64 34.91
N ALA A 1116 12.84 -40.76 33.80
CA ALA A 1116 13.93 -39.84 33.48
C ALA A 1116 13.67 -38.91 32.31
N ASP A 1117 12.72 -39.21 31.43
CA ASP A 1117 12.75 -38.58 30.11
C ASP A 1117 12.38 -37.10 30.15
N GLU A 1118 11.14 -36.78 30.50
CA GLU A 1118 10.73 -35.39 30.66
C GLU A 1118 9.30 -35.36 31.17
N LYS A 1119 9.04 -34.50 32.16
CA LYS A 1119 7.69 -34.33 32.67
C LYS A 1119 6.77 -33.77 31.58
N SER A 1120 7.29 -32.89 30.73
CA SER A 1120 6.49 -32.22 29.71
C SER A 1120 6.48 -32.97 28.39
N LEU A 1121 7.07 -34.17 28.32
CA LEU A 1121 6.98 -34.95 27.10
C LEU A 1121 5.66 -35.68 26.99
N GLY A 1122 4.85 -35.67 28.04
CA GLY A 1122 3.58 -36.35 28.03
C GLY A 1122 3.64 -37.85 28.19
N THR A 1123 4.83 -38.41 28.46
CA THR A 1123 4.92 -39.85 28.67
C THR A 1123 4.32 -40.26 30.01
N ILE A 1124 4.65 -39.53 31.08
CA ILE A 1124 4.08 -39.85 32.39
C ILE A 1124 2.58 -39.60 32.38
N GLN A 1125 2.12 -38.51 31.75
CA GLN A 1125 0.68 -38.24 31.69
C GLN A 1125 -0.08 -39.42 31.08
N GLN A 1126 0.30 -39.81 29.86
CA GLN A 1126 -0.39 -40.90 29.18
C GLN A 1126 -0.24 -42.20 29.93
N CYS A 1127 0.91 -42.40 30.59
CA CYS A 1127 1.16 -43.65 31.27
C CYS A 1127 0.28 -43.77 32.52
N CYS A 1128 0.18 -42.68 33.28
CA CYS A 1128 -0.76 -42.62 34.40
C CYS A 1128 -2.18 -42.83 33.92
N ASP A 1129 -2.55 -42.17 32.80
CA ASP A 1129 -3.90 -42.30 32.29
C ASP A 1129 -4.23 -43.74 31.90
N ALA A 1130 -3.26 -44.50 31.42
CA ALA A 1130 -3.59 -45.85 30.99
C ALA A 1130 -3.53 -46.85 32.15
N ILE A 1131 -2.65 -46.64 33.12
CA ILE A 1131 -2.76 -47.43 34.36
C ILE A 1131 -4.11 -47.18 35.02
N ASP A 1132 -4.54 -45.91 35.05
CA ASP A 1132 -5.92 -45.57 35.39
C ASP A 1132 -6.91 -46.45 34.64
N HIS A 1133 -6.89 -46.37 33.30
CA HIS A 1133 -7.86 -47.09 32.49
C HIS A 1133 -7.85 -48.58 32.80
N LEU A 1134 -6.69 -49.12 33.16
CA LEU A 1134 -6.57 -50.55 33.36
C LEU A 1134 -7.04 -50.98 34.75
N CYS A 1135 -6.72 -50.19 35.77
CA CYS A 1135 -7.20 -50.50 37.12
C CYS A 1135 -8.71 -50.43 37.17
N ARG A 1136 -9.30 -49.41 36.53
CA ARG A 1136 -10.75 -49.26 36.58
C ARG A 1136 -11.50 -50.41 35.93
N ILE A 1137 -10.81 -51.40 35.36
CA ILE A 1137 -11.51 -52.55 34.81
C ILE A 1137 -11.02 -53.84 35.44
N ILE A 1138 -9.76 -53.88 35.88
CA ILE A 1138 -9.30 -55.08 36.58
C ILE A 1138 -9.98 -55.20 37.92
N GLU A 1139 -10.22 -54.06 38.59
CA GLU A 1139 -10.91 -54.09 39.89
C GLU A 1139 -12.28 -54.74 39.76
N LYS A 1140 -12.97 -54.47 38.65
CA LYS A 1140 -14.29 -55.05 38.46
C LYS A 1140 -14.20 -56.49 37.98
N LYS A 1141 -13.27 -56.79 37.07
CA LYS A 1141 -13.24 -58.13 36.49
C LYS A 1141 -12.86 -59.19 37.52
N HIS A 1142 -11.91 -58.89 38.41
CA HIS A 1142 -11.34 -59.94 39.22
C HIS A 1142 -11.93 -59.98 40.62
N VAL A 1143 -13.02 -59.26 40.88
CA VAL A 1143 -13.65 -59.33 42.19
C VAL A 1143 -14.52 -60.57 42.30
N SER A 1144 -15.11 -61.01 41.20
CA SER A 1144 -15.90 -62.23 41.16
C SER A 1144 -15.19 -63.36 40.42
N LEU A 1145 -14.53 -63.04 39.31
CA LEU A 1145 -13.67 -63.99 38.61
C LEU A 1145 -12.29 -63.93 39.28
N ASN A 1146 -12.21 -64.53 40.46
CA ASN A 1146 -10.99 -64.56 41.27
C ASN A 1146 -10.76 -66.02 41.66
N LYS A 1147 -10.11 -66.77 40.77
CA LYS A 1147 -9.95 -68.20 40.97
C LYS A 1147 -8.61 -68.63 40.38
N ALA A 1148 -8.14 -69.80 40.83
CA ALA A 1148 -6.83 -70.30 40.45
C ALA A 1148 -6.81 -70.78 39.00
N LYS A 1149 -6.75 -69.86 38.05
CA LYS A 1149 -6.72 -70.17 36.64
C LYS A 1149 -5.29 -70.08 36.10
N LYS A 1150 -5.09 -70.61 34.90
CA LYS A 1150 -3.79 -70.62 34.24
C LYS A 1150 -3.57 -69.32 33.47
N ARG A 1151 -3.67 -68.21 34.18
CA ARG A 1151 -3.42 -66.90 33.58
C ARG A 1151 -1.96 -66.78 33.17
N ARG A 1152 -1.71 -66.11 32.04
CA ARG A 1152 -0.37 -66.04 31.49
C ARG A 1152 0.56 -65.26 32.41
N LEU A 1153 1.78 -65.76 32.55
CA LEU A 1153 2.73 -65.18 33.49
C LEU A 1153 3.27 -63.86 32.96
N PRO A 1154 3.12 -62.76 33.70
CA PRO A 1154 3.76 -61.51 33.29
C PRO A 1154 5.21 -61.46 33.74
N ARG A 1155 5.92 -60.39 33.44
CA ARG A 1155 7.36 -60.34 33.75
C ARG A 1155 7.57 -60.03 35.23
N GLY A 1156 8.59 -60.68 35.80
CA GLY A 1156 9.00 -60.43 37.17
C GLY A 1156 8.24 -61.23 38.22
N PHE A 1157 7.11 -61.82 37.87
CA PHE A 1157 6.35 -62.56 38.86
C PHE A 1157 6.94 -63.95 39.07
N PRO A 1158 6.80 -64.53 40.26
CA PRO A 1158 7.28 -65.89 40.49
C PRO A 1158 6.55 -66.88 39.59
N PRO A 1159 7.24 -67.89 39.08
CA PRO A 1159 6.58 -68.87 38.20
C PRO A 1159 5.60 -69.76 38.96
N SER A 1160 4.31 -69.64 38.64
CA SER A 1160 3.29 -70.41 39.31
C SER A 1160 2.11 -70.62 38.36
N ALA A 1161 1.27 -71.59 38.69
CA ALA A 1161 0.09 -71.86 37.87
C ALA A 1161 -0.96 -70.78 38.05
N SER A 1162 -1.13 -70.28 39.27
CA SER A 1162 -2.16 -69.28 39.58
C SER A 1162 -1.50 -67.98 40.00
N LEU A 1163 -1.97 -66.88 39.42
CA LEU A 1163 -1.48 -65.53 39.70
C LEU A 1163 -2.66 -64.57 39.85
N CYS A 1164 -3.67 -64.98 40.60
CA CYS A 1164 -4.99 -64.35 40.49
C CYS A 1164 -4.99 -62.88 40.88
N LEU A 1165 -4.95 -62.58 42.18
CA LEU A 1165 -4.72 -61.22 42.65
C LEU A 1165 -3.85 -61.15 43.90
N LEU A 1166 -3.77 -62.21 44.69
CA LEU A 1166 -2.99 -62.17 45.93
C LEU A 1166 -1.54 -61.83 45.63
N ASP A 1167 -0.98 -62.44 44.59
CA ASP A 1167 0.37 -62.06 44.19
C ASP A 1167 0.39 -60.76 43.39
N LEU A 1168 -0.74 -60.29 42.90
CA LEU A 1168 -0.75 -58.95 42.29
C LEU A 1168 -0.47 -57.89 43.34
N VAL A 1169 -1.13 -57.95 44.49
CA VAL A 1169 -0.83 -57.03 45.56
C VAL A 1169 0.46 -57.41 46.27
N LYS A 1170 0.85 -58.69 46.22
CA LYS A 1170 2.17 -59.04 46.75
C LYS A 1170 3.29 -58.42 45.91
N TRP A 1171 3.10 -58.34 44.59
CA TRP A 1171 4.03 -57.63 43.73
C TRP A 1171 3.99 -56.14 43.99
N LEU A 1172 2.78 -55.58 44.10
CA LEU A 1172 2.66 -54.18 44.48
C LEU A 1172 3.37 -53.90 45.80
N LEU A 1173 3.45 -54.93 46.66
CA LEU A 1173 4.14 -54.81 47.94
C LEU A 1173 5.64 -55.00 47.82
N ALA A 1174 6.09 -55.73 46.80
CA ALA A 1174 7.52 -55.90 46.60
C ALA A 1174 8.23 -54.56 46.48
N HIS A 1175 7.57 -53.55 45.91
CA HIS A 1175 8.13 -52.20 45.89
C HIS A 1175 6.98 -51.19 45.87
N CYS A 1176 6.63 -50.69 47.05
CA CYS A 1176 6.08 -49.35 47.19
C CYS A 1176 7.17 -48.34 47.52
N GLY A 1177 8.43 -48.77 47.48
CA GLY A 1177 9.55 -47.90 47.75
C GLY A 1177 10.57 -47.94 46.64
N ARG A 1178 10.14 -48.25 45.43
CA ARG A 1178 11.04 -48.18 44.29
C ARG A 1178 11.46 -46.74 44.06
N PRO A 1179 12.72 -46.48 43.75
CA PRO A 1179 13.20 -45.09 43.73
C PRO A 1179 12.49 -44.21 42.73
N GLN A 1180 12.02 -44.75 41.61
CA GLN A 1180 11.31 -43.95 40.62
C GLN A 1180 9.96 -43.49 41.16
N THR A 1181 9.70 -42.18 41.05
CA THR A 1181 8.70 -41.54 41.88
C THR A 1181 7.27 -41.89 41.47
N GLU A 1182 6.93 -41.72 40.19
CA GLU A 1182 5.53 -41.81 39.81
C GLU A 1182 5.05 -43.26 39.78
N CYS A 1183 5.92 -44.19 39.45
CA CYS A 1183 5.55 -45.59 39.55
C CYS A 1183 5.29 -45.99 41.00
N ARG A 1184 6.13 -45.49 41.92
CA ARG A 1184 5.91 -45.70 43.34
C ARG A 1184 4.54 -45.17 43.76
N HIS A 1185 4.24 -43.92 43.39
CA HIS A 1185 2.91 -43.37 43.67
C HIS A 1185 1.83 -44.32 43.17
N LYS A 1186 1.81 -44.57 41.87
CA LYS A 1186 0.76 -45.38 41.29
C LYS A 1186 0.61 -46.71 42.02
N SER A 1187 1.73 -47.33 42.44
CA SER A 1187 1.63 -48.56 43.22
C SER A 1187 0.93 -48.33 44.56
N ILE A 1188 1.23 -47.21 45.22
CA ILE A 1188 0.65 -46.95 46.53
C ILE A 1188 -0.86 -46.75 46.41
N GLU A 1189 -1.29 -45.90 45.48
CA GLU A 1189 -2.72 -45.80 45.20
C GLU A 1189 -3.33 -47.12 44.70
N LEU A 1190 -2.55 -47.98 44.07
CA LEU A 1190 -3.11 -49.26 43.63
C LEU A 1190 -3.39 -50.20 44.80
N PHE A 1191 -2.51 -50.24 45.81
CA PHE A 1191 -2.97 -50.81 47.09
C PHE A 1191 -4.23 -50.13 47.59
N TYR A 1192 -4.18 -48.81 47.78
CA TYR A 1192 -5.26 -48.19 48.52
C TYR A 1192 -6.60 -48.29 47.80
N LYS A 1193 -6.60 -48.67 46.52
CA LYS A 1193 -7.85 -49.02 45.85
C LYS A 1193 -8.09 -50.53 45.72
N PHE A 1194 -7.05 -51.37 45.80
CA PHE A 1194 -7.22 -52.80 45.59
C PHE A 1194 -7.41 -53.62 46.86
N VAL A 1195 -6.83 -53.20 47.98
CA VAL A 1195 -6.93 -54.03 49.20
C VAL A 1195 -8.37 -54.38 49.54
N PRO A 1196 -9.38 -53.49 49.43
CA PRO A 1196 -10.75 -53.99 49.62
C PRO A 1196 -11.30 -54.65 48.36
N LEU A 1197 -10.59 -55.67 47.87
CA LEU A 1197 -11.10 -56.49 46.78
C LEU A 1197 -10.84 -57.98 46.98
N LEU A 1198 -10.25 -58.38 48.10
CA LEU A 1198 -10.15 -59.79 48.44
C LEU A 1198 -11.51 -60.26 48.97
N PRO A 1199 -11.81 -61.56 48.87
CA PRO A 1199 -13.10 -62.05 49.40
C PRO A 1199 -13.40 -61.60 50.82
N GLY A 1200 -12.38 -61.46 51.66
CA GLY A 1200 -12.58 -60.89 52.98
C GLY A 1200 -13.05 -59.45 52.97
N ASN A 1201 -12.69 -58.69 51.94
CA ASN A 1201 -13.10 -57.29 51.78
C ASN A 1201 -12.65 -56.46 52.99
N ARG A 1202 -11.46 -56.79 53.48
CA ARG A 1202 -10.91 -56.14 54.67
C ARG A 1202 -10.29 -54.79 54.29
N SER A 1203 -9.52 -54.22 55.20
CA SER A 1203 -8.92 -52.91 55.04
C SER A 1203 -7.52 -52.94 55.63
N PRO A 1204 -6.63 -52.06 55.16
CA PRO A 1204 -5.20 -52.22 55.49
C PRO A 1204 -4.88 -52.20 56.97
N ASN A 1205 -5.65 -51.45 57.77
CA ASN A 1205 -5.32 -51.25 59.18
C ASN A 1205 -4.96 -52.56 59.88
N LEU A 1206 -5.84 -53.56 59.80
CA LEU A 1206 -5.55 -54.85 60.42
C LEU A 1206 -4.70 -55.74 59.54
N TRP A 1207 -4.74 -55.57 58.21
CA TRP A 1207 -3.97 -56.46 57.33
C TRP A 1207 -2.48 -56.30 57.50
N LEU A 1208 -1.98 -55.07 57.63
CA LEU A 1208 -0.54 -54.91 57.77
C LEU A 1208 -0.04 -55.46 59.11
N LYS A 1209 -0.80 -55.27 60.19
CA LYS A 1209 -0.44 -55.90 61.46
C LYS A 1209 -0.47 -57.41 61.33
N ASP A 1210 -1.48 -57.95 60.64
CA ASP A 1210 -1.58 -59.40 60.44
C ASP A 1210 -0.37 -59.94 59.71
N VAL A 1211 0.01 -59.33 58.59
CA VAL A 1211 1.12 -59.85 57.81
C VAL A 1211 2.44 -59.65 58.55
N LEU A 1212 2.58 -58.54 59.28
CA LEU A 1212 3.80 -58.32 60.04
C LEU A 1212 3.96 -59.35 61.15
N LYS A 1213 2.86 -59.77 61.77
CA LYS A 1213 2.96 -60.75 62.83
C LYS A 1213 3.06 -62.19 62.31
N GLU A 1214 2.50 -62.49 61.14
CA GLU A 1214 2.57 -63.83 60.58
C GLU A 1214 3.73 -64.05 59.62
N GLU A 1215 4.50 -63.02 59.29
CA GLU A 1215 5.61 -63.15 58.34
C GLU A 1215 6.92 -62.59 58.87
N GLY A 1216 7.00 -62.30 60.17
CA GLY A 1216 8.21 -61.75 60.73
C GLY A 1216 8.24 -60.23 60.71
N VAL A 1217 8.94 -59.63 61.67
CA VAL A 1217 9.01 -58.18 61.74
C VAL A 1217 9.76 -57.61 60.54
N SER A 1218 10.86 -58.24 60.13
CA SER A 1218 11.75 -57.64 59.15
C SER A 1218 11.08 -57.40 57.80
N PHE A 1219 9.97 -58.07 57.52
CA PHE A 1219 9.37 -58.02 56.18
C PHE A 1219 8.98 -56.60 55.79
N LEU A 1220 8.08 -55.98 56.57
CA LEU A 1220 7.51 -54.70 56.18
C LEU A 1220 8.53 -53.57 56.30
N ILE A 1221 9.47 -53.67 57.23
CA ILE A 1221 10.51 -52.66 57.32
C ILE A 1221 11.47 -52.76 56.15
N ASN A 1222 11.91 -53.97 55.82
CA ASN A 1222 12.89 -54.12 54.74
C ASN A 1222 12.29 -53.82 53.39
N THR A 1223 11.06 -54.28 53.12
CA THR A 1223 10.46 -54.02 51.81
C THR A 1223 10.13 -52.55 51.61
N PHE A 1224 10.40 -51.71 52.61
CA PHE A 1224 10.36 -50.26 52.47
C PHE A 1224 11.73 -49.62 52.61
N GLU A 1225 12.72 -50.35 53.13
CA GLU A 1225 14.07 -49.79 53.24
C GLU A 1225 14.68 -49.57 51.86
N GLY A 1226 14.38 -50.46 50.92
CA GLY A 1226 14.92 -50.35 49.57
C GLY A 1226 15.89 -51.46 49.25
N GLY A 1227 17.00 -51.06 48.62
CA GLY A 1227 18.05 -52.00 48.28
C GLY A 1227 19.45 -51.56 48.63
N GLY A 1228 19.64 -50.27 48.92
CA GLY A 1228 20.97 -49.71 49.00
C GLY A 1228 21.24 -48.70 50.10
N CYS A 1229 20.53 -48.81 51.23
CA CYS A 1229 20.64 -47.80 52.28
C CYS A 1229 22.04 -47.72 52.87
N GLY A 1230 22.92 -48.65 52.53
CA GLY A 1230 24.29 -48.63 53.04
C GLY A 1230 25.33 -48.71 51.94
N LEU A 1241 28.81 -41.87 52.80
CA LEU A 1241 30.17 -41.36 52.68
C LEU A 1241 30.17 -39.83 52.65
N LEU A 1242 31.35 -39.23 52.85
CA LEU A 1242 31.48 -37.79 52.90
C LEU A 1242 32.05 -37.19 51.61
N TYR A 1243 32.22 -37.99 50.57
CA TYR A 1243 32.66 -37.44 49.29
C TYR A 1243 31.59 -36.54 48.67
N LEU A 1244 30.32 -36.76 49.00
CA LEU A 1244 29.22 -35.95 48.50
C LEU A 1244 28.67 -35.01 49.56
N ARG A 1245 29.37 -34.86 50.68
CA ARG A 1245 28.97 -33.86 51.67
C ARG A 1245 28.99 -32.47 51.06
N GLY A 1246 29.98 -32.20 50.21
CA GLY A 1246 29.92 -31.09 49.29
C GLY A 1246 29.10 -31.47 48.09
N PRO A 1247 28.29 -30.54 47.59
CA PRO A 1247 27.37 -30.86 46.49
C PRO A 1247 28.07 -31.46 45.29
N PHE A 1248 27.62 -32.64 44.88
CA PHE A 1248 28.13 -33.34 43.71
C PHE A 1248 26.98 -34.04 43.00
N SER A 1249 27.14 -34.24 41.69
CA SER A 1249 26.08 -34.82 40.86
C SER A 1249 26.28 -36.29 40.58
N LEU A 1250 27.27 -36.93 41.21
CA LEU A 1250 27.51 -38.35 40.95
C LEU A 1250 26.25 -39.13 41.22
N GLN A 1251 25.65 -39.65 40.14
CA GLN A 1251 24.28 -40.13 40.22
C GLN A 1251 24.12 -41.33 41.14
N ALA A 1252 25.22 -41.87 41.65
CA ALA A 1252 25.11 -42.77 42.80
C ALA A 1252 24.51 -42.04 43.99
N THR A 1253 24.98 -40.81 44.23
CA THR A 1253 24.40 -39.99 45.29
C THR A 1253 22.95 -39.65 44.98
N LEU A 1254 22.66 -39.31 43.73
CA LEU A 1254 21.29 -38.97 43.36
C LEU A 1254 20.38 -40.18 43.54
N CYS A 1255 20.91 -41.38 43.34
CA CYS A 1255 20.11 -42.58 43.50
C CYS A 1255 19.91 -42.94 44.97
N TRP A 1256 20.92 -42.71 45.81
CA TRP A 1256 20.69 -42.84 47.25
C TRP A 1256 19.63 -41.84 47.71
N LEU A 1257 19.69 -40.61 47.20
CA LEU A 1257 18.65 -39.63 47.53
C LEU A 1257 17.28 -40.13 47.08
N ASP A 1258 17.22 -40.75 45.90
CA ASP A 1258 15.95 -41.25 45.39
C ASP A 1258 15.42 -42.36 46.29
N LEU A 1259 16.30 -43.24 46.78
CA LEU A 1259 15.85 -44.33 47.65
C LEU A 1259 15.41 -43.79 49.00
N LEU A 1260 16.10 -42.78 49.52
CA LEU A 1260 15.65 -42.12 50.74
C LEU A 1260 14.27 -41.50 50.54
N LEU A 1261 14.06 -40.85 49.39
CA LEU A 1261 12.74 -40.30 49.08
C LEU A 1261 11.69 -41.38 49.01
N ALA A 1262 12.03 -42.55 48.47
CA ALA A 1262 11.07 -43.64 48.37
C ALA A 1262 10.66 -44.13 49.75
N ALA A 1263 11.64 -44.36 50.63
CA ALA A 1263 11.33 -44.74 52.00
C ALA A 1263 10.50 -43.68 52.69
N LEU A 1264 10.87 -42.41 52.53
CA LEU A 1264 10.11 -41.31 53.12
C LEU A 1264 8.66 -41.36 52.69
N GLU A 1265 8.41 -41.44 51.38
CA GLU A 1265 7.05 -41.41 50.88
C GLU A 1265 6.26 -42.62 51.35
N CYS A 1266 6.86 -43.81 51.32
CA CYS A 1266 6.11 -45.01 51.68
C CYS A 1266 5.72 -44.98 53.16
N TYR A 1267 6.67 -44.63 54.03
CA TYR A 1267 6.31 -44.48 55.44
C TYR A 1267 5.25 -43.41 55.63
N ASN A 1268 5.49 -42.21 55.07
CA ASN A 1268 4.52 -41.11 55.20
C ASN A 1268 3.12 -41.56 54.81
N THR A 1269 2.99 -42.31 53.71
CA THR A 1269 1.66 -42.67 53.25
C THR A 1269 1.10 -43.89 53.96
N PHE A 1270 1.92 -44.63 54.70
CA PHE A 1270 1.37 -45.75 55.46
C PHE A 1270 1.04 -45.37 56.91
N ILE A 1271 2.02 -44.85 57.65
CA ILE A 1271 1.74 -44.43 59.02
C ILE A 1271 0.75 -43.28 59.04
N GLY A 1272 0.78 -42.41 58.01
CA GLY A 1272 0.02 -41.18 58.07
C GLY A 1272 -1.49 -41.41 58.16
N GLU A 1273 -2.02 -42.25 57.30
CA GLU A 1273 -3.35 -42.78 57.51
C GLU A 1273 -3.26 -43.93 58.51
N ARG A 1274 -4.40 -44.41 58.97
CA ARG A 1274 -4.45 -45.35 60.08
C ARG A 1274 -3.93 -46.73 59.71
N THR A 1275 -3.29 -46.86 58.55
CA THR A 1275 -2.84 -48.16 58.06
C THR A 1275 -1.90 -48.83 59.05
N VAL A 1276 -0.89 -48.11 59.53
CA VAL A 1276 -0.01 -48.57 60.59
C VAL A 1276 0.24 -47.41 61.55
N GLY A 1277 0.68 -47.76 62.75
CA GLY A 1277 0.96 -46.76 63.75
C GLY A 1277 2.38 -46.22 63.62
N ALA A 1278 2.54 -44.94 63.94
CA ALA A 1278 3.85 -44.31 63.89
C ALA A 1278 4.88 -45.10 64.69
N LEU A 1279 4.53 -45.46 65.93
CA LEU A 1279 5.40 -46.29 66.75
C LEU A 1279 5.33 -47.76 66.37
N GLN A 1280 4.37 -48.15 65.53
CA GLN A 1280 4.25 -49.55 65.14
C GLN A 1280 5.45 -50.01 64.31
N VAL A 1281 5.94 -49.15 63.42
CA VAL A 1281 6.99 -49.54 62.47
C VAL A 1281 8.26 -48.75 62.76
N LEU A 1282 8.14 -47.69 63.55
CA LEU A 1282 9.32 -46.96 63.99
C LEU A 1282 9.69 -47.37 65.41
N GLY A 1283 10.94 -47.13 65.76
CA GLY A 1283 11.45 -47.54 67.05
C GLY A 1283 12.66 -48.46 66.91
N THR A 1284 13.38 -48.62 68.03
CA THR A 1284 14.63 -49.36 68.06
C THR A 1284 14.42 -50.87 68.20
N GLU A 1285 13.20 -51.31 68.51
CA GLU A 1285 12.98 -52.73 68.75
C GLU A 1285 13.31 -53.58 67.52
N ALA A 1286 13.11 -53.04 66.32
CA ALA A 1286 13.42 -53.75 65.09
C ALA A 1286 14.70 -53.26 64.42
N GLN A 1287 15.42 -52.32 65.05
CA GLN A 1287 16.68 -51.79 64.51
C GLN A 1287 16.49 -51.23 63.11
N SER A 1288 15.64 -50.20 63.03
CA SER A 1288 15.31 -49.61 61.74
C SER A 1288 16.52 -48.87 61.16
N SER A 1289 16.33 -48.31 59.97
CA SER A 1289 17.39 -47.59 59.29
C SER A 1289 16.99 -46.22 58.78
N LEU A 1290 15.68 -45.96 58.62
CA LEU A 1290 15.24 -44.63 58.19
C LEU A 1290 15.82 -43.54 59.07
N LEU A 1291 15.57 -43.62 60.38
CA LEU A 1291 15.91 -42.51 61.28
C LEU A 1291 17.39 -42.18 61.23
N LYS A 1292 18.25 -43.20 61.16
CA LYS A 1292 19.68 -42.94 61.07
C LYS A 1292 20.03 -42.11 59.85
N ALA A 1293 19.48 -42.48 58.69
CA ALA A 1293 19.87 -41.81 57.45
C ALA A 1293 19.21 -40.44 57.34
N VAL A 1294 18.04 -40.28 57.93
CA VAL A 1294 17.43 -38.95 57.94
C VAL A 1294 18.19 -38.02 58.87
N ALA A 1295 18.69 -38.54 60.00
CA ALA A 1295 19.54 -37.75 60.87
C ALA A 1295 20.81 -37.32 60.14
N PHE A 1296 21.54 -38.29 59.59
CA PHE A 1296 22.69 -37.98 58.73
C PHE A 1296 22.34 -36.96 57.66
N PHE A 1297 21.13 -37.05 57.11
CA PHE A 1297 20.67 -36.09 56.11
C PHE A 1297 20.66 -34.68 56.67
N LEU A 1298 19.92 -34.45 57.74
CA LEU A 1298 19.77 -33.07 58.20
C LEU A 1298 21.05 -32.56 58.86
N GLU A 1299 21.92 -33.47 59.29
CA GLU A 1299 23.26 -33.06 59.68
C GLU A 1299 24.11 -32.68 58.47
N SER A 1300 23.92 -33.36 57.34
CA SER A 1300 24.79 -33.17 56.18
C SER A 1300 24.02 -32.98 54.88
N ILE A 1301 22.99 -32.13 54.87
CA ILE A 1301 22.29 -31.84 53.62
C ILE A 1301 22.81 -30.51 53.04
N ALA A 1302 22.66 -29.42 53.79
CA ALA A 1302 23.14 -28.11 53.37
C ALA A 1302 24.58 -27.88 53.77
N MET A 1303 25.50 -28.65 53.20
CA MET A 1303 26.91 -28.66 53.61
C MET A 1303 27.01 -29.02 55.08
N SER A 1323 29.76 -30.29 35.96
CA SER A 1323 29.86 -29.91 37.36
C SER A 1323 29.17 -28.57 37.68
N PRO A 1324 29.52 -27.47 36.97
CA PRO A 1324 28.89 -26.18 37.30
C PRO A 1324 27.38 -26.19 37.11
N GLN A 1325 26.89 -26.91 36.10
CA GLN A 1325 25.45 -26.93 35.83
C GLN A 1325 24.77 -28.13 36.50
N GLU A 1326 25.52 -29.17 36.84
CA GLU A 1326 24.95 -30.31 37.55
C GLU A 1326 24.72 -30.00 39.03
N GLY A 1327 25.31 -28.91 39.52
CA GLY A 1327 25.03 -28.47 40.88
C GLY A 1327 23.58 -28.17 41.11
N GLU A 1328 22.95 -27.47 40.15
CA GLU A 1328 21.51 -27.21 40.25
C GLU A 1328 20.70 -28.49 40.26
N ARG A 1329 21.13 -29.50 39.50
CA ARG A 1329 20.44 -30.78 39.51
C ARG A 1329 20.49 -31.42 40.89
N TYR A 1330 21.69 -31.48 41.48
CA TYR A 1330 21.81 -32.06 42.81
C TYR A 1330 21.01 -31.25 43.84
N ASN A 1331 21.05 -29.91 43.72
CA ASN A 1331 20.28 -29.08 44.64
C ASN A 1331 18.80 -29.38 44.54
N TYR A 1332 18.28 -29.53 43.32
CA TYR A 1332 16.87 -29.86 43.16
C TYR A 1332 16.55 -31.20 43.81
N SER A 1333 17.39 -32.20 43.58
CA SER A 1333 17.06 -33.54 44.08
C SER A 1333 17.27 -33.68 45.58
N LYS A 1334 18.03 -32.78 46.19
CA LYS A 1334 18.16 -32.77 47.64
C LYS A 1334 17.09 -31.91 48.31
N CYS A 1335 16.61 -30.87 47.62
CA CYS A 1335 15.52 -30.08 48.16
C CYS A 1335 14.20 -30.83 48.09
N THR A 1336 14.01 -31.62 47.04
CA THR A 1336 12.79 -32.41 46.94
C THR A 1336 12.70 -33.49 47.99
N VAL A 1337 13.78 -33.77 48.70
CA VAL A 1337 13.75 -34.72 49.80
C VAL A 1337 13.82 -34.05 51.17
N VAL A 1338 14.40 -32.85 51.29
CA VAL A 1338 14.25 -32.12 52.55
C VAL A 1338 12.78 -31.73 52.76
N VAL A 1339 12.09 -31.34 51.68
CA VAL A 1339 10.67 -31.02 51.81
C VAL A 1339 9.88 -32.26 52.25
N ARG A 1340 10.26 -33.42 51.74
CA ARG A 1340 9.53 -34.63 52.07
C ARG A 1340 9.82 -35.12 53.48
N ILE A 1341 11.02 -34.85 54.00
CA ILE A 1341 11.22 -35.18 55.40
C ILE A 1341 10.46 -34.22 56.31
N MET A 1342 10.31 -32.94 55.90
CA MET A 1342 9.41 -32.08 56.66
C MET A 1342 7.99 -32.65 56.67
N GLU A 1343 7.50 -33.08 55.50
CA GLU A 1343 6.18 -33.70 55.46
C GLU A 1343 6.13 -34.96 56.31
N PHE A 1344 7.25 -35.68 56.40
CA PHE A 1344 7.30 -36.88 57.23
C PHE A 1344 7.19 -36.55 58.71
N THR A 1345 7.91 -35.53 59.16
CA THR A 1345 7.77 -35.11 60.55
C THR A 1345 6.35 -34.66 60.83
N THR A 1346 5.72 -33.96 59.89
CA THR A 1346 4.33 -33.59 60.05
C THR A 1346 3.42 -34.80 60.20
N THR A 1347 3.57 -35.78 59.31
CA THR A 1347 2.72 -36.95 59.40
C THR A 1347 3.15 -37.90 60.51
N LEU A 1348 4.24 -37.58 61.21
CA LEU A 1348 4.67 -38.36 62.36
C LEU A 1348 4.14 -37.76 63.67
N LEU A 1349 4.14 -36.43 63.79
CA LEU A 1349 3.61 -35.79 64.98
C LEU A 1349 2.08 -35.71 64.95
N ASN A 1350 1.51 -35.09 63.93
CA ASN A 1350 0.07 -34.86 63.87
C ASN A 1350 -0.76 -36.14 63.78
N THR A 1351 -0.13 -37.31 63.70
CA THR A 1351 -0.93 -38.52 63.61
C THR A 1351 -1.13 -39.20 64.96
N SER A 1352 -0.11 -39.20 65.82
CA SER A 1352 -0.21 -39.78 67.15
C SER A 1352 0.79 -39.11 68.08
N PRO A 1353 0.34 -38.24 68.99
CA PRO A 1353 1.28 -37.63 69.94
C PRO A 1353 1.61 -38.58 71.08
N GLU A 1354 1.90 -39.84 70.74
CA GLU A 1354 2.30 -40.85 71.71
C GLU A 1354 3.65 -41.47 71.41
N GLY A 1355 4.17 -41.28 70.20
CA GLY A 1355 5.43 -41.85 69.79
C GLY A 1355 6.57 -40.89 69.57
N TRP A 1356 6.43 -39.63 70.00
CA TRP A 1356 7.52 -38.68 69.79
C TRP A 1356 8.80 -39.10 70.51
N LYS A 1357 8.68 -39.99 71.50
CA LYS A 1357 9.87 -40.48 72.20
C LYS A 1357 10.82 -41.19 71.26
N LEU A 1358 10.30 -41.82 70.19
CA LEU A 1358 11.21 -42.44 69.24
C LEU A 1358 11.89 -41.41 68.36
N LEU A 1359 11.33 -40.19 68.27
CA LEU A 1359 12.04 -39.11 67.60
C LEU A 1359 13.14 -38.63 68.52
N LYS A 1360 14.30 -39.27 68.44
CA LYS A 1360 15.39 -38.97 69.36
C LYS A 1360 15.89 -37.55 69.13
N LYS A 1361 16.56 -37.02 70.15
CA LYS A 1361 16.93 -35.61 70.18
C LYS A 1361 17.90 -35.22 69.07
N ASP A 1362 18.34 -36.15 68.23
CA ASP A 1362 19.25 -35.80 67.13
C ASP A 1362 18.58 -34.85 66.15
N LEU A 1363 17.34 -35.14 65.75
CA LEU A 1363 16.58 -34.18 64.96
C LEU A 1363 16.00 -33.08 65.86
N CYS A 1364 15.67 -33.43 67.11
CA CYS A 1364 15.25 -32.40 68.07
C CYS A 1364 16.40 -31.54 68.53
N ASN A 1365 17.56 -31.76 67.94
CA ASN A 1365 18.70 -30.87 68.05
C ASN A 1365 18.64 -29.88 66.89
N THR A 1366 19.75 -29.16 66.67
CA THR A 1366 19.80 -28.16 65.61
C THR A 1366 20.08 -28.87 64.29
N HIS A 1367 19.22 -29.85 63.93
CA HIS A 1367 19.28 -30.47 62.62
C HIS A 1367 17.96 -30.35 61.86
N LEU A 1368 16.85 -30.82 62.44
CA LEU A 1368 15.54 -30.55 61.86
C LEU A 1368 15.23 -29.05 61.88
N MET A 1369 15.21 -28.48 63.08
CA MET A 1369 14.82 -27.09 63.25
C MET A 1369 15.71 -26.14 62.48
N ARG A 1370 16.95 -26.52 62.17
CA ARG A 1370 17.81 -25.57 61.48
C ARG A 1370 17.43 -25.47 60.00
N VAL A 1371 17.13 -26.60 59.36
CA VAL A 1371 16.63 -26.53 57.99
C VAL A 1371 15.24 -25.90 57.96
N LEU A 1372 14.43 -26.18 58.99
CA LEU A 1372 13.18 -25.44 59.14
C LEU A 1372 13.41 -23.94 59.06
N VAL A 1373 14.27 -23.43 59.94
CA VAL A 1373 14.54 -22.00 59.99
C VAL A 1373 15.11 -21.52 58.65
N GLN A 1374 15.90 -22.36 57.99
CA GLN A 1374 16.58 -21.91 56.79
C GLN A 1374 15.68 -21.93 55.56
N THR A 1375 14.66 -22.80 55.53
CA THR A 1375 13.61 -22.64 54.55
C THR A 1375 12.81 -21.38 54.82
N LEU A 1376 12.38 -21.20 56.08
CA LEU A 1376 11.61 -20.01 56.43
C LEU A 1376 12.29 -18.73 55.97
N CYS A 1377 13.57 -18.56 56.31
CA CYS A 1377 14.33 -17.38 55.93
C CYS A 1377 15.48 -17.80 55.02
N GLU A 1378 15.53 -17.19 53.83
CA GLU A 1378 16.53 -17.51 52.82
C GLU A 1378 16.48 -18.99 52.45
N PRO A 1379 15.42 -19.43 51.77
CA PRO A 1379 15.36 -20.86 51.37
C PRO A 1379 16.38 -21.20 50.31
N ALA A 1380 16.98 -20.21 49.65
CA ALA A 1380 18.03 -20.47 48.69
C ALA A 1380 19.32 -20.94 49.34
N SER A 1381 19.42 -20.83 50.67
CA SER A 1381 20.63 -21.23 51.37
C SER A 1381 20.84 -22.74 51.30
N ILE A 1382 19.76 -23.52 51.22
CA ILE A 1382 19.89 -24.97 51.20
C ILE A 1382 19.68 -25.49 49.77
N GLY A 1383 19.87 -24.62 48.79
CA GLY A 1383 19.84 -25.04 47.40
C GLY A 1383 18.51 -24.89 46.68
N PHE A 1384 17.49 -24.32 47.33
CA PHE A 1384 16.22 -24.05 46.67
C PHE A 1384 16.45 -23.02 45.58
N ASN A 1385 16.46 -23.47 44.33
CA ASN A 1385 16.79 -22.59 43.21
C ASN A 1385 15.65 -21.62 42.93
N ILE A 1386 15.95 -20.33 42.99
CA ILE A 1386 14.99 -19.29 42.67
C ILE A 1386 14.63 -19.42 41.20
N GLY A 1387 13.38 -19.77 40.90
CA GLY A 1387 12.99 -19.95 39.52
C GLY A 1387 12.12 -21.16 39.27
N ASP A 1388 11.69 -21.86 40.32
CA ASP A 1388 10.76 -22.96 40.12
C ASP A 1388 9.35 -22.55 40.51
N VAL A 1389 8.41 -23.46 40.28
CA VAL A 1389 6.98 -23.15 40.29
C VAL A 1389 6.26 -23.84 41.43
N GLN A 1390 6.27 -25.17 41.46
CA GLN A 1390 5.56 -25.90 42.51
C GLN A 1390 6.29 -25.75 43.84
N VAL A 1391 7.61 -25.87 43.81
CA VAL A 1391 8.37 -26.01 45.05
C VAL A 1391 8.34 -24.71 45.85
N MET A 1392 8.62 -23.58 45.19
CA MET A 1392 8.69 -22.33 45.91
C MET A 1392 7.32 -21.89 46.42
N ALA A 1393 6.28 -22.01 45.60
CA ALA A 1393 4.94 -21.61 46.03
C ALA A 1393 4.41 -22.55 47.10
N HIS A 1394 4.83 -23.82 47.07
CA HIS A 1394 4.34 -24.80 48.03
C HIS A 1394 5.14 -24.84 49.33
N LEU A 1395 6.33 -24.25 49.36
CA LEU A 1395 7.16 -24.32 50.57
C LEU A 1395 6.49 -23.71 51.80
N PRO A 1396 5.93 -22.47 51.76
CA PRO A 1396 5.35 -21.90 52.97
C PRO A 1396 4.12 -22.66 53.47
N ASP A 1397 3.76 -23.74 52.78
CA ASP A 1397 2.67 -24.58 53.21
C ASP A 1397 3.19 -25.75 54.05
N VAL A 1398 4.17 -26.48 53.52
CA VAL A 1398 4.74 -27.58 54.27
C VAL A 1398 5.49 -27.07 55.51
N CYS A 1399 6.14 -25.91 55.40
CA CYS A 1399 6.86 -25.36 56.55
C CYS A 1399 5.89 -24.99 57.68
N VAL A 1400 4.79 -24.31 57.32
CA VAL A 1400 3.83 -23.89 58.34
C VAL A 1400 3.10 -25.08 58.92
N ASN A 1401 2.76 -26.06 58.08
CA ASN A 1401 2.03 -27.21 58.59
C ASN A 1401 2.94 -28.00 59.53
N LEU A 1402 4.24 -28.05 59.23
CA LEU A 1402 5.20 -28.63 60.17
C LEU A 1402 5.24 -27.86 61.48
N MET A 1403 5.25 -26.53 61.40
CA MET A 1403 5.21 -25.74 62.64
C MET A 1403 3.97 -26.05 63.46
N LYS A 1404 2.83 -26.25 62.81
CA LYS A 1404 1.60 -26.44 63.55
C LYS A 1404 1.48 -27.86 64.10
N ALA A 1405 2.16 -28.82 63.45
CA ALA A 1405 2.30 -30.13 64.06
C ALA A 1405 3.30 -30.12 65.21
N LEU A 1406 4.28 -29.20 65.15
CA LEU A 1406 5.34 -29.11 66.13
C LEU A 1406 4.92 -28.37 67.39
N LYS A 1407 4.06 -27.37 67.26
CA LYS A 1407 3.64 -26.57 68.40
C LYS A 1407 2.93 -27.42 69.45
N MET A 1408 2.00 -28.27 69.01
CA MET A 1408 1.23 -29.07 69.95
C MET A 1408 2.13 -30.01 70.72
N SER A 1409 3.14 -30.57 70.06
CA SER A 1409 4.01 -31.54 70.68
C SER A 1409 5.02 -30.85 71.58
N PRO A 1410 5.75 -31.61 72.41
CA PRO A 1410 6.77 -30.98 73.27
C PRO A 1410 7.82 -30.18 72.52
N TYR A 1411 8.26 -30.63 71.34
CA TYR A 1411 9.41 -29.98 70.73
C TYR A 1411 8.99 -28.68 70.07
N LYS A 1412 8.23 -27.86 70.79
CA LYS A 1412 7.98 -26.47 70.45
C LYS A 1412 8.92 -25.53 71.18
N ASP A 1413 9.87 -26.06 71.94
CA ASP A 1413 10.69 -25.25 72.83
C ASP A 1413 11.99 -24.86 72.16
N ILE A 1414 12.71 -25.84 71.62
CA ILE A 1414 13.75 -25.53 70.65
C ILE A 1414 13.18 -24.72 69.50
N LEU A 1415 11.91 -24.96 69.14
CA LEU A 1415 11.27 -24.15 68.11
C LEU A 1415 11.28 -22.67 68.48
N GLU A 1416 10.70 -22.33 69.64
CA GLU A 1416 10.64 -20.93 70.03
C GLU A 1416 12.04 -20.35 70.23
N THR A 1417 12.91 -21.06 70.96
CA THR A 1417 14.23 -20.54 71.28
C THR A 1417 15.19 -20.61 70.10
N HIS A 1418 14.77 -21.13 68.96
CA HIS A 1418 15.58 -21.14 67.76
C HIS A 1418 15.08 -20.19 66.69
N LEU A 1419 13.77 -20.17 66.43
CA LEU A 1419 13.21 -19.07 65.66
C LEU A 1419 13.59 -17.74 66.28
N ARG A 1420 13.60 -17.68 67.62
CA ARG A 1420 13.90 -16.44 68.31
C ARG A 1420 15.35 -16.00 68.14
N GLU A 1421 16.24 -16.89 67.68
CA GLU A 1421 17.59 -16.44 67.39
C GLU A 1421 17.72 -15.83 66.00
N LYS A 1422 16.76 -16.10 65.11
CA LYS A 1422 16.77 -15.56 63.75
C LYS A 1422 15.68 -14.55 63.48
N ILE A 1423 14.51 -14.69 64.09
CA ILE A 1423 13.46 -13.71 63.89
C ILE A 1423 13.19 -13.03 65.23
N THR A 1424 14.24 -12.90 66.04
CA THR A 1424 14.22 -12.00 67.18
C THR A 1424 13.80 -10.60 66.74
N ALA A 1425 13.25 -9.84 67.69
CA ALA A 1425 12.74 -8.52 67.36
C ALA A 1425 13.84 -7.62 66.81
N GLN A 1426 15.03 -7.66 67.40
CA GLN A 1426 16.08 -6.74 67.00
C GLN A 1426 16.42 -6.91 65.53
N SER A 1427 16.28 -8.12 64.98
CA SER A 1427 16.50 -8.33 63.56
C SER A 1427 15.52 -7.51 62.73
N ILE A 1428 14.22 -7.62 63.06
CA ILE A 1428 13.20 -6.86 62.32
C ILE A 1428 13.42 -5.36 62.49
N GLU A 1429 13.70 -4.90 63.71
CA GLU A 1429 13.88 -3.46 63.91
C GLU A 1429 15.08 -2.94 63.14
N GLU A 1430 16.22 -3.64 63.20
CA GLU A 1430 17.41 -3.16 62.51
C GLU A 1430 17.31 -3.29 61.00
N LEU A 1431 16.52 -4.24 60.50
CA LEU A 1431 16.26 -4.29 59.06
C LEU A 1431 15.53 -3.02 58.61
N CYS A 1432 14.58 -2.55 59.41
CA CYS A 1432 13.86 -1.31 59.15
C CYS A 1432 14.73 -0.14 59.60
N ALA A 1433 15.76 0.13 58.81
CA ALA A 1433 16.72 1.19 59.09
C ALA A 1433 16.12 2.54 58.70
N VAL A 1434 16.96 3.58 58.70
CA VAL A 1434 16.48 4.93 58.43
C VAL A 1434 15.97 5.06 56.99
N ASN A 1435 16.73 4.54 56.02
CA ASN A 1435 16.40 4.70 54.61
C ASN A 1435 16.20 3.33 53.98
N LEU A 1436 14.96 3.01 53.60
CA LEU A 1436 14.64 1.79 52.89
C LEU A 1436 14.16 2.04 51.47
N TYR A 1437 14.16 3.30 51.04
CA TYR A 1437 13.72 3.68 49.70
C TYR A 1437 14.89 4.34 48.99
N GLY A 1438 15.59 3.59 48.15
CA GLY A 1438 16.73 4.11 47.45
C GLY A 1438 17.41 3.11 46.53
N PRO A 1439 18.56 3.51 45.97
CA PRO A 1439 19.25 2.64 45.01
C PRO A 1439 19.69 1.30 45.58
N ASP A 1440 19.90 1.19 46.90
CA ASP A 1440 20.36 -0.06 47.50
C ASP A 1440 19.17 -1.01 47.70
N ALA A 1441 18.47 -1.25 46.59
CA ALA A 1441 17.27 -2.07 46.62
C ALA A 1441 17.57 -3.50 47.05
N GLN A 1442 18.45 -4.19 46.30
CA GLN A 1442 18.62 -5.64 46.46
C GLN A 1442 18.70 -6.06 47.91
N VAL A 1443 19.72 -5.59 48.63
CA VAL A 1443 19.99 -6.11 49.96
C VAL A 1443 18.84 -5.80 50.93
N ASP A 1444 18.54 -4.51 51.11
CA ASP A 1444 17.54 -4.13 52.11
C ASP A 1444 16.18 -4.73 51.79
N ARG A 1445 15.71 -4.51 50.55
CA ARG A 1445 14.37 -4.94 50.18
C ARG A 1445 14.24 -6.46 50.19
N SER A 1446 15.24 -7.19 49.68
CA SER A 1446 15.15 -8.63 49.68
C SER A 1446 15.20 -9.20 51.09
N ARG A 1447 16.05 -8.62 51.95
CA ARG A 1447 16.13 -9.10 53.33
C ARG A 1447 14.81 -8.89 54.04
N LEU A 1448 14.22 -7.69 53.91
CA LEU A 1448 12.91 -7.44 54.52
C LEU A 1448 11.86 -8.37 53.94
N ALA A 1449 11.86 -8.58 52.62
CA ALA A 1449 10.86 -9.45 52.03
C ALA A 1449 10.95 -10.85 52.62
N ALA A 1450 12.18 -11.37 52.77
CA ALA A 1450 12.34 -12.72 53.29
C ALA A 1450 11.90 -12.81 54.75
N VAL A 1451 12.27 -11.82 55.57
CA VAL A 1451 11.92 -11.90 56.99
C VAL A 1451 10.42 -11.72 57.17
N VAL A 1452 9.80 -10.85 56.37
CA VAL A 1452 8.36 -10.63 56.47
C VAL A 1452 7.60 -11.86 56.00
N SER A 1453 8.06 -12.50 54.92
CA SER A 1453 7.43 -13.74 54.49
C SER A 1453 7.55 -14.81 55.57
N ALA A 1454 8.70 -14.91 56.22
CA ALA A 1454 8.86 -15.88 57.29
C ALA A 1454 7.94 -15.56 58.46
N CYS A 1455 7.82 -14.27 58.82
CA CYS A 1455 6.95 -13.89 59.92
C CYS A 1455 5.49 -14.15 59.58
N LYS A 1456 5.10 -13.96 58.32
CA LYS A 1456 3.73 -14.26 57.91
C LYS A 1456 3.47 -15.76 57.96
N GLN A 1457 4.48 -16.57 57.61
CA GLN A 1457 4.33 -18.01 57.80
C GLN A 1457 4.13 -18.34 59.28
N LEU A 1458 4.90 -17.70 60.16
CA LEU A 1458 4.69 -17.88 61.59
C LEU A 1458 3.27 -17.51 61.99
N HIS A 1459 2.77 -16.39 61.47
CA HIS A 1459 1.40 -15.97 61.78
C HIS A 1459 0.38 -16.98 61.28
N ARG A 1460 0.66 -17.62 60.13
CA ARG A 1460 -0.20 -18.72 59.69
C ARG A 1460 -0.15 -19.87 60.68
N ALA A 1461 1.01 -20.07 61.31
CA ALA A 1461 1.13 -21.08 62.37
C ALA A 1461 0.77 -20.52 63.74
N GLY A 1462 0.35 -19.27 63.82
CA GLY A 1462 -0.05 -18.66 65.08
C GLY A 1462 1.09 -18.35 66.02
N LEU A 1463 2.30 -18.83 65.74
CA LEU A 1463 3.47 -18.58 66.58
C LEU A 1463 4.09 -17.27 66.12
N LEU A 1464 3.32 -16.20 66.26
CA LEU A 1464 3.84 -14.86 65.98
C LEU A 1464 4.14 -14.09 67.25
N HIS A 1465 3.47 -14.43 68.36
CA HIS A 1465 3.64 -13.71 69.61
C HIS A 1465 4.59 -14.42 70.56
N ASN A 1466 4.48 -15.73 70.70
CA ASN A 1466 5.45 -16.45 71.50
C ASN A 1466 6.78 -16.60 70.78
N ILE A 1467 6.94 -15.93 69.64
CA ILE A 1467 8.23 -15.77 68.98
C ILE A 1467 8.60 -14.30 68.82
N LEU A 1468 7.62 -13.40 68.95
CA LEU A 1468 7.86 -11.96 68.97
C LEU A 1468 6.83 -11.34 69.90
N PRO A 1469 7.22 -10.99 71.12
CA PRO A 1469 6.26 -10.58 72.14
C PRO A 1469 6.09 -9.07 72.21
N SER A 1470 5.09 -8.66 72.99
CA SER A 1470 5.06 -7.32 73.53
C SER A 1470 5.74 -7.31 74.89
N GLN A 1471 6.33 -6.17 75.24
CA GLN A 1471 7.05 -6.08 76.51
C GLN A 1471 6.05 -5.89 77.65
N SER A 1472 6.53 -5.55 78.83
CA SER A 1472 5.62 -5.25 79.94
C SER A 1472 4.92 -3.92 79.66
N THR A 1473 4.12 -3.88 78.61
CA THR A 1473 3.47 -2.66 78.14
C THR A 1473 1.97 -2.90 78.00
N ASP A 1474 1.29 -1.98 77.31
CA ASP A 1474 -0.14 -2.16 77.06
C ASP A 1474 -0.37 -3.41 76.21
N LEU A 1475 -1.66 -3.80 76.10
CA LEU A 1475 -1.99 -5.03 75.40
C LEU A 1475 -1.72 -4.94 73.90
N HIS A 1476 -1.55 -3.74 73.36
CA HIS A 1476 -1.20 -3.60 71.95
C HIS A 1476 0.20 -4.14 71.71
N HIS A 1477 0.47 -4.53 70.47
CA HIS A 1477 1.76 -5.08 70.10
C HIS A 1477 2.71 -3.95 69.73
N SER A 1478 3.82 -3.85 70.47
CA SER A 1478 4.77 -2.77 70.23
C SER A 1478 5.41 -2.91 68.84
N VAL A 1479 5.68 -4.14 68.41
CA VAL A 1479 6.30 -4.36 67.11
C VAL A 1479 5.38 -3.87 66.00
N GLY A 1480 4.10 -4.23 66.07
CA GLY A 1480 3.15 -3.74 65.10
C GLY A 1480 3.03 -2.23 65.10
N THR A 1481 3.01 -1.63 66.29
CA THR A 1481 2.92 -0.17 66.36
C THR A 1481 4.10 0.48 65.67
N GLU A 1482 5.31 -0.02 65.91
CA GLU A 1482 6.48 0.61 65.31
C GLU A 1482 6.56 0.36 63.81
N LEU A 1483 6.17 -0.84 63.36
CA LEU A 1483 6.14 -1.10 61.92
C LEU A 1483 5.12 -0.21 61.22
N LEU A 1484 3.93 -0.09 61.78
CA LEU A 1484 2.90 0.75 61.19
C LEU A 1484 3.29 2.22 61.22
N SER A 1485 3.95 2.67 62.29
CA SER A 1485 4.44 4.03 62.31
C SER A 1485 5.50 4.24 61.23
N LEU A 1486 6.38 3.26 61.04
CA LEU A 1486 7.38 3.34 59.98
C LEU A 1486 6.71 3.47 58.62
N VAL A 1487 5.73 2.62 58.34
CA VAL A 1487 5.11 2.65 57.02
C VAL A 1487 4.32 3.94 56.84
N TYR A 1488 3.73 4.47 57.91
CA TYR A 1488 3.01 5.73 57.81
C TYR A 1488 3.94 6.90 57.50
N LYS A 1489 5.04 7.01 58.24
CA LYS A 1489 5.89 8.19 58.12
C LYS A 1489 7.11 7.97 57.22
N GLY A 1490 7.20 6.83 56.55
CA GLY A 1490 8.26 6.61 55.59
C GLY A 1490 7.91 7.19 54.24
N ILE A 1491 6.74 6.79 53.72
CA ILE A 1491 6.23 7.37 52.49
C ILE A 1491 6.02 8.87 52.65
N ALA A 1492 5.93 9.36 53.88
CA ALA A 1492 5.94 10.78 54.12
C ALA A 1492 7.34 11.34 53.94
N PRO A 1493 7.46 12.58 53.50
CA PRO A 1493 8.79 13.17 53.35
C PRO A 1493 9.40 13.54 54.69
N GLY A 1494 10.73 13.64 54.69
CA GLY A 1494 11.47 13.99 55.90
C GLY A 1494 12.50 15.07 55.67
N PRO A 1501 8.22 12.29 48.55
CA PRO A 1501 9.45 11.53 48.35
C PRO A 1501 9.43 10.70 47.07
N SER A 1502 10.06 9.53 47.13
CA SER A 1502 10.22 8.68 45.96
C SER A 1502 9.38 7.42 46.14
N LEU A 1503 9.08 6.76 45.04
CA LEU A 1503 8.16 5.64 45.08
C LEU A 1503 8.45 4.73 43.90
N ASP A 1504 8.24 3.43 44.11
CA ASP A 1504 8.48 2.41 43.11
C ASP A 1504 7.36 1.38 43.23
N LEU A 1505 7.53 0.23 42.59
CA LEU A 1505 6.59 -0.87 42.74
C LEU A 1505 7.06 -1.90 43.75
N SER A 1506 8.35 -2.19 43.81
CA SER A 1506 8.84 -3.16 44.78
C SER A 1506 8.78 -2.59 46.20
N CYS A 1507 9.08 -1.31 46.35
CA CYS A 1507 8.89 -0.65 47.64
C CYS A 1507 7.46 -0.79 48.12
N LYS A 1508 6.49 -0.55 47.24
CA LYS A 1508 5.09 -0.68 47.62
C LYS A 1508 4.75 -2.12 47.98
N GLN A 1509 5.33 -3.09 47.27
CA GLN A 1509 5.08 -4.49 47.61
C GLN A 1509 5.60 -4.80 49.02
N LEU A 1510 6.81 -4.34 49.33
CA LEU A 1510 7.30 -4.45 50.70
C LEU A 1510 6.34 -3.80 51.67
N ALA A 1511 6.13 -2.49 51.53
CA ALA A 1511 5.38 -1.74 52.53
C ALA A 1511 3.99 -2.32 52.74
N SER A 1512 3.37 -2.86 51.69
CA SER A 1512 2.08 -3.53 51.85
C SER A 1512 2.26 -4.81 52.66
N GLY A 1513 3.32 -5.58 52.41
CA GLY A 1513 3.59 -6.73 53.25
C GLY A 1513 3.90 -6.34 54.68
N LEU A 1514 4.55 -5.19 54.86
CA LEU A 1514 4.94 -4.71 56.18
C LEU A 1514 3.71 -4.36 57.02
N LEU A 1515 2.78 -3.61 56.43
CA LEU A 1515 1.56 -3.31 57.17
C LEU A 1515 0.61 -4.49 57.26
N GLU A 1516 0.69 -5.44 56.32
CA GLU A 1516 -0.03 -6.70 56.52
C GLU A 1516 0.51 -7.43 57.74
N LEU A 1517 1.84 -7.47 57.88
CA LEU A 1517 2.44 -8.01 59.09
C LEU A 1517 1.97 -7.25 60.33
N ALA A 1518 1.98 -5.92 60.25
CA ALA A 1518 1.58 -5.10 61.38
C ALA A 1518 0.17 -5.44 61.84
N PHE A 1519 -0.75 -5.64 60.90
CA PHE A 1519 -2.11 -6.01 61.27
C PHE A 1519 -2.22 -7.47 61.68
N ALA A 1520 -1.29 -8.33 61.25
CA ALA A 1520 -1.33 -9.74 61.65
C ALA A 1520 -1.04 -9.94 63.13
N PHE A 1521 -0.47 -8.93 63.80
CA PHE A 1521 -0.12 -9.07 65.21
C PHE A 1521 -1.36 -9.18 66.07
N GLY A 1522 -2.18 -8.15 66.10
CA GLY A 1522 -3.34 -8.10 66.97
C GLY A 1522 -4.33 -7.11 66.44
N GLY A 1523 -4.99 -6.39 67.34
CA GLY A 1523 -6.06 -5.53 66.90
C GLY A 1523 -5.61 -4.31 66.14
N LEU A 1524 -5.04 -3.32 66.83
CA LEU A 1524 -4.44 -2.13 66.24
C LEU A 1524 -5.40 -1.38 65.31
N CYS A 1525 -6.68 -1.76 65.28
CA CYS A 1525 -7.59 -1.21 64.27
C CYS A 1525 -7.97 0.23 64.57
N GLU A 1526 -8.28 0.52 65.83
CA GLU A 1526 -8.63 1.90 66.17
C GLU A 1526 -7.45 2.84 65.94
N ARG A 1527 -6.23 2.35 66.13
CA ARG A 1527 -5.04 3.13 65.81
C ARG A 1527 -4.95 3.40 64.31
N LEU A 1528 -5.18 2.37 63.48
CA LEU A 1528 -5.19 2.54 62.04
C LEU A 1528 -6.22 3.60 61.63
N VAL A 1529 -7.44 3.48 62.17
CA VAL A 1529 -8.49 4.44 61.83
C VAL A 1529 -8.08 5.85 62.23
N SER A 1530 -7.53 6.00 63.45
CA SER A 1530 -7.05 7.32 63.87
C SER A 1530 -6.01 7.86 62.91
N LEU A 1531 -5.22 6.97 62.31
CA LEU A 1531 -4.26 7.41 61.30
C LEU A 1531 -4.98 7.91 60.04
N LEU A 1532 -6.05 7.22 59.64
CA LEU A 1532 -6.80 7.66 58.46
C LEU A 1532 -7.40 9.04 58.67
N LEU A 1533 -7.91 9.31 59.86
CA LEU A 1533 -8.54 10.59 60.15
C LEU A 1533 -7.57 11.63 60.69
N ASN A 1534 -6.32 11.26 60.92
CA ASN A 1534 -5.28 12.20 61.35
C ASN A 1534 -5.26 13.39 60.39
N PRO A 1535 -5.55 14.59 60.86
CA PRO A 1535 -5.73 15.72 59.92
C PRO A 1535 -4.44 16.44 59.57
N ALA A 1536 -3.29 15.81 59.84
CA ALA A 1536 -2.00 16.42 59.52
C ALA A 1536 -1.94 16.83 58.05
N VAL A 1537 -1.02 17.74 57.73
CA VAL A 1537 -0.87 18.28 56.38
C VAL A 1537 0.58 18.14 55.94
N LEU A 1538 0.80 17.47 54.80
CA LEU A 1538 2.10 17.38 54.16
C LEU A 1538 2.13 18.38 53.01
N SER A 1539 3.14 19.25 52.99
CA SER A 1539 3.18 20.33 52.01
C SER A 1539 3.89 19.89 50.74
N THR A 1540 3.33 20.29 49.60
CA THR A 1540 3.93 20.04 48.29
C THR A 1540 3.32 20.99 47.29
N ALA A 1541 4.17 21.69 46.55
CA ALA A 1541 3.71 22.65 45.55
C ALA A 1541 3.86 22.10 44.14
N HIS A 1552 0.38 21.25 49.53
CA HIS A 1552 -0.16 20.83 50.82
C HIS A 1552 -1.51 20.18 50.63
N PHE A 1553 -1.53 18.88 50.35
CA PHE A 1553 -2.77 18.25 49.93
C PHE A 1553 -3.58 17.53 51.01
N SER A 1554 -3.11 16.40 51.56
CA SER A 1554 -3.94 15.75 52.57
C SER A 1554 -3.17 15.20 53.77
N HIS A 1555 -2.07 14.53 53.50
CA HIS A 1555 -1.18 13.91 54.48
C HIS A 1555 -1.80 12.71 55.20
N GLY A 1556 -3.10 12.51 55.06
CA GLY A 1556 -3.74 11.39 55.71
C GLY A 1556 -4.52 10.56 54.71
N GLU A 1557 -4.98 11.20 53.65
CA GLU A 1557 -5.59 10.46 52.55
C GLU A 1557 -4.54 9.73 51.74
N TYR A 1558 -3.37 10.36 51.55
CA TYR A 1558 -2.32 9.77 50.73
C TYR A 1558 -1.93 8.39 51.26
N PHE A 1559 -1.79 8.26 52.58
CA PHE A 1559 -1.54 6.95 53.17
C PHE A 1559 -2.62 5.96 52.77
N TYR A 1560 -3.85 6.45 52.59
CA TYR A 1560 -4.95 5.54 52.24
C TYR A 1560 -4.89 5.17 50.77
N SER A 1561 -4.88 6.16 49.89
CA SER A 1561 -4.87 5.91 48.44
C SER A 1561 -3.64 5.16 48.00
N LEU A 1562 -2.55 5.25 48.75
CA LEU A 1562 -1.34 4.52 48.39
C LEU A 1562 -1.55 3.02 48.50
N PHE A 1563 -2.20 2.58 49.57
CA PHE A 1563 -2.38 1.15 49.81
C PHE A 1563 -3.82 0.72 49.53
N SER A 1564 -4.78 1.27 50.26
CA SER A 1564 -6.19 1.31 49.86
C SER A 1564 -6.83 -0.06 49.70
N GLU A 1565 -6.05 -1.13 49.81
CA GLU A 1565 -6.55 -2.48 49.60
C GLU A 1565 -6.26 -3.38 50.78
N THR A 1566 -5.03 -3.33 51.29
CA THR A 1566 -4.72 -4.03 52.53
C THR A 1566 -5.33 -3.29 53.72
N ILE A 1567 -5.31 -1.96 53.68
CA ILE A 1567 -6.04 -1.17 54.68
C ILE A 1567 -7.48 -1.66 54.77
N ASN A 1568 -8.18 -1.65 53.65
CA ASN A 1568 -9.59 -1.99 53.64
C ASN A 1568 -9.85 -3.47 53.90
N THR A 1569 -8.86 -4.34 53.67
CA THR A 1569 -9.11 -5.72 54.05
C THR A 1569 -8.76 -5.99 55.50
N GLU A 1570 -8.12 -5.03 56.18
CA GLU A 1570 -8.05 -5.09 57.63
C GLU A 1570 -9.29 -4.48 58.27
N LEU A 1571 -9.80 -3.38 57.73
CA LEU A 1571 -11.04 -2.84 58.28
C LEU A 1571 -12.20 -3.81 58.13
N LEU A 1572 -12.28 -4.51 57.00
CA LEU A 1572 -13.26 -5.59 56.90
C LEU A 1572 -12.86 -6.87 57.60
N LYS A 1573 -11.72 -6.88 58.32
CA LYS A 1573 -11.39 -8.05 59.14
C LYS A 1573 -12.20 -8.06 60.42
N ASN A 1574 -12.45 -6.89 60.99
CA ASN A 1574 -13.28 -6.74 62.19
C ASN A 1574 -14.27 -5.62 61.95
N LEU A 1575 -15.55 -5.96 61.91
CA LEU A 1575 -16.61 -4.98 61.70
C LEU A 1575 -17.12 -4.48 63.05
N ASP A 1576 -18.02 -3.50 62.98
CA ASP A 1576 -18.77 -2.98 64.12
C ASP A 1576 -17.90 -2.12 65.02
N LEU A 1577 -16.61 -2.08 64.74
CA LEU A 1577 -15.69 -1.18 65.44
C LEU A 1577 -14.90 -0.29 64.49
N ALA A 1578 -14.41 -0.87 63.39
CA ALA A 1578 -13.82 -0.06 62.33
C ALA A 1578 -14.84 0.94 61.81
N VAL A 1579 -16.05 0.47 61.52
CA VAL A 1579 -17.10 1.34 61.01
C VAL A 1579 -17.53 2.34 62.09
N LEU A 1580 -17.67 1.88 63.33
CA LEU A 1580 -18.10 2.78 64.40
C LEU A 1580 -17.07 3.87 64.65
N GLU A 1581 -15.80 3.47 64.82
CA GLU A 1581 -14.75 4.45 65.06
C GLU A 1581 -14.57 5.37 63.86
N LEU A 1582 -14.89 4.87 62.67
CA LEU A 1582 -14.79 5.71 61.48
C LEU A 1582 -15.87 6.77 61.45
N MET A 1583 -17.14 6.36 61.57
CA MET A 1583 -18.25 7.29 61.53
C MET A 1583 -18.35 8.18 62.75
N GLN A 1584 -17.66 7.86 63.85
CA GLN A 1584 -17.77 8.69 65.04
C GLN A 1584 -17.29 10.11 64.75
N SER A 1585 -16.17 10.25 64.06
CA SER A 1585 -15.67 11.57 63.63
C SER A 1585 -16.15 11.94 62.24
N SER A 1586 -17.47 11.85 62.02
CA SER A 1586 -18.02 12.15 60.70
C SER A 1586 -18.06 13.65 60.44
N VAL A 1587 -18.44 14.44 61.45
CA VAL A 1587 -18.56 15.87 61.26
C VAL A 1587 -17.20 16.54 61.15
N ASP A 1588 -16.14 15.88 61.63
CA ASP A 1588 -14.83 16.49 61.62
C ASP A 1588 -14.12 16.23 60.30
N ASN A 1589 -13.91 14.97 59.96
CA ASN A 1589 -13.27 14.58 58.71
C ASN A 1589 -14.32 13.91 57.84
N THR A 1590 -15.15 14.71 57.19
CA THR A 1590 -16.22 14.13 56.39
C THR A 1590 -15.67 13.57 55.08
N LYS A 1591 -14.72 14.29 54.47
CA LYS A 1591 -14.03 13.77 53.29
C LYS A 1591 -13.40 12.42 53.58
N MET A 1592 -12.63 12.34 54.66
CA MET A 1592 -11.92 11.11 54.97
C MET A 1592 -12.87 9.97 55.33
N VAL A 1593 -13.90 10.26 56.16
CA VAL A 1593 -14.79 9.18 56.57
C VAL A 1593 -15.59 8.68 55.39
N SER A 1594 -16.00 9.58 54.50
CA SER A 1594 -16.69 9.14 53.29
C SER A 1594 -15.78 8.33 52.40
N ALA A 1595 -14.54 8.79 52.21
CA ALA A 1595 -13.58 8.07 51.38
C ALA A 1595 -13.34 6.66 51.90
N VAL A 1596 -13.14 6.52 53.20
CA VAL A 1596 -12.81 5.22 53.76
C VAL A 1596 -14.03 4.31 53.78
N LEU A 1597 -15.21 4.85 54.11
CA LEU A 1597 -16.42 4.03 54.09
C LEU A 1597 -16.75 3.56 52.68
N ASN A 1598 -16.61 4.46 51.70
CA ASN A 1598 -16.83 4.12 50.31
C ASN A 1598 -15.83 3.08 49.82
N GLY A 1599 -14.55 3.22 50.22
CA GLY A 1599 -13.57 2.22 49.88
C GLY A 1599 -13.87 0.87 50.51
N MET A 1600 -14.31 0.87 51.76
CA MET A 1600 -14.74 -0.39 52.38
C MET A 1600 -15.89 -1.00 51.61
N LEU A 1601 -16.81 -0.15 51.15
CA LEU A 1601 -18.00 -0.64 50.44
C LEU A 1601 -17.63 -1.27 49.11
N ASP A 1602 -16.85 -0.58 48.29
CA ASP A 1602 -16.54 -1.16 46.99
C ASP A 1602 -15.51 -2.28 47.11
N GLN A 1603 -14.69 -2.28 48.16
CA GLN A 1603 -13.89 -3.45 48.51
C GLN A 1603 -14.78 -4.67 48.76
N SER A 1604 -15.83 -4.50 49.57
CA SER A 1604 -16.69 -5.62 49.91
C SER A 1604 -17.55 -6.04 48.74
N PHE A 1605 -17.97 -5.09 47.92
CA PHE A 1605 -18.70 -5.42 46.70
C PHE A 1605 -17.82 -6.23 45.76
N ARG A 1606 -16.54 -5.86 45.67
CA ARG A 1606 -15.60 -6.60 44.83
C ARG A 1606 -15.55 -8.07 45.21
N GLU A 1607 -15.47 -8.37 46.51
CA GLU A 1607 -15.45 -9.75 46.98
C GLU A 1607 -16.82 -10.16 47.50
N ARG A 1608 -17.72 -10.45 46.56
CA ARG A 1608 -19.02 -11.00 46.91
C ARG A 1608 -19.26 -12.40 46.38
N ALA A 1609 -18.42 -12.87 45.45
CA ALA A 1609 -18.64 -14.18 44.84
C ALA A 1609 -18.59 -15.29 45.87
N ASN A 1610 -17.61 -15.24 46.77
CA ASN A 1610 -17.52 -16.18 47.87
C ASN A 1610 -17.80 -15.55 49.22
N GLN A 1611 -17.90 -14.22 49.27
CA GLN A 1611 -18.04 -13.48 50.52
C GLN A 1611 -19.13 -12.43 50.42
N LYS A 1612 -20.31 -12.82 49.92
CA LYS A 1612 -21.47 -11.93 50.04
C LYS A 1612 -22.03 -12.11 51.46
N HIS A 1613 -21.16 -12.00 52.44
CA HIS A 1613 -21.50 -12.01 53.85
C HIS A 1613 -21.01 -10.77 54.57
N GLN A 1614 -19.77 -10.36 54.33
CA GLN A 1614 -19.29 -9.12 54.91
C GLN A 1614 -19.97 -7.92 54.28
N GLY A 1615 -20.42 -8.04 53.02
CA GLY A 1615 -21.14 -6.93 52.42
C GLY A 1615 -22.43 -6.61 53.15
N LEU A 1616 -23.23 -7.65 53.43
CA LEU A 1616 -24.48 -7.44 54.15
C LEU A 1616 -24.20 -6.91 55.56
N LYS A 1617 -23.21 -7.50 56.23
CA LYS A 1617 -22.94 -7.08 57.60
C LYS A 1617 -22.48 -5.64 57.66
N LEU A 1618 -21.60 -5.22 56.74
CA LEU A 1618 -21.11 -3.85 56.85
C LEU A 1618 -22.14 -2.85 56.35
N ALA A 1619 -23.00 -3.23 55.39
CA ALA A 1619 -24.09 -2.35 55.00
C ALA A 1619 -25.05 -2.13 56.16
N THR A 1620 -25.54 -3.22 56.76
CA THR A 1620 -26.43 -3.10 57.91
C THR A 1620 -25.75 -2.35 59.05
N THR A 1621 -24.43 -2.53 59.21
CA THR A 1621 -23.74 -1.91 60.34
C THR A 1621 -23.55 -0.42 60.13
N ILE A 1622 -23.28 0.01 58.88
CA ILE A 1622 -23.15 1.45 58.65
C ILE A 1622 -24.53 2.06 58.48
N LEU A 1623 -25.58 1.23 58.51
CA LEU A 1623 -26.93 1.75 58.66
C LEU A 1623 -27.29 1.92 60.13
N GLN A 1624 -26.84 0.99 60.99
CA GLN A 1624 -27.18 1.06 62.41
C GLN A 1624 -26.61 2.30 63.08
N HIS A 1625 -25.67 2.98 62.43
CA HIS A 1625 -25.10 4.22 62.96
C HIS A 1625 -25.47 5.42 62.11
N TRP A 1626 -26.51 5.31 61.27
CA TRP A 1626 -26.81 6.36 60.31
C TRP A 1626 -27.13 7.68 61.00
N LYS A 1627 -27.64 7.62 62.23
CA LYS A 1627 -27.94 8.85 62.96
C LYS A 1627 -26.68 9.59 63.36
N LYS A 1628 -25.51 8.95 63.21
CA LYS A 1628 -24.26 9.64 63.50
C LYS A 1628 -23.80 10.43 62.29
N CYS A 1629 -23.70 9.78 61.13
CA CYS A 1629 -23.47 10.47 59.86
C CYS A 1629 -24.78 11.13 59.43
N ASP A 1630 -25.12 12.21 60.12
CA ASP A 1630 -26.42 12.86 60.02
C ASP A 1630 -26.35 14.28 59.52
N SER A 1631 -25.29 15.02 59.86
CA SER A 1631 -25.14 16.39 59.37
C SER A 1631 -24.97 16.46 57.87
N TRP A 1632 -24.68 15.32 57.22
CA TRP A 1632 -24.42 15.32 55.78
C TRP A 1632 -25.65 15.71 54.99
N TRP A 1633 -26.78 15.07 55.26
CA TRP A 1633 -28.00 15.25 54.48
C TRP A 1633 -28.90 16.35 55.00
N ALA A 1634 -28.55 16.96 56.13
CA ALA A 1634 -29.34 18.04 56.67
C ALA A 1634 -29.39 19.22 55.69
N LYS A 1635 -30.29 20.15 55.97
CA LYS A 1635 -30.44 21.31 55.11
C LYS A 1635 -29.20 22.19 55.17
N ASP A 1636 -29.07 23.07 54.18
CA ASP A 1636 -27.95 24.00 54.03
C ASP A 1636 -26.60 23.34 54.29
N SER A 1637 -26.49 22.05 53.96
CA SER A 1637 -25.21 21.37 53.92
C SER A 1637 -24.49 21.72 52.63
N PRO A 1638 -23.19 21.43 52.53
CA PRO A 1638 -22.52 21.56 51.24
C PRO A 1638 -23.20 20.69 50.20
N LEU A 1639 -23.67 21.31 49.13
CA LEU A 1639 -24.46 20.57 48.14
C LEU A 1639 -23.53 19.77 47.24
N GLU A 1640 -22.61 19.09 47.87
CA GLU A 1640 -21.70 18.06 47.37
C GLU A 1640 -21.67 16.87 48.29
N THR A 1641 -22.00 17.06 49.57
CA THR A 1641 -22.09 15.95 50.50
C THR A 1641 -23.47 15.31 50.49
N LYS A 1642 -24.49 16.05 50.04
CA LYS A 1642 -25.79 15.44 49.82
C LYS A 1642 -25.72 14.38 48.73
N MET A 1643 -25.13 14.73 47.59
CA MET A 1643 -24.96 13.73 46.55
C MET A 1643 -23.91 12.70 46.91
N ALA A 1644 -22.95 13.06 47.77
CA ALA A 1644 -21.99 12.08 48.29
C ALA A 1644 -22.69 11.02 49.14
N VAL A 1645 -23.60 11.43 50.01
CA VAL A 1645 -24.31 10.46 50.83
C VAL A 1645 -25.33 9.71 49.99
N LEU A 1646 -25.87 10.34 48.94
CA LEU A 1646 -26.73 9.61 48.03
C LEU A 1646 -25.96 8.49 47.32
N ALA A 1647 -24.74 8.77 46.87
CA ALA A 1647 -23.92 7.74 46.24
C ALA A 1647 -23.57 6.63 47.23
N LEU A 1648 -23.16 7.02 48.45
CA LEU A 1648 -22.88 6.06 49.50
C LEU A 1648 -24.09 5.19 49.80
N LEU A 1649 -25.27 5.80 49.81
CA LEU A 1649 -26.48 5.11 50.21
C LEU A 1649 -26.99 4.18 49.12
N ALA A 1650 -26.88 4.61 47.86
CA ALA A 1650 -27.09 3.71 46.73
C ALA A 1650 -26.18 2.50 46.82
N LYS A 1651 -24.91 2.72 47.16
CA LYS A 1651 -23.98 1.61 47.36
C LYS A 1651 -24.49 0.68 48.44
N ILE A 1652 -24.89 1.24 49.59
CA ILE A 1652 -25.36 0.42 50.71
C ILE A 1652 -26.53 -0.45 50.30
N LEU A 1653 -27.53 0.16 49.64
CA LEU A 1653 -28.72 -0.60 49.26
C LEU A 1653 -28.41 -1.64 48.20
N GLN A 1654 -27.50 -1.33 47.26
CA GLN A 1654 -27.15 -2.31 46.25
C GLN A 1654 -26.45 -3.51 46.86
N ILE A 1655 -25.67 -3.30 47.92
CA ILE A 1655 -24.99 -4.44 48.57
C ILE A 1655 -26.00 -5.39 49.18
N ASP A 1656 -26.78 -4.91 50.15
CA ASP A 1656 -27.64 -5.80 50.90
C ASP A 1656 -28.84 -6.26 50.06
N SER A 1657 -29.57 -7.23 50.60
CA SER A 1657 -30.75 -7.75 49.93
C SER A 1657 -31.90 -6.74 50.04
N SER A 1658 -33.05 -7.11 49.49
CA SER A 1658 -34.26 -6.29 49.61
C SER A 1658 -34.83 -6.45 51.01
N VAL A 1659 -34.18 -5.76 51.95
CA VAL A 1659 -34.52 -5.91 53.37
C VAL A 1659 -34.85 -4.59 54.06
N SER A 1660 -34.34 -3.45 53.61
CA SER A 1660 -34.48 -2.23 54.40
C SER A 1660 -35.83 -1.55 54.24
N PHE A 1661 -36.93 -2.26 54.51
CA PHE A 1661 -38.24 -1.63 54.53
C PHE A 1661 -39.16 -2.04 55.68
N ASN A 1662 -38.96 -3.20 56.30
CA ASN A 1662 -39.98 -3.82 57.14
C ASN A 1662 -39.51 -3.99 58.58
N THR A 1663 -40.37 -3.62 59.53
CA THR A 1663 -40.18 -3.85 60.95
C THR A 1663 -38.85 -3.25 61.43
N SER A 1664 -38.43 -2.16 60.77
CA SER A 1664 -37.15 -1.51 61.06
C SER A 1664 -36.00 -2.52 60.99
N HIS A 1665 -35.87 -3.16 59.83
CA HIS A 1665 -34.76 -4.09 59.62
C HIS A 1665 -33.43 -3.38 59.86
N GLY A 1666 -33.16 -2.35 59.06
CA GLY A 1666 -32.15 -1.38 59.42
C GLY A 1666 -32.82 -0.23 60.15
N SER A 1667 -32.41 0.99 59.85
CA SER A 1667 -33.04 2.16 60.45
C SER A 1667 -34.15 2.71 59.57
N PHE A 1668 -35.21 1.91 59.38
CA PHE A 1668 -36.39 2.25 58.59
C PHE A 1668 -36.78 3.71 58.73
N PRO A 1669 -37.15 4.19 59.92
CA PRO A 1669 -37.65 5.58 59.99
C PRO A 1669 -36.59 6.59 59.59
N GLU A 1670 -35.39 6.47 60.17
CA GLU A 1670 -34.37 7.48 59.99
C GLU A 1670 -33.63 7.37 58.67
N VAL A 1671 -33.80 6.28 57.91
CA VAL A 1671 -33.22 6.25 56.58
C VAL A 1671 -34.22 6.73 55.53
N PHE A 1672 -35.49 6.29 55.62
CA PHE A 1672 -36.51 6.94 54.81
C PHE A 1672 -36.54 8.44 55.00
N THR A 1673 -36.54 8.94 56.24
CA THR A 1673 -36.52 10.39 56.42
C THR A 1673 -35.45 11.05 55.54
N THR A 1674 -34.31 10.38 55.37
CA THR A 1674 -33.27 10.91 54.49
C THR A 1674 -33.70 10.88 53.03
N TYR A 1675 -34.27 9.75 52.57
CA TYR A 1675 -34.68 9.69 51.17
C TYR A 1675 -35.77 10.72 50.86
N ILE A 1676 -36.80 10.75 51.71
CA ILE A 1676 -37.91 11.69 51.57
C ILE A 1676 -37.39 13.12 51.61
N SER A 1677 -36.39 13.39 52.45
CA SER A 1677 -35.91 14.75 52.59
C SER A 1677 -35.05 15.17 51.38
N LEU A 1678 -34.26 14.24 50.85
CA LEU A 1678 -33.46 14.55 49.68
C LEU A 1678 -34.31 14.61 48.42
N LEU A 1679 -35.45 13.93 48.40
CA LEU A 1679 -36.39 14.03 47.29
C LEU A 1679 -37.54 14.99 47.57
N ALA A 1680 -37.48 15.75 48.66
CA ALA A 1680 -38.57 16.63 49.05
C ALA A 1680 -38.29 18.10 48.76
N ASP A 1681 -37.19 18.62 49.28
CA ASP A 1681 -37.05 20.06 49.44
C ASP A 1681 -36.73 20.76 48.12
N THR A 1682 -37.30 21.95 47.95
CA THR A 1682 -37.07 22.77 46.76
C THR A 1682 -35.84 23.66 46.98
N LYS A 1683 -34.73 23.01 47.31
CA LYS A 1683 -33.43 23.64 47.28
C LYS A 1683 -32.38 22.78 46.58
N LEU A 1684 -32.72 21.54 46.25
CA LEU A 1684 -31.82 20.65 45.55
C LEU A 1684 -31.99 20.87 44.04
N ASP A 1685 -31.42 20.00 43.23
CA ASP A 1685 -31.47 20.15 41.78
C ASP A 1685 -32.24 19.02 41.14
N LEU A 1686 -32.25 19.00 39.80
CA LEU A 1686 -33.00 17.98 39.08
C LEU A 1686 -32.14 16.76 38.79
N HIS A 1687 -30.86 16.97 38.50
CA HIS A 1687 -29.96 15.83 38.29
C HIS A 1687 -29.66 15.13 39.61
N LEU A 1688 -29.64 15.88 40.71
CA LEU A 1688 -29.45 15.25 42.01
C LEU A 1688 -30.56 14.27 42.31
N LYS A 1689 -31.82 14.67 42.05
CA LYS A 1689 -32.94 13.77 42.29
C LYS A 1689 -33.05 12.70 41.21
N GLY A 1690 -32.58 12.96 40.00
CA GLY A 1690 -32.46 11.90 39.03
C GLY A 1690 -31.53 10.81 39.51
N GLN A 1691 -30.44 11.20 40.18
CA GLN A 1691 -29.66 10.24 40.94
C GLN A 1691 -30.50 9.62 42.04
N ALA A 1692 -31.23 10.44 42.79
CA ALA A 1692 -32.10 9.93 43.83
C ALA A 1692 -33.14 8.98 43.27
N VAL A 1693 -33.76 9.33 42.13
CA VAL A 1693 -34.79 8.41 41.68
C VAL A 1693 -34.09 7.29 40.94
N THR A 1694 -33.34 6.50 41.70
CA THR A 1694 -32.89 5.17 41.36
C THR A 1694 -32.94 4.33 42.63
N LEU A 1695 -33.09 4.97 43.79
CA LEU A 1695 -33.49 4.30 45.01
C LEU A 1695 -34.89 3.73 44.90
N LEU A 1696 -35.72 4.30 44.03
CA LEU A 1696 -37.13 3.92 43.98
C LEU A 1696 -37.33 2.42 43.82
N PRO A 1697 -36.64 1.71 42.92
CA PRO A 1697 -36.84 0.25 42.85
C PRO A 1697 -36.55 -0.47 44.15
N PHE A 1698 -35.90 0.16 45.11
CA PHE A 1698 -35.73 -0.41 46.44
C PHE A 1698 -36.89 -0.08 47.37
N PHE A 1699 -37.72 0.90 47.01
CA PHE A 1699 -38.65 1.48 47.99
C PHE A 1699 -40.07 1.56 47.46
N THR A 1700 -40.39 0.86 46.38
CA THR A 1700 -41.73 0.82 45.87
C THR A 1700 -42.54 -0.35 46.42
N SER A 1701 -41.91 -1.25 47.18
CA SER A 1701 -42.60 -2.37 47.80
C SER A 1701 -43.09 -2.03 49.20
N LEU A 1702 -43.17 -0.74 49.54
CA LEU A 1702 -43.62 -0.30 50.84
C LEU A 1702 -45.14 -0.49 50.94
N THR A 1703 -45.73 -0.01 52.04
CA THR A 1703 -47.17 -0.14 52.26
C THR A 1703 -47.75 1.15 52.84
N GLY A 1704 -48.99 1.08 53.30
CA GLY A 1704 -49.87 2.24 53.41
C GLY A 1704 -49.28 3.55 53.85
N GLY A 1705 -48.77 3.64 55.07
CA GLY A 1705 -48.29 4.91 55.57
C GLY A 1705 -47.06 5.42 54.85
N SER A 1706 -46.00 4.60 54.86
CA SER A 1706 -44.75 5.02 54.25
C SER A 1706 -44.86 5.13 52.74
N LEU A 1707 -45.57 4.19 52.10
CA LEU A 1707 -45.75 4.27 50.66
C LEU A 1707 -46.60 5.48 50.28
N GLU A 1708 -47.62 5.79 51.09
CA GLU A 1708 -48.44 6.96 50.82
C GLU A 1708 -47.62 8.23 50.96
N GLU A 1709 -46.73 8.31 51.97
CA GLU A 1709 -45.86 9.47 52.11
C GLU A 1709 -44.88 9.58 50.95
N LEU A 1710 -44.30 8.45 50.53
CA LEU A 1710 -43.37 8.46 49.40
C LEU A 1710 -44.07 8.89 48.12
N ARG A 1711 -45.29 8.40 47.91
CA ARG A 1711 -46.05 8.80 46.73
C ARG A 1711 -46.42 10.27 46.79
N ARG A 1712 -46.76 10.77 47.98
CA ARG A 1712 -46.95 12.21 48.15
C ARG A 1712 -45.73 12.96 47.66
N VAL A 1713 -44.55 12.63 48.19
CA VAL A 1713 -43.37 13.42 47.91
C VAL A 1713 -42.96 13.29 46.44
N LEU A 1714 -43.17 12.11 45.85
CA LEU A 1714 -42.99 11.96 44.41
C LEU A 1714 -43.94 12.89 43.65
N GLU A 1715 -45.18 13.01 44.13
CA GLU A 1715 -46.14 13.86 43.45
C GLU A 1715 -45.77 15.34 43.55
N GLN A 1716 -45.24 15.78 44.70
CA GLN A 1716 -44.76 17.16 44.73
C GLN A 1716 -43.52 17.34 43.85
N LEU A 1717 -42.65 16.34 43.77
CA LEU A 1717 -41.59 16.37 42.77
C LEU A 1717 -42.15 16.64 41.37
N ILE A 1718 -43.16 15.86 41.00
CA ILE A 1718 -43.73 15.96 39.65
C ILE A 1718 -44.37 17.32 39.44
N VAL A 1719 -45.15 17.79 40.41
CA VAL A 1719 -45.85 19.06 40.20
C VAL A 1719 -44.86 20.22 40.19
N ALA A 1720 -43.82 20.17 41.02
CA ALA A 1720 -42.93 21.30 41.22
C ALA A 1720 -41.82 21.41 40.19
N HIS A 1721 -41.40 20.31 39.57
CA HIS A 1721 -40.27 20.37 38.66
C HIS A 1721 -40.57 19.90 37.24
N PHE A 1722 -41.77 19.43 36.97
CA PHE A 1722 -42.05 18.84 35.68
C PHE A 1722 -42.79 19.83 34.79
N PRO A 1723 -42.56 19.78 33.47
CA PRO A 1723 -43.36 20.60 32.57
C PRO A 1723 -44.84 20.26 32.68
N MET A 1724 -45.68 21.29 32.53
CA MET A 1724 -47.05 21.22 33.04
C MET A 1724 -47.89 20.19 32.28
N GLN A 1725 -47.82 20.17 30.95
CA GLN A 1725 -48.58 19.18 30.22
C GLN A 1725 -47.79 18.46 29.14
N SER A 1726 -46.77 19.11 28.59
CA SER A 1726 -46.09 18.61 27.41
C SER A 1726 -44.65 19.12 27.44
N ARG A 1727 -44.01 19.16 26.27
CA ARG A 1727 -42.64 19.66 26.17
C ARG A 1727 -42.54 21.13 26.56
N GLU A 1728 -43.10 22.01 25.72
CA GLU A 1728 -42.99 23.47 25.88
C GLU A 1728 -41.55 23.93 26.14
N PHE A 1729 -40.57 23.08 25.79
CA PHE A 1729 -39.14 23.32 25.91
C PHE A 1729 -38.44 23.01 24.60
N PRO A 1730 -37.68 23.95 24.05
CA PRO A 1730 -36.83 23.63 22.90
C PRO A 1730 -35.78 22.61 23.28
N PRO A 1731 -35.44 21.68 22.39
CA PRO A 1731 -34.42 20.68 22.74
C PRO A 1731 -33.03 21.30 22.78
N GLY A 1732 -32.52 21.48 23.99
CA GLY A 1732 -31.22 22.11 24.21
C GLY A 1732 -31.19 23.10 25.35
N THR A 1733 -32.32 23.70 25.68
CA THR A 1733 -32.37 24.64 26.79
C THR A 1733 -32.07 23.92 28.11
N PRO A 1734 -31.56 24.63 29.12
CA PRO A 1734 -31.20 23.94 30.36
C PRO A 1734 -32.40 23.66 31.28
N ARG A 1735 -33.49 23.22 30.68
CA ARG A 1735 -34.59 22.55 31.36
C ARG A 1735 -34.98 21.27 30.64
N PHE A 1736 -34.97 21.29 29.31
CA PHE A 1736 -35.37 20.12 28.54
C PHE A 1736 -34.45 18.95 28.80
N ASN A 1737 -33.13 19.19 28.88
CA ASN A 1737 -32.19 18.10 29.11
C ASN A 1737 -32.35 17.53 30.51
N ASN A 1738 -32.50 18.41 31.51
CA ASN A 1738 -32.80 17.97 32.86
C ASN A 1738 -34.09 17.16 32.90
N TYR A 1739 -35.13 17.67 32.22
CA TYR A 1739 -36.40 16.96 32.19
C TYR A 1739 -36.28 15.58 31.56
N VAL A 1740 -35.58 15.46 30.44
CA VAL A 1740 -35.43 14.16 29.79
C VAL A 1740 -34.62 13.22 30.67
N ASP A 1741 -33.57 13.72 31.32
CA ASP A 1741 -32.79 12.90 32.23
C ASP A 1741 -33.67 12.36 33.36
N CYS A 1742 -34.38 13.25 34.05
CA CYS A 1742 -35.22 12.84 35.17
C CYS A 1742 -36.30 11.88 34.71
N MET A 1743 -36.91 12.14 33.55
CA MET A 1743 -37.97 11.29 33.03
C MET A 1743 -37.46 9.90 32.68
N LYS A 1744 -36.31 9.82 32.00
CA LYS A 1744 -35.80 8.51 31.64
C LYS A 1744 -35.34 7.74 32.88
N LYS A 1745 -34.89 8.44 33.91
CA LYS A 1745 -34.56 7.74 35.14
C LYS A 1745 -35.81 7.23 35.85
N PHE A 1746 -36.86 8.05 35.91
CA PHE A 1746 -38.17 7.58 36.36
C PHE A 1746 -38.59 6.33 35.59
N LEU A 1747 -38.38 6.36 34.27
CA LEU A 1747 -38.90 5.34 33.39
C LEU A 1747 -38.15 4.03 33.54
N ASP A 1748 -36.83 4.10 33.70
CA ASP A 1748 -36.07 2.87 33.87
C ASP A 1748 -36.19 2.32 35.28
N ALA A 1749 -36.32 3.19 36.29
CA ALA A 1749 -36.73 2.74 37.61
C ALA A 1749 -38.03 1.96 37.53
N LEU A 1750 -39.05 2.54 36.91
CA LEU A 1750 -40.35 1.89 36.77
C LEU A 1750 -40.23 0.58 35.99
N GLU A 1751 -39.28 0.50 35.06
CA GLU A 1751 -39.07 -0.77 34.36
C GLU A 1751 -38.35 -1.78 35.26
N LEU A 1752 -37.63 -1.31 36.28
CA LEU A 1752 -37.04 -2.24 37.24
C LEU A 1752 -38.08 -2.79 38.20
N SER A 1753 -38.67 -1.91 39.01
CA SER A 1753 -39.72 -2.28 39.95
C SER A 1753 -41.06 -2.18 39.25
N GLN A 1754 -41.74 -3.30 39.06
CA GLN A 1754 -43.04 -3.27 38.42
C GLN A 1754 -44.05 -2.71 39.40
N SER A 1755 -43.94 -1.41 39.67
CA SER A 1755 -44.68 -0.79 40.75
C SER A 1755 -45.88 -0.05 40.18
N PRO A 1756 -47.11 -0.43 40.53
CA PRO A 1756 -48.28 0.28 39.99
C PRO A 1756 -48.20 1.80 40.07
N MET A 1757 -48.02 2.38 41.25
CA MET A 1757 -48.16 3.83 41.34
C MET A 1757 -47.08 4.57 40.55
N LEU A 1758 -45.98 3.90 40.21
CA LEU A 1758 -45.06 4.47 39.25
C LEU A 1758 -45.70 4.52 37.86
N LEU A 1759 -46.49 3.49 37.50
CA LEU A 1759 -47.28 3.58 36.28
C LEU A 1759 -48.31 4.69 36.36
N GLU A 1760 -49.02 4.83 37.49
CA GLU A 1760 -49.90 5.98 37.65
C GLU A 1760 -49.19 7.28 37.29
N LEU A 1761 -48.06 7.56 37.94
CA LEU A 1761 -47.40 8.85 37.71
C LEU A 1761 -46.94 8.96 36.27
N MET A 1762 -46.35 7.90 35.72
CA MET A 1762 -45.69 8.01 34.43
C MET A 1762 -46.71 8.07 33.29
N THR A 1763 -47.78 7.29 33.36
CA THR A 1763 -48.87 7.44 32.42
C THR A 1763 -49.55 8.79 32.54
N GLU A 1764 -49.78 9.23 33.78
CA GLU A 1764 -50.41 10.51 34.05
C GLU A 1764 -49.69 11.63 33.31
N VAL A 1765 -48.36 11.67 33.44
CA VAL A 1765 -47.58 12.69 32.75
C VAL A 1765 -47.56 12.42 31.26
N LEU A 1766 -47.45 11.15 30.86
CA LEU A 1766 -47.44 10.79 29.44
C LEU A 1766 -48.75 11.18 28.76
N CYS A 1767 -49.84 10.53 29.15
CA CYS A 1767 -51.14 10.74 28.52
C CYS A 1767 -51.77 12.03 29.05
N ARG A 1768 -51.09 13.13 28.77
CA ARG A 1768 -51.59 14.45 29.12
C ARG A 1768 -51.30 15.48 28.04
N GLU A 1769 -50.71 15.09 26.91
CA GLU A 1769 -50.50 15.94 25.75
C GLU A 1769 -50.99 15.21 24.52
N GLN A 1770 -50.93 15.87 23.36
CA GLN A 1770 -51.34 15.22 22.12
C GLN A 1770 -50.45 14.02 21.83
N GLN A 1771 -49.14 14.18 21.99
CA GLN A 1771 -48.19 13.08 21.84
C GLN A 1771 -46.90 13.49 22.51
N HIS A 1772 -46.49 12.76 23.54
CA HIS A 1772 -45.29 13.09 24.28
C HIS A 1772 -44.08 12.98 23.37
N VAL A 1773 -43.02 13.71 23.73
CA VAL A 1773 -41.80 13.70 22.92
C VAL A 1773 -41.14 12.32 22.95
N MET A 1774 -41.21 11.63 24.08
CA MET A 1774 -40.54 10.35 24.28
C MET A 1774 -41.46 9.16 24.14
N GLU A 1775 -42.50 9.27 23.30
CA GLU A 1775 -43.53 8.23 23.20
C GLU A 1775 -42.94 6.84 23.03
N GLU A 1776 -41.95 6.71 22.16
CA GLU A 1776 -41.39 5.38 21.89
C GLU A 1776 -40.67 4.82 23.11
N LEU A 1777 -40.02 5.68 23.88
CA LEU A 1777 -39.40 5.26 25.13
C LEU A 1777 -40.44 4.71 26.09
N PHE A 1778 -41.50 5.50 26.34
CA PHE A 1778 -42.61 5.04 27.17
C PHE A 1778 -43.13 3.68 26.71
N GLN A 1779 -43.35 3.54 25.40
CA GLN A 1779 -43.97 2.31 24.90
C GLN A 1779 -43.06 1.11 25.07
N SER A 1780 -41.77 1.27 24.78
CA SER A 1780 -40.83 0.17 25.02
C SER A 1780 -40.76 -0.17 26.50
N SER A 1781 -40.79 0.85 27.35
CA SER A 1781 -40.80 0.63 28.79
C SER A 1781 -41.99 -0.23 29.21
N PHE A 1782 -43.19 0.16 28.75
CA PHE A 1782 -44.39 -0.61 29.06
C PHE A 1782 -44.30 -2.02 28.51
N ARG A 1783 -43.69 -2.18 27.33
CA ARG A 1783 -43.48 -3.52 26.78
C ARG A 1783 -42.65 -4.37 27.72
N ARG A 1784 -41.57 -3.80 28.27
CA ARG A 1784 -40.81 -4.52 29.29
C ARG A 1784 -41.64 -4.78 30.53
N ILE A 1785 -42.34 -3.76 31.03
CA ILE A 1785 -43.11 -3.86 32.27
C ILE A 1785 -44.07 -5.04 32.22
N ALA A 1786 -44.92 -5.07 31.19
CA ALA A 1786 -45.87 -6.16 31.07
C ALA A 1786 -45.16 -7.50 30.91
N ARG A 1787 -44.04 -7.51 30.18
CA ARG A 1787 -43.27 -8.74 29.96
C ARG A 1787 -42.30 -8.95 31.13
N ARG A 1788 -42.86 -9.39 32.26
CA ARG A 1788 -41.97 -9.68 33.38
C ARG A 1788 -42.25 -10.99 34.10
N GLY A 1789 -43.45 -11.54 34.07
CA GLY A 1789 -43.80 -12.55 35.04
C GLY A 1789 -44.32 -11.90 36.31
N SER A 1790 -44.56 -12.74 37.32
CA SER A 1790 -45.23 -12.32 38.54
C SER A 1790 -46.62 -11.77 38.21
N CYS A 1791 -47.45 -12.70 37.75
CA CYS A 1791 -48.73 -12.37 37.12
C CYS A 1791 -49.61 -11.51 38.02
N VAL A 1792 -49.47 -11.64 39.34
CA VAL A 1792 -50.25 -10.78 40.24
C VAL A 1792 -49.83 -9.33 40.07
N THR A 1793 -48.53 -9.08 39.91
CA THR A 1793 -48.07 -7.72 39.66
C THR A 1793 -48.53 -7.22 38.30
N GLN A 1794 -48.53 -8.11 37.29
CA GLN A 1794 -49.08 -7.76 35.99
C GLN A 1794 -50.51 -7.29 36.11
N VAL A 1795 -51.35 -8.09 36.77
CA VAL A 1795 -52.76 -7.74 36.94
C VAL A 1795 -52.88 -6.46 37.76
N GLY A 1796 -51.94 -6.22 38.68
CA GLY A 1796 -51.98 -4.99 39.44
C GLY A 1796 -51.71 -3.77 38.58
N LEU A 1797 -50.75 -3.88 37.67
CA LEU A 1797 -50.49 -2.78 36.74
C LEU A 1797 -51.70 -2.53 35.86
N LEU A 1798 -52.28 -3.62 35.33
CA LEU A 1798 -53.48 -3.54 34.51
C LEU A 1798 -54.60 -2.83 35.26
N GLU A 1799 -54.95 -3.34 36.44
CA GLU A 1799 -56.02 -2.74 37.24
C GLU A 1799 -55.69 -1.31 37.64
N SER A 1800 -54.41 -0.97 37.81
CA SER A 1800 -54.06 0.37 38.23
C SER A 1800 -54.34 1.38 37.14
N VAL A 1801 -53.88 1.09 35.92
CA VAL A 1801 -54.15 2.01 34.81
C VAL A 1801 -55.64 1.98 34.45
N TYR A 1802 -56.25 0.79 34.51
CA TYR A 1802 -57.69 0.69 34.30
C TYR A 1802 -58.43 1.64 35.23
N GLU A 1803 -58.28 1.46 36.54
CA GLU A 1803 -58.98 2.30 37.50
C GLU A 1803 -58.62 3.77 37.32
N MET A 1804 -57.41 4.06 36.83
CA MET A 1804 -57.07 5.44 36.52
C MET A 1804 -57.95 5.98 35.39
N PHE A 1805 -58.41 5.11 34.50
CA PHE A 1805 -59.30 5.55 33.42
C PHE A 1805 -60.78 5.48 33.81
N ARG A 1806 -61.18 4.35 34.40
CA ARG A 1806 -62.56 4.05 34.74
C ARG A 1806 -63.13 5.00 35.79
N LYS A 1807 -62.27 5.65 36.57
CA LYS A 1807 -62.76 6.46 37.68
C LYS A 1807 -63.51 7.68 37.16
N ASP A 1808 -64.37 8.23 38.02
CA ASP A 1808 -65.26 9.33 37.66
C ASP A 1808 -64.60 10.69 37.84
N ASP A 1809 -63.29 10.75 37.77
CA ASP A 1809 -62.58 12.01 37.87
C ASP A 1809 -62.96 12.93 36.71
N PRO A 1810 -63.22 14.20 36.97
CA PRO A 1810 -63.57 15.12 35.86
C PRO A 1810 -62.39 15.43 34.95
N ARG A 1811 -61.80 14.39 34.37
CA ARG A 1811 -60.68 14.57 33.46
C ARG A 1811 -61.18 14.89 32.06
N LEU A 1812 -60.30 15.51 31.28
CA LEU A 1812 -60.63 15.80 29.89
C LEU A 1812 -60.89 14.50 29.13
N SER A 1813 -61.82 14.58 28.19
CA SER A 1813 -62.12 13.43 27.34
C SER A 1813 -60.88 12.97 26.60
N PHE A 1814 -60.13 13.91 26.03
CA PHE A 1814 -58.92 13.58 25.30
C PHE A 1814 -57.93 12.83 26.18
N THR A 1815 -57.64 13.37 27.36
CA THR A 1815 -56.69 12.73 28.27
C THR A 1815 -57.19 11.36 28.71
N ARG A 1816 -58.49 11.26 29.03
CA ARG A 1816 -59.04 10.00 29.51
C ARG A 1816 -58.94 8.92 28.44
N GLN A 1817 -59.23 9.26 27.18
CA GLN A 1817 -59.11 8.27 26.11
C GLN A 1817 -57.66 8.01 25.76
N SER A 1818 -56.77 8.97 26.04
CA SER A 1818 -55.34 8.72 25.91
C SER A 1818 -54.87 7.65 26.89
N PHE A 1819 -55.40 7.68 28.11
CA PHE A 1819 -55.06 6.70 29.14
C PHE A 1819 -55.20 5.27 28.62
N VAL A 1820 -56.23 5.03 27.82
CA VAL A 1820 -56.42 3.67 27.32
C VAL A 1820 -55.67 3.49 26.01
N ASP A 1821 -55.67 4.49 25.14
CA ASP A 1821 -55.00 4.33 23.85
C ASP A 1821 -53.52 4.00 24.01
N ARG A 1822 -52.74 4.92 24.60
CA ARG A 1822 -51.30 4.75 24.55
C ARG A 1822 -50.68 4.33 25.88
N SER A 1823 -51.48 3.91 26.85
CA SER A 1823 -50.93 3.36 28.08
C SER A 1823 -51.32 1.90 28.31
N LEU A 1824 -52.61 1.59 28.43
CA LEU A 1824 -52.95 0.25 28.87
C LEU A 1824 -53.14 -0.73 27.72
N LEU A 1825 -53.29 -0.25 26.49
CA LEU A 1825 -53.33 -1.17 25.36
C LEU A 1825 -51.99 -1.85 25.17
N THR A 1826 -50.88 -1.13 25.41
CA THR A 1826 -49.56 -1.74 25.31
C THR A 1826 -49.41 -2.85 26.35
N LEU A 1827 -49.81 -2.56 27.58
CA LEU A 1827 -49.73 -3.54 28.66
C LEU A 1827 -50.59 -4.75 28.35
N LEU A 1828 -51.78 -4.50 27.80
CA LEU A 1828 -52.69 -5.60 27.48
C LEU A 1828 -52.17 -6.44 26.32
N TRP A 1829 -51.56 -5.79 25.34
CA TRP A 1829 -51.02 -6.51 24.19
C TRP A 1829 -49.84 -7.38 24.57
N HIS A 1830 -48.98 -6.94 25.47
CA HIS A 1830 -47.73 -7.67 25.60
C HIS A 1830 -47.76 -8.76 26.68
N CYS A 1831 -48.47 -8.55 27.79
CA CYS A 1831 -48.78 -9.65 28.69
C CYS A 1831 -50.08 -9.39 29.41
N SER A 1832 -51.03 -10.32 29.28
CA SER A 1832 -52.15 -10.43 30.20
C SER A 1832 -52.16 -11.78 30.89
N LEU A 1833 -52.18 -12.88 30.12
CA LEU A 1833 -51.88 -14.24 30.55
C LEU A 1833 -52.13 -15.15 29.35
N ASP A 1834 -51.49 -16.32 29.32
CA ASP A 1834 -51.69 -17.24 28.20
C ASP A 1834 -53.14 -17.67 28.09
N ALA A 1835 -53.78 -17.98 29.22
CA ALA A 1835 -55.21 -18.33 29.25
C ALA A 1835 -55.93 -17.39 30.21
N LEU A 1836 -55.68 -16.09 30.07
CA LEU A 1836 -56.09 -15.10 31.06
C LEU A 1836 -57.55 -15.24 31.48
N ARG A 1837 -57.79 -15.03 32.75
CA ARG A 1837 -59.11 -14.66 33.27
C ARG A 1837 -59.07 -13.32 33.98
N GLU A 1838 -58.02 -13.07 34.77
CA GLU A 1838 -58.01 -12.08 35.83
C GLU A 1838 -58.61 -10.73 35.45
N PHE A 1839 -57.97 -10.01 34.52
CA PHE A 1839 -58.40 -8.65 34.25
C PHE A 1839 -59.76 -8.64 33.55
N PHE A 1840 -59.91 -9.46 32.51
CA PHE A 1840 -61.18 -9.49 31.79
C PHE A 1840 -62.30 -9.99 32.69
N SER A 1841 -62.01 -11.00 33.52
CA SER A 1841 -63.03 -11.49 34.45
C SER A 1841 -63.44 -10.42 35.45
N THR A 1842 -62.48 -9.61 35.91
CA THR A 1842 -62.83 -8.50 36.78
C THR A 1842 -63.73 -7.50 36.08
N ILE A 1843 -63.48 -7.21 34.79
CA ILE A 1843 -64.13 -6.07 34.15
C ILE A 1843 -65.35 -6.46 33.30
N VAL A 1844 -65.66 -7.76 33.17
CA VAL A 1844 -66.77 -8.17 32.31
C VAL A 1844 -68.06 -7.45 32.70
N VAL A 1845 -68.60 -7.74 33.88
CA VAL A 1845 -69.78 -7.00 34.30
C VAL A 1845 -69.35 -5.80 35.14
N ASP A 1846 -68.59 -4.94 34.51
CA ASP A 1846 -68.48 -3.51 34.82
C ASP A 1846 -68.33 -2.68 33.56
N ALA A 1847 -67.82 -3.27 32.47
CA ALA A 1847 -67.74 -2.63 31.17
C ALA A 1847 -68.89 -2.99 30.25
N ILE A 1848 -69.42 -4.21 30.34
CA ILE A 1848 -70.65 -4.52 29.61
C ILE A 1848 -71.74 -3.53 30.00
N ASP A 1849 -71.90 -3.27 31.29
CA ASP A 1849 -73.00 -2.43 31.76
C ASP A 1849 -72.85 -0.99 31.27
N VAL A 1850 -71.61 -0.52 31.09
CA VAL A 1850 -71.45 0.85 30.61
C VAL A 1850 -71.58 0.89 29.08
N LEU A 1851 -71.26 -0.22 28.41
CA LEU A 1851 -71.58 -0.29 26.98
C LEU A 1851 -73.09 -0.27 26.75
N LYS A 1852 -73.85 -0.91 27.64
CA LYS A 1852 -75.31 -0.86 27.57
C LYS A 1852 -75.89 0.47 28.03
N SER A 1853 -75.10 1.34 28.66
CA SER A 1853 -75.61 2.60 29.14
C SER A 1853 -76.09 3.45 27.97
N ARG A 1854 -77.00 4.38 28.27
CA ARG A 1854 -77.59 5.22 27.25
C ARG A 1854 -77.11 6.66 27.41
N PHE A 1855 -76.89 7.30 26.28
CA PHE A 1855 -76.32 8.64 26.27
C PHE A 1855 -77.34 9.66 26.74
N THR A 1856 -76.87 10.88 26.96
CA THR A 1856 -77.72 12.04 27.26
C THR A 1856 -77.18 13.25 26.50
N LYS A 1857 -77.71 13.44 25.29
CA LYS A 1857 -77.21 14.47 24.37
C LYS A 1857 -77.81 15.85 24.72
N LEU A 1858 -77.62 16.26 25.96
CA LEU A 1858 -78.05 17.59 26.38
C LEU A 1858 -76.89 18.36 27.01
N ASN A 1859 -75.85 17.64 27.42
CA ASN A 1859 -74.64 18.24 27.95
C ASN A 1859 -73.43 17.75 27.16
N GLU A 1860 -72.58 18.69 26.73
CA GLU A 1860 -71.40 18.33 25.97
C GLU A 1860 -70.48 17.42 26.77
N SER A 1861 -70.24 17.77 28.04
CA SER A 1861 -69.15 17.16 28.80
C SER A 1861 -69.44 15.69 29.11
N THR A 1862 -70.57 15.40 29.76
CA THR A 1862 -70.85 14.03 30.17
C THR A 1862 -71.07 13.14 28.95
N PHE A 1863 -71.71 13.66 27.91
CA PHE A 1863 -71.86 12.90 26.68
C PHE A 1863 -70.50 12.54 26.09
N ASP A 1864 -69.59 13.52 26.01
CA ASP A 1864 -68.25 13.26 25.50
C ASP A 1864 -67.55 12.20 26.34
N THR A 1865 -67.63 12.32 27.67
CA THR A 1865 -66.93 11.37 28.53
C THR A 1865 -67.52 9.97 28.40
N GLN A 1866 -68.84 9.87 28.22
CA GLN A 1866 -69.44 8.55 28.01
C GLN A 1866 -69.00 7.96 26.67
N ILE A 1867 -68.89 8.81 25.65
CA ILE A 1867 -68.38 8.35 24.36
C ILE A 1867 -66.96 7.81 24.52
N THR A 1868 -66.10 8.56 25.22
CA THR A 1868 -64.71 8.15 25.39
C THR A 1868 -64.60 6.86 26.17
N LYS A 1869 -65.38 6.74 27.25
CA LYS A 1869 -65.33 5.51 28.05
C LYS A 1869 -65.85 4.32 27.26
N LYS A 1870 -66.90 4.52 26.45
CA LYS A 1870 -67.43 3.44 25.64
C LYS A 1870 -66.41 3.01 24.58
N MET A 1871 -65.82 3.98 23.89
CA MET A 1871 -64.73 3.70 22.96
C MET A 1871 -63.63 2.89 23.63
N GLY A 1872 -63.20 3.32 24.81
CA GLY A 1872 -62.15 2.59 25.51
C GLY A 1872 -62.53 1.17 25.84
N TYR A 1873 -63.77 0.98 26.31
CA TYR A 1873 -64.22 -0.37 26.63
C TYR A 1873 -64.24 -1.24 25.38
N TYR A 1874 -64.64 -0.67 24.24
CA TYR A 1874 -64.60 -1.41 22.99
C TYR A 1874 -63.17 -1.79 22.63
N LYS A 1875 -62.22 -0.85 22.79
CA LYS A 1875 -60.82 -1.15 22.49
C LYS A 1875 -60.27 -2.25 23.39
N ILE A 1876 -60.62 -2.22 24.68
CA ILE A 1876 -60.12 -3.23 25.60
C ILE A 1876 -60.70 -4.60 25.25
N LEU A 1877 -62.00 -4.66 24.98
CA LEU A 1877 -62.62 -5.91 24.54
C LEU A 1877 -61.97 -6.42 23.26
N ASP A 1878 -61.66 -5.50 22.34
CA ASP A 1878 -60.92 -5.83 21.14
C ASP A 1878 -59.60 -6.52 21.49
N VAL A 1879 -58.87 -5.97 22.45
CA VAL A 1879 -57.57 -6.53 22.79
C VAL A 1879 -57.72 -7.93 23.38
N MET A 1880 -58.65 -8.12 24.32
CA MET A 1880 -58.81 -9.47 24.87
C MET A 1880 -59.23 -10.46 23.78
N TYR A 1881 -60.28 -10.11 23.03
CA TYR A 1881 -60.77 -11.02 22.00
C TYR A 1881 -59.72 -11.30 20.93
N SER A 1882 -58.82 -10.34 20.69
CA SER A 1882 -57.74 -10.55 19.73
C SER A 1882 -56.63 -11.41 20.30
N ARG A 1883 -56.42 -11.36 21.62
CA ARG A 1883 -55.38 -12.14 22.28
C ARG A 1883 -55.90 -13.39 22.95
N LEU A 1884 -57.02 -13.31 23.65
CA LEU A 1884 -57.50 -14.44 24.43
C LEU A 1884 -57.94 -15.57 23.51
N PRO A 1885 -57.46 -16.80 23.72
CA PRO A 1885 -57.86 -17.90 22.85
C PRO A 1885 -59.37 -18.11 22.86
N LYS A 1886 -59.85 -18.88 21.88
CA LYS A 1886 -61.29 -18.97 21.66
C LYS A 1886 -62.01 -19.66 22.81
N ASP A 1887 -61.47 -20.79 23.30
CA ASP A 1887 -62.27 -21.69 24.14
C ASP A 1887 -62.72 -21.00 25.42
N ASP A 1888 -61.82 -20.29 26.10
CA ASP A 1888 -62.16 -19.69 27.38
C ASP A 1888 -63.01 -18.44 27.21
N VAL A 1889 -63.57 -18.23 26.03
CA VAL A 1889 -64.70 -17.33 25.87
C VAL A 1889 -65.88 -17.98 25.16
N HIS A 1890 -65.70 -19.11 24.46
CA HIS A 1890 -66.86 -19.87 23.97
C HIS A 1890 -67.50 -20.72 25.06
N ALA A 1891 -66.74 -21.67 25.60
CA ALA A 1891 -67.31 -22.78 26.34
C ALA A 1891 -68.01 -22.31 27.60
N LYS A 1892 -68.70 -23.26 28.25
CA LYS A 1892 -69.32 -22.97 29.53
C LYS A 1892 -68.22 -22.58 30.50
N GLU A 1893 -68.10 -21.29 30.81
CA GLU A 1893 -66.90 -20.76 31.41
C GLU A 1893 -67.23 -19.98 32.67
N SER A 1894 -66.18 -19.46 33.30
CA SER A 1894 -66.32 -18.48 34.37
C SER A 1894 -66.01 -17.07 33.91
N LYS A 1895 -65.13 -16.92 32.92
CA LYS A 1895 -64.79 -15.62 32.36
C LYS A 1895 -66.00 -14.91 31.76
N ILE A 1896 -67.08 -15.63 31.49
CA ILE A 1896 -68.16 -15.14 30.64
C ILE A 1896 -69.46 -15.04 31.43
N ASN A 1897 -69.68 -15.97 32.36
CA ASN A 1897 -71.02 -16.32 32.82
C ASN A 1897 -71.53 -15.31 33.84
N GLN A 1898 -70.96 -14.10 33.80
CA GLN A 1898 -71.32 -13.13 34.82
C GLN A 1898 -71.94 -11.86 34.24
N VAL A 1899 -72.53 -11.93 33.04
CA VAL A 1899 -73.43 -10.87 32.58
C VAL A 1899 -74.88 -11.22 32.89
N PHE A 1900 -75.22 -12.52 32.86
CA PHE A 1900 -76.58 -12.99 33.10
C PHE A 1900 -76.59 -14.05 34.19
N HIS A 1901 -77.55 -13.92 35.11
CA HIS A 1901 -77.96 -14.98 36.03
C HIS A 1901 -76.83 -15.53 36.88
N GLY A 1902 -75.73 -14.79 37.02
CA GLY A 1902 -74.62 -15.34 37.76
C GLY A 1902 -73.98 -16.51 37.06
N SER A 1903 -73.10 -17.21 37.77
CA SER A 1903 -72.20 -18.20 37.19
C SER A 1903 -72.88 -19.54 36.92
N CYS A 1904 -74.20 -19.57 36.84
CA CYS A 1904 -74.91 -20.81 36.54
C CYS A 1904 -74.70 -21.23 35.09
N ILE A 1905 -74.98 -22.49 34.81
CA ILE A 1905 -74.83 -23.07 33.48
C ILE A 1905 -76.12 -22.83 32.70
N THR A 1906 -76.26 -21.65 32.08
CA THR A 1906 -77.50 -21.31 31.37
C THR A 1906 -77.49 -21.82 29.93
N GLU A 1907 -76.67 -21.21 29.07
CA GLU A 1907 -76.60 -21.63 27.67
C GLU A 1907 -75.22 -21.58 27.04
N GLY A 1908 -74.25 -20.87 27.60
CA GLY A 1908 -72.98 -20.66 26.92
C GLY A 1908 -73.06 -19.60 25.85
N ASN A 1909 -71.99 -18.83 25.68
CA ASN A 1909 -71.88 -17.77 24.67
C ASN A 1909 -72.85 -16.62 24.90
N GLU A 1910 -73.10 -16.23 26.15
CA GLU A 1910 -74.11 -15.21 26.42
C GLU A 1910 -73.56 -13.81 26.17
N LEU A 1911 -72.33 -13.54 26.63
CA LEU A 1911 -71.82 -12.19 26.41
C LEU A 1911 -71.31 -12.03 24.98
N THR A 1912 -70.96 -13.12 24.30
CA THR A 1912 -70.69 -13.02 22.87
C THR A 1912 -71.85 -12.35 22.16
N LYS A 1913 -73.07 -12.86 22.40
CA LYS A 1913 -74.23 -12.32 21.69
C LYS A 1913 -74.66 -10.96 22.25
N THR A 1914 -74.52 -10.73 23.56
CA THR A 1914 -74.88 -9.41 24.05
C THR A 1914 -73.93 -8.34 23.53
N LEU A 1915 -72.63 -8.61 23.55
CA LEU A 1915 -71.64 -7.67 23.02
C LEU A 1915 -71.83 -7.49 21.52
N ILE A 1916 -72.15 -8.57 20.81
CA ILE A 1916 -72.42 -8.47 19.38
C ILE A 1916 -73.60 -7.52 19.13
N LYS A 1917 -74.70 -7.71 19.86
CA LYS A 1917 -75.84 -6.82 19.69
C LYS A 1917 -75.45 -5.37 19.96
N LEU A 1918 -74.80 -5.12 21.08
CA LEU A 1918 -74.56 -3.72 21.47
C LEU A 1918 -73.47 -3.10 20.62
N CYS A 1919 -72.66 -3.92 19.93
CA CYS A 1919 -71.63 -3.36 19.06
C CYS A 1919 -72.18 -3.11 17.67
N TYR A 1920 -72.85 -4.10 17.08
CA TYR A 1920 -73.54 -3.88 15.82
C TYR A 1920 -74.54 -2.74 15.91
N ASP A 1921 -75.14 -2.52 17.08
CA ASP A 1921 -76.01 -1.38 17.25
C ASP A 1921 -75.22 -0.08 17.24
N ALA A 1922 -73.93 -0.15 17.56
CA ALA A 1922 -73.03 0.95 17.25
C ALA A 1922 -72.56 0.79 15.81
N PHE A 1923 -72.01 1.89 15.27
CA PHE A 1923 -71.50 2.00 13.91
C PHE A 1923 -72.57 1.67 12.87
N THR A 1924 -73.78 1.36 13.31
CA THR A 1924 -74.94 1.28 12.43
C THR A 1924 -76.07 2.18 12.87
N GLU A 1925 -75.97 2.79 14.06
CA GLU A 1925 -76.95 3.77 14.47
C GLU A 1925 -76.86 4.99 13.56
N ASN A 1926 -78.00 5.45 13.06
CA ASN A 1926 -77.97 6.57 12.13
C ASN A 1926 -77.57 7.84 12.86
N MET A 1927 -77.27 8.87 12.08
CA MET A 1927 -76.82 10.15 12.61
C MET A 1927 -77.55 11.29 11.92
N ALA A 1928 -78.85 11.08 11.65
CA ALA A 1928 -79.65 12.14 11.04
C ALA A 1928 -79.76 13.34 11.98
N GLY A 1929 -80.33 13.13 13.17
CA GLY A 1929 -80.50 14.19 14.13
C GLY A 1929 -79.29 14.45 15.01
N GLU A 1930 -78.13 13.92 14.65
CA GLU A 1930 -76.93 14.03 15.49
C GLU A 1930 -76.01 15.09 14.89
N ASN A 1931 -75.91 16.23 15.57
CA ASN A 1931 -75.07 17.33 15.07
C ASN A 1931 -74.32 18.02 16.21
N GLN A 1932 -73.77 17.25 17.15
CA GLN A 1932 -73.09 17.84 18.30
C GLN A 1932 -71.60 17.53 18.36
N LEU A 1933 -71.23 16.25 18.39
CA LEU A 1933 -69.83 15.82 18.49
C LEU A 1933 -69.61 14.77 17.41
N LEU A 1934 -69.14 15.19 16.25
CA LEU A 1934 -69.19 14.32 15.08
C LEU A 1934 -67.93 13.48 14.94
N GLU A 1935 -66.75 14.09 15.05
CA GLU A 1935 -65.50 13.33 14.96
C GLU A 1935 -65.38 12.32 16.09
N ARG A 1936 -65.73 12.75 17.32
CA ARG A 1936 -65.64 11.85 18.47
C ARG A 1936 -66.55 10.66 18.28
N ARG A 1937 -67.78 10.89 17.81
CA ARG A 1937 -68.70 9.80 17.55
C ARG A 1937 -68.23 8.92 16.42
N ARG A 1938 -67.56 9.50 15.42
CA ARG A 1938 -66.96 8.68 14.38
C ARG A 1938 -65.92 7.72 14.95
N LEU A 1939 -65.07 8.23 15.85
CA LEU A 1939 -64.08 7.37 16.50
C LEU A 1939 -64.75 6.32 17.37
N TYR A 1940 -65.84 6.70 18.05
CA TYR A 1940 -66.66 5.74 18.79
C TYR A 1940 -67.13 4.61 17.88
N HIS A 1941 -67.69 4.95 16.72
CA HIS A 1941 -68.16 3.95 15.77
C HIS A 1941 -67.02 3.07 15.29
N CYS A 1942 -65.87 3.68 14.99
CA CYS A 1942 -64.72 2.92 14.50
C CYS A 1942 -64.25 1.91 15.55
N ALA A 1943 -64.13 2.35 16.80
CA ALA A 1943 -63.71 1.43 17.86
C ALA A 1943 -64.72 0.32 18.06
N ALA A 1944 -66.01 0.65 18.03
CA ALA A 1944 -67.04 -0.36 18.13
C ALA A 1944 -66.92 -1.38 17.01
N TYR A 1945 -66.67 -0.91 15.78
CA TYR A 1945 -66.56 -1.82 14.65
C TYR A 1945 -65.30 -2.68 14.75
N ASN A 1946 -64.21 -2.12 15.28
CA ASN A 1946 -63.02 -2.93 15.49
C ASN A 1946 -63.26 -4.01 16.54
N CYS A 1947 -63.97 -3.65 17.61
CA CYS A 1947 -64.35 -4.65 18.61
C CYS A 1947 -65.19 -5.73 17.98
N ALA A 1948 -66.12 -5.34 17.12
CA ALA A 1948 -66.98 -6.32 16.44
C ALA A 1948 -66.16 -7.26 15.58
N ILE A 1949 -65.22 -6.72 14.80
CA ILE A 1949 -64.38 -7.56 13.95
C ILE A 1949 -63.57 -8.52 14.80
N SER A 1950 -63.10 -8.07 15.97
CA SER A 1950 -62.30 -8.94 16.83
C SER A 1950 -63.15 -10.06 17.42
N VAL A 1951 -64.36 -9.74 17.88
CA VAL A 1951 -65.20 -10.77 18.48
C VAL A 1951 -65.66 -11.76 17.44
N ILE A 1952 -65.96 -11.29 16.21
CA ILE A 1952 -66.46 -12.17 15.18
C ILE A 1952 -65.36 -13.11 14.69
N CYS A 1953 -64.11 -12.65 14.69
CA CYS A 1953 -63.02 -13.58 14.44
C CYS A 1953 -62.89 -14.63 15.53
N CYS A 1954 -63.59 -14.43 16.66
CA CYS A 1954 -63.60 -15.41 17.74
C CYS A 1954 -65.00 -15.85 18.16
N VAL A 1955 -66.05 -15.48 17.42
CA VAL A 1955 -67.31 -16.21 17.50
C VAL A 1955 -67.08 -17.54 16.80
N PHE A 1956 -68.08 -18.43 16.84
CA PHE A 1956 -67.99 -19.70 16.12
C PHE A 1956 -67.32 -19.54 14.77
N ASN A 1957 -67.77 -18.55 13.98
CA ASN A 1957 -67.03 -18.06 12.82
C ASN A 1957 -66.70 -19.18 11.84
N GLU A 1958 -67.70 -19.98 11.48
CA GLU A 1958 -67.52 -21.04 10.50
C GLU A 1958 -68.44 -20.90 9.30
N LEU A 1959 -69.70 -20.55 9.52
CA LEU A 1959 -70.65 -20.30 8.45
C LEU A 1959 -70.64 -18.80 8.13
N LYS A 1960 -71.64 -18.32 7.39
CA LYS A 1960 -71.69 -16.92 6.99
C LYS A 1960 -72.04 -16.03 8.18
N PHE A 1961 -71.16 -16.03 9.19
CA PHE A 1961 -71.34 -15.15 10.34
C PHE A 1961 -70.80 -13.75 10.05
N TYR A 1962 -69.67 -13.66 9.36
CA TYR A 1962 -69.04 -12.37 9.09
C TYR A 1962 -69.89 -11.48 8.18
N GLN A 1963 -70.99 -12.01 7.64
CA GLN A 1963 -71.84 -11.29 6.71
C GLN A 1963 -72.99 -10.57 7.41
N GLY A 1964 -73.68 -11.25 8.32
CA GLY A 1964 -74.80 -10.63 9.00
C GLY A 1964 -74.38 -9.39 9.77
N PHE A 1965 -73.29 -9.49 10.51
CA PHE A 1965 -72.62 -8.34 11.11
C PHE A 1965 -71.38 -8.00 10.28
N LEU A 1966 -70.88 -6.78 10.49
CA LEU A 1966 -69.70 -6.23 9.83
C LEU A 1966 -70.01 -5.88 8.37
N PHE A 1967 -71.15 -6.36 7.89
CA PHE A 1967 -71.64 -6.24 6.52
C PHE A 1967 -73.16 -6.42 6.59
N SER A 1968 -73.83 -6.28 5.45
CA SER A 1968 -75.26 -6.58 5.35
C SER A 1968 -76.07 -5.75 6.34
N GLU A 1969 -76.07 -4.45 6.12
CA GLU A 1969 -76.96 -3.57 6.84
C GLU A 1969 -78.16 -3.24 5.95
N LYS A 1970 -79.07 -2.44 6.48
CA LYS A 1970 -80.29 -2.22 5.73
C LYS A 1970 -80.68 -0.74 5.78
N PRO A 1971 -80.66 -0.06 4.62
CA PRO A 1971 -80.95 1.38 4.59
C PRO A 1971 -82.44 1.69 4.66
N GLU A 1972 -83.29 0.71 4.92
CA GLU A 1972 -84.71 0.99 5.15
C GLU A 1972 -84.89 1.97 6.30
N LYS A 1973 -84.16 1.77 7.40
CA LYS A 1973 -84.20 2.66 8.54
C LYS A 1973 -82.83 3.29 8.81
N ASN A 1974 -82.05 3.53 7.74
CA ASN A 1974 -80.84 4.34 7.79
C ASN A 1974 -79.73 3.66 8.60
N LEU A 1975 -79.52 2.37 8.35
CA LEU A 1975 -78.36 1.67 8.86
C LEU A 1975 -77.24 1.76 7.84
N LEU A 1976 -76.15 2.45 8.20
CA LEU A 1976 -75.04 2.71 7.28
C LEU A 1976 -73.74 2.39 7.99
N ILE A 1977 -73.15 1.24 7.68
CA ILE A 1977 -71.86 0.89 8.28
C ILE A 1977 -70.77 1.84 7.79
N PHE A 1978 -70.50 1.80 6.48
CA PHE A 1978 -69.31 2.44 5.96
C PHE A 1978 -69.48 3.95 5.81
N GLU A 1979 -70.71 4.41 5.60
CA GLU A 1979 -70.93 5.85 5.49
C GLU A 1979 -70.58 6.56 6.79
N ASN A 1980 -70.78 5.90 7.92
CA ASN A 1980 -70.70 6.59 9.21
C ASN A 1980 -69.28 6.58 9.79
N LEU A 1981 -68.56 5.48 9.66
CA LEU A 1981 -67.19 5.43 10.17
C LEU A 1981 -66.20 6.19 9.28
N ILE A 1982 -66.37 6.14 7.96
CA ILE A 1982 -65.57 6.99 7.08
C ILE A 1982 -65.96 8.45 7.33
N ASP A 1983 -65.00 9.36 7.12
CA ASP A 1983 -65.21 10.76 7.49
C ASP A 1983 -66.25 11.42 6.59
N LEU A 1984 -66.01 11.42 5.27
CA LEU A 1984 -66.83 11.95 4.19
C LEU A 1984 -66.73 13.45 3.98
N LYS A 1985 -65.99 14.20 4.79
CA LYS A 1985 -65.83 15.63 4.49
C LYS A 1985 -64.41 16.10 4.67
N ARG A 1986 -63.51 15.24 5.12
CA ARG A 1986 -62.10 15.60 5.21
C ARG A 1986 -61.45 15.32 3.85
N ARG A 1987 -61.05 16.38 3.16
CA ARG A 1987 -60.56 16.27 1.80
C ARG A 1987 -59.13 15.75 1.82
N TYR A 1988 -58.95 14.49 1.41
CA TYR A 1988 -57.62 13.92 1.31
C TYR A 1988 -56.79 14.69 0.30
N ASN A 1989 -55.52 14.90 0.62
CA ASN A 1989 -54.64 15.69 -0.25
C ASN A 1989 -54.06 14.84 -1.37
N PHE A 1990 -53.48 13.69 -1.03
CA PHE A 1990 -52.84 12.79 -1.99
C PHE A 1990 -51.79 13.50 -2.83
N PRO A 1991 -50.60 13.78 -2.30
CA PRO A 1991 -49.52 14.30 -3.13
C PRO A 1991 -49.10 13.30 -4.19
N VAL A 1992 -48.08 13.61 -4.98
CA VAL A 1992 -47.79 12.79 -6.16
C VAL A 1992 -47.23 11.43 -5.77
N GLU A 1993 -46.35 11.38 -4.79
CA GLU A 1993 -45.57 10.16 -4.54
C GLU A 1993 -46.05 9.39 -3.32
N VAL A 1994 -46.12 10.01 -2.15
CA VAL A 1994 -46.48 9.29 -0.94
C VAL A 1994 -47.73 9.90 -0.29
N SER A 2034 -16.26 -11.19 31.43
CA SER A 2034 -16.54 -12.10 32.53
C SER A 2034 -15.24 -12.54 33.17
N THR A 2035 -14.92 -11.92 34.32
CA THR A 2035 -13.62 -11.78 34.97
C THR A 2035 -12.82 -10.67 34.29
N LEU A 2036 -13.31 -10.08 33.20
CA LEU A 2036 -12.89 -8.77 32.76
C LEU A 2036 -14.06 -7.87 32.41
N SER A 2037 -15.26 -8.42 32.26
CA SER A 2037 -16.47 -7.62 32.32
C SER A 2037 -16.96 -7.46 33.75
N GLU A 2038 -16.51 -8.32 34.67
CA GLU A 2038 -16.75 -8.06 36.08
C GLU A 2038 -16.09 -6.75 36.51
N GLU A 2039 -14.80 -6.59 36.18
CA GLU A 2039 -14.10 -5.35 36.44
C GLU A 2039 -14.73 -4.16 35.74
N MET A 2040 -15.70 -4.41 34.86
CA MET A 2040 -16.58 -3.36 34.39
C MET A 2040 -17.59 -3.01 35.47
N SER A 2041 -18.12 -4.03 36.14
CA SER A 2041 -19.14 -3.84 37.16
C SER A 2041 -18.56 -3.17 38.41
N GLN A 2042 -17.31 -3.46 38.79
CA GLN A 2042 -16.78 -2.77 39.96
C GLN A 2042 -16.45 -1.32 39.67
N PHE A 2043 -16.13 -0.97 38.42
CA PHE A 2043 -15.96 0.44 38.11
C PHE A 2043 -17.32 1.13 38.01
N ASP A 2044 -18.33 0.39 37.55
CA ASP A 2044 -19.69 0.91 37.55
C ASP A 2044 -20.15 1.20 38.98
N PHE A 2045 -19.87 0.28 39.89
CA PHE A 2045 -20.30 0.40 41.28
C PHE A 2045 -19.66 1.61 41.96
N SER A 2046 -18.35 1.77 41.83
CA SER A 2046 -17.64 2.79 42.58
C SER A 2046 -17.62 4.13 41.88
N THR A 2047 -18.47 4.33 40.87
CA THR A 2047 -18.53 5.60 40.16
C THR A 2047 -19.93 6.17 40.04
N GLY A 2048 -20.96 5.36 39.81
CA GLY A 2048 -22.27 5.86 39.49
C GLY A 2048 -22.52 5.90 37.98
N GLU A 2082 -44.48 -3.80 7.13
CA GLU A 2082 -45.91 -3.91 6.90
C GLU A 2082 -46.35 -3.13 5.66
N LEU A 2083 -46.89 -1.93 5.88
CA LEU A 2083 -47.47 -1.14 4.80
C LEU A 2083 -46.92 0.28 4.91
N GLU A 2084 -47.47 1.18 4.08
CA GLU A 2084 -47.09 2.58 4.09
C GLU A 2084 -48.18 3.36 4.83
N MET A 2085 -47.89 3.72 6.08
CA MET A 2085 -48.88 4.30 7.01
C MET A 2085 -48.99 5.80 6.73
N ASP A 2086 -49.57 6.13 5.57
CA ASP A 2086 -49.46 7.49 5.07
C ASP A 2086 -50.62 8.42 5.38
N GLU A 2087 -51.78 8.22 4.75
CA GLU A 2087 -52.98 9.01 5.02
C GLU A 2087 -54.29 8.24 4.97
N LEU A 2088 -54.32 7.03 4.41
CA LEU A 2088 -55.51 6.19 4.46
C LEU A 2088 -55.21 4.76 4.84
N ASN A 2089 -53.98 4.45 5.23
CA ASN A 2089 -53.77 3.31 6.11
C ASN A 2089 -53.82 3.74 7.57
N ARG A 2090 -53.86 5.04 7.82
CA ARG A 2090 -54.01 5.64 9.15
C ARG A 2090 -55.47 5.95 9.45
N HIS A 2091 -56.37 4.99 9.26
CA HIS A 2091 -57.79 5.22 9.46
C HIS A 2091 -58.38 4.28 10.50
N GLU A 2092 -57.53 3.60 11.26
CA GLU A 2092 -57.90 2.81 12.44
C GLU A 2092 -58.88 1.69 12.08
N CYS A 2093 -59.21 1.58 10.79
CA CYS A 2093 -59.98 0.45 10.29
C CYS A 2093 -59.32 -0.26 9.12
N MET A 2094 -58.30 0.32 8.48
CA MET A 2094 -57.65 -0.37 7.37
C MET A 2094 -56.92 -1.62 7.82
N ALA A 2095 -56.08 -1.51 8.84
CA ALA A 2095 -55.33 -2.68 9.30
C ALA A 2095 -56.25 -3.76 9.86
N PRO A 2096 -57.22 -3.45 10.72
CA PRO A 2096 -58.18 -4.49 11.14
C PRO A 2096 -58.97 -5.08 9.99
N LEU A 2097 -59.48 -4.25 9.07
CA LEU A 2097 -60.26 -4.78 7.95
C LEU A 2097 -59.42 -5.66 7.05
N THR A 2098 -58.17 -5.26 6.77
CA THR A 2098 -57.29 -6.09 5.96
C THR A 2098 -56.99 -7.42 6.64
N ALA A 2099 -56.73 -7.39 7.94
CA ALA A 2099 -56.51 -8.65 8.66
C ALA A 2099 -57.75 -9.51 8.62
N LEU A 2100 -58.92 -8.91 8.77
CA LEU A 2100 -60.18 -9.65 8.71
C LEU A 2100 -60.40 -10.27 7.34
N VAL A 2101 -60.08 -9.53 6.27
CA VAL A 2101 -60.24 -10.05 4.92
C VAL A 2101 -59.31 -11.22 4.69
N LYS A 2102 -58.03 -11.08 5.06
CA LYS A 2102 -57.09 -12.19 4.91
C LYS A 2102 -57.52 -13.38 5.76
N HIS A 2103 -58.15 -13.11 6.91
CA HIS A 2103 -58.65 -14.20 7.75
C HIS A 2103 -59.79 -14.94 7.07
N MET A 2104 -60.76 -14.19 6.54
CA MET A 2104 -61.88 -14.81 5.82
C MET A 2104 -61.38 -15.60 4.62
N HIS A 2105 -60.30 -15.15 4.00
CA HIS A 2105 -59.69 -15.91 2.92
C HIS A 2105 -59.34 -17.32 3.38
N ARG A 2106 -58.72 -17.45 4.55
CA ARG A 2106 -58.40 -18.75 5.13
C ARG A 2106 -59.46 -19.19 6.14
N SER A 2107 -60.74 -19.15 5.77
CA SER A 2107 -61.76 -19.61 6.70
C SER A 2107 -62.81 -20.50 6.07
N LEU A 2108 -63.02 -20.40 4.76
CA LEU A 2108 -63.92 -21.30 4.04
C LEU A 2108 -63.30 -21.75 2.73
N ARG A 2120 -68.93 -17.04 -8.70
CA ARG A 2120 -69.23 -15.61 -8.75
C ARG A 2120 -68.54 -14.88 -7.62
N ASP A 2121 -69.33 -14.13 -6.84
CA ASP A 2121 -68.83 -13.45 -5.65
C ASP A 2121 -69.34 -14.12 -4.38
N LEU A 2122 -69.03 -13.52 -3.24
CA LEU A 2122 -69.53 -13.91 -1.93
C LEU A 2122 -70.54 -12.88 -1.44
N PRO A 2123 -71.50 -13.26 -0.58
CA PRO A 2123 -72.81 -12.59 -0.57
C PRO A 2123 -72.80 -11.08 -0.40
N SER A 2124 -72.17 -10.56 0.65
CA SER A 2124 -72.28 -9.15 0.94
C SER A 2124 -70.96 -8.53 1.41
N TRP A 2125 -69.86 -9.18 1.17
CA TRP A 2125 -68.65 -8.41 1.36
C TRP A 2125 -67.88 -8.24 0.06
N MET A 2126 -67.72 -9.32 -0.71
CA MET A 2126 -67.34 -9.16 -2.10
C MET A 2126 -68.36 -8.27 -2.81
N LYS A 2127 -69.64 -8.58 -2.64
CA LYS A 2127 -70.68 -7.95 -3.47
C LYS A 2127 -71.15 -6.61 -2.93
N PHE A 2128 -71.19 -6.43 -1.61
CA PHE A 2128 -71.63 -5.14 -1.08
C PHE A 2128 -70.57 -4.06 -1.26
N LEU A 2129 -69.30 -4.42 -1.03
CA LEU A 2129 -68.24 -3.48 -1.33
C LEU A 2129 -68.08 -3.32 -2.84
N HIS A 2130 -68.35 -4.38 -3.60
CA HIS A 2130 -68.41 -4.28 -5.05
C HIS A 2130 -69.40 -3.20 -5.48
N GLY A 2131 -70.62 -3.24 -4.94
CA GLY A 2131 -71.65 -2.29 -5.32
C GLY A 2131 -71.51 -0.92 -4.67
N LYS A 2132 -70.71 -0.80 -3.62
CA LYS A 2132 -70.43 0.52 -3.07
C LYS A 2132 -69.19 1.16 -3.70
N LEU A 2133 -68.38 0.37 -4.40
CA LEU A 2133 -67.27 0.88 -5.19
C LEU A 2133 -67.71 1.20 -6.62
N GLY A 2134 -68.54 0.36 -7.21
CA GLY A 2134 -69.05 0.54 -8.55
C GLY A 2134 -69.70 1.88 -8.85
N ASN A 2135 -70.84 2.16 -8.26
CA ASN A 2135 -71.59 3.35 -8.64
C ASN A 2135 -70.91 4.61 -8.10
N PRO A 2136 -70.68 5.63 -8.93
CA PRO A 2136 -70.09 6.87 -8.43
C PRO A 2136 -71.13 7.80 -7.83
N ILE A 2137 -72.04 7.24 -7.04
CA ILE A 2137 -72.94 8.04 -6.20
C ILE A 2137 -72.61 7.87 -4.73
N VAL A 2138 -72.03 6.74 -4.33
CA VAL A 2138 -71.37 6.61 -3.04
C VAL A 2138 -70.38 7.75 -2.86
N PRO A 2139 -70.29 8.38 -1.70
CA PRO A 2139 -69.33 9.48 -1.54
C PRO A 2139 -67.91 9.02 -1.79
N LEU A 2140 -67.09 9.96 -2.29
CA LEU A 2140 -65.76 9.62 -2.78
C LEU A 2140 -64.96 8.84 -1.76
N ASN A 2141 -65.02 9.24 -0.49
CA ASN A 2141 -64.06 8.73 0.49
C ASN A 2141 -64.26 7.25 0.77
N ILE A 2142 -65.52 6.78 0.80
CA ILE A 2142 -65.76 5.35 0.95
C ILE A 2142 -65.11 4.59 -0.18
N ARG A 2143 -65.16 5.15 -1.40
CA ARG A 2143 -64.65 4.47 -2.57
C ARG A 2143 -63.13 4.46 -2.59
N LEU A 2144 -62.51 5.57 -2.20
CA LEU A 2144 -61.06 5.60 -1.97
C LEU A 2144 -60.67 4.57 -0.92
N PHE A 2145 -61.44 4.49 0.17
CA PHE A 2145 -61.11 3.57 1.25
C PHE A 2145 -61.18 2.12 0.78
N LEU A 2146 -62.21 1.78 0.00
CA LEU A 2146 -62.34 0.41 -0.46
C LEU A 2146 -61.28 0.09 -1.49
N ALA A 2147 -60.87 1.07 -2.29
CA ALA A 2147 -59.73 0.87 -3.18
C ALA A 2147 -58.46 0.57 -2.38
N LYS A 2148 -58.20 1.37 -1.34
CA LYS A 2148 -57.07 1.08 -0.45
C LYS A 2148 -57.16 -0.34 0.11
N LEU A 2149 -58.35 -0.73 0.57
CA LEU A 2149 -58.52 -2.03 1.21
C LEU A 2149 -58.28 -3.17 0.22
N VAL A 2150 -58.71 -3.00 -1.03
CA VAL A 2150 -58.53 -4.07 -2.01
C VAL A 2150 -57.08 -4.08 -2.51
N ILE A 2151 -56.41 -2.92 -2.49
CA ILE A 2151 -54.99 -2.89 -2.85
C ILE A 2151 -54.19 -3.69 -1.83
N ASN A 2152 -54.40 -3.42 -0.54
CA ASN A 2152 -53.66 -4.06 0.53
C ASN A 2152 -53.97 -5.55 0.65
N THR A 2153 -55.08 -6.01 0.10
CA THR A 2153 -55.51 -7.40 0.17
C THR A 2153 -55.49 -8.04 -1.22
N GLU A 2154 -54.65 -7.49 -2.10
CA GLU A 2154 -54.56 -7.94 -3.49
C GLU A 2154 -54.63 -9.46 -3.64
N GLU A 2155 -53.92 -10.20 -2.78
CA GLU A 2155 -53.87 -11.64 -2.91
C GLU A 2155 -55.25 -12.27 -2.79
N VAL A 2156 -56.17 -11.61 -2.08
CA VAL A 2156 -57.53 -12.12 -1.95
C VAL A 2156 -58.26 -12.05 -3.28
N PHE A 2157 -58.08 -10.96 -4.01
CA PHE A 2157 -58.83 -10.68 -5.22
C PHE A 2157 -58.16 -11.22 -6.48
N ARG A 2158 -57.25 -12.18 -6.33
CA ARG A 2158 -56.66 -12.83 -7.51
C ARG A 2158 -57.62 -13.83 -8.16
N PRO A 2159 -58.31 -14.70 -7.41
CA PRO A 2159 -59.36 -15.51 -8.08
C PRO A 2159 -60.51 -14.67 -8.61
N TYR A 2160 -60.81 -13.54 -7.98
CA TYR A 2160 -61.96 -12.72 -8.33
C TYR A 2160 -61.59 -11.60 -9.29
N ALA A 2161 -60.61 -11.83 -10.16
CA ALA A 2161 -60.13 -10.75 -11.03
C ALA A 2161 -61.21 -10.27 -11.98
N LYS A 2162 -61.92 -11.20 -12.64
CA LYS A 2162 -62.87 -10.80 -13.67
C LYS A 2162 -63.99 -9.93 -13.12
N HIS A 2163 -64.34 -10.11 -11.84
CA HIS A 2163 -65.27 -9.18 -11.20
C HIS A 2163 -64.58 -7.88 -10.82
N TRP A 2164 -63.32 -7.96 -10.43
CA TRP A 2164 -62.58 -6.81 -9.89
C TRP A 2164 -61.68 -6.18 -10.96
N LEU A 2165 -62.27 -5.65 -12.00
CA LEU A 2165 -61.52 -4.69 -12.80
C LEU A 2165 -62.30 -3.42 -13.08
N SER A 2166 -63.61 -3.53 -13.30
CA SER A 2166 -64.41 -2.36 -13.65
C SER A 2166 -64.36 -1.24 -12.61
N PRO A 2167 -64.62 -1.49 -11.31
CA PRO A 2167 -64.75 -0.35 -10.39
C PRO A 2167 -63.44 0.33 -10.07
N LEU A 2168 -62.38 -0.44 -9.89
CA LEU A 2168 -61.05 0.15 -9.71
C LEU A 2168 -60.64 0.95 -10.93
N LEU A 2169 -60.89 0.39 -12.12
CA LEU A 2169 -60.52 1.08 -13.35
C LEU A 2169 -61.26 2.40 -13.48
N GLN A 2170 -62.57 2.41 -13.19
CA GLN A 2170 -63.32 3.65 -13.35
C GLN A 2170 -63.04 4.61 -12.21
N LEU A 2171 -62.52 4.13 -11.09
CA LEU A 2171 -62.09 5.05 -10.04
C LEU A 2171 -60.79 5.73 -10.41
N ALA A 2172 -59.86 4.99 -11.02
CA ALA A 2172 -58.64 5.61 -11.52
C ALA A 2172 -58.94 6.55 -12.67
N ALA A 2173 -59.83 6.15 -13.58
CA ALA A 2173 -60.03 6.87 -14.83
C ALA A 2173 -60.97 8.06 -14.67
N SER A 2174 -61.88 8.04 -13.70
CA SER A 2174 -62.81 9.15 -13.53
C SER A 2174 -62.08 10.42 -13.15
N GLU A 2175 -62.79 11.55 -13.23
CA GLU A 2175 -62.26 12.85 -12.85
C GLU A 2175 -63.13 13.39 -11.73
N ASN A 2176 -62.82 12.96 -10.51
CA ASN A 2176 -63.57 13.37 -9.32
C ASN A 2176 -62.65 13.61 -8.12
N ASN A 2177 -61.33 13.57 -8.31
CA ASN A 2177 -60.41 13.21 -7.25
C ASN A 2177 -59.73 14.40 -6.58
N GLY A 2178 -60.02 15.63 -7.00
CA GLY A 2178 -59.47 16.79 -6.32
C GLY A 2178 -58.02 17.09 -6.64
N GLY A 2179 -57.64 18.37 -6.57
CA GLY A 2179 -56.27 18.73 -6.88
C GLY A 2179 -55.91 18.40 -8.31
N GLU A 2180 -54.78 17.72 -8.48
CA GLU A 2180 -54.45 17.15 -9.78
C GLU A 2180 -54.76 15.66 -9.85
N GLY A 2181 -55.53 15.15 -8.89
CA GLY A 2181 -56.02 13.79 -8.89
C GLY A 2181 -55.35 12.95 -7.83
N ILE A 2182 -55.80 11.70 -7.75
CA ILE A 2182 -55.27 10.75 -6.77
C ILE A 2182 -54.09 10.06 -7.43
N HIS A 2183 -52.95 10.76 -7.48
CA HIS A 2183 -51.98 10.37 -8.50
C HIS A 2183 -51.16 9.17 -8.05
N TYR A 2184 -50.71 9.13 -6.79
CA TYR A 2184 -50.07 7.89 -6.35
C TYR A 2184 -51.11 6.82 -6.12
N MET A 2185 -52.35 7.22 -5.84
CA MET A 2185 -53.43 6.24 -5.75
C MET A 2185 -53.76 5.70 -7.14
N VAL A 2186 -53.70 6.55 -8.17
CA VAL A 2186 -53.78 6.04 -9.54
C VAL A 2186 -52.64 5.07 -9.82
N VAL A 2187 -51.41 5.43 -9.43
CA VAL A 2187 -50.28 4.53 -9.66
C VAL A 2187 -50.56 3.17 -9.04
N GLU A 2188 -51.02 3.17 -7.79
CA GLU A 2188 -51.21 1.92 -7.06
C GLU A 2188 -52.38 1.11 -7.63
N ILE A 2189 -53.50 1.76 -7.92
CA ILE A 2189 -54.68 1.04 -8.39
C ILE A 2189 -54.46 0.53 -9.81
N VAL A 2190 -53.76 1.31 -10.64
CA VAL A 2190 -53.48 0.88 -12.01
C VAL A 2190 -52.44 -0.24 -12.03
N ALA A 2191 -51.39 -0.13 -11.21
CA ALA A 2191 -50.46 -1.24 -11.06
C ALA A 2191 -51.20 -2.50 -10.60
N THR A 2192 -52.19 -2.33 -9.72
CA THR A 2192 -52.94 -3.48 -9.23
C THR A 2192 -53.77 -4.12 -10.33
N ILE A 2193 -54.48 -3.32 -11.13
CA ILE A 2193 -55.31 -3.88 -12.18
C ILE A 2193 -54.45 -4.46 -13.31
N LEU A 2194 -53.38 -3.76 -13.68
CA LEU A 2194 -52.49 -4.27 -14.72
C LEU A 2194 -51.84 -5.57 -14.29
N SER A 2195 -51.43 -5.66 -13.02
CA SER A 2195 -50.94 -6.93 -12.49
C SER A 2195 -51.93 -8.06 -12.70
N TRP A 2196 -53.22 -7.76 -12.65
CA TRP A 2196 -54.26 -8.75 -12.98
C TRP A 2196 -54.42 -8.80 -14.49
N THR A 2197 -53.37 -9.28 -15.14
CA THR A 2197 -53.37 -9.57 -16.56
C THR A 2197 -53.23 -11.07 -16.77
N GLY A 2198 -53.71 -11.54 -17.93
CA GLY A 2198 -53.95 -12.94 -18.13
C GLY A 2198 -55.32 -13.38 -17.66
N LEU A 2199 -55.76 -12.84 -16.53
CA LEU A 2199 -57.15 -12.90 -16.09
C LEU A 2199 -57.67 -11.48 -16.00
N ALA A 2200 -58.95 -11.29 -16.36
CA ALA A 2200 -59.58 -9.97 -16.30
C ALA A 2200 -58.85 -8.96 -17.19
N THR A 2201 -58.93 -9.18 -18.49
CA THR A 2201 -58.48 -8.13 -19.38
C THR A 2201 -59.54 -7.02 -19.46
N PRO A 2202 -59.12 -5.78 -19.67
CA PRO A 2202 -60.07 -4.67 -19.75
C PRO A 2202 -60.81 -4.57 -21.08
N THR A 2203 -60.72 -5.59 -21.93
CA THR A 2203 -61.29 -5.56 -23.27
C THR A 2203 -62.38 -6.61 -23.40
N GLY A 2204 -63.27 -6.37 -24.35
CA GLY A 2204 -64.48 -7.15 -24.50
C GLY A 2204 -65.70 -6.56 -23.82
N VAL A 2205 -65.53 -5.44 -23.13
CA VAL A 2205 -66.64 -4.74 -22.46
C VAL A 2205 -66.60 -3.30 -22.94
N PRO A 2206 -67.73 -2.73 -23.37
CA PRO A 2206 -67.71 -1.37 -23.93
C PRO A 2206 -67.28 -0.30 -22.93
N LYS A 2207 -67.97 -0.21 -21.79
CA LYS A 2207 -67.66 0.84 -20.82
C LYS A 2207 -66.27 0.64 -20.22
N ASP A 2208 -65.87 -0.62 -20.02
CA ASP A 2208 -64.53 -0.90 -19.54
C ASP A 2208 -63.49 -0.37 -20.53
N GLU A 2209 -63.74 -0.58 -21.83
CA GLU A 2209 -62.83 -0.07 -22.85
C GLU A 2209 -62.79 1.46 -22.86
N VAL A 2210 -63.95 2.10 -22.76
CA VAL A 2210 -63.99 3.57 -22.78
C VAL A 2210 -63.23 4.14 -21.59
N LEU A 2211 -63.42 3.55 -20.41
CA LEU A 2211 -62.68 4.02 -19.24
C LEU A 2211 -61.19 3.77 -19.38
N ALA A 2212 -60.79 2.62 -19.92
CA ALA A 2212 -59.38 2.37 -20.17
C ALA A 2212 -58.80 3.43 -21.10
N ASN A 2213 -59.57 3.82 -22.11
CA ASN A 2213 -59.08 4.82 -23.08
C ASN A 2213 -58.95 6.20 -22.44
N ARG A 2214 -59.91 6.58 -21.60
CA ARG A 2214 -59.77 7.85 -20.89
C ARG A 2214 -58.60 7.79 -19.93
N LEU A 2215 -58.36 6.64 -19.31
CA LEU A 2215 -57.22 6.47 -18.43
C LEU A 2215 -55.93 6.70 -19.20
N LEU A 2216 -55.81 6.08 -20.38
CA LEU A 2216 -54.59 6.21 -21.17
C LEU A 2216 -54.38 7.67 -21.61
N ASN A 2217 -55.43 8.30 -22.13
CA ASN A 2217 -55.32 9.68 -22.58
C ASN A 2217 -54.96 10.61 -21.42
N PHE A 2218 -55.54 10.36 -20.24
CA PHE A 2218 -55.25 11.19 -19.08
C PHE A 2218 -53.84 10.95 -18.57
N LEU A 2219 -53.36 9.72 -18.64
CA LEU A 2219 -52.04 9.38 -18.14
C LEU A 2219 -50.94 9.95 -19.03
N MET A 2220 -51.13 9.91 -20.35
CA MET A 2220 -50.19 10.63 -21.21
C MET A 2220 -50.34 12.15 -21.07
N LYS A 2221 -51.55 12.64 -20.80
CA LYS A 2221 -51.76 14.08 -20.71
C LYS A 2221 -50.94 14.69 -19.57
N HIS A 2222 -50.88 14.02 -18.43
CA HIS A 2222 -50.06 14.44 -17.28
C HIS A 2222 -48.99 13.39 -17.07
N VAL A 2223 -47.87 13.54 -17.77
CA VAL A 2223 -46.77 12.59 -17.61
C VAL A 2223 -45.46 13.33 -17.43
N PHE A 2224 -45.52 14.65 -17.37
CA PHE A 2224 -44.33 15.47 -17.20
C PHE A 2224 -44.22 16.04 -15.79
N HIS A 2225 -43.25 15.54 -15.03
CA HIS A 2225 -43.03 16.00 -13.67
C HIS A 2225 -41.63 16.57 -13.51
N PRO A 2226 -41.53 17.76 -12.89
CA PRO A 2226 -40.24 18.43 -12.66
C PRO A 2226 -39.23 17.49 -12.02
N LYS A 2227 -39.71 16.34 -11.58
CA LYS A 2227 -38.86 15.32 -10.95
C LYS A 2227 -38.66 14.13 -11.88
N ARG A 2228 -37.41 13.88 -12.27
CA ARG A 2228 -37.13 12.96 -13.37
C ARG A 2228 -37.40 11.50 -13.00
N ALA A 2229 -37.27 11.14 -11.73
CA ALA A 2229 -37.43 9.74 -11.36
C ALA A 2229 -38.89 9.30 -11.50
N VAL A 2230 -39.81 10.09 -10.95
CA VAL A 2230 -41.23 9.81 -11.12
C VAL A 2230 -41.65 10.01 -12.57
N PHE A 2231 -40.99 10.91 -13.29
CA PHE A 2231 -41.20 11.03 -14.73
C PHE A 2231 -40.95 9.70 -15.43
N ARG A 2232 -39.79 9.10 -15.18
CA ARG A 2232 -39.48 7.78 -15.73
C ARG A 2232 -40.49 6.74 -15.26
N HIS A 2233 -40.90 6.83 -14.00
CA HIS A 2233 -41.86 5.87 -13.46
C HIS A 2233 -43.19 5.96 -14.19
N ASN A 2234 -43.71 7.18 -14.37
CA ASN A 2234 -44.96 7.36 -15.12
C ASN A 2234 -44.84 6.83 -16.54
N LEU A 2235 -43.70 7.09 -17.19
CA LEU A 2235 -43.51 6.55 -18.53
C LEU A 2235 -43.58 5.02 -18.50
N GLU A 2236 -43.02 4.40 -17.46
CA GLU A 2236 -43.09 2.95 -17.33
C GLU A 2236 -44.52 2.47 -17.10
N ILE A 2237 -45.30 3.24 -16.33
CA ILE A 2237 -46.72 2.92 -16.15
C ILE A 2237 -47.43 2.92 -17.50
N ILE A 2238 -47.20 3.98 -18.28
CA ILE A 2238 -47.85 4.09 -19.59
C ILE A 2238 -47.46 2.93 -20.48
N LYS A 2239 -46.18 2.58 -20.50
CA LYS A 2239 -45.75 1.52 -21.40
C LYS A 2239 -46.29 0.17 -20.95
N THR A 2240 -46.40 -0.06 -19.63
CA THR A 2240 -47.01 -1.28 -19.14
C THR A 2240 -48.47 -1.34 -19.50
N LEU A 2241 -49.18 -0.22 -19.33
CA LEU A 2241 -50.59 -0.14 -19.69
C LEU A 2241 -50.80 -0.47 -21.15
N VAL A 2242 -49.94 0.08 -22.02
CA VAL A 2242 -50.18 -0.05 -23.46
C VAL A 2242 -49.75 -1.41 -23.97
N GLU A 2243 -48.74 -2.02 -23.34
CA GLU A 2243 -48.35 -3.36 -23.79
C GLU A 2243 -49.13 -4.46 -23.08
N CYS A 2244 -49.94 -4.11 -22.07
CA CYS A 2244 -50.79 -5.11 -21.44
C CYS A 2244 -52.23 -5.04 -21.94
N TRP A 2245 -52.74 -3.85 -22.28
CA TRP A 2245 -54.10 -3.79 -22.81
C TRP A 2245 -54.10 -4.13 -24.30
N LYS A 2246 -53.51 -3.25 -25.11
CA LYS A 2246 -53.11 -3.53 -26.49
C LYS A 2246 -54.30 -3.92 -27.39
N ASP A 2247 -55.49 -3.96 -26.85
CA ASP A 2247 -56.61 -4.49 -27.64
C ASP A 2247 -57.79 -3.53 -27.71
N CYS A 2248 -57.91 -2.63 -26.74
CA CYS A 2248 -58.66 -1.40 -26.95
C CYS A 2248 -57.61 -0.37 -27.36
N LEU A 2249 -57.40 -0.29 -28.66
CA LEU A 2249 -56.14 0.22 -29.18
C LEU A 2249 -56.01 1.71 -28.92
N SER A 2250 -56.84 2.52 -29.58
CA SER A 2250 -57.08 3.91 -29.23
C SER A 2250 -55.86 4.72 -28.80
N ILE A 2251 -54.69 4.47 -29.39
CA ILE A 2251 -53.52 5.22 -28.94
C ILE A 2251 -53.73 6.69 -29.26
N PRO A 2252 -53.72 7.55 -28.26
CA PRO A 2252 -54.01 8.96 -28.50
C PRO A 2252 -52.82 9.67 -29.12
N TYR A 2253 -52.94 9.98 -30.40
CA TYR A 2253 -52.03 10.91 -31.05
C TYR A 2253 -52.52 12.32 -30.74
N ARG A 2254 -52.00 13.32 -31.46
CA ARG A 2254 -52.44 14.71 -31.37
C ARG A 2254 -52.06 15.38 -30.06
N LEU A 2255 -51.58 14.62 -29.08
CA LEU A 2255 -51.03 15.24 -27.88
C LEU A 2255 -49.58 14.86 -27.67
N ILE A 2256 -49.20 13.63 -28.04
CA ILE A 2256 -47.80 13.39 -28.31
C ILE A 2256 -47.35 14.29 -29.46
N PHE A 2257 -48.21 14.48 -30.45
CA PHE A 2257 -47.86 15.34 -31.59
C PHE A 2257 -47.63 16.77 -31.13
N GLU A 2258 -48.56 17.34 -30.38
CA GLU A 2258 -48.37 18.72 -29.93
C GLU A 2258 -47.31 18.79 -28.85
N LYS A 2259 -46.96 17.66 -28.25
CA LYS A 2259 -45.88 17.63 -27.28
C LYS A 2259 -44.51 17.71 -27.94
N PHE A 2260 -44.33 17.08 -29.11
CA PHE A 2260 -43.07 17.36 -29.81
C PHE A 2260 -43.18 18.53 -30.78
N SER A 2261 -44.39 18.94 -31.17
CA SER A 2261 -44.54 20.00 -32.16
C SER A 2261 -44.13 21.38 -31.67
N GLY A 2262 -43.72 21.52 -30.42
CA GLY A 2262 -43.31 22.82 -29.93
C GLY A 2262 -42.14 23.37 -30.71
N LYS A 2263 -42.12 24.67 -30.92
CA LYS A 2263 -41.02 25.36 -31.59
C LYS A 2263 -40.17 26.08 -30.55
N ASP A 2264 -39.26 26.94 -31.00
CA ASP A 2264 -38.32 27.67 -30.14
C ASP A 2264 -37.50 26.67 -29.34
N PRO A 2265 -36.51 26.02 -29.96
CA PRO A 2265 -35.72 25.02 -29.25
C PRO A 2265 -34.81 25.65 -28.21
N ASN A 2266 -35.40 26.09 -27.11
CA ASN A 2266 -34.65 26.55 -25.94
C ASN A 2266 -35.24 25.98 -24.65
N SER A 2267 -35.92 24.84 -24.74
CA SER A 2267 -36.52 24.21 -23.58
C SER A 2267 -36.76 22.75 -23.90
N LYS A 2268 -36.57 21.88 -22.90
CA LYS A 2268 -36.75 20.45 -23.12
C LYS A 2268 -38.23 20.11 -23.04
N ASP A 2269 -39.06 20.87 -23.77
CA ASP A 2269 -40.50 20.66 -23.71
C ASP A 2269 -40.92 19.56 -24.68
N ASN A 2270 -40.16 19.36 -25.74
CA ASN A 2270 -40.48 18.38 -26.76
C ASN A 2270 -40.04 16.98 -26.37
N SER A 2271 -39.28 16.83 -25.29
CA SER A 2271 -38.81 15.51 -24.88
C SER A 2271 -39.98 14.58 -24.59
N VAL A 2272 -41.07 15.14 -24.07
CA VAL A 2272 -42.20 14.33 -23.66
C VAL A 2272 -42.84 13.66 -24.86
N GLY A 2273 -43.04 14.41 -25.94
CA GLY A 2273 -43.70 13.84 -27.11
C GLY A 2273 -42.85 12.79 -27.80
N ILE A 2274 -41.55 13.08 -27.97
CA ILE A 2274 -40.67 12.12 -28.62
C ILE A 2274 -40.52 10.87 -27.77
N GLN A 2275 -40.50 11.01 -26.44
CA GLN A 2275 -40.35 9.83 -25.61
C GLN A 2275 -41.64 9.03 -25.49
N LEU A 2276 -42.80 9.69 -25.53
CA LEU A 2276 -44.07 8.97 -25.63
C LEU A 2276 -44.17 8.23 -26.95
N LEU A 2277 -43.74 8.88 -28.03
CA LEU A 2277 -43.71 8.21 -29.33
C LEU A 2277 -42.76 7.03 -29.32
N GLY A 2278 -41.61 7.18 -28.65
CA GLY A 2278 -40.73 6.04 -28.48
C GLY A 2278 -41.37 4.91 -27.71
N ILE A 2279 -42.16 5.25 -26.69
CA ILE A 2279 -42.89 4.23 -25.94
C ILE A 2279 -43.84 3.47 -26.84
N VAL A 2280 -44.66 4.20 -27.60
CA VAL A 2280 -45.66 3.52 -28.43
C VAL A 2280 -44.98 2.74 -29.55
N MET A 2281 -43.84 3.21 -30.04
CA MET A 2281 -43.06 2.48 -31.04
C MET A 2281 -42.33 1.29 -30.45
N ALA A 2282 -42.09 1.27 -29.14
CA ALA A 2282 -41.21 0.28 -28.54
C ALA A 2282 -41.75 -1.14 -28.66
N ASN A 2283 -43.06 -1.18 -28.95
CA ASN A 2283 -43.80 -2.39 -29.29
C ASN A 2283 -44.09 -2.27 -30.80
N ASP A 2284 -45.05 -3.07 -31.29
CA ASP A 2284 -45.38 -3.09 -32.71
C ASP A 2284 -46.42 -2.07 -33.15
N LEU A 2285 -46.72 -1.10 -32.30
CA LEU A 2285 -47.71 -0.09 -32.65
C LEU A 2285 -47.24 0.77 -33.83
N PRO A 2286 -48.15 1.07 -34.76
CA PRO A 2286 -47.87 1.87 -35.95
C PRO A 2286 -48.31 3.32 -35.70
N PRO A 2287 -47.44 4.29 -35.97
CA PRO A 2287 -47.86 5.67 -35.69
C PRO A 2287 -48.66 6.28 -36.84
N TYR A 2288 -49.66 5.56 -37.32
CA TYR A 2288 -50.45 6.04 -38.45
C TYR A 2288 -51.16 7.32 -38.02
N ASP A 2289 -50.63 8.44 -38.50
CA ASP A 2289 -51.00 9.78 -38.09
C ASP A 2289 -52.39 10.21 -38.53
N PRO A 2290 -52.64 10.40 -39.86
CA PRO A 2290 -53.72 11.29 -40.32
C PRO A 2290 -55.08 10.63 -40.47
N GLN A 2291 -55.23 9.42 -39.92
CA GLN A 2291 -56.53 8.77 -39.90
C GLN A 2291 -57.38 9.14 -38.70
N CYS A 2292 -56.82 9.82 -37.71
CA CYS A 2292 -57.58 10.40 -36.61
C CYS A 2292 -57.18 11.82 -36.28
N GLY A 2293 -55.99 12.27 -36.65
CA GLY A 2293 -55.51 13.56 -36.24
C GLY A 2293 -55.03 14.47 -37.35
N ILE A 2294 -53.79 14.92 -37.25
CA ILE A 2294 -53.26 15.96 -38.12
C ILE A 2294 -52.46 15.29 -39.23
N GLN A 2295 -52.29 16.01 -40.33
CA GLN A 2295 -51.79 15.39 -41.57
C GLN A 2295 -50.32 14.97 -41.41
N SER A 2296 -50.03 13.76 -41.91
CA SER A 2296 -48.69 13.19 -41.72
C SER A 2296 -47.61 14.12 -42.26
N SER A 2297 -47.90 14.84 -43.34
CA SER A 2297 -46.89 15.69 -43.96
C SER A 2297 -46.41 16.79 -43.04
N GLU A 2298 -47.18 17.14 -42.02
CA GLU A 2298 -46.74 18.08 -41.00
C GLU A 2298 -46.48 17.45 -39.65
N TYR A 2299 -47.12 16.31 -39.35
CA TYR A 2299 -46.79 15.55 -38.16
C TYR A 2299 -45.32 15.16 -38.19
N PHE A 2300 -44.96 14.37 -39.20
CA PHE A 2300 -43.57 13.94 -39.34
C PHE A 2300 -42.66 15.14 -39.57
N GLN A 2301 -43.18 16.19 -40.20
CA GLN A 2301 -42.39 17.41 -40.38
C GLN A 2301 -41.92 17.96 -39.04
N ALA A 2302 -42.84 18.09 -38.09
CA ALA A 2302 -42.45 18.64 -36.78
C ALA A 2302 -41.59 17.65 -36.01
N LEU A 2303 -41.86 16.35 -36.16
CA LEU A 2303 -40.96 15.34 -35.61
C LEU A 2303 -39.52 15.57 -36.07
N VAL A 2304 -39.34 15.78 -37.37
CA VAL A 2304 -37.99 15.99 -37.89
C VAL A 2304 -37.43 17.34 -37.46
N ASN A 2305 -38.28 18.38 -37.46
CA ASN A 2305 -37.78 19.69 -37.03
C ASN A 2305 -37.22 19.63 -35.61
N ASN A 2306 -37.86 18.85 -34.72
CA ASN A 2306 -37.25 18.69 -33.41
C ASN A 2306 -36.08 17.72 -33.45
N MET A 2307 -36.00 16.86 -34.49
CA MET A 2307 -34.73 16.18 -34.76
C MET A 2307 -33.60 17.16 -35.05
N SER A 2308 -33.92 18.38 -35.44
CA SER A 2308 -32.89 19.39 -35.66
C SER A 2308 -32.76 20.40 -34.53
N PHE A 2309 -33.10 20.03 -33.30
CA PHE A 2309 -33.08 20.96 -32.16
C PHE A 2309 -31.77 20.79 -31.40
N VAL A 2310 -30.74 21.49 -31.86
CA VAL A 2310 -29.38 21.31 -31.29
C VAL A 2310 -29.21 22.35 -30.18
N ARG A 2311 -29.73 22.01 -29.00
CA ARG A 2311 -29.40 22.78 -27.81
C ARG A 2311 -29.33 21.85 -26.60
N TYR A 2312 -30.16 20.81 -26.61
CA TYR A 2312 -30.17 19.78 -25.59
C TYR A 2312 -29.95 18.42 -26.23
N LYS A 2313 -29.31 17.53 -25.50
CA LYS A 2313 -28.92 16.24 -26.08
C LYS A 2313 -30.13 15.36 -26.36
N GLU A 2314 -31.06 15.27 -25.40
CA GLU A 2314 -32.07 14.23 -25.53
C GLU A 2314 -33.07 14.56 -26.63
N VAL A 2315 -33.35 15.84 -26.86
CA VAL A 2315 -34.36 16.19 -27.86
C VAL A 2315 -33.92 15.71 -29.25
N TYR A 2316 -32.74 16.15 -29.71
CA TYR A 2316 -32.32 15.73 -31.05
C TYR A 2316 -31.89 14.27 -31.08
N ALA A 2317 -31.19 13.78 -30.06
CA ALA A 2317 -30.74 12.40 -30.09
C ALA A 2317 -31.90 11.43 -30.08
N ALA A 2318 -32.92 11.68 -29.24
CA ALA A 2318 -34.03 10.75 -29.16
C ALA A 2318 -35.00 10.95 -30.30
N ALA A 2319 -35.14 12.17 -30.83
CA ALA A 2319 -35.89 12.34 -32.06
C ALA A 2319 -35.26 11.54 -33.19
N ALA A 2320 -33.93 11.58 -33.29
CA ALA A 2320 -33.24 10.78 -34.30
C ALA A 2320 -33.44 9.28 -34.08
N GLU A 2321 -33.36 8.83 -32.84
CA GLU A 2321 -33.49 7.40 -32.57
C GLU A 2321 -34.92 6.91 -32.83
N VAL A 2322 -35.92 7.68 -32.42
CA VAL A 2322 -37.29 7.29 -32.69
C VAL A 2322 -37.57 7.36 -34.18
N LEU A 2323 -36.98 8.33 -34.89
CA LEU A 2323 -37.15 8.40 -36.34
C LEU A 2323 -36.54 7.19 -37.02
N GLY A 2324 -35.38 6.74 -36.55
CA GLY A 2324 -34.80 5.51 -37.08
C GLY A 2324 -35.68 4.31 -36.84
N LEU A 2325 -36.31 4.26 -35.66
CA LEU A 2325 -37.25 3.17 -35.38
C LEU A 2325 -38.43 3.21 -36.32
N ILE A 2326 -39.00 4.40 -36.53
CA ILE A 2326 -40.13 4.56 -37.44
C ILE A 2326 -39.74 4.15 -38.84
N LEU A 2327 -38.55 4.56 -39.30
CA LEU A 2327 -38.10 4.20 -40.64
C LEU A 2327 -37.94 2.70 -40.80
N ARG A 2328 -37.33 2.03 -39.82
CA ARG A 2328 -37.23 0.58 -39.91
C ARG A 2328 -38.61 -0.07 -39.97
N TYR A 2329 -39.54 0.44 -39.15
CA TYR A 2329 -40.88 -0.14 -39.13
C TYR A 2329 -41.60 0.03 -40.46
N VAL A 2330 -41.53 1.23 -41.05
CA VAL A 2330 -42.19 1.46 -42.34
C VAL A 2330 -41.41 0.88 -43.51
N MET A 2331 -40.20 0.38 -43.28
CA MET A 2331 -39.55 -0.48 -44.27
C MET A 2331 -40.05 -1.91 -44.17
N GLU A 2332 -40.08 -2.48 -42.97
CA GLU A 2332 -40.52 -3.86 -42.84
C GLU A 2332 -41.97 -4.00 -43.28
N ARG A 2333 -42.81 -3.04 -42.90
CA ARG A 2333 -44.15 -2.92 -43.49
C ARG A 2333 -43.99 -2.32 -44.88
N LYS A 2334 -44.24 -3.13 -45.92
CA LYS A 2334 -43.98 -2.65 -47.26
C LYS A 2334 -45.04 -1.63 -47.69
N ASN A 2335 -45.07 -0.48 -47.04
CA ASN A 2335 -46.03 0.57 -47.33
C ASN A 2335 -45.36 1.72 -48.06
N ILE A 2336 -46.17 2.52 -48.75
CA ILE A 2336 -45.63 3.67 -49.47
C ILE A 2336 -45.65 4.88 -48.55
N LEU A 2337 -44.76 4.90 -47.56
CA LEU A 2337 -44.51 6.08 -46.75
C LEU A 2337 -43.05 6.23 -46.37
N GLU A 2338 -42.24 5.17 -46.49
CA GLU A 2338 -40.87 5.20 -45.98
C GLU A 2338 -40.03 6.27 -46.65
N GLU A 2339 -40.06 6.32 -47.98
CA GLU A 2339 -39.24 7.30 -48.70
C GLU A 2339 -39.69 8.71 -48.39
N SER A 2340 -40.97 8.88 -48.05
CA SER A 2340 -41.55 10.21 -47.94
C SER A 2340 -40.83 11.06 -46.91
N LEU A 2341 -40.69 10.55 -45.69
CA LEU A 2341 -39.88 11.25 -44.69
C LEU A 2341 -38.48 10.69 -44.56
N CYS A 2342 -38.14 9.59 -45.24
CA CYS A 2342 -36.74 9.25 -45.41
C CYS A 2342 -36.02 10.40 -46.09
N GLU A 2343 -36.68 11.04 -47.05
CA GLU A 2343 -36.14 12.24 -47.68
C GLU A 2343 -36.12 13.41 -46.71
N LEU A 2344 -37.12 13.53 -45.83
CA LEU A 2344 -37.12 14.62 -44.85
C LEU A 2344 -35.97 14.48 -43.86
N VAL A 2345 -35.75 13.27 -43.35
CA VAL A 2345 -34.66 13.06 -42.40
C VAL A 2345 -33.33 13.20 -43.11
N ALA A 2346 -33.24 12.74 -44.36
CA ALA A 2346 -32.05 12.97 -45.15
C ALA A 2346 -31.76 14.46 -45.26
N LYS A 2347 -32.78 15.27 -45.57
CA LYS A 2347 -32.57 16.70 -45.69
C LYS A 2347 -32.15 17.30 -44.35
N GLN A 2348 -32.76 16.84 -43.27
CA GLN A 2348 -32.43 17.39 -41.96
C GLN A 2348 -30.98 17.09 -41.60
N LEU A 2349 -30.47 15.94 -42.05
CA LEU A 2349 -29.05 15.66 -41.91
C LEU A 2349 -28.22 16.54 -42.85
N LYS A 2350 -28.70 16.80 -44.06
CA LYS A 2350 -27.96 17.63 -45.00
C LYS A 2350 -27.71 19.03 -44.44
N GLN A 2351 -28.70 19.60 -43.73
CA GLN A 2351 -28.35 20.86 -43.07
C GLN A 2351 -27.34 20.67 -41.96
N HIS A 2352 -27.16 19.46 -41.45
CA HIS A 2352 -26.13 19.26 -40.45
C HIS A 2352 -24.73 19.13 -41.06
N GLN A 2353 -24.61 18.54 -42.25
CA GLN A 2353 -23.29 18.08 -42.73
C GLN A 2353 -22.22 19.16 -42.69
N ASN A 2354 -22.55 20.38 -43.09
CA ASN A 2354 -21.52 21.36 -43.38
C ASN A 2354 -21.53 22.60 -42.49
N THR A 2355 -22.44 22.70 -41.53
CA THR A 2355 -22.39 23.80 -40.57
C THR A 2355 -21.99 23.36 -39.16
N MET A 2356 -22.32 22.13 -38.78
CA MET A 2356 -21.95 21.61 -37.47
C MET A 2356 -21.87 20.09 -37.57
N GLU A 2357 -20.69 19.54 -37.31
CA GLU A 2357 -20.39 18.17 -37.68
C GLU A 2357 -20.72 17.17 -36.57
N ASP A 2358 -20.47 17.54 -35.32
CA ASP A 2358 -20.72 16.63 -34.22
C ASP A 2358 -22.20 16.25 -34.11
N LYS A 2359 -23.10 17.22 -34.29
CA LYS A 2359 -24.52 16.89 -34.27
C LYS A 2359 -24.89 16.03 -35.47
N PHE A 2360 -24.25 16.28 -36.62
CA PHE A 2360 -24.49 15.45 -37.80
C PHE A 2360 -24.15 13.99 -37.51
N ILE A 2361 -23.00 13.74 -36.89
CA ILE A 2361 -22.60 12.35 -36.69
C ILE A 2361 -23.42 11.71 -35.58
N VAL A 2362 -23.77 12.48 -34.55
CA VAL A 2362 -24.65 11.95 -33.50
C VAL A 2362 -25.98 11.51 -34.08
N CYS A 2363 -26.61 12.38 -34.86
CA CYS A 2363 -27.93 12.05 -35.38
C CYS A 2363 -27.86 10.92 -36.41
N LEU A 2364 -26.77 10.85 -37.19
CA LEU A 2364 -26.67 9.76 -38.15
C LEU A 2364 -26.46 8.42 -37.45
N ASN A 2365 -25.66 8.41 -36.39
CA ASN A 2365 -25.49 7.19 -35.61
C ASN A 2365 -26.81 6.76 -34.99
N LYS A 2366 -27.58 7.73 -34.48
CA LYS A 2366 -28.85 7.38 -33.84
C LYS A 2366 -29.87 6.86 -34.84
N VAL A 2367 -29.94 7.45 -36.04
CA VAL A 2367 -30.84 6.91 -37.04
C VAL A 2367 -30.39 5.52 -37.47
N THR A 2368 -29.09 5.30 -37.57
CA THR A 2368 -28.57 4.06 -38.14
C THR A 2368 -28.38 2.94 -37.12
N LYS A 2369 -28.62 3.21 -35.83
CA LYS A 2369 -28.64 2.11 -34.87
C LYS A 2369 -29.71 1.10 -35.22
N SER A 2370 -30.86 1.56 -35.72
CA SER A 2370 -31.94 0.68 -36.16
C SER A 2370 -32.18 0.71 -37.66
N PHE A 2371 -31.85 1.82 -38.33
CA PHE A 2371 -32.02 1.95 -39.78
C PHE A 2371 -30.66 2.10 -40.46
N PRO A 2372 -30.00 1.01 -40.81
CA PRO A 2372 -28.76 1.11 -41.59
C PRO A 2372 -28.97 1.82 -42.91
N PRO A 2373 -30.01 1.46 -43.72
CA PRO A 2373 -30.02 1.97 -45.09
C PRO A 2373 -30.35 3.45 -45.23
N LEU A 2374 -29.68 4.29 -44.44
CA LEU A 2374 -29.74 5.73 -44.61
C LEU A 2374 -28.35 6.35 -44.61
N ALA A 2375 -27.31 5.54 -44.51
CA ALA A 2375 -25.94 6.04 -44.56
C ALA A 2375 -25.28 5.79 -45.90
N ASP A 2376 -25.88 4.95 -46.75
CA ASP A 2376 -25.37 4.79 -48.11
C ASP A 2376 -25.23 6.15 -48.79
N ARG A 2377 -26.21 7.01 -48.63
CA ARG A 2377 -26.12 8.37 -49.14
C ARG A 2377 -25.41 9.30 -48.18
N PHE A 2378 -24.70 8.77 -47.18
CA PHE A 2378 -23.93 9.61 -46.27
C PHE A 2378 -22.52 9.09 -46.04
N MET A 2379 -22.19 7.89 -46.53
CA MET A 2379 -20.85 7.35 -46.33
C MET A 2379 -19.77 8.34 -46.77
N ASN A 2380 -19.94 8.96 -47.93
CA ASN A 2380 -18.96 9.94 -48.38
C ASN A 2380 -18.72 10.97 -47.28
N ALA A 2381 -19.81 11.57 -46.79
CA ALA A 2381 -19.68 12.59 -45.75
C ALA A 2381 -18.91 12.03 -44.56
N VAL A 2382 -19.27 10.83 -44.10
CA VAL A 2382 -18.65 10.35 -42.87
C VAL A 2382 -17.16 10.18 -43.08
N PHE A 2383 -16.75 9.71 -44.28
CA PHE A 2383 -15.32 9.57 -44.51
C PHE A 2383 -14.64 10.93 -44.51
N PHE A 2384 -15.24 11.93 -45.14
CA PHE A 2384 -14.65 13.25 -45.11
C PHE A 2384 -14.54 13.75 -43.68
N LEU A 2385 -15.40 13.26 -42.80
CA LEU A 2385 -15.35 13.66 -41.40
C LEU A 2385 -14.55 12.70 -40.55
N LEU A 2386 -14.29 11.49 -41.06
CA LEU A 2386 -13.67 10.46 -40.23
C LEU A 2386 -12.31 10.87 -39.66
N PRO A 2387 -11.39 11.51 -40.41
CA PRO A 2387 -10.12 11.92 -39.79
C PRO A 2387 -10.19 13.27 -39.10
N LYS A 2388 -11.39 13.80 -38.88
CA LYS A 2388 -11.54 15.11 -38.26
C LYS A 2388 -12.02 15.02 -36.81
N PHE A 2389 -12.27 13.83 -36.31
CA PHE A 2389 -12.80 13.64 -34.97
C PHE A 2389 -11.80 12.86 -34.13
N HIS A 2390 -11.70 13.23 -32.85
CA HIS A 2390 -10.78 12.56 -31.93
C HIS A 2390 -11.46 11.95 -30.73
N GLY A 2391 -12.57 12.52 -30.27
CA GLY A 2391 -13.24 11.99 -29.09
C GLY A 2391 -14.11 10.80 -29.40
N VAL A 2392 -15.31 10.76 -28.83
CA VAL A 2392 -16.24 9.68 -29.10
C VAL A 2392 -16.91 9.84 -30.47
N LEU A 2393 -16.81 11.02 -31.06
CA LEU A 2393 -17.37 11.24 -32.38
C LEU A 2393 -16.74 10.32 -33.41
N LYS A 2394 -15.45 10.03 -33.26
CA LYS A 2394 -14.81 9.08 -34.17
C LYS A 2394 -15.36 7.67 -33.97
N THR A 2395 -15.73 7.33 -32.73
CA THR A 2395 -16.35 6.04 -32.48
C THR A 2395 -17.70 5.96 -33.17
N LEU A 2396 -18.48 7.04 -33.09
CA LEU A 2396 -19.77 7.08 -33.76
C LEU A 2396 -19.59 6.98 -35.28
N CYS A 2397 -18.61 7.71 -35.81
CA CYS A 2397 -18.28 7.63 -37.23
C CYS A 2397 -18.00 6.20 -37.65
N LEU A 2398 -17.16 5.49 -36.90
CA LEU A 2398 -16.80 4.15 -37.30
C LEU A 2398 -17.94 3.16 -37.12
N GLU A 2399 -18.85 3.40 -36.16
CA GLU A 2399 -20.04 2.56 -36.08
C GLU A 2399 -20.96 2.80 -37.27
N VAL A 2400 -21.07 4.06 -37.69
CA VAL A 2400 -21.85 4.39 -38.87
C VAL A 2400 -21.29 3.68 -40.09
N VAL A 2401 -19.96 3.71 -40.26
CA VAL A 2401 -19.41 2.98 -41.40
C VAL A 2401 -19.65 1.49 -41.25
N LEU A 2402 -19.58 0.97 -40.02
CA LEU A 2402 -19.74 -0.47 -39.81
C LEU A 2402 -21.14 -0.95 -40.17
N CYS A 2403 -22.16 -0.11 -39.96
CA CYS A 2403 -23.49 -0.60 -40.31
C CYS A 2403 -23.67 -0.80 -41.81
N ARG A 2404 -22.78 -0.28 -42.64
CA ARG A 2404 -22.94 -0.33 -44.10
C ARG A 2404 -21.83 -1.10 -44.82
N VAL A 2405 -20.86 -1.69 -44.12
CA VAL A 2405 -19.65 -2.18 -44.77
C VAL A 2405 -19.94 -3.33 -45.72
N GLU A 2406 -20.92 -4.17 -45.40
CA GLU A 2406 -21.16 -5.38 -46.19
C GLU A 2406 -21.84 -5.01 -47.50
N GLY A 2407 -21.06 -4.40 -48.39
CA GLY A 2407 -21.61 -3.94 -49.66
C GLY A 2407 -20.97 -2.69 -50.23
N MET A 2408 -20.24 -1.93 -49.40
CA MET A 2408 -19.36 -0.91 -49.96
C MET A 2408 -18.33 -1.58 -50.85
N THR A 2409 -18.08 -0.99 -52.02
CA THR A 2409 -17.48 -1.75 -53.12
C THR A 2409 -16.05 -2.19 -52.80
N GLU A 2410 -15.21 -1.33 -52.24
CA GLU A 2410 -13.92 -1.81 -51.75
C GLU A 2410 -13.74 -1.51 -50.26
N LEU A 2411 -13.89 -0.25 -49.86
CA LEU A 2411 -13.82 0.23 -48.48
C LEU A 2411 -12.41 0.15 -47.91
N TYR A 2412 -11.50 -0.59 -48.56
CA TYR A 2412 -10.14 -0.63 -48.08
C TYR A 2412 -9.42 0.68 -48.38
N PHE A 2413 -9.57 1.16 -49.60
CA PHE A 2413 -8.86 2.37 -50.01
C PHE A 2413 -9.32 3.57 -49.21
N GLN A 2414 -10.64 3.69 -49.00
CA GLN A 2414 -11.17 4.80 -48.21
C GLN A 2414 -10.67 4.74 -46.78
N LEU A 2415 -10.67 3.54 -46.17
CA LEU A 2415 -10.20 3.41 -44.81
C LEU A 2415 -8.71 3.73 -44.69
N LYS A 2416 -7.88 3.14 -45.54
CA LYS A 2416 -6.44 3.41 -45.50
C LYS A 2416 -6.15 4.88 -45.71
N SER A 2417 -6.77 5.49 -46.71
CA SER A 2417 -6.68 6.93 -46.92
C SER A 2417 -6.99 7.71 -45.65
N LYS A 2418 -7.79 7.14 -44.75
CA LYS A 2418 -8.24 7.84 -43.56
C LYS A 2418 -7.47 7.44 -42.31
N ASP A 2419 -6.35 6.71 -42.48
CA ASP A 2419 -5.49 6.29 -41.37
C ASP A 2419 -6.20 5.29 -40.45
N PHE A 2420 -6.75 4.24 -41.06
CA PHE A 2420 -7.42 3.19 -40.28
C PHE A 2420 -6.42 2.36 -39.50
N VAL A 2421 -5.30 2.00 -40.11
CA VAL A 2421 -4.29 1.19 -39.44
C VAL A 2421 -3.74 1.93 -38.23
N GLN A 2422 -3.52 3.23 -38.36
CA GLN A 2422 -2.97 4.00 -37.25
C GLN A 2422 -4.01 4.27 -36.17
N VAL A 2423 -5.30 4.15 -36.50
CA VAL A 2423 -6.32 4.44 -35.49
C VAL A 2423 -6.76 3.16 -34.78
N MET A 2424 -6.57 1.98 -35.38
CA MET A 2424 -6.73 0.77 -34.59
C MET A 2424 -5.72 0.67 -33.47
N ARG A 2425 -4.63 1.42 -33.54
CA ARG A 2425 -3.54 1.34 -32.57
C ARG A 2425 -3.73 2.27 -31.38
N HIS A 2426 -4.84 3.01 -31.32
CA HIS A 2426 -5.10 3.87 -30.19
C HIS A 2426 -5.48 3.01 -28.98
N ARG A 2427 -5.81 3.64 -27.86
CA ARG A 2427 -5.95 2.92 -26.60
C ARG A 2427 -7.39 2.54 -26.27
N ASP A 2428 -8.38 3.20 -26.88
CA ASP A 2428 -9.78 3.02 -26.49
C ASP A 2428 -10.28 1.62 -26.85
N ASP A 2429 -11.03 1.03 -25.92
CA ASP A 2429 -11.53 -0.34 -26.10
C ASP A 2429 -12.69 -0.39 -27.08
N GLU A 2430 -13.63 0.54 -26.99
CA GLU A 2430 -14.79 0.52 -27.88
C GLU A 2430 -14.40 0.88 -29.31
N ARG A 2431 -13.55 1.91 -29.48
CA ARG A 2431 -13.05 2.22 -30.82
C ARG A 2431 -12.37 1.02 -31.43
N GLN A 2432 -11.53 0.33 -30.65
CA GLN A 2432 -10.78 -0.79 -31.21
C GLN A 2432 -11.69 -1.98 -31.49
N LYS A 2433 -12.73 -2.16 -30.69
CA LYS A 2433 -13.68 -3.24 -30.96
C LYS A 2433 -14.49 -2.95 -32.22
N VAL A 2434 -14.93 -1.71 -32.41
CA VAL A 2434 -15.66 -1.39 -33.63
C VAL A 2434 -14.73 -1.47 -34.84
N CYS A 2435 -13.46 -1.07 -34.68
CA CYS A 2435 -12.50 -1.22 -35.76
C CYS A 2435 -12.33 -2.68 -36.15
N LEU A 2436 -12.20 -3.56 -35.15
CA LEU A 2436 -12.11 -4.98 -35.44
C LEU A 2436 -13.40 -5.51 -36.05
N ASP A 2437 -14.54 -4.89 -35.75
CA ASP A 2437 -15.79 -5.29 -36.40
C ASP A 2437 -15.79 -4.88 -37.87
N ILE A 2438 -15.39 -3.64 -38.16
CA ILE A 2438 -15.41 -3.17 -39.55
C ILE A 2438 -14.31 -3.86 -40.34
N ILE A 2439 -13.40 -4.56 -39.65
CA ILE A 2439 -12.40 -5.33 -40.36
C ILE A 2439 -12.76 -6.81 -40.42
N TYR A 2440 -13.68 -7.27 -39.58
CA TYR A 2440 -14.22 -8.62 -39.74
C TYR A 2440 -15.26 -8.68 -40.85
N LYS A 2441 -16.11 -7.66 -40.96
CA LYS A 2441 -17.17 -7.72 -41.95
C LYS A 2441 -16.66 -7.45 -43.36
N MET A 2442 -15.66 -6.59 -43.51
CA MET A 2442 -15.11 -6.27 -44.82
C MET A 2442 -14.05 -7.23 -45.27
N MET A 2443 -13.75 -8.24 -44.49
CA MET A 2443 -12.59 -9.09 -44.69
C MET A 2443 -12.76 -10.11 -45.81
N PRO A 2444 -13.93 -10.73 -46.03
CA PRO A 2444 -14.05 -11.60 -47.20
C PRO A 2444 -14.30 -10.84 -48.49
N LYS A 2445 -13.61 -9.71 -48.64
CA LYS A 2445 -13.59 -8.95 -49.88
C LYS A 2445 -12.20 -8.46 -50.24
N LEU A 2446 -11.30 -8.34 -49.28
CA LEU A 2446 -9.95 -7.88 -49.53
C LEU A 2446 -9.19 -8.91 -50.36
N LYS A 2447 -8.15 -8.42 -51.02
CA LYS A 2447 -7.18 -9.30 -51.66
C LYS A 2447 -5.98 -9.46 -50.74
N PRO A 2448 -5.25 -10.57 -50.86
CA PRO A 2448 -4.17 -10.85 -49.90
C PRO A 2448 -3.20 -9.69 -49.71
N VAL A 2449 -3.02 -8.86 -50.73
CA VAL A 2449 -2.13 -7.70 -50.60
C VAL A 2449 -2.65 -6.77 -49.51
N GLU A 2450 -3.97 -6.58 -49.44
CA GLU A 2450 -4.54 -5.68 -48.43
C GLU A 2450 -4.65 -6.37 -47.09
N LEU A 2451 -5.08 -7.64 -47.10
CA LEU A 2451 -5.20 -8.38 -45.85
C LEU A 2451 -3.86 -8.50 -45.14
N ARG A 2452 -2.76 -8.55 -45.89
CA ARG A 2452 -1.44 -8.56 -45.26
C ARG A 2452 -1.16 -7.27 -44.51
N GLU A 2453 -1.46 -6.13 -45.11
CA GLU A 2453 -1.14 -4.88 -44.45
C GLU A 2453 -2.12 -4.62 -43.30
N LEU A 2454 -3.28 -5.24 -43.34
CA LEU A 2454 -4.22 -5.12 -42.22
C LEU A 2454 -3.91 -6.10 -41.08
N LEU A 2455 -3.29 -7.24 -41.39
CA LEU A 2455 -3.05 -8.26 -40.38
C LEU A 2455 -2.00 -7.87 -39.35
N ASN A 2456 -1.21 -6.82 -39.60
CA ASN A 2456 -0.21 -6.43 -38.60
C ASN A 2456 -0.85 -5.88 -37.33
N PRO A 2457 -1.59 -4.77 -37.36
CA PRO A 2457 -2.07 -4.18 -36.11
C PRO A 2457 -3.30 -4.87 -35.53
N VAL A 2458 -3.77 -5.95 -36.15
CA VAL A 2458 -4.78 -6.79 -35.50
C VAL A 2458 -4.13 -7.91 -34.70
N VAL A 2459 -3.08 -8.55 -35.22
CA VAL A 2459 -2.35 -9.51 -34.41
C VAL A 2459 -1.47 -8.81 -33.39
N GLU A 2460 -1.34 -7.49 -33.49
CA GLU A 2460 -0.84 -6.69 -32.39
C GLU A 2460 -1.80 -6.65 -31.20
N PHE A 2461 -2.92 -7.38 -31.25
CA PHE A 2461 -3.91 -7.40 -30.20
C PHE A 2461 -3.79 -8.59 -29.25
N VAL A 2462 -2.67 -9.33 -29.29
CA VAL A 2462 -2.56 -10.50 -28.43
C VAL A 2462 -2.22 -10.07 -27.02
N SER A 2463 -1.52 -8.95 -26.87
CA SER A 2463 -1.21 -8.38 -25.57
C SER A 2463 -2.25 -7.36 -25.13
N HIS A 2464 -3.47 -7.49 -25.58
CA HIS A 2464 -4.42 -6.44 -25.25
C HIS A 2464 -5.19 -6.78 -23.99
N PRO A 2465 -5.49 -5.77 -23.17
CA PRO A 2465 -6.58 -5.91 -22.21
C PRO A 2465 -7.91 -5.94 -22.95
N SER A 2466 -9.02 -5.98 -22.22
CA SER A 2466 -10.35 -5.92 -22.83
C SER A 2466 -10.57 -7.16 -23.72
N THR A 2467 -10.81 -8.28 -23.03
CA THR A 2467 -11.01 -9.58 -23.65
C THR A 2467 -11.99 -9.58 -24.81
N THR A 2468 -12.90 -8.60 -24.87
CA THR A 2468 -13.83 -8.54 -26.00
C THR A 2468 -13.11 -8.20 -27.31
N CYS A 2469 -12.22 -7.21 -27.28
CA CYS A 2469 -11.45 -6.89 -28.47
C CYS A 2469 -10.55 -8.04 -28.87
N ARG A 2470 -9.96 -8.71 -27.88
CA ARG A 2470 -9.11 -9.86 -28.16
C ARG A 2470 -9.92 -11.01 -28.75
N GLU A 2471 -11.17 -11.17 -28.32
CA GLU A 2471 -12.00 -12.21 -28.90
C GLU A 2471 -12.39 -11.87 -30.32
N GLN A 2472 -12.59 -10.60 -30.62
CA GLN A 2472 -12.79 -10.20 -32.01
C GLN A 2472 -11.55 -10.49 -32.85
N MET A 2473 -10.36 -10.16 -32.33
CA MET A 2473 -9.12 -10.50 -33.02
C MET A 2473 -9.06 -11.99 -33.34
N TYR A 2474 -9.23 -12.83 -32.32
CA TYR A 2474 -9.16 -14.27 -32.57
C TYR A 2474 -10.26 -14.69 -33.54
N ASN A 2475 -11.38 -13.98 -33.53
CA ASN A 2475 -12.53 -14.41 -34.32
C ASN A 2475 -12.37 -14.04 -35.78
N ILE A 2476 -11.55 -13.04 -36.07
CA ILE A 2476 -11.23 -12.82 -37.47
C ILE A 2476 -10.08 -13.73 -37.86
N LEU A 2477 -9.23 -14.10 -36.91
CA LEU A 2477 -8.11 -14.98 -37.25
C LEU A 2477 -8.55 -16.40 -37.51
N MET A 2478 -9.63 -16.88 -36.90
CA MET A 2478 -10.13 -18.19 -37.32
C MET A 2478 -10.57 -18.18 -38.78
N TRP A 2479 -11.25 -17.12 -39.23
CA TRP A 2479 -11.58 -17.01 -40.64
C TRP A 2479 -10.31 -16.99 -41.49
N ILE A 2480 -9.40 -16.07 -41.17
CA ILE A 2480 -8.14 -15.96 -41.92
C ILE A 2480 -7.42 -17.30 -41.96
N HIS A 2481 -7.61 -18.13 -40.95
CA HIS A 2481 -6.97 -19.43 -40.95
C HIS A 2481 -7.69 -20.40 -41.87
N ASP A 2482 -9.02 -20.48 -41.75
CA ASP A 2482 -9.76 -21.53 -42.43
C ASP A 2482 -9.89 -21.28 -43.93
N ASN A 2483 -9.98 -20.02 -44.33
CA ASN A 2483 -10.11 -19.67 -45.73
C ASN A 2483 -8.79 -19.34 -46.39
N TYR A 2484 -7.66 -19.52 -45.69
CA TYR A 2484 -6.35 -19.31 -46.27
C TYR A 2484 -5.43 -20.50 -46.04
N ARG A 2485 -5.98 -21.68 -45.71
CA ARG A 2485 -5.13 -22.85 -45.58
C ARG A 2485 -4.43 -23.18 -46.88
N ASP A 2486 -4.99 -22.75 -48.01
CA ASP A 2486 -4.38 -22.92 -49.34
C ASP A 2486 -4.03 -24.39 -49.56
N PRO A 2487 -5.02 -25.25 -49.83
CA PRO A 2487 -4.75 -26.68 -49.90
C PRO A 2487 -3.86 -27.05 -51.08
N GLU A 2488 -2.56 -26.79 -50.92
CA GLU A 2488 -1.54 -27.09 -51.93
C GLU A 2488 -1.79 -26.30 -53.21
N SER A 2489 -1.86 -24.98 -53.06
CA SER A 2489 -1.91 -24.05 -54.18
C SER A 2489 -0.62 -23.25 -54.34
N GLU A 2490 -0.20 -22.57 -53.27
CA GLU A 2490 1.07 -21.83 -53.25
C GLU A 2490 1.16 -20.81 -54.37
N THR A 2491 0.02 -20.29 -54.82
CA THR A 2491 0.01 -19.33 -55.92
C THR A 2491 0.51 -17.96 -55.47
N ASP A 2492 0.26 -17.61 -54.20
CA ASP A 2492 0.56 -16.29 -53.69
C ASP A 2492 1.46 -16.41 -52.47
N ASN A 2493 2.46 -15.52 -52.38
CA ASN A 2493 3.30 -15.46 -51.20
C ASN A 2493 2.51 -14.94 -50.00
N ASP A 2494 1.73 -13.89 -50.19
CA ASP A 2494 0.91 -13.35 -49.12
C ASP A 2494 -0.11 -14.37 -48.62
N SER A 2495 -0.73 -15.11 -49.53
CA SER A 2495 -1.76 -16.05 -49.12
C SER A 2495 -1.20 -17.28 -48.44
N GLN A 2496 0.09 -17.30 -48.14
CA GLN A 2496 0.67 -18.26 -47.21
C GLN A 2496 1.50 -17.58 -46.12
N GLU A 2497 2.01 -16.39 -46.37
CA GLU A 2497 2.69 -15.64 -45.32
C GLU A 2497 1.72 -15.19 -44.25
N ILE A 2498 0.55 -14.68 -44.64
CA ILE A 2498 -0.42 -14.27 -43.65
C ILE A 2498 -1.00 -15.50 -42.96
N PHE A 2499 -1.08 -16.64 -43.64
CA PHE A 2499 -1.49 -17.86 -42.94
C PHE A 2499 -0.44 -18.30 -41.93
N LYS A 2500 0.85 -18.13 -42.26
CA LYS A 2500 1.89 -18.35 -41.28
C LYS A 2500 1.67 -17.49 -40.05
N LEU A 2501 1.45 -16.20 -40.25
CA LEU A 2501 1.28 -15.27 -39.13
C LEU A 2501 0.02 -15.57 -38.34
N ALA A 2502 -1.06 -15.93 -39.04
CA ALA A 2502 -2.33 -16.25 -38.37
C ALA A 2502 -2.20 -17.51 -37.54
N LYS A 2503 -1.57 -18.56 -38.09
CA LYS A 2503 -1.28 -19.75 -37.31
C LYS A 2503 -0.45 -19.41 -36.09
N ASP A 2504 0.57 -18.57 -36.28
CA ASP A 2504 1.44 -18.17 -35.17
C ASP A 2504 0.65 -17.55 -34.05
N VAL A 2505 -0.29 -16.66 -34.37
CA VAL A 2505 -1.04 -15.96 -33.33
C VAL A 2505 -2.25 -16.76 -32.83
N LEU A 2506 -2.71 -17.75 -33.58
CA LEU A 2506 -3.83 -18.58 -33.14
C LEU A 2506 -3.38 -19.77 -32.31
N ILE A 2507 -2.11 -20.13 -32.37
CA ILE A 2507 -1.55 -21.07 -31.40
C ILE A 2507 -0.97 -20.35 -30.19
N GLN A 2508 -0.68 -19.07 -30.31
CA GLN A 2508 -0.31 -18.16 -29.23
C GLN A 2508 -1.50 -17.74 -28.39
N GLY A 2509 -2.64 -18.39 -28.61
CA GLY A 2509 -3.84 -18.05 -27.88
C GLY A 2509 -4.32 -19.21 -27.03
N LEU A 2510 -3.64 -20.35 -27.13
CA LEU A 2510 -3.90 -21.46 -26.22
C LEU A 2510 -3.44 -21.15 -24.80
N ILE A 2511 -2.68 -20.07 -24.61
CA ILE A 2511 -2.15 -19.70 -23.30
C ILE A 2511 -2.81 -18.39 -22.89
N ASP A 2512 -4.05 -18.21 -23.30
CA ASP A 2512 -4.74 -16.95 -23.08
C ASP A 2512 -5.17 -16.83 -21.63
N GLU A 2513 -4.96 -15.66 -21.04
CA GLU A 2513 -5.24 -15.47 -19.62
C GLU A 2513 -6.72 -15.13 -19.42
N ASN A 2514 -7.59 -15.93 -20.01
CA ASN A 2514 -9.03 -15.84 -19.80
C ASN A 2514 -9.65 -17.18 -20.15
N PRO A 2515 -10.24 -17.89 -19.20
CA PRO A 2515 -10.98 -19.11 -19.56
C PRO A 2515 -12.18 -18.73 -20.41
N GLY A 2516 -12.74 -19.73 -21.08
CA GLY A 2516 -13.74 -19.42 -22.09
C GLY A 2516 -13.09 -19.02 -23.38
N LEU A 2517 -12.49 -17.82 -23.44
CA LEU A 2517 -11.79 -17.41 -24.65
C LEU A 2517 -10.69 -18.40 -25.00
N GLN A 2518 -9.84 -18.73 -24.02
CA GLN A 2518 -8.88 -19.81 -24.22
C GLN A 2518 -9.61 -21.11 -24.54
N LEU A 2519 -10.77 -21.34 -23.93
CA LEU A 2519 -11.57 -22.50 -24.28
C LEU A 2519 -12.06 -22.44 -25.72
N ILE A 2520 -12.45 -21.26 -26.18
CA ILE A 2520 -12.87 -21.11 -27.58
C ILE A 2520 -11.72 -21.48 -28.50
N ILE A 2521 -10.52 -20.98 -28.22
CA ILE A 2521 -9.37 -21.30 -29.06
C ILE A 2521 -9.02 -22.77 -28.97
N ARG A 2522 -9.18 -23.36 -27.78
CA ARG A 2522 -8.91 -24.79 -27.62
C ARG A 2522 -9.88 -25.62 -28.45
N ASN A 2523 -11.16 -25.27 -28.43
CA ASN A 2523 -12.14 -25.98 -29.25
C ASN A 2523 -11.88 -25.76 -30.73
N PHE A 2524 -11.49 -24.53 -31.10
CA PHE A 2524 -11.10 -24.25 -32.47
C PHE A 2524 -10.00 -25.19 -32.94
N TRP A 2525 -8.97 -25.38 -32.11
CA TRP A 2525 -7.86 -26.21 -32.53
C TRP A 2525 -8.21 -27.70 -32.44
N SER A 2526 -9.03 -28.10 -31.49
CA SER A 2526 -9.26 -29.52 -31.28
C SER A 2526 -10.38 -30.08 -32.15
N HIS A 2527 -10.98 -29.27 -33.01
CA HIS A 2527 -12.01 -29.79 -33.90
C HIS A 2527 -11.37 -30.58 -35.04
N GLU A 2528 -12.14 -31.53 -35.56
CA GLU A 2528 -11.70 -32.32 -36.69
C GLU A 2528 -11.26 -31.42 -37.85
N THR A 2529 -10.25 -31.88 -38.58
CA THR A 2529 -9.67 -31.26 -39.77
C THR A 2529 -8.72 -30.11 -39.48
N ARG A 2530 -8.50 -29.76 -38.22
CA ARG A 2530 -7.41 -28.85 -37.85
C ARG A 2530 -6.33 -29.52 -37.02
N LEU A 2531 -6.71 -30.42 -36.12
CA LEU A 2531 -5.84 -31.44 -35.58
C LEU A 2531 -6.45 -32.81 -35.78
N PRO A 2532 -5.71 -33.75 -36.35
CA PRO A 2532 -6.30 -35.05 -36.68
C PRO A 2532 -6.66 -35.87 -35.45
N SER A 2533 -7.18 -37.09 -35.66
CA SER A 2533 -7.64 -37.89 -34.53
C SER A 2533 -7.25 -39.36 -34.64
N ASN A 2534 -6.11 -39.68 -35.25
CA ASN A 2534 -5.57 -41.02 -35.10
C ASN A 2534 -4.67 -41.14 -33.89
N THR A 2535 -4.33 -40.01 -33.25
CA THR A 2535 -3.47 -39.88 -32.09
C THR A 2535 -2.02 -40.16 -32.45
N LEU A 2536 -1.79 -40.69 -33.66
CA LEU A 2536 -0.46 -40.72 -34.25
C LEU A 2536 -0.21 -39.43 -35.02
N ASP A 2537 -1.10 -39.13 -35.97
CA ASP A 2537 -0.96 -37.90 -36.73
C ASP A 2537 -1.35 -36.70 -35.90
N ARG A 2538 -2.20 -36.88 -34.89
CA ARG A 2538 -2.40 -35.82 -33.91
C ARG A 2538 -1.13 -35.55 -33.12
N LEU A 2539 -0.40 -36.61 -32.77
CA LEU A 2539 0.87 -36.44 -32.06
C LEU A 2539 1.88 -35.72 -32.96
N LEU A 2540 1.99 -36.14 -34.23
CA LEU A 2540 2.89 -35.47 -35.16
C LEU A 2540 2.42 -34.06 -35.49
N ALA A 2541 1.13 -33.76 -35.31
CA ALA A 2541 0.60 -32.46 -35.66
C ALA A 2541 0.71 -31.47 -34.53
N LEU A 2542 0.71 -31.95 -33.28
CA LEU A 2542 0.90 -31.05 -32.15
C LEU A 2542 2.27 -30.39 -32.20
N ASN A 2543 3.25 -31.03 -32.84
CA ASN A 2543 4.54 -30.40 -33.06
C ASN A 2543 4.42 -29.17 -33.96
N SER A 2544 3.57 -29.25 -34.99
CA SER A 2544 3.36 -28.14 -35.90
C SER A 2544 2.92 -26.86 -35.19
N LEU A 2545 2.27 -26.98 -34.02
CA LEU A 2545 1.82 -25.82 -33.27
C LEU A 2545 2.73 -25.49 -32.09
N TYR A 2546 4.01 -25.82 -32.23
CA TYR A 2546 5.01 -25.57 -31.20
C TYR A 2546 5.10 -24.08 -30.87
N SER A 2547 5.46 -23.32 -31.90
CA SER A 2547 5.57 -21.86 -31.88
C SER A 2547 6.10 -21.31 -30.59
N PRO A 2548 7.43 -21.44 -30.39
CA PRO A 2548 8.36 -21.11 -29.30
C PRO A 2548 7.72 -20.22 -28.25
N LYS A 2549 7.04 -19.20 -28.72
CA LYS A 2549 6.30 -18.25 -27.91
C LYS A 2549 5.50 -18.97 -26.83
N ILE A 2550 5.16 -20.24 -27.04
CA ILE A 2550 4.60 -21.08 -26.00
C ILE A 2550 5.48 -22.33 -25.92
N GLU A 2551 6.15 -22.50 -24.80
CA GLU A 2551 6.68 -23.81 -24.41
C GLU A 2551 6.54 -24.08 -22.93
N VAL A 2552 6.38 -23.05 -22.10
CA VAL A 2552 5.97 -23.26 -20.71
C VAL A 2552 4.76 -24.19 -20.67
N HIS A 2553 3.72 -23.85 -21.40
CA HIS A 2553 2.46 -24.59 -21.38
C HIS A 2553 2.35 -25.62 -22.47
N PHE A 2554 3.34 -25.72 -23.38
CA PHE A 2554 3.21 -26.64 -24.51
C PHE A 2554 2.97 -28.08 -24.05
N LEU A 2555 3.49 -28.45 -22.88
CA LEU A 2555 3.42 -29.86 -22.49
C LEU A 2555 2.06 -30.20 -21.91
N SER A 2556 1.52 -29.32 -21.06
CA SER A 2556 0.16 -29.48 -20.58
C SER A 2556 -0.83 -29.43 -21.73
N LEU A 2557 -0.67 -28.45 -22.62
CA LEU A 2557 -1.47 -28.39 -23.83
C LEU A 2557 -1.47 -29.72 -24.56
N ALA A 2558 -0.28 -30.23 -24.91
CA ALA A 2558 -0.21 -31.45 -25.70
C ALA A 2558 -0.83 -32.63 -24.98
N THR A 2559 -0.65 -32.71 -23.66
CA THR A 2559 -1.23 -33.83 -22.93
C THR A 2559 -2.75 -33.73 -22.86
N ASN A 2560 -3.27 -32.51 -22.69
CA ASN A 2560 -4.70 -32.27 -22.80
C ASN A 2560 -5.22 -32.75 -24.15
N PHE A 2561 -4.61 -32.28 -25.23
CA PHE A 2561 -5.06 -32.63 -26.57
C PHE A 2561 -5.05 -34.13 -26.78
N LEU A 2562 -4.01 -34.82 -26.30
CA LEU A 2562 -3.95 -36.26 -26.49
C LEU A 2562 -4.99 -36.98 -25.65
N LEU A 2563 -5.23 -36.52 -24.42
CA LEU A 2563 -6.16 -37.19 -23.53
C LEU A 2563 -7.60 -36.73 -23.73
N GLU A 2564 -7.86 -35.85 -24.68
CA GLU A 2564 -9.24 -35.58 -25.09
C GLU A 2564 -9.82 -36.77 -25.85
N MET A 2565 -9.09 -37.24 -26.86
CA MET A 2565 -9.59 -38.27 -27.77
C MET A 2565 -9.79 -39.62 -27.10
N THR A 2566 -9.40 -39.77 -25.84
CA THR A 2566 -9.73 -40.98 -25.10
C THR A 2566 -11.14 -40.94 -24.51
N SER A 2567 -11.75 -39.75 -24.42
CA SER A 2567 -13.03 -39.62 -23.76
C SER A 2567 -14.15 -40.30 -24.54
N MET A 2568 -14.24 -40.00 -25.84
CA MET A 2568 -15.32 -40.53 -26.67
C MET A 2568 -14.92 -41.87 -27.30
N SER A 2569 -14.50 -42.77 -26.42
CA SER A 2569 -14.18 -44.14 -26.76
C SER A 2569 -14.92 -45.04 -25.78
N PRO A 2570 -15.37 -46.23 -26.22
CA PRO A 2570 -16.22 -47.05 -25.35
C PRO A 2570 -15.49 -47.73 -24.22
N ASP A 2571 -14.17 -47.61 -24.13
CA ASP A 2571 -13.40 -48.24 -23.07
C ASP A 2571 -13.51 -47.45 -21.76
N TYR A 2572 -14.74 -47.33 -21.27
CA TYR A 2572 -15.00 -46.78 -19.92
C TYR A 2572 -15.83 -47.76 -19.08
N PRO A 2573 -15.51 -49.08 -19.11
CA PRO A 2573 -16.35 -50.03 -18.39
C PRO A 2573 -15.85 -50.39 -17.00
N ASN A 2574 -15.57 -49.41 -16.13
CA ASN A 2574 -15.17 -49.72 -14.76
C ASN A 2574 -13.93 -50.63 -14.74
N PRO A 2575 -12.73 -50.08 -15.00
CA PRO A 2575 -11.58 -50.92 -15.42
C PRO A 2575 -11.34 -52.22 -14.67
N MET A 2576 -11.87 -52.35 -13.46
CA MET A 2576 -11.70 -53.59 -12.71
C MET A 2576 -12.99 -54.35 -12.45
N PHE A 2577 -14.12 -53.64 -12.35
CA PHE A 2577 -15.46 -54.22 -12.21
C PHE A 2577 -15.50 -55.42 -11.27
N GLU A 2578 -14.83 -55.31 -10.13
CA GLU A 2578 -14.75 -56.39 -9.16
C GLU A 2578 -14.87 -55.78 -7.76
N HIS A 2579 -14.56 -56.59 -6.75
CA HIS A 2579 -14.57 -56.11 -5.38
C HIS A 2579 -13.15 -56.02 -4.84
N PRO A 2580 -12.84 -55.00 -4.03
CA PRO A 2580 -11.51 -54.84 -3.43
C PRO A 2580 -11.23 -55.89 -2.36
N GLN A 2784 -15.87 -51.18 -9.52
CA GLN A 2784 -15.32 -50.40 -8.41
C GLN A 2784 -15.34 -48.90 -8.73
N ILE A 2785 -14.42 -48.47 -9.59
CA ILE A 2785 -14.33 -47.07 -9.98
C ILE A 2785 -14.40 -47.00 -11.51
N LYS A 2786 -14.81 -45.84 -12.00
CA LYS A 2786 -14.90 -45.60 -13.44
C LYS A 2786 -13.49 -45.55 -14.04
N HIS A 2787 -13.42 -45.38 -15.37
CA HIS A 2787 -12.18 -45.33 -16.10
C HIS A 2787 -11.81 -43.91 -16.50
N SER A 2788 -12.35 -42.91 -15.79
CA SER A 2788 -12.16 -41.51 -16.11
C SER A 2788 -11.71 -40.68 -14.94
N SER A 2789 -11.94 -41.14 -13.70
CA SER A 2789 -11.49 -40.41 -12.52
C SER A 2789 -10.00 -40.57 -12.27
N LEU A 2790 -9.30 -41.28 -13.15
CA LEU A 2790 -7.84 -41.34 -13.13
C LEU A 2790 -7.21 -40.48 -14.22
N ILE A 2791 -7.96 -40.20 -15.28
CA ILE A 2791 -7.44 -39.42 -16.41
C ILE A 2791 -7.69 -37.94 -16.22
N THR A 2792 -8.93 -37.57 -15.88
CA THR A 2792 -9.24 -36.15 -15.71
C THR A 2792 -8.45 -35.49 -14.58
N PRO A 2793 -8.23 -36.10 -13.40
CA PRO A 2793 -7.41 -35.40 -12.42
C PRO A 2793 -5.92 -35.46 -12.75
N LEU A 2794 -5.48 -36.52 -13.41
CA LEU A 2794 -4.14 -36.56 -13.95
C LEU A 2794 -3.87 -35.33 -14.80
N GLN A 2795 -4.77 -35.05 -15.76
CA GLN A 2795 -4.58 -33.86 -16.57
C GLN A 2795 -4.84 -32.58 -15.77
N ALA A 2796 -5.68 -32.65 -14.74
CA ALA A 2796 -5.96 -31.47 -13.94
C ALA A 2796 -4.70 -30.97 -13.25
N VAL A 2797 -3.91 -31.89 -12.70
CA VAL A 2797 -2.66 -31.51 -12.05
C VAL A 2797 -1.53 -31.39 -13.06
N ALA A 2798 -1.63 -32.06 -14.20
CA ALA A 2798 -0.62 -32.01 -15.24
C ALA A 2798 -0.58 -30.67 -15.95
N GLN A 2799 -1.34 -29.68 -15.47
CA GLN A 2799 -1.23 -28.30 -15.92
C GLN A 2799 -1.14 -27.33 -14.75
N ARG A 2800 -0.92 -27.83 -13.54
CA ARG A 2800 -0.58 -27.01 -12.39
C ARG A 2800 0.92 -26.98 -12.10
N ASP A 2801 1.60 -28.10 -12.32
CA ASP A 2801 3.05 -28.17 -12.17
C ASP A 2801 3.68 -28.71 -13.44
N PRO A 2802 4.83 -28.18 -13.86
CA PRO A 2802 5.42 -28.64 -15.13
C PRO A 2802 6.16 -29.96 -15.03
N ILE A 2803 6.31 -30.54 -13.84
CA ILE A 2803 7.02 -31.82 -13.74
C ILE A 2803 6.08 -32.97 -14.10
N ILE A 2804 4.85 -32.95 -13.60
CA ILE A 2804 3.87 -33.93 -14.03
C ILE A 2804 3.54 -33.73 -15.50
N ALA A 2805 3.51 -32.47 -15.96
CA ALA A 2805 3.31 -32.20 -17.38
C ALA A 2805 4.40 -32.84 -18.21
N LYS A 2806 5.67 -32.56 -17.87
CA LYS A 2806 6.80 -33.17 -18.54
C LYS A 2806 6.67 -34.68 -18.56
N GLN A 2807 6.32 -35.26 -17.43
CA GLN A 2807 6.51 -36.68 -17.25
C GLN A 2807 5.37 -37.45 -17.88
N LEU A 2808 4.16 -36.88 -17.86
CA LEU A 2808 3.06 -37.46 -18.60
C LEU A 2808 3.28 -37.35 -20.10
N PHE A 2809 3.72 -36.18 -20.58
CA PHE A 2809 4.04 -36.07 -21.99
C PHE A 2809 5.06 -37.11 -22.41
N SER A 2810 6.10 -37.30 -21.59
CA SER A 2810 7.15 -38.25 -21.97
C SER A 2810 6.64 -39.68 -21.98
N SER A 2811 5.89 -40.07 -20.95
CA SER A 2811 5.41 -41.44 -20.88
C SER A 2811 4.36 -41.71 -21.96
N LEU A 2812 3.62 -40.68 -22.36
CA LEU A 2812 2.54 -40.87 -23.33
C LEU A 2812 3.10 -40.86 -24.75
N PHE A 2813 4.06 -39.98 -25.01
CA PHE A 2813 4.88 -40.06 -26.23
C PHE A 2813 5.48 -41.45 -26.39
N SER A 2814 6.13 -41.95 -25.34
CA SER A 2814 6.75 -43.26 -25.40
C SER A 2814 5.71 -44.35 -25.65
N GLY A 2815 4.55 -44.26 -25.01
CA GLY A 2815 3.52 -45.27 -25.21
C GLY A 2815 2.97 -45.26 -26.62
N ILE A 2816 2.73 -44.07 -27.17
CA ILE A 2816 2.29 -43.95 -28.56
C ILE A 2816 3.30 -44.59 -29.48
N LEU A 2817 4.59 -44.24 -29.31
CA LEU A 2817 5.59 -44.78 -30.21
C LEU A 2817 5.86 -46.26 -29.97
N LYS A 2818 5.41 -46.84 -28.86
CA LYS A 2818 5.49 -48.29 -28.75
C LYS A 2818 4.28 -48.98 -29.38
N GLU A 2819 3.09 -48.40 -29.23
CA GLU A 2819 1.90 -49.02 -29.79
C GLU A 2819 1.72 -48.71 -31.26
N MET A 2820 2.57 -47.86 -31.85
CA MET A 2820 2.63 -47.71 -33.29
C MET A 2820 3.54 -48.74 -33.93
N ASP A 2821 4.16 -49.62 -33.15
CA ASP A 2821 5.00 -50.66 -33.73
C ASP A 2821 4.18 -51.78 -34.34
N LYS A 2822 2.88 -51.86 -34.02
CA LYS A 2822 2.01 -52.86 -34.64
C LYS A 2822 1.70 -52.47 -36.09
N PHE A 2823 1.03 -51.33 -36.26
CA PHE A 2823 0.80 -50.75 -37.58
C PHE A 2823 2.01 -49.89 -37.96
N LYS A 2824 1.88 -49.05 -39.00
CA LYS A 2824 2.96 -48.17 -39.43
C LYS A 2824 4.21 -48.98 -39.81
N THR A 2825 4.12 -49.63 -40.97
CA THR A 2825 5.21 -50.45 -41.51
C THR A 2825 6.56 -49.75 -41.44
N LEU A 2826 7.64 -50.55 -41.44
CA LEU A 2826 8.97 -50.05 -41.09
C LEU A 2826 9.35 -48.78 -41.86
N SER A 2827 9.07 -48.74 -43.16
CA SER A 2827 9.32 -47.52 -43.93
C SER A 2827 8.52 -46.36 -43.36
N GLU A 2828 7.24 -46.61 -43.08
CA GLU A 2828 6.41 -45.58 -42.45
C GLU A 2828 6.93 -45.24 -41.05
N LYS A 2829 7.40 -46.23 -40.29
CA LYS A 2829 8.07 -45.94 -39.03
C LYS A 2829 9.15 -44.91 -39.22
N ASN A 2830 10.14 -45.22 -40.06
CA ASN A 2830 11.29 -44.34 -40.24
C ASN A 2830 10.86 -42.96 -40.70
N ASN A 2831 9.86 -42.90 -41.59
CA ASN A 2831 9.34 -41.60 -42.00
C ASN A 2831 8.83 -40.81 -40.80
N ILE A 2832 8.01 -41.45 -39.97
CA ILE A 2832 7.42 -40.76 -38.82
C ILE A 2832 8.49 -40.34 -37.83
N THR A 2833 9.45 -41.23 -37.56
CA THR A 2833 10.50 -40.93 -36.60
C THR A 2833 11.40 -39.80 -37.08
N GLN A 2834 11.68 -39.74 -38.39
CA GLN A 2834 12.45 -38.63 -38.91
C GLN A 2834 11.65 -37.33 -38.89
N LYS A 2835 10.34 -37.41 -39.08
CA LYS A 2835 9.50 -36.23 -38.87
C LYS A 2835 9.61 -35.74 -37.43
N LEU A 2836 9.55 -36.67 -36.48
CA LEU A 2836 9.70 -36.29 -35.07
C LEU A 2836 11.07 -35.70 -34.80
N LEU A 2837 12.11 -36.27 -35.39
CA LEU A 2837 13.47 -35.78 -35.16
C LEU A 2837 13.65 -34.38 -35.73
N GLN A 2838 13.12 -34.12 -36.92
CA GLN A 2838 13.14 -32.76 -37.47
C GLN A 2838 12.35 -31.80 -36.58
N ASP A 2839 11.19 -32.24 -36.09
CA ASP A 2839 10.42 -31.41 -35.17
C ASP A 2839 11.20 -31.10 -33.91
N PHE A 2840 11.96 -32.08 -33.40
CA PHE A 2840 12.67 -31.88 -32.15
C PHE A 2840 13.88 -30.98 -32.33
N ASN A 2841 14.58 -31.11 -33.46
CA ASN A 2841 15.62 -30.14 -33.79
C ASN A 2841 15.04 -28.75 -33.92
N ARG A 2842 13.85 -28.63 -34.52
CA ARG A 2842 13.18 -27.33 -34.57
C ARG A 2842 12.87 -26.82 -33.19
N PHE A 2843 12.45 -27.71 -32.28
CA PHE A 2843 12.21 -27.35 -30.90
C PHE A 2843 13.44 -26.73 -30.26
N LEU A 2844 14.58 -27.43 -30.38
CA LEU A 2844 15.79 -26.98 -29.69
C LEU A 2844 16.36 -25.72 -30.32
N ASN A 2845 16.41 -25.66 -31.65
CA ASN A 2845 17.00 -24.51 -32.34
C ASN A 2845 16.11 -23.29 -32.28
N THR A 2846 14.79 -23.48 -32.13
CA THR A 2846 13.84 -22.39 -32.24
C THR A 2846 13.40 -21.86 -30.88
N THR A 2847 13.62 -22.62 -29.81
CA THR A 2847 13.19 -22.22 -28.48
C THR A 2847 13.90 -20.93 -28.03
N PHE A 2848 13.17 -20.13 -27.27
CA PHE A 2848 13.55 -18.75 -26.96
C PHE A 2848 13.92 -18.57 -25.50
N SER A 2849 13.09 -19.08 -24.59
CA SER A 2849 13.37 -19.09 -23.16
C SER A 2849 13.29 -20.54 -22.74
N PHE A 2850 14.44 -21.13 -22.44
CA PHE A 2850 14.56 -22.58 -22.35
C PHE A 2850 13.87 -23.04 -21.08
N PHE A 2851 12.66 -23.56 -21.24
CA PHE A 2851 11.88 -24.01 -20.10
C PHE A 2851 12.40 -25.38 -19.69
N PRO A 2852 13.00 -25.51 -18.50
CA PRO A 2852 13.79 -26.69 -18.19
C PRO A 2852 13.01 -28.00 -18.33
N PRO A 2853 11.73 -28.06 -17.95
CA PRO A 2853 11.02 -29.34 -18.15
C PRO A 2853 10.69 -29.62 -19.60
N PHE A 2854 10.50 -28.60 -20.44
CA PHE A 2854 10.31 -28.86 -21.86
C PHE A 2854 11.59 -29.38 -22.51
N VAL A 2855 12.71 -28.67 -22.27
CA VAL A 2855 13.99 -29.09 -22.83
C VAL A 2855 14.32 -30.50 -22.38
N SER A 2856 14.20 -30.75 -21.08
CA SER A 2856 14.50 -32.08 -20.56
C SER A 2856 13.54 -33.12 -21.09
N CYS A 2857 12.26 -32.77 -21.30
CA CYS A 2857 11.30 -33.73 -21.80
C CYS A 2857 11.67 -34.21 -23.19
N ILE A 2858 11.92 -33.28 -24.10
CA ILE A 2858 12.27 -33.70 -25.46
C ILE A 2858 13.64 -34.36 -25.45
N GLN A 2859 14.51 -33.97 -24.52
CA GLN A 2859 15.90 -34.39 -24.58
C GLN A 2859 16.10 -35.73 -23.88
N ASP A 2860 15.08 -36.20 -23.14
CA ASP A 2860 15.15 -37.55 -22.59
C ASP A 2860 14.09 -38.48 -23.15
N ILE A 2861 13.14 -37.97 -23.95
CA ILE A 2861 12.39 -38.87 -24.82
C ILE A 2861 13.13 -39.10 -26.12
N SER A 2862 14.09 -38.24 -26.46
CA SER A 2862 14.97 -38.52 -27.57
C SER A 2862 16.02 -39.55 -27.17
N CYS A 2863 16.14 -39.85 -25.88
CA CYS A 2863 17.14 -40.81 -25.41
C CYS A 2863 16.62 -42.24 -25.36
N GLN A 2864 15.31 -42.41 -25.29
CA GLN A 2864 14.71 -43.74 -25.15
C GLN A 2864 14.44 -44.43 -26.48
N HIS A 2865 14.77 -43.80 -27.60
CA HIS A 2865 14.52 -44.39 -28.91
C HIS A 2865 15.75 -44.22 -29.79
N ALA A 2866 16.14 -45.33 -30.43
CA ALA A 2866 17.41 -45.36 -31.16
C ALA A 2866 17.41 -44.42 -32.35
N ALA A 2867 16.32 -44.38 -33.11
CA ALA A 2867 16.27 -43.53 -34.29
C ALA A 2867 16.36 -42.06 -33.91
N LEU A 2868 15.68 -41.66 -32.84
CA LEU A 2868 15.63 -40.28 -32.39
C LEU A 2868 16.88 -39.88 -31.61
N LEU A 2869 17.88 -40.75 -31.53
CA LEU A 2869 19.01 -40.53 -30.62
C LEU A 2869 20.11 -39.69 -31.25
N SER A 2870 20.05 -39.49 -32.56
CA SER A 2870 21.03 -38.66 -33.27
C SER A 2870 20.45 -37.26 -33.48
N LEU A 2871 20.28 -36.54 -32.38
CA LEU A 2871 19.42 -35.38 -32.45
C LEU A 2871 20.13 -34.15 -33.01
N ASP A 2872 20.94 -33.52 -32.17
CA ASP A 2872 21.72 -32.35 -32.54
C ASP A 2872 22.70 -32.06 -31.44
N PRO A 2873 23.97 -32.51 -31.59
CA PRO A 2873 24.93 -32.18 -30.53
C PRO A 2873 25.02 -30.71 -30.18
N ALA A 2874 25.04 -29.82 -31.18
CA ALA A 2874 25.19 -28.41 -30.89
C ALA A 2874 23.98 -27.82 -30.20
N ALA A 2875 22.78 -28.17 -30.63
CA ALA A 2875 21.54 -27.70 -30.03
C ALA A 2875 21.28 -28.35 -28.67
N VAL A 2876 21.49 -29.66 -28.58
CA VAL A 2876 21.49 -30.35 -27.28
C VAL A 2876 22.37 -29.61 -26.28
N SER A 2877 23.62 -29.37 -26.64
CA SER A 2877 24.55 -28.74 -25.71
C SER A 2877 24.13 -27.32 -25.36
N ALA A 2878 23.82 -26.50 -26.36
CA ALA A 2878 23.44 -25.12 -26.09
C ALA A 2878 22.18 -25.01 -25.26
N GLY A 2879 21.22 -25.91 -25.47
CA GLY A 2879 19.99 -25.89 -24.71
C GLY A 2879 20.16 -26.40 -23.30
N CYS A 2880 21.04 -27.39 -23.11
CA CYS A 2880 21.40 -27.78 -21.74
C CYS A 2880 22.09 -26.64 -21.01
N LEU A 2881 22.97 -25.91 -21.68
CA LEU A 2881 23.69 -24.83 -21.01
C LEU A 2881 22.77 -23.67 -20.68
N ALA A 2882 21.84 -23.34 -21.58
CA ALA A 2882 20.93 -22.24 -21.30
C ALA A 2882 19.84 -22.64 -20.32
N SER A 2883 19.46 -23.91 -20.35
CA SER A 2883 18.45 -24.47 -19.45
C SER A 2883 19.02 -24.92 -18.12
N LEU A 2884 20.35 -24.94 -17.98
CA LEU A 2884 21.01 -25.38 -16.76
C LEU A 2884 20.57 -26.78 -16.37
N GLN A 2885 20.35 -27.63 -17.37
CA GLN A 2885 19.90 -29.00 -17.17
C GLN A 2885 20.87 -29.98 -17.81
N GLN A 2886 22.17 -29.78 -17.57
CA GLN A 2886 23.19 -30.51 -18.32
C GLN A 2886 23.07 -32.03 -18.29
N PRO A 2887 22.66 -32.68 -17.19
CA PRO A 2887 22.70 -34.16 -17.19
C PRO A 2887 21.82 -34.86 -18.22
N VAL A 2888 20.68 -34.27 -18.63
CA VAL A 2888 19.91 -34.90 -19.70
C VAL A 2888 20.70 -34.91 -21.00
N GLY A 2889 21.35 -33.79 -21.33
CA GLY A 2889 22.22 -33.77 -22.48
C GLY A 2889 23.41 -34.68 -22.34
N ILE A 2890 23.94 -34.81 -21.13
CA ILE A 2890 25.08 -35.69 -20.93
C ILE A 2890 24.68 -37.14 -21.20
N ARG A 2891 23.50 -37.54 -20.73
CA ARG A 2891 23.01 -38.88 -21.02
C ARG A 2891 22.74 -39.07 -22.51
N LEU A 2892 22.16 -38.06 -23.16
CA LEU A 2892 21.91 -38.12 -24.59
C LEU A 2892 23.20 -38.29 -25.38
N LEU A 2893 24.14 -37.38 -25.19
CA LEU A 2893 25.43 -37.43 -25.86
C LEU A 2893 26.21 -38.70 -25.53
N GLU A 2894 26.07 -39.25 -24.32
CA GLU A 2894 26.80 -40.47 -24.02
C GLU A 2894 26.09 -41.71 -24.53
N GLU A 2895 24.82 -41.60 -24.92
CA GLU A 2895 24.19 -42.71 -25.63
C GLU A 2895 24.32 -42.57 -27.14
N ALA A 2896 24.53 -41.36 -27.63
CA ALA A 2896 24.85 -41.14 -29.03
C ALA A 2896 26.29 -41.51 -29.32
N LEU A 2897 27.20 -41.22 -28.39
CA LEU A 2897 28.58 -41.63 -28.48
C LEU A 2897 28.75 -43.12 -28.29
N LEU A 2898 27.74 -43.81 -27.79
CA LEU A 2898 27.68 -45.26 -27.92
C LEU A 2898 27.17 -45.58 -29.32
N ARG A 2899 26.70 -46.82 -29.51
CA ARG A 2899 26.41 -47.44 -30.82
C ARG A 2899 27.24 -46.86 -31.97
N PRO A 2917 33.53 -34.76 -37.97
CA PRO A 2917 32.88 -36.03 -37.65
C PRO A 2917 31.69 -35.83 -36.73
N PRO A 2918 30.67 -36.68 -36.83
CA PRO A 2918 29.54 -36.57 -35.88
C PRO A 2918 29.95 -36.98 -34.47
N ASP A 2919 30.74 -38.05 -34.35
CA ASP A 2919 31.23 -38.52 -33.06
C ASP A 2919 32.58 -37.91 -32.70
N VAL A 2920 32.86 -36.70 -33.17
CA VAL A 2920 33.96 -35.92 -32.60
C VAL A 2920 33.38 -34.58 -32.19
N LEU A 2921 32.33 -34.14 -32.87
CA LEU A 2921 31.64 -32.96 -32.37
C LEU A 2921 30.69 -33.31 -31.25
N ARG A 2922 30.25 -34.56 -31.19
CA ARG A 2922 29.61 -35.04 -29.97
C ARG A 2922 30.56 -35.02 -28.78
N TRP A 2923 31.80 -35.47 -28.99
CA TRP A 2923 32.80 -35.39 -27.91
C TRP A 2923 33.09 -33.94 -27.52
N VAL A 2924 33.19 -33.05 -28.50
CA VAL A 2924 33.42 -31.65 -28.19
C VAL A 2924 32.25 -31.09 -27.38
N GLU A 2925 31.03 -31.49 -27.70
CA GLU A 2925 29.87 -30.97 -26.98
C GLU A 2925 29.79 -31.57 -25.58
N LEU A 2926 30.06 -32.87 -25.45
CA LEU A 2926 30.13 -33.49 -24.13
C LEU A 2926 31.16 -32.80 -23.24
N ALA A 2927 32.39 -32.62 -23.74
CA ALA A 2927 33.40 -31.91 -22.98
C ALA A 2927 32.98 -30.47 -22.69
N LYS A 2928 32.27 -29.83 -23.63
CA LYS A 2928 31.78 -28.49 -23.40
C LYS A 2928 30.77 -28.45 -22.27
N LEU A 2929 30.07 -29.56 -22.07
CA LEU A 2929 28.94 -29.60 -21.16
C LEU A 2929 29.33 -30.08 -19.75
N TYR A 2930 30.36 -30.93 -19.66
CA TYR A 2930 31.04 -31.18 -18.39
C TYR A 2930 31.73 -29.95 -17.83
N ARG A 2931 32.33 -29.13 -18.69
CA ARG A 2931 33.10 -27.99 -18.20
C ARG A 2931 32.24 -26.99 -17.44
N SER A 2932 30.92 -27.19 -17.40
CA SER A 2932 30.03 -26.36 -16.60
C SER A 2932 29.50 -27.08 -15.37
N ILE A 2933 29.77 -28.38 -15.24
CA ILE A 2933 29.32 -29.21 -14.14
C ILE A 2933 30.56 -29.55 -13.31
N GLY A 2934 31.55 -28.66 -13.34
CA GLY A 2934 32.85 -29.00 -12.82
C GLY A 2934 33.35 -30.24 -13.54
N GLU A 2935 33.45 -31.35 -12.82
CA GLU A 2935 33.86 -32.63 -13.41
C GLU A 2935 35.06 -32.46 -14.32
N TYR A 2936 36.11 -31.82 -13.79
CA TYR A 2936 37.27 -31.49 -14.61
C TYR A 2936 38.12 -32.72 -14.90
N ASP A 2937 38.03 -33.75 -14.06
CA ASP A 2937 38.85 -34.93 -14.28
C ASP A 2937 38.34 -35.73 -15.46
N VAL A 2938 37.03 -35.93 -15.55
CA VAL A 2938 36.46 -36.62 -16.69
C VAL A 2938 36.44 -35.73 -17.93
N LEU A 2939 36.56 -34.41 -17.74
CA LEU A 2939 36.77 -33.51 -18.85
C LEU A 2939 38.15 -33.71 -19.46
N ARG A 2940 39.19 -33.64 -18.64
CA ARG A 2940 40.54 -33.91 -19.09
C ARG A 2940 40.72 -35.35 -19.55
N GLY A 2941 39.78 -36.23 -19.22
CA GLY A 2941 39.92 -37.62 -19.61
C GLY A 2941 39.52 -37.91 -21.04
N ILE A 2942 39.03 -36.91 -21.77
CA ILE A 2942 38.74 -37.06 -23.19
C ILE A 2942 39.42 -36.01 -24.05
N PHE A 2943 39.92 -34.92 -23.47
CA PHE A 2943 40.92 -34.14 -24.17
C PHE A 2943 42.25 -34.88 -24.29
N THR A 2944 42.35 -36.11 -23.75
CA THR A 2944 43.53 -36.94 -23.87
C THR A 2944 43.26 -38.32 -24.41
N SER A 2945 42.01 -38.67 -24.70
CA SER A 2945 41.70 -39.99 -25.22
C SER A 2945 40.81 -39.99 -26.45
N GLU A 2946 40.08 -38.92 -26.72
CA GLU A 2946 39.27 -38.82 -27.93
C GLU A 2946 39.67 -37.66 -28.79
N ILE A 2947 39.90 -36.48 -28.21
CA ILE A 2947 40.52 -35.37 -28.94
C ILE A 2947 42.02 -35.49 -28.68
N GLY A 2948 42.66 -36.38 -29.45
CA GLY A 2948 44.06 -36.69 -29.21
C GLY A 2948 44.83 -37.15 -30.43
N THR A 2949 45.52 -38.27 -30.28
CA THR A 2949 46.29 -39.04 -31.25
C THR A 2949 47.61 -38.37 -31.62
N LYS A 2950 47.90 -37.16 -31.15
CA LYS A 2950 49.25 -36.64 -31.16
C LYS A 2950 49.85 -36.81 -29.77
N GLN A 2951 51.05 -36.27 -29.57
CA GLN A 2951 51.77 -36.56 -28.33
C GLN A 2951 52.06 -35.32 -27.48
N ILE A 2952 51.92 -34.11 -28.02
CA ILE A 2952 52.08 -32.95 -27.15
C ILE A 2952 50.81 -32.67 -26.38
N THR A 2953 49.67 -33.19 -26.85
CA THR A 2953 48.42 -33.04 -26.12
C THR A 2953 48.52 -33.63 -24.72
N GLN A 2954 48.82 -34.93 -24.64
CA GLN A 2954 48.99 -35.59 -23.34
C GLN A 2954 49.99 -34.84 -22.47
N SER A 2955 51.11 -34.41 -23.04
CA SER A 2955 52.12 -33.73 -22.24
C SER A 2955 51.56 -32.45 -21.61
N ALA A 2956 50.85 -31.64 -22.40
CA ALA A 2956 50.36 -30.38 -21.86
C ALA A 2956 49.20 -30.60 -20.90
N LEU A 2957 48.36 -31.60 -21.17
CA LEU A 2957 47.27 -31.90 -20.24
C LEU A 2957 47.81 -32.43 -18.92
N LEU A 2958 48.87 -33.22 -18.98
CA LEU A 2958 49.54 -33.67 -17.77
C LEU A 2958 50.12 -32.50 -17.01
N ALA A 2959 50.71 -31.55 -17.73
CA ALA A 2959 51.22 -30.34 -17.09
C ALA A 2959 50.10 -29.53 -16.45
N GLU A 2960 48.90 -29.57 -17.03
CA GLU A 2960 47.77 -28.85 -16.45
C GLU A 2960 47.20 -29.56 -15.23
N ALA A 2961 47.17 -30.89 -15.24
CA ALA A 2961 46.53 -31.64 -14.16
C ALA A 2961 47.17 -31.35 -12.81
N ARG A 2962 48.43 -31.75 -12.63
CA ARG A 2962 49.23 -31.20 -11.55
C ARG A 2962 49.47 -29.73 -11.85
N SER A 2963 49.08 -28.84 -10.94
CA SER A 2963 48.83 -27.48 -11.37
C SER A 2963 50.12 -26.75 -11.73
N ASP A 2964 50.75 -27.22 -12.79
CA ASP A 2964 51.85 -26.53 -13.46
C ASP A 2964 51.35 -25.84 -14.71
N TYR A 2965 50.50 -24.82 -14.58
CA TYR A 2965 49.98 -24.19 -15.78
C TYR A 2965 50.98 -23.20 -16.36
N SER A 2966 52.24 -23.60 -16.48
CA SER A 2966 53.23 -22.79 -17.17
C SER A 2966 53.69 -23.46 -18.45
N GLU A 2967 54.22 -24.68 -18.37
CA GLU A 2967 54.63 -25.40 -19.56
C GLU A 2967 53.43 -25.93 -20.33
N ALA A 2968 52.29 -26.11 -19.67
CA ALA A 2968 51.08 -26.53 -20.37
C ALA A 2968 50.64 -25.48 -21.37
N ALA A 2969 50.48 -24.23 -20.92
CA ALA A 2969 50.15 -23.16 -21.85
C ALA A 2969 51.29 -22.90 -22.82
N LYS A 2970 52.54 -23.08 -22.36
CA LYS A 2970 53.68 -22.85 -23.23
C LYS A 2970 53.67 -23.79 -24.43
N GLN A 2971 53.38 -25.07 -24.21
CA GLN A 2971 53.31 -25.99 -25.32
C GLN A 2971 51.90 -26.12 -25.90
N TYR A 2972 50.94 -25.37 -25.36
CA TYR A 2972 49.77 -25.06 -26.17
C TYR A 2972 50.09 -24.01 -27.22
N ASP A 2973 50.84 -22.97 -26.84
CA ASP A 2973 51.23 -21.96 -27.81
C ASP A 2973 52.21 -22.51 -28.84
N GLU A 2974 53.30 -23.15 -28.38
CA GLU A 2974 54.32 -23.58 -29.32
C GLU A 2974 53.84 -24.72 -30.21
N ALA A 2975 52.87 -25.50 -29.76
CA ALA A 2975 52.24 -26.50 -30.61
C ALA A 2975 51.06 -25.97 -31.40
N LEU A 2976 50.57 -24.79 -31.05
CA LEU A 2976 49.63 -24.08 -31.90
C LEU A 2976 50.34 -23.22 -32.92
N ASN A 2977 51.54 -22.74 -32.59
CA ASN A 2977 52.41 -22.02 -33.49
C ASN A 2977 53.28 -22.93 -34.35
N LYS A 2978 53.28 -24.24 -34.10
CA LYS A 2978 54.18 -25.13 -34.82
C LYS A 2978 53.83 -25.11 -36.30
N GLN A 2979 54.72 -25.70 -37.11
CA GLN A 2979 54.57 -25.62 -38.56
C GLN A 2979 54.37 -26.97 -39.23
N ASP A 2980 55.26 -27.94 -39.03
CA ASP A 2980 55.33 -29.08 -39.95
C ASP A 2980 54.89 -30.40 -39.33
N TRP A 2981 55.57 -30.89 -38.29
CA TRP A 2981 55.18 -32.13 -37.61
C TRP A 2981 54.86 -33.26 -38.60
N VAL A 2982 55.88 -33.76 -39.27
CA VAL A 2982 55.56 -34.68 -40.35
C VAL A 2982 55.27 -36.05 -39.75
N ASP A 2983 54.08 -36.16 -39.16
CA ASP A 2983 53.42 -37.42 -38.87
C ASP A 2983 51.91 -37.32 -39.03
N GLY A 2984 51.40 -36.17 -39.48
CA GLY A 2984 49.97 -35.91 -39.55
C GLY A 2984 49.64 -34.49 -39.14
N GLU A 2985 48.78 -33.82 -39.90
CA GLU A 2985 48.36 -32.47 -39.57
C GLU A 2985 47.42 -32.49 -38.37
N PRO A 2986 47.51 -31.52 -37.46
CA PRO A 2986 46.64 -31.54 -36.28
C PRO A 2986 45.21 -31.20 -36.65
N THR A 2987 44.29 -32.00 -36.11
CA THR A 2987 42.87 -31.79 -36.38
C THR A 2987 42.44 -30.41 -35.92
N GLU A 2988 41.42 -29.87 -36.58
CA GLU A 2988 40.83 -28.63 -36.11
C GLU A 2988 40.13 -28.83 -34.78
N ALA A 2989 39.58 -30.03 -34.55
CA ALA A 2989 38.93 -30.36 -33.29
C ALA A 2989 39.89 -30.30 -32.11
N GLU A 2990 41.19 -30.46 -32.35
CA GLU A 2990 42.15 -30.23 -31.28
C GLU A 2990 42.91 -28.92 -31.41
N LYS A 2991 42.92 -28.29 -32.58
CA LYS A 2991 43.45 -26.92 -32.64
C LYS A 2991 42.60 -25.98 -31.80
N ASP A 2992 41.28 -26.05 -31.95
CA ASP A 2992 40.42 -25.17 -31.15
C ASP A 2992 40.50 -25.56 -29.68
N PHE A 2993 40.62 -26.86 -29.39
CA PHE A 2993 40.94 -27.28 -28.03
C PHE A 2993 42.17 -26.55 -27.51
N TRP A 2994 43.33 -26.76 -28.15
CA TRP A 2994 44.58 -26.12 -27.74
C TRP A 2994 44.38 -24.64 -27.48
N GLU A 2995 43.58 -23.99 -28.33
CA GLU A 2995 43.31 -22.57 -28.11
C GLU A 2995 42.55 -22.34 -26.80
N LEU A 2996 41.47 -23.11 -26.57
CA LEU A 2996 40.69 -22.98 -25.34
C LEU A 2996 41.52 -23.32 -24.11
N ALA A 2997 42.27 -24.43 -24.19
CA ALA A 2997 43.11 -24.87 -23.09
C ALA A 2997 44.17 -23.82 -22.76
N SER A 2998 44.76 -23.20 -23.78
CA SER A 2998 45.70 -22.11 -23.53
C SER A 2998 45.01 -20.94 -22.87
N LEU A 2999 43.78 -20.63 -23.29
CA LEU A 2999 43.02 -19.58 -22.63
C LEU A 2999 42.81 -19.87 -21.16
N ASP A 3000 42.37 -21.09 -20.84
CA ASP A 3000 42.10 -21.47 -19.46
C ASP A 3000 43.38 -21.53 -18.64
N CYS A 3001 44.45 -22.08 -19.21
CA CYS A 3001 45.72 -22.14 -18.50
C CYS A 3001 46.22 -20.75 -18.18
N TYR A 3002 46.21 -19.85 -19.16
CA TYR A 3002 46.62 -18.48 -18.90
C TYR A 3002 45.67 -17.77 -17.95
N ASN A 3003 44.42 -18.24 -17.86
CA ASN A 3003 43.53 -17.72 -16.83
C ASN A 3003 43.98 -18.15 -15.44
N HIS A 3004 44.42 -19.41 -15.30
CA HIS A 3004 44.80 -19.91 -13.99
C HIS A 3004 45.93 -19.10 -13.39
N LEU A 3005 47.13 -19.16 -13.99
CA LEU A 3005 48.20 -18.24 -13.62
C LEU A 3005 47.92 -16.92 -14.32
N ALA A 3006 47.27 -16.01 -13.62
CA ALA A 3006 46.52 -14.94 -14.27
C ALA A 3006 47.46 -13.88 -14.86
N GLU A 3007 48.13 -14.26 -15.95
CA GLU A 3007 48.73 -13.27 -16.85
C GLU A 3007 47.62 -12.84 -17.79
N TRP A 3008 47.01 -11.69 -17.50
CA TRP A 3008 45.88 -11.23 -18.30
C TRP A 3008 46.32 -10.63 -19.63
N LYS A 3009 47.57 -10.19 -19.75
CA LYS A 3009 48.15 -9.86 -21.05
C LYS A 3009 47.96 -11.00 -22.03
N SER A 3010 48.59 -12.13 -21.73
CA SER A 3010 48.48 -13.30 -22.62
C SER A 3010 47.04 -13.74 -22.76
N LEU A 3011 46.21 -13.52 -21.73
CA LEU A 3011 44.84 -13.99 -21.80
C LEU A 3011 44.03 -13.18 -22.81
N GLU A 3012 44.14 -11.86 -22.78
CA GLU A 3012 43.44 -11.07 -23.80
C GLU A 3012 44.04 -11.32 -25.18
N TYR A 3013 45.35 -11.50 -25.26
CA TYR A 3013 45.96 -11.79 -26.55
C TYR A 3013 45.43 -13.08 -27.15
N CYS A 3014 45.28 -14.12 -26.33
CA CYS A 3014 44.74 -15.38 -26.83
C CYS A 3014 43.24 -15.27 -27.10
N SER A 3015 42.53 -14.43 -26.35
CA SER A 3015 41.11 -14.24 -26.63
C SER A 3015 40.90 -13.58 -27.98
N THR A 3016 41.81 -12.69 -28.38
CA THR A 3016 41.73 -12.05 -29.67
C THR A 3016 42.49 -12.79 -30.78
N ALA A 3017 43.27 -13.82 -30.43
CA ALA A 3017 44.18 -14.44 -31.39
C ALA A 3017 43.44 -15.11 -32.54
N SER A 3018 42.64 -16.12 -32.25
CA SER A 3018 42.10 -17.01 -33.26
C SER A 3018 40.82 -16.47 -33.92
N ILE A 3019 40.34 -15.32 -33.50
CA ILE A 3019 39.11 -14.74 -34.04
C ILE A 3019 39.38 -13.78 -35.19
N ASP A 3020 40.46 -13.01 -35.11
CA ASP A 3020 40.74 -11.99 -36.12
C ASP A 3020 42.24 -11.73 -36.15
N SER A 3021 42.63 -10.66 -36.84
CA SER A 3021 44.04 -10.35 -37.04
C SER A 3021 44.67 -9.84 -35.75
N GLU A 3022 45.98 -9.57 -35.82
CA GLU A 3022 46.73 -9.20 -34.62
C GLU A 3022 46.37 -7.82 -34.11
N ASN A 3023 46.04 -6.88 -34.99
CA ASN A 3023 45.60 -5.57 -34.54
C ASN A 3023 44.23 -5.69 -33.88
N PRO A 3024 44.07 -5.23 -32.65
CA PRO A 3024 42.82 -5.46 -31.92
C PRO A 3024 41.70 -4.56 -32.42
N PRO A 3025 40.73 -5.10 -33.15
CA PRO A 3025 39.63 -4.29 -33.70
C PRO A 3025 38.35 -4.31 -32.87
N ASP A 3026 38.38 -4.86 -31.66
CA ASP A 3026 37.23 -5.52 -31.03
C ASP A 3026 35.91 -4.83 -31.34
N LEU A 3027 35.00 -5.60 -31.94
CA LEU A 3027 33.74 -5.11 -32.48
C LEU A 3027 32.81 -6.32 -32.59
N ASN A 3028 31.76 -6.19 -33.42
CA ASN A 3028 30.76 -7.23 -33.61
C ASN A 3028 31.35 -8.52 -34.19
N LYS A 3029 32.67 -8.55 -34.40
CA LYS A 3029 33.34 -9.78 -34.80
C LYS A 3029 33.00 -10.92 -33.83
N ILE A 3030 33.06 -10.65 -32.53
CA ILE A 3030 32.66 -11.64 -31.54
C ILE A 3030 31.17 -11.91 -31.62
N TRP A 3031 30.37 -10.90 -31.96
CA TRP A 3031 28.92 -11.04 -31.89
C TRP A 3031 28.38 -11.94 -32.99
N SER A 3032 29.13 -12.09 -34.08
CA SER A 3032 28.74 -13.05 -35.10
C SER A 3032 29.23 -14.44 -34.73
N GLU A 3033 28.65 -15.45 -35.40
CA GLU A 3033 29.08 -16.85 -35.28
C GLU A 3033 29.15 -17.26 -33.82
N PRO A 3034 28.00 -17.52 -33.17
CA PRO A 3034 27.93 -17.58 -31.70
C PRO A 3034 29.08 -18.30 -30.99
N PHE A 3035 29.82 -19.15 -31.69
CA PHE A 3035 30.98 -19.79 -31.07
C PHE A 3035 31.99 -18.76 -30.61
N TYR A 3036 32.16 -17.67 -31.37
CA TYR A 3036 33.03 -16.59 -30.89
C TYR A 3036 32.51 -16.03 -29.58
N GLN A 3037 31.19 -15.79 -29.50
CA GLN A 3037 30.59 -15.34 -28.24
C GLN A 3037 30.96 -16.27 -27.10
N GLU A 3038 30.50 -17.53 -27.20
CA GLU A 3038 30.65 -18.49 -26.10
C GLU A 3038 32.10 -18.66 -25.71
N THR A 3039 33.01 -18.77 -26.69
CA THR A 3039 34.40 -19.12 -26.43
C THR A 3039 35.25 -17.93 -26.00
N TYR A 3040 34.97 -16.71 -26.48
CA TYR A 3040 35.91 -15.63 -26.24
C TYR A 3040 35.36 -14.53 -25.34
N LEU A 3041 34.05 -14.30 -25.36
CA LEU A 3041 33.50 -13.20 -24.56
C LEU A 3041 33.87 -13.31 -23.09
N PRO A 3042 33.70 -14.45 -22.40
CA PRO A 3042 34.11 -14.52 -20.99
C PRO A 3042 35.57 -14.23 -20.78
N TYR A 3043 36.47 -14.96 -21.47
CA TYR A 3043 37.89 -14.72 -21.32
C TYR A 3043 38.25 -13.29 -21.70
N MET A 3044 37.64 -12.77 -22.78
CA MET A 3044 37.98 -11.42 -23.23
C MET A 3044 37.70 -10.41 -22.13
N ILE A 3045 36.47 -10.38 -21.62
CA ILE A 3045 36.19 -9.32 -20.66
C ILE A 3045 36.85 -9.63 -19.33
N ARG A 3046 37.10 -10.91 -19.02
CA ARG A 3046 37.84 -11.22 -17.81
C ARG A 3046 39.23 -10.62 -17.84
N SER A 3047 39.99 -10.91 -18.90
CA SER A 3047 41.34 -10.39 -19.01
C SER A 3047 41.33 -8.86 -19.02
N LYS A 3048 40.47 -8.28 -19.85
CA LYS A 3048 40.46 -6.82 -20.02
C LYS A 3048 40.08 -6.13 -18.72
N LEU A 3049 38.99 -6.57 -18.09
CA LEU A 3049 38.52 -5.92 -16.88
C LEU A 3049 39.47 -6.15 -15.71
N LYS A 3050 40.05 -7.35 -15.61
CA LYS A 3050 41.04 -7.57 -14.56
C LYS A 3050 42.19 -6.60 -14.71
N LEU A 3051 42.68 -6.43 -15.95
CA LEU A 3051 43.78 -5.49 -16.19
C LEU A 3051 43.37 -4.07 -15.85
N LEU A 3052 42.14 -3.70 -16.19
CA LEU A 3052 41.62 -2.40 -15.77
C LEU A 3052 41.61 -2.26 -14.26
N LEU A 3053 41.28 -3.33 -13.55
CA LEU A 3053 41.20 -3.31 -12.10
C LEU A 3053 42.57 -3.14 -11.44
N GLN A 3054 43.61 -3.85 -11.89
CA GLN A 3054 44.87 -3.71 -11.15
C GLN A 3054 45.50 -2.33 -11.32
N GLY A 3055 45.02 -1.51 -12.24
CA GLY A 3055 45.51 -0.17 -12.42
C GLY A 3055 46.21 0.03 -13.75
N GLU A 3056 45.44 0.50 -14.72
CA GLU A 3056 45.75 0.78 -16.11
C GLU A 3056 44.48 1.41 -16.66
N ALA A 3057 44.58 2.02 -17.84
CA ALA A 3057 43.36 2.50 -18.50
C ALA A 3057 43.11 1.76 -19.81
N ASP A 3058 43.99 1.90 -20.79
CA ASP A 3058 44.01 1.09 -22.01
C ASP A 3058 42.76 1.26 -22.87
N GLN A 3059 41.73 1.91 -22.32
CA GLN A 3059 40.48 2.25 -23.02
C GLN A 3059 40.04 1.19 -24.02
N SER A 3060 40.01 -0.09 -23.61
CA SER A 3060 39.88 -1.18 -24.56
C SER A 3060 38.53 -1.88 -24.49
N LEU A 3061 38.12 -2.37 -23.31
CA LEU A 3061 36.84 -3.04 -23.20
C LEU A 3061 35.70 -2.10 -22.86
N LEU A 3062 36.02 -0.97 -22.21
CA LEU A 3062 34.98 -0.01 -21.82
C LEU A 3062 34.18 0.44 -23.04
N THR A 3063 34.89 0.81 -24.12
CA THR A 3063 34.21 1.29 -25.32
C THR A 3063 33.35 0.19 -25.94
N PHE A 3064 33.86 -1.04 -25.96
CA PHE A 3064 33.07 -2.16 -26.48
C PHE A 3064 31.79 -2.34 -25.69
N ILE A 3065 31.89 -2.32 -24.36
CA ILE A 3065 30.70 -2.46 -23.52
C ILE A 3065 29.72 -1.33 -23.79
N ASP A 3066 30.22 -0.09 -23.86
CA ASP A 3066 29.34 1.06 -24.04
C ASP A 3066 28.63 1.00 -25.39
N LYS A 3067 29.34 0.66 -26.46
CA LYS A 3067 28.69 0.53 -27.77
C LYS A 3067 27.72 -0.64 -27.77
N ALA A 3068 28.01 -1.67 -26.98
CA ALA A 3068 27.12 -2.82 -26.85
C ALA A 3068 25.86 -2.50 -26.05
N MET A 3069 25.78 -1.33 -25.43
CA MET A 3069 24.60 -0.96 -24.65
C MET A 3069 23.47 -0.51 -25.56
N HIS A 3070 23.12 -1.33 -26.54
CA HIS A 3070 22.10 -1.01 -27.52
C HIS A 3070 21.49 -2.30 -28.05
N GLY A 3071 20.32 -2.18 -28.65
CA GLY A 3071 19.66 -3.32 -29.23
C GLY A 3071 19.26 -4.36 -28.18
N GLU A 3072 19.07 -5.58 -28.66
CA GLU A 3072 18.68 -6.70 -27.81
C GLU A 3072 19.72 -7.80 -27.76
N LEU A 3073 20.15 -8.30 -28.93
CA LEU A 3073 21.07 -9.43 -28.96
C LEU A 3073 22.43 -9.07 -28.35
N GLN A 3074 22.96 -7.90 -28.69
CA GLN A 3074 24.29 -7.50 -28.25
C GLN A 3074 24.33 -7.09 -26.78
N LYS A 3075 23.19 -6.94 -26.13
CA LYS A 3075 23.13 -6.43 -24.76
C LYS A 3075 22.60 -7.45 -23.76
N ALA A 3076 21.55 -8.18 -24.12
CA ALA A 3076 20.89 -9.07 -23.17
C ALA A 3076 21.81 -10.17 -22.67
N ILE A 3077 22.60 -10.78 -23.56
CA ILE A 3077 23.49 -11.86 -23.14
C ILE A 3077 24.50 -11.37 -22.11
N LEU A 3078 25.20 -10.26 -22.43
CA LEU A 3078 26.21 -9.76 -21.52
C LEU A 3078 25.62 -9.26 -20.21
N GLU A 3079 24.44 -8.63 -20.25
CA GLU A 3079 23.89 -8.09 -19.02
C GLU A 3079 23.32 -9.20 -18.13
N LEU A 3080 22.72 -10.23 -18.73
CA LEU A 3080 22.08 -11.27 -17.94
C LEU A 3080 23.07 -12.31 -17.45
N HIS A 3081 24.19 -12.49 -18.15
CA HIS A 3081 25.08 -13.59 -17.78
C HIS A 3081 26.44 -13.14 -17.28
N TYR A 3082 26.73 -11.84 -17.23
CA TYR A 3082 27.93 -11.43 -16.51
C TYR A 3082 27.58 -10.78 -15.19
N SER A 3083 26.87 -9.66 -15.24
CA SER A 3083 26.14 -9.08 -14.11
C SER A 3083 27.00 -8.74 -12.89
N GLN A 3084 28.31 -8.97 -12.96
CA GLN A 3084 29.23 -8.50 -11.93
C GLN A 3084 30.42 -7.75 -12.51
N GLU A 3085 30.93 -8.21 -13.65
CA GLU A 3085 31.92 -7.44 -14.38
C GLU A 3085 31.35 -6.10 -14.80
N LEU A 3086 30.05 -6.07 -15.10
CA LEU A 3086 29.37 -4.82 -15.36
C LEU A 3086 29.44 -3.89 -14.16
N SER A 3087 29.21 -4.44 -12.96
CA SER A 3087 29.28 -3.62 -11.75
C SER A 3087 30.68 -3.05 -11.54
N LEU A 3088 31.70 -3.88 -11.70
CA LEU A 3088 33.07 -3.38 -11.53
C LEU A 3088 33.40 -2.32 -12.57
N LEU A 3089 33.07 -2.58 -13.83
CA LEU A 3089 33.35 -1.61 -14.89
C LEU A 3089 32.63 -0.30 -14.65
N TYR A 3090 31.39 -0.34 -14.19
CA TYR A 3090 30.63 0.89 -14.01
C TYR A 3090 31.06 1.62 -12.75
N LEU A 3091 31.54 0.92 -11.73
CA LEU A 3091 32.12 1.65 -10.60
C LEU A 3091 33.44 2.28 -11.00
N LEU A 3092 34.17 1.65 -11.92
CA LEU A 3092 35.32 2.30 -12.53
C LEU A 3092 34.89 3.57 -13.27
N GLN A 3093 33.78 3.50 -14.01
CA GLN A 3093 33.24 4.68 -14.66
C GLN A 3093 32.50 5.60 -13.71
N ASP A 3094 32.29 5.17 -12.47
CA ASP A 3094 31.83 6.03 -11.37
C ASP A 3094 30.39 6.51 -11.55
N ASP A 3095 29.58 5.72 -12.26
CA ASP A 3095 28.13 5.90 -12.21
C ASP A 3095 27.60 4.85 -11.23
N VAL A 3096 27.57 5.24 -9.95
CA VAL A 3096 27.34 4.29 -8.88
C VAL A 3096 25.96 3.63 -8.98
N ASP A 3097 24.96 4.36 -9.47
CA ASP A 3097 23.61 3.81 -9.54
C ASP A 3097 23.55 2.59 -10.46
N ARG A 3098 24.19 2.69 -11.63
CA ARG A 3098 24.13 1.58 -12.58
C ARG A 3098 24.98 0.39 -12.12
N ALA A 3099 26.15 0.67 -11.52
CA ALA A 3099 26.94 -0.41 -10.94
C ALA A 3099 26.17 -1.13 -9.85
N LYS A 3100 25.44 -0.37 -9.02
CA LYS A 3100 24.56 -0.97 -8.04
C LYS A 3100 23.52 -1.87 -8.72
N TYR A 3101 22.71 -1.29 -9.58
CA TYR A 3101 21.70 -2.02 -10.34
C TYR A 3101 22.27 -3.33 -10.89
N TYR A 3102 23.52 -3.28 -11.35
CA TYR A 3102 24.12 -4.48 -11.92
C TYR A 3102 24.53 -5.49 -10.84
N ILE A 3103 25.00 -5.02 -9.68
CA ILE A 3103 25.38 -5.98 -8.63
C ILE A 3103 24.15 -6.63 -8.03
N GLN A 3104 23.07 -5.86 -7.83
CA GLN A 3104 21.84 -6.48 -7.37
C GLN A 3104 21.30 -7.45 -8.44
N ASN A 3105 21.38 -7.06 -9.72
CA ASN A 3105 20.98 -7.98 -10.77
C ASN A 3105 21.82 -9.25 -10.76
N GLY A 3106 23.10 -9.13 -10.39
CA GLY A 3106 23.92 -10.31 -10.21
C GLY A 3106 23.50 -11.13 -9.01
N ILE A 3107 22.95 -10.47 -7.99
CA ILE A 3107 22.47 -11.19 -6.82
C ILE A 3107 21.25 -12.05 -7.19
N GLN A 3108 20.29 -11.47 -7.90
CA GLN A 3108 19.20 -12.33 -8.39
C GLN A 3108 19.69 -13.30 -9.45
N SER A 3109 20.76 -12.97 -10.17
CA SER A 3109 21.33 -13.93 -11.12
C SER A 3109 21.82 -15.16 -10.40
N PHE A 3110 22.56 -14.98 -9.31
CA PHE A 3110 22.99 -16.12 -8.50
C PHE A 3110 21.80 -16.85 -7.93
N MET A 3111 20.79 -16.12 -7.46
CA MET A 3111 19.59 -16.77 -6.95
C MET A 3111 18.97 -17.72 -7.96
N GLN A 3112 18.69 -17.23 -9.18
CA GLN A 3112 18.02 -18.07 -10.16
C GLN A 3112 18.92 -19.16 -10.69
N ASN A 3113 20.23 -18.90 -10.82
CA ASN A 3113 21.15 -19.93 -11.25
C ASN A 3113 21.22 -21.06 -10.23
N TYR A 3114 21.49 -20.71 -8.98
CA TYR A 3114 21.69 -21.71 -7.92
C TYR A 3114 20.44 -22.54 -7.72
N SER A 3115 19.27 -21.90 -7.72
CA SER A 3115 18.01 -22.61 -7.55
C SER A 3115 17.72 -23.58 -8.67
N SER A 3116 18.46 -23.51 -9.78
CA SER A 3116 18.21 -24.35 -10.94
C SER A 3116 19.20 -25.49 -11.10
N ILE A 3117 20.40 -25.39 -10.54
CA ILE A 3117 21.26 -26.57 -10.44
C ILE A 3117 20.57 -27.59 -9.55
N ASP A 3118 20.51 -28.83 -10.01
CA ASP A 3118 19.96 -29.89 -9.18
C ASP A 3118 20.78 -30.04 -7.92
N VAL A 3119 20.13 -30.51 -6.86
CA VAL A 3119 20.81 -30.67 -5.59
C VAL A 3119 21.87 -31.77 -5.68
N LEU A 3120 21.59 -32.82 -6.47
CA LEU A 3120 22.54 -33.90 -6.65
C LEU A 3120 23.75 -33.51 -7.49
N LEU A 3121 23.80 -32.28 -8.00
CA LEU A 3121 24.93 -31.82 -8.79
C LEU A 3121 25.90 -31.09 -7.88
N HIS A 3122 26.52 -31.86 -7.00
CA HIS A 3122 27.54 -31.32 -6.11
C HIS A 3122 28.77 -30.92 -6.91
N GLN A 3123 29.44 -29.85 -6.45
CA GLN A 3123 30.58 -29.20 -7.10
C GLN A 3123 30.14 -28.26 -8.22
N SER A 3124 28.84 -28.27 -8.55
CA SER A 3124 28.29 -27.20 -9.35
C SER A 3124 27.73 -26.11 -8.44
N ARG A 3125 27.11 -26.54 -7.35
CA ARG A 3125 26.60 -25.61 -6.35
C ARG A 3125 27.72 -25.02 -5.51
N LEU A 3126 28.78 -25.78 -5.26
CA LEU A 3126 29.98 -25.20 -4.67
C LEU A 3126 30.50 -24.04 -5.52
N THR A 3127 30.70 -24.30 -6.82
CA THR A 3127 31.24 -23.27 -7.69
C THR A 3127 30.32 -22.07 -7.77
N LYS A 3128 29.00 -22.31 -7.83
CA LYS A 3128 28.08 -21.18 -7.88
C LYS A 3128 28.05 -20.40 -6.57
N LEU A 3129 28.26 -21.09 -5.45
CA LEU A 3129 28.22 -20.47 -4.13
C LEU A 3129 29.51 -19.72 -3.82
N GLN A 3130 30.63 -20.14 -4.42
CA GLN A 3130 31.91 -19.51 -4.14
C GLN A 3130 31.95 -18.06 -4.59
N SER A 3131 31.06 -17.65 -5.50
CA SER A 3131 31.00 -16.29 -5.98
C SER A 3131 30.19 -15.37 -5.08
N VAL A 3132 29.43 -15.93 -4.15
CA VAL A 3132 28.59 -15.11 -3.27
C VAL A 3132 29.44 -14.22 -2.40
N GLN A 3133 30.52 -14.76 -1.83
CA GLN A 3133 31.42 -13.94 -1.03
C GLN A 3133 31.89 -12.72 -1.81
N ALA A 3134 32.30 -12.94 -3.06
CA ALA A 3134 32.85 -11.84 -3.86
C ALA A 3134 31.78 -10.82 -4.19
N LEU A 3135 30.62 -11.27 -4.66
CA LEU A 3135 29.57 -10.32 -5.04
C LEU A 3135 29.06 -9.54 -3.84
N THR A 3136 28.99 -10.18 -2.67
CA THR A 3136 28.64 -9.46 -1.46
C THR A 3136 29.71 -8.45 -1.07
N GLU A 3137 31.00 -8.81 -1.24
CA GLU A 3137 32.06 -7.82 -1.06
C GLU A 3137 31.83 -6.61 -1.97
N ILE A 3138 31.49 -6.85 -3.23
CA ILE A 3138 31.26 -5.76 -4.17
C ILE A 3138 30.17 -4.84 -3.64
N GLN A 3139 29.02 -5.45 -3.30
CA GLN A 3139 27.85 -4.68 -2.86
C GLN A 3139 28.13 -3.96 -1.55
N GLU A 3140 28.77 -4.62 -0.61
CA GLU A 3140 29.04 -4.00 0.69
C GLU A 3140 30.02 -2.85 0.56
N PHE A 3141 30.98 -2.95 -0.37
CA PHE A 3141 31.86 -1.80 -0.60
C PHE A 3141 31.09 -0.63 -1.21
N ILE A 3142 30.27 -0.90 -2.23
CA ILE A 3142 29.56 0.21 -2.86
C ILE A 3142 28.58 0.84 -1.88
N SER A 3143 28.08 0.07 -0.91
CA SER A 3143 27.22 0.63 0.13
C SER A 3143 28.03 1.41 1.16
N PHE A 3144 29.21 0.89 1.53
CA PHE A 3144 30.05 1.54 2.53
C PHE A 3144 30.55 2.89 2.03
N ILE A 3145 30.90 2.98 0.74
CA ILE A 3145 31.39 4.23 0.18
C ILE A 3145 30.28 5.25 -0.03
N SER A 3146 29.02 4.85 0.10
CA SER A 3146 27.90 5.77 -0.14
C SER A 3146 27.67 6.75 1.00
N LYS A 3147 28.28 6.53 2.16
CA LYS A 3147 28.10 7.40 3.31
C LYS A 3147 28.98 8.63 3.17
N GLN A 3148 28.36 9.82 3.26
CA GLN A 3148 29.12 11.06 3.13
C GLN A 3148 30.09 11.24 4.29
N GLY A 3149 29.66 10.95 5.50
CA GLY A 3149 30.53 11.04 6.66
C GLY A 3149 31.58 9.94 6.73
N ASN A 3150 31.46 8.93 5.89
CA ASN A 3150 32.45 7.86 5.87
C ASN A 3150 33.81 8.36 5.40
N LEU A 3151 33.84 9.48 4.67
CA LEU A 3151 35.09 10.07 4.21
C LEU A 3151 35.70 11.03 5.22
N SER A 3152 35.08 11.20 6.38
CA SER A 3152 35.61 12.04 7.44
C SER A 3152 36.04 11.29 8.68
N SER A 3153 35.36 10.19 9.01
CA SER A 3153 35.71 9.38 10.17
C SER A 3153 36.59 8.22 9.73
N GLN A 3154 37.66 7.96 10.50
CA GLN A 3154 38.64 6.95 10.12
C GLN A 3154 38.39 5.59 10.76
N VAL A 3155 37.65 5.53 11.87
CA VAL A 3155 37.35 4.25 12.50
C VAL A 3155 36.40 3.37 11.67
N PRO A 3156 35.51 3.92 10.84
CA PRO A 3156 34.79 3.03 9.90
C PRO A 3156 35.74 2.26 9.01
N LEU A 3157 36.79 2.92 8.51
CA LEU A 3157 37.82 2.22 7.76
C LEU A 3157 38.54 1.20 8.65
N LYS A 3158 38.74 1.55 9.93
CA LYS A 3158 39.43 0.64 10.84
C LYS A 3158 38.68 -0.68 10.96
N ARG A 3159 37.39 -0.64 11.30
CA ARG A 3159 36.72 -1.92 11.49
C ARG A 3159 36.32 -2.56 10.16
N LEU A 3160 36.21 -1.80 9.07
CA LEU A 3160 36.06 -2.44 7.77
C LEU A 3160 37.30 -3.26 7.42
N LEU A 3161 38.48 -2.71 7.69
CA LEU A 3161 39.71 -3.47 7.50
C LEU A 3161 39.76 -4.67 8.44
N ASN A 3162 39.29 -4.49 9.68
CA ASN A 3162 39.32 -5.60 10.64
C ASN A 3162 38.43 -6.75 10.18
N THR A 3163 37.22 -6.44 9.69
CA THR A 3163 36.34 -7.51 9.22
C THR A 3163 36.85 -8.10 7.91
N TRP A 3164 37.44 -7.28 7.03
CA TRP A 3164 37.94 -7.81 5.77
C TRP A 3164 39.17 -8.68 5.96
N THR A 3165 39.99 -8.40 6.98
CA THR A 3165 41.08 -9.31 7.29
C THR A 3165 40.63 -10.50 8.11
N ASN A 3166 39.46 -10.40 8.76
CA ASN A 3166 38.87 -11.59 9.38
C ASN A 3166 38.21 -12.50 8.34
N ARG A 3167 37.69 -11.92 7.26
CA ARG A 3167 36.98 -12.69 6.24
C ARG A 3167 37.88 -12.87 5.02
N TYR A 3168 38.23 -14.13 4.75
CA TYR A 3168 39.00 -14.55 3.58
C TYR A 3168 38.35 -15.77 2.97
N PRO A 3169 38.54 -15.99 1.67
CA PRO A 3169 38.34 -17.35 1.14
C PRO A 3169 39.32 -18.28 1.83
N ASP A 3170 39.02 -19.57 1.82
CA ASP A 3170 39.92 -20.48 2.49
C ASP A 3170 40.91 -21.08 1.50
N ALA A 3171 42.17 -21.03 1.88
CA ALA A 3171 43.15 -21.85 1.18
C ALA A 3171 42.74 -23.32 1.30
N LYS A 3172 43.08 -24.09 0.28
CA LYS A 3172 42.97 -25.53 0.19
C LYS A 3172 41.55 -25.99 -0.12
N MET A 3173 40.56 -25.10 -0.15
CA MET A 3173 39.25 -25.44 -0.68
C MET A 3173 38.64 -24.33 -1.54
N ASP A 3174 39.42 -23.37 -2.00
CA ASP A 3174 38.94 -22.40 -2.98
C ASP A 3174 39.99 -22.25 -4.06
N PRO A 3175 39.70 -22.64 -5.31
CA PRO A 3175 40.67 -22.47 -6.39
C PRO A 3175 41.16 -21.04 -6.50
N MET A 3176 42.26 -20.84 -7.23
CA MET A 3176 42.93 -19.55 -7.18
C MET A 3176 42.15 -18.45 -7.88
N ASN A 3177 41.11 -18.78 -8.62
CA ASN A 3177 40.31 -17.72 -9.24
C ASN A 3177 39.45 -17.00 -8.21
N ILE A 3178 39.03 -17.69 -7.15
CA ILE A 3178 38.24 -17.00 -6.12
C ILE A 3178 39.12 -16.09 -5.29
N TRP A 3179 40.30 -16.59 -4.89
CA TRP A 3179 41.30 -15.73 -4.26
C TRP A 3179 41.62 -14.53 -5.14
N ASP A 3180 41.83 -14.78 -6.43
CA ASP A 3180 42.08 -13.70 -7.38
C ASP A 3180 40.98 -12.66 -7.33
N ASP A 3181 39.73 -13.10 -7.50
CA ASP A 3181 38.59 -12.20 -7.46
C ASP A 3181 38.60 -11.35 -6.20
N ILE A 3182 38.66 -12.01 -5.04
CA ILE A 3182 38.53 -11.31 -3.77
C ILE A 3182 39.67 -10.30 -3.61
N ILE A 3183 40.90 -10.73 -3.82
CA ILE A 3183 42.05 -9.87 -3.53
C ILE A 3183 42.10 -8.70 -4.49
N THR A 3184 41.89 -8.95 -5.79
CA THR A 3184 41.94 -7.85 -6.75
C THR A 3184 40.82 -6.86 -6.54
N ASN A 3185 39.58 -7.33 -6.36
CA ASN A 3185 38.48 -6.41 -6.14
C ASN A 3185 38.69 -5.61 -4.85
N ARG A 3186 39.19 -6.26 -3.79
CA ARG A 3186 39.42 -5.53 -2.55
C ARG A 3186 40.56 -4.53 -2.70
N CYS A 3187 41.58 -4.87 -3.46
CA CYS A 3187 42.66 -3.92 -3.73
C CYS A 3187 42.12 -2.69 -4.43
N PHE A 3188 41.25 -2.88 -5.43
CA PHE A 3188 40.65 -1.73 -6.09
C PHE A 3188 39.78 -0.91 -5.16
N PHE A 3189 38.96 -1.59 -4.34
CA PHE A 3189 38.09 -0.88 -3.41
C PHE A 3189 38.91 -0.03 -2.45
N LEU A 3190 39.96 -0.61 -1.88
CA LEU A 3190 40.74 0.07 -0.87
C LEU A 3190 41.66 1.12 -1.47
N SER A 3191 42.10 0.94 -2.72
CA SER A 3191 42.78 2.04 -3.41
C SER A 3191 41.84 3.22 -3.63
N LYS A 3192 40.59 2.93 -4.01
CA LYS A 3192 39.60 3.99 -4.11
C LYS A 3192 39.40 4.69 -2.77
N ILE A 3193 39.36 3.91 -1.69
CA ILE A 3193 39.21 4.49 -0.36
C ILE A 3193 40.41 5.38 -0.02
N GLU A 3194 41.62 4.90 -0.31
CA GLU A 3194 42.81 5.68 -0.01
C GLU A 3194 42.85 6.98 -0.79
N GLU A 3195 42.50 6.94 -2.08
CA GLU A 3195 42.50 8.17 -2.85
C GLU A 3195 41.30 9.05 -2.51
N LYS A 3196 40.29 8.52 -1.83
CA LYS A 3196 39.17 9.33 -1.37
C LYS A 3196 39.43 9.94 0.00
N LEU A 3197 40.54 9.60 0.65
CA LEU A 3197 40.90 10.17 1.96
C LEU A 3197 42.42 10.22 2.03
N THR A 3198 42.98 11.40 1.78
CA THR A 3198 44.43 11.56 1.82
C THR A 3198 44.95 11.52 3.25
N ASP A 3226 48.30 6.75 11.70
CA ASP A 3226 48.12 7.03 10.28
C ASP A 3226 47.10 6.08 9.67
N ILE A 3227 46.45 6.55 8.60
CA ILE A 3227 45.52 5.70 7.85
C ILE A 3227 46.22 5.02 6.68
N SER A 3228 47.06 5.75 5.94
CA SER A 3228 47.65 5.18 4.73
C SER A 3228 48.73 4.14 5.05
N SER A 3229 49.35 4.24 6.23
CA SER A 3229 50.30 3.21 6.64
C SER A 3229 49.58 1.88 6.85
N LEU A 3230 48.44 1.91 7.56
CA LEU A 3230 47.66 0.68 7.74
C LEU A 3230 46.98 0.28 6.44
N ILE A 3231 46.71 1.22 5.55
CA ILE A 3231 46.24 0.88 4.20
C ILE A 3231 47.28 0.03 3.47
N ARG A 3232 48.53 0.50 3.43
CA ARG A 3232 49.57 -0.25 2.75
C ARG A 3232 49.83 -1.58 3.45
N SER A 3233 49.75 -1.58 4.79
CA SER A 3233 49.88 -2.84 5.52
C SER A 3233 48.78 -3.83 5.14
N CYS A 3234 47.55 -3.33 4.98
CA CYS A 3234 46.44 -4.21 4.63
C CYS A 3234 46.64 -4.82 3.25
N LYS A 3235 46.99 -3.98 2.26
CA LYS A 3235 47.28 -4.53 0.93
C LYS A 3235 48.40 -5.56 1.00
N PHE A 3236 49.49 -5.23 1.70
CA PHE A 3236 50.66 -6.09 1.73
C PHE A 3236 50.33 -7.44 2.35
N SER A 3237 49.69 -7.41 3.53
CA SER A 3237 49.32 -8.64 4.21
C SER A 3237 48.29 -9.45 3.42
N MET A 3238 47.33 -8.78 2.78
CA MET A 3238 46.32 -9.49 2.00
C MET A 3238 46.94 -10.21 0.80
N LYS A 3239 47.82 -9.51 0.06
CA LYS A 3239 48.52 -10.15 -1.04
C LYS A 3239 49.42 -11.28 -0.54
N MET A 3240 50.04 -11.11 0.62
CA MET A 3240 50.84 -12.18 1.19
C MET A 3240 50.00 -13.39 1.56
N LYS A 3241 48.79 -13.16 2.09
CA LYS A 3241 47.87 -14.25 2.38
C LYS A 3241 47.49 -14.99 1.10
N MET A 3242 47.21 -14.24 0.03
CA MET A 3242 46.91 -14.87 -1.26
C MET A 3242 48.09 -15.69 -1.74
N ILE A 3243 49.30 -15.18 -1.58
CA ILE A 3243 50.50 -15.93 -1.95
C ILE A 3243 50.60 -17.21 -1.15
N ASP A 3244 50.38 -17.14 0.15
CA ASP A 3244 50.47 -18.33 0.98
C ASP A 3244 49.47 -19.39 0.53
N SER A 3245 48.23 -18.95 0.27
CA SER A 3245 47.21 -19.87 -0.23
C SER A 3245 47.65 -20.52 -1.53
N ALA A 3246 48.05 -19.71 -2.51
CA ALA A 3246 48.50 -20.22 -3.80
C ALA A 3246 49.65 -21.21 -3.63
N ARG A 3247 50.56 -20.95 -2.69
CA ARG A 3247 51.69 -21.83 -2.50
C ARG A 3247 51.26 -23.17 -1.91
N LYS A 3248 50.34 -23.16 -0.95
CA LYS A 3248 50.05 -24.42 -0.25
C LYS A 3248 49.12 -25.33 -1.02
N GLN A 3249 48.67 -24.95 -2.21
CA GLN A 3249 47.90 -25.83 -3.08
C GLN A 3249 48.58 -26.05 -4.42
N ASN A 3250 49.90 -25.84 -4.46
CA ASN A 3250 50.78 -26.26 -5.56
C ASN A 3250 50.60 -25.44 -6.82
N ASN A 3251 50.00 -24.26 -6.72
CA ASN A 3251 49.95 -23.33 -7.85
C ASN A 3251 51.20 -22.45 -7.79
N PHE A 3252 52.35 -23.10 -7.99
CA PHE A 3252 53.65 -22.49 -7.70
C PHE A 3252 53.88 -21.23 -8.52
N SER A 3253 53.66 -21.30 -9.83
CA SER A 3253 54.08 -20.21 -10.70
C SER A 3253 53.32 -18.93 -10.40
N LEU A 3254 52.03 -19.03 -10.06
CA LEU A 3254 51.30 -17.83 -9.66
C LEU A 3254 51.88 -17.23 -8.39
N ALA A 3255 52.30 -18.08 -7.45
CA ALA A 3255 52.95 -17.59 -6.24
C ALA A 3255 54.26 -16.89 -6.58
N MET A 3256 55.04 -17.47 -7.50
CA MET A 3256 56.29 -16.83 -7.92
C MET A 3256 56.02 -15.46 -8.53
N LYS A 3257 55.06 -15.38 -9.44
CA LYS A 3257 54.76 -14.09 -10.08
C LYS A 3257 54.21 -13.11 -9.06
N LEU A 3258 53.55 -13.59 -8.01
CA LEU A 3258 53.01 -12.69 -7.01
C LEU A 3258 54.11 -12.12 -6.13
N LEU A 3259 55.08 -12.96 -5.73
CA LEU A 3259 56.27 -12.43 -5.09
C LEU A 3259 56.98 -11.42 -5.99
N LYS A 3260 57.09 -11.73 -7.29
CA LYS A 3260 57.80 -10.82 -8.18
C LYS A 3260 57.11 -9.48 -8.28
N GLU A 3261 55.79 -9.46 -8.39
CA GLU A 3261 55.07 -8.19 -8.47
C GLU A 3261 54.96 -7.51 -7.11
N LEU A 3262 55.18 -8.23 -6.02
CA LEU A 3262 55.16 -7.64 -4.69
C LEU A 3262 56.56 -7.25 -4.21
N HIS A 3263 57.60 -7.57 -4.98
CA HIS A 3263 58.98 -7.31 -4.55
C HIS A 3263 59.35 -5.84 -4.65
N LYS A 3264 58.81 -5.12 -5.64
CA LYS A 3264 59.22 -3.74 -5.84
C LYS A 3264 58.88 -2.86 -4.64
N GLU A 3265 57.73 -3.09 -4.01
CA GLU A 3265 57.31 -2.30 -2.88
C GLU A 3265 57.66 -2.93 -1.53
N SER A 3266 58.26 -4.11 -1.53
CA SER A 3266 58.62 -4.79 -0.28
C SER A 3266 60.01 -4.40 0.21
N LYS A 3267 60.26 -3.10 0.32
CA LYS A 3267 61.54 -2.59 0.79
C LYS A 3267 61.42 -1.47 1.82
N THR A 3268 60.22 -0.96 2.07
CA THR A 3268 60.06 0.20 2.93
C THR A 3268 60.25 -0.10 4.41
N ARG A 3269 60.10 -1.34 4.84
CA ARG A 3269 60.15 -1.69 6.25
C ARG A 3269 60.98 -2.95 6.45
N ASP A 3270 61.57 -3.06 7.65
CA ASP A 3270 62.34 -4.26 7.99
C ASP A 3270 61.46 -5.51 8.00
N ASP A 3271 60.28 -5.42 8.61
CA ASP A 3271 59.39 -6.57 8.65
C ASP A 3271 58.91 -6.96 7.26
N TRP A 3272 58.71 -5.98 6.38
CA TRP A 3272 58.31 -6.31 5.02
C TRP A 3272 59.46 -6.95 4.24
N LEU A 3273 60.69 -6.53 4.51
CA LEU A 3273 61.84 -7.21 3.91
C LEU A 3273 61.89 -8.67 4.34
N VAL A 3274 61.82 -8.91 5.66
CA VAL A 3274 61.91 -10.28 6.14
C VAL A 3274 60.69 -11.08 5.68
N SER A 3275 59.55 -10.41 5.51
CA SER A 3275 58.35 -11.08 5.03
C SER A 3275 58.50 -11.53 3.59
N TRP A 3276 58.96 -10.63 2.71
CA TRP A 3276 59.15 -11.02 1.31
C TRP A 3276 60.18 -12.13 1.20
N VAL A 3277 61.32 -11.98 1.87
CA VAL A 3277 62.36 -13.00 1.73
C VAL A 3277 61.85 -14.34 2.27
N GLN A 3278 61.11 -14.31 3.38
CA GLN A 3278 60.61 -15.55 3.96
C GLN A 3278 59.59 -16.21 3.05
N SER A 3279 58.66 -15.42 2.49
CA SER A 3279 57.65 -15.97 1.60
C SER A 3279 58.29 -16.61 0.37
N TYR A 3280 59.22 -15.90 -0.27
CA TYR A 3280 59.89 -16.44 -1.44
C TYR A 3280 60.68 -17.69 -1.09
N CYS A 3281 61.33 -17.70 0.06
CA CYS A 3281 62.19 -18.83 0.40
C CYS A 3281 61.36 -20.08 0.69
N ARG A 3282 60.23 -19.92 1.41
CA ARG A 3282 59.38 -21.09 1.63
C ARG A 3282 58.67 -21.51 0.36
N LEU A 3283 58.33 -20.56 -0.52
CA LEU A 3283 57.90 -20.92 -1.86
C LEU A 3283 58.89 -21.85 -2.52
N SER A 3284 60.18 -21.50 -2.44
CA SER A 3284 61.21 -22.30 -3.09
C SER A 3284 61.32 -23.67 -2.46
N HIS A 3285 61.29 -23.75 -1.14
CA HIS A 3285 61.34 -25.06 -0.48
C HIS A 3285 60.17 -25.94 -0.92
N CYS A 3286 58.96 -25.40 -0.88
CA CYS A 3286 57.79 -26.19 -1.23
C CYS A 3286 57.83 -26.64 -2.68
N ARG A 3287 58.18 -25.74 -3.59
CA ARG A 3287 58.21 -26.08 -5.02
C ARG A 3287 59.45 -26.87 -5.40
N SER A 3288 60.35 -27.13 -4.46
CA SER A 3288 61.56 -27.90 -4.72
C SER A 3288 61.41 -29.36 -4.27
N ARG A 3289 60.22 -29.93 -4.43
CA ARG A 3289 59.99 -31.30 -3.99
C ARG A 3289 59.60 -32.24 -5.11
N SER A 3290 58.74 -31.82 -6.02
CA SER A 3290 58.39 -32.67 -7.16
C SER A 3290 59.51 -32.74 -8.19
N GLN A 3291 60.50 -31.86 -8.08
CA GLN A 3291 61.60 -31.79 -9.02
C GLN A 3291 62.54 -32.99 -8.85
N GLY A 3292 63.38 -33.20 -9.86
CA GLY A 3292 64.46 -34.15 -9.73
C GLY A 3292 65.51 -33.65 -8.75
N CYS A 3293 66.29 -34.60 -8.23
CA CYS A 3293 67.26 -34.29 -7.18
C CYS A 3293 68.24 -33.21 -7.64
N SER A 3294 68.74 -33.31 -8.87
CA SER A 3294 69.61 -32.26 -9.40
C SER A 3294 68.87 -30.94 -9.49
N GLU A 3295 67.62 -30.97 -9.98
CA GLU A 3295 66.83 -29.75 -10.04
C GLU A 3295 66.56 -29.21 -8.64
N GLN A 3296 66.26 -30.10 -7.68
CA GLN A 3296 66.02 -29.66 -6.31
C GLN A 3296 67.24 -28.92 -5.75
N VAL A 3297 68.41 -29.52 -5.89
CA VAL A 3297 69.61 -28.89 -5.31
C VAL A 3297 69.94 -27.61 -6.05
N LEU A 3298 69.78 -27.59 -7.37
CA LEU A 3298 70.03 -26.36 -8.12
C LEU A 3298 69.11 -25.23 -7.69
N THR A 3299 67.82 -25.53 -7.47
CA THR A 3299 66.85 -24.48 -7.23
C THR A 3299 66.73 -24.08 -5.77
N VAL A 3300 67.21 -24.92 -4.84
CA VAL A 3300 67.22 -24.52 -3.43
C VAL A 3300 68.61 -24.04 -3.01
N LEU A 3301 69.64 -24.28 -3.81
CA LEU A 3301 70.92 -23.62 -3.56
C LEU A 3301 70.84 -22.13 -3.83
N LYS A 3302 70.07 -21.71 -4.85
CA LYS A 3302 70.05 -20.30 -5.20
C LYS A 3302 69.22 -19.47 -4.24
N THR A 3303 68.45 -20.10 -3.36
CA THR A 3303 67.84 -19.38 -2.25
C THR A 3303 68.71 -19.45 -0.99
N VAL A 3304 69.99 -19.15 -1.17
CA VAL A 3304 70.95 -19.07 -0.08
C VAL A 3304 71.64 -17.70 -0.05
N SER A 3305 72.09 -17.23 -1.21
CA SER A 3305 72.63 -15.87 -1.29
C SER A 3305 71.54 -14.84 -0.97
N LEU A 3306 70.32 -15.07 -1.45
CA LEU A 3306 69.18 -14.26 -1.05
C LEU A 3306 68.77 -14.51 0.39
N LEU A 3307 69.53 -15.30 1.14
CA LEU A 3307 69.24 -15.58 2.53
C LEU A 3307 70.34 -15.12 3.48
N ASP A 3308 71.55 -14.91 2.99
CA ASP A 3308 72.67 -14.45 3.81
C ASP A 3308 72.98 -12.97 3.62
N GLU A 3309 72.16 -12.26 2.85
CA GLU A 3309 72.33 -10.84 2.61
C GLU A 3309 71.79 -10.05 3.81
N ASN A 3310 71.56 -8.75 3.64
CA ASN A 3310 71.07 -7.95 4.75
C ASN A 3310 69.62 -8.29 5.06
N ASN A 3311 69.40 -9.53 5.51
CA ASN A 3311 68.15 -9.96 6.12
C ASN A 3311 68.50 -10.65 7.44
N VAL A 3312 69.69 -11.27 7.46
CA VAL A 3312 70.26 -11.78 8.70
C VAL A 3312 71.19 -10.77 9.36
N SER A 3313 71.43 -9.63 8.73
CA SER A 3313 72.30 -8.60 9.26
C SER A 3313 71.48 -7.67 10.15
N SER A 3314 71.74 -7.74 11.46
CA SER A 3314 71.17 -6.85 12.47
C SER A 3314 69.69 -7.15 12.73
N TYR A 3315 69.10 -8.05 11.96
CA TYR A 3315 67.74 -8.51 12.23
C TYR A 3315 67.67 -9.89 12.86
N LEU A 3316 68.81 -10.51 13.17
CA LEU A 3316 68.79 -11.68 14.05
C LEU A 3316 68.98 -11.24 15.51
N SER A 3317 68.29 -10.17 15.90
CA SER A 3317 68.42 -9.65 17.26
C SER A 3317 67.12 -9.17 17.90
N LYS A 3318 66.10 -8.75 17.13
CA LYS A 3318 64.99 -8.00 17.69
C LYS A 3318 63.71 -8.82 17.81
N ASN A 3319 63.21 -9.39 16.72
CA ASN A 3319 61.97 -10.16 16.73
C ASN A 3319 62.35 -11.62 16.80
N ILE A 3320 62.34 -12.18 18.02
CA ILE A 3320 62.85 -13.53 18.23
C ILE A 3320 62.01 -14.56 17.49
N LEU A 3321 60.70 -14.33 17.33
CA LEU A 3321 59.89 -15.27 16.57
C LEU A 3321 60.16 -15.18 15.08
N ALA A 3322 60.27 -13.95 14.55
CA ALA A 3322 60.67 -13.80 13.16
C ALA A 3322 62.09 -14.31 12.94
N PHE A 3323 62.97 -14.06 13.92
CA PHE A 3323 64.31 -14.63 13.89
C PHE A 3323 64.25 -16.15 13.80
N ARG A 3324 63.36 -16.77 14.56
CA ARG A 3324 63.22 -18.22 14.54
C ARG A 3324 62.69 -18.72 13.20
N ASP A 3325 61.70 -18.01 12.64
CA ASP A 3325 61.18 -18.41 11.33
C ASP A 3325 62.25 -18.31 10.25
N GLN A 3326 63.03 -17.23 10.27
CA GLN A 3326 64.13 -17.10 9.31
C GLN A 3326 65.17 -18.19 9.52
N ASN A 3327 65.44 -18.55 10.79
CA ASN A 3327 66.34 -19.66 11.06
C ASN A 3327 65.80 -20.97 10.50
N ILE A 3328 64.50 -21.19 10.63
CA ILE A 3328 63.91 -22.41 10.09
C ILE A 3328 64.06 -22.44 8.58
N LEU A 3329 63.81 -21.32 7.92
CA LEU A 3329 63.97 -21.28 6.47
C LEU A 3329 65.42 -21.55 6.05
N LEU A 3330 66.38 -20.92 6.75
CA LEU A 3330 67.80 -21.16 6.47
C LEU A 3330 68.15 -22.63 6.66
N GLY A 3331 67.79 -23.19 7.81
CA GLY A 3331 68.11 -24.57 8.10
C GLY A 3331 67.49 -25.52 7.10
N THR A 3332 66.22 -25.30 6.74
CA THR A 3332 65.56 -26.17 5.79
C THR A 3332 66.15 -26.04 4.39
N THR A 3333 66.61 -24.85 4.02
CA THR A 3333 67.33 -24.71 2.75
C THR A 3333 68.54 -25.63 2.74
N TYR A 3334 69.38 -25.52 3.76
CA TYR A 3334 70.56 -26.37 3.85
C TYR A 3334 70.17 -27.85 3.94
N ARG A 3335 69.03 -28.12 4.58
CA ARG A 3335 68.54 -29.50 4.70
C ARG A 3335 68.19 -30.07 3.35
N ILE A 3336 67.50 -29.29 2.52
CA ILE A 3336 67.13 -29.78 1.20
C ILE A 3336 68.38 -30.05 0.37
N ILE A 3337 69.35 -29.14 0.42
CA ILE A 3337 70.56 -29.36 -0.37
C ILE A 3337 71.30 -30.62 0.12
N ALA A 3338 71.52 -30.71 1.44
CA ALA A 3338 72.22 -31.85 2.01
C ALA A 3338 71.52 -33.16 1.69
N ASN A 3339 70.26 -33.28 2.12
CA ASN A 3339 69.51 -34.51 1.88
C ASN A 3339 69.34 -34.79 0.40
N ALA A 3340 69.51 -33.79 -0.45
CA ALA A 3340 69.55 -34.04 -1.88
C ALA A 3340 70.81 -34.81 -2.25
N LEU A 3341 71.98 -34.25 -1.93
CA LEU A 3341 73.20 -34.92 -2.36
C LEU A 3341 73.44 -36.26 -1.66
N SER A 3342 72.60 -36.64 -0.71
CA SER A 3342 72.74 -37.93 -0.06
C SER A 3342 72.41 -39.10 -0.98
N SER A 3343 71.79 -38.84 -2.14
CA SER A 3343 71.42 -39.91 -3.05
C SER A 3343 72.63 -40.72 -3.48
N GLU A 3344 73.57 -40.08 -4.17
CA GLU A 3344 74.80 -40.70 -4.61
C GLU A 3344 75.98 -39.82 -4.22
N PRO A 3345 77.14 -40.43 -3.92
CA PRO A 3345 78.27 -39.62 -3.47
C PRO A 3345 78.97 -38.85 -4.59
N ALA A 3346 78.84 -39.29 -5.84
CA ALA A 3346 79.64 -38.73 -6.92
C ALA A 3346 78.82 -38.01 -7.99
N CYS A 3347 77.80 -38.66 -8.55
CA CYS A 3347 77.09 -38.05 -9.68
C CYS A 3347 76.32 -36.80 -9.25
N LEU A 3348 75.91 -36.73 -7.98
CA LEU A 3348 75.28 -35.51 -7.50
C LEU A 3348 76.24 -34.33 -7.57
N ALA A 3349 77.47 -34.52 -7.14
CA ALA A 3349 78.51 -33.50 -7.29
C ALA A 3349 79.33 -33.74 -8.57
N GLU A 3350 78.64 -33.95 -9.68
CA GLU A 3350 79.29 -34.14 -10.98
C GLU A 3350 78.94 -33.03 -11.96
N ILE A 3351 77.65 -32.77 -12.17
CA ILE A 3351 77.23 -31.65 -13.03
C ILE A 3351 77.03 -30.45 -12.10
N GLU A 3352 78.02 -29.55 -12.12
CA GLU A 3352 78.05 -28.43 -11.20
C GLU A 3352 79.12 -27.45 -11.66
N GLU A 3353 79.08 -26.26 -11.07
CA GLU A 3353 79.84 -25.11 -11.56
C GLU A 3353 80.28 -24.25 -10.38
N ASP A 3354 80.59 -22.97 -10.65
CA ASP A 3354 81.02 -22.01 -9.63
C ASP A 3354 80.31 -22.21 -8.30
N LYS A 3355 79.01 -22.49 -8.34
CA LYS A 3355 78.23 -22.86 -7.15
C LYS A 3355 78.95 -23.88 -6.27
N ALA A 3356 79.84 -24.69 -6.86
CA ALA A 3356 80.54 -25.71 -6.09
C ALA A 3356 81.36 -25.10 -4.95
N ARG A 3357 81.87 -23.88 -5.15
CA ARG A 3357 82.57 -23.23 -4.05
C ARG A 3357 81.63 -23.02 -2.86
N ARG A 3358 80.38 -22.64 -3.12
CA ARG A 3358 79.35 -22.68 -2.09
C ARG A 3358 79.32 -24.06 -1.45
N ILE A 3359 79.22 -25.10 -2.28
CA ILE A 3359 79.34 -26.47 -1.80
C ILE A 3359 80.65 -26.66 -1.05
N LEU A 3360 81.75 -26.13 -1.59
CA LEU A 3360 83.02 -26.20 -0.89
C LEU A 3360 82.98 -25.42 0.41
N GLU A 3361 82.33 -24.24 0.43
CA GLU A 3361 82.42 -23.38 1.60
C GLU A 3361 81.34 -23.66 2.63
N LEU A 3362 80.24 -24.31 2.26
CA LEU A 3362 79.18 -24.60 3.21
C LEU A 3362 78.74 -26.05 3.10
N ASP A 3369 88.03 -35.21 0.05
CA ASP A 3369 86.86 -34.33 0.08
C ASP A 3369 85.71 -34.95 -0.72
N SER A 3370 84.65 -34.14 -0.92
CA SER A 3370 83.44 -34.50 -1.66
C SER A 3370 82.55 -35.46 -0.88
N GLU A 3371 83.03 -35.93 0.28
CA GLU A 3371 82.21 -36.67 1.22
C GLU A 3371 82.22 -36.05 2.61
N LYS A 3372 83.02 -35.01 2.81
CA LYS A 3372 82.97 -34.22 4.03
C LYS A 3372 82.13 -32.96 3.88
N VAL A 3373 81.69 -32.63 2.66
CA VAL A 3373 80.72 -31.57 2.46
C VAL A 3373 79.35 -31.96 2.99
N ILE A 3374 79.01 -33.24 2.92
CA ILE A 3374 77.79 -33.80 3.47
C ILE A 3374 77.65 -33.33 4.92
N ALA A 3375 78.67 -33.63 5.73
CA ALA A 3375 78.64 -33.27 7.14
C ALA A 3375 78.63 -31.77 7.33
N GLY A 3376 79.29 -31.01 6.45
CA GLY A 3376 79.31 -29.57 6.61
C GLY A 3376 77.94 -28.93 6.43
N LEU A 3377 77.25 -29.31 5.35
CA LEU A 3377 75.88 -28.86 5.17
C LEU A 3377 75.00 -29.33 6.31
N TYR A 3378 75.12 -30.61 6.71
CA TYR A 3378 74.38 -31.12 7.85
C TYR A 3378 74.55 -30.25 9.07
N GLN A 3379 75.79 -29.94 9.43
CA GLN A 3379 76.05 -29.29 10.71
C GLN A 3379 75.69 -27.81 10.68
N ARG A 3380 75.87 -27.13 9.53
CA ARG A 3380 75.44 -25.74 9.46
C ARG A 3380 73.92 -25.64 9.48
N ALA A 3381 73.24 -26.56 8.78
CA ALA A 3381 71.79 -26.66 8.90
C ALA A 3381 71.39 -26.97 10.33
N PHE A 3382 72.14 -27.85 10.99
CA PHE A 3382 71.84 -28.22 12.36
C PHE A 3382 71.97 -27.02 13.29
N GLN A 3383 72.97 -26.17 13.05
CA GLN A 3383 73.13 -24.97 13.87
C GLN A 3383 71.97 -24.00 13.64
N HIS A 3384 71.63 -23.74 12.38
CA HIS A 3384 70.50 -22.86 12.09
C HIS A 3384 69.22 -23.43 12.70
N LEU A 3385 69.02 -24.73 12.56
CA LEU A 3385 67.82 -25.41 13.02
C LEU A 3385 67.75 -25.41 14.54
N SER A 3386 68.88 -25.60 15.21
CA SER A 3386 68.89 -25.57 16.66
C SER A 3386 68.64 -24.18 17.21
N GLU A 3387 69.28 -23.16 16.62
CA GLU A 3387 69.05 -21.79 17.09
C GLU A 3387 67.59 -21.41 16.86
N ALA A 3388 66.96 -21.97 15.82
CA ALA A 3388 65.51 -21.88 15.73
C ALA A 3388 64.85 -22.57 16.92
N VAL A 3389 65.39 -23.73 17.32
CA VAL A 3389 64.74 -24.55 18.35
C VAL A 3389 64.72 -23.85 19.70
N GLN A 3390 65.85 -23.26 20.12
CA GLN A 3390 65.84 -22.57 21.42
C GLN A 3390 64.90 -21.38 21.38
N ALA A 3391 64.84 -20.68 20.26
CA ALA A 3391 63.95 -19.53 20.12
C ALA A 3391 62.49 -19.95 20.20
N ALA A 3406 50.03 -20.67 16.06
CA ALA A 3406 51.43 -20.60 16.46
C ALA A 3406 52.25 -21.68 15.78
N ALA A 3407 52.63 -22.71 16.55
CA ALA A 3407 53.32 -23.91 16.11
C ALA A 3407 54.75 -23.66 15.68
N GLY A 3408 55.24 -22.43 15.71
CA GLY A 3408 56.63 -22.17 15.35
C GLY A 3408 57.60 -22.93 16.23
N VAL A 3409 57.30 -23.02 17.53
CA VAL A 3409 58.13 -23.82 18.42
C VAL A 3409 58.07 -25.29 18.02
N ILE A 3410 56.87 -25.78 17.68
CA ILE A 3410 56.78 -27.19 17.27
C ILE A 3410 57.09 -27.37 15.79
N ASP A 3411 57.07 -26.30 14.99
CA ASP A 3411 57.64 -26.41 13.65
C ASP A 3411 59.14 -26.62 13.72
N ALA A 3412 59.82 -25.85 14.57
CA ALA A 3412 61.22 -26.10 14.83
C ALA A 3412 61.44 -27.50 15.39
N TYR A 3413 60.55 -27.92 16.30
CA TYR A 3413 60.67 -29.25 16.90
C TYR A 3413 60.59 -30.35 15.83
N MET A 3414 59.61 -30.27 14.92
CA MET A 3414 59.52 -31.28 13.87
C MET A 3414 60.69 -31.22 12.91
N THR A 3415 61.09 -30.02 12.48
CA THR A 3415 62.22 -29.95 11.56
C THR A 3415 63.46 -30.59 12.17
N LEU A 3416 63.74 -30.27 13.44
CA LEU A 3416 64.88 -30.88 14.11
C LEU A 3416 64.72 -32.39 14.23
N ALA A 3417 63.56 -32.84 14.72
CA ALA A 3417 63.36 -34.26 15.01
C ALA A 3417 63.36 -35.10 13.75
N ASP A 3418 62.80 -34.58 12.65
CA ASP A 3418 62.77 -35.36 11.43
C ASP A 3418 64.13 -35.37 10.74
N PHE A 3419 64.89 -34.26 10.82
CA PHE A 3419 66.29 -34.33 10.42
C PHE A 3419 66.99 -35.46 11.14
N CYS A 3420 66.90 -35.48 12.47
CA CYS A 3420 67.62 -36.48 13.25
C CYS A 3420 67.13 -37.89 12.92
N ASP A 3421 65.82 -38.06 12.78
CA ASP A 3421 65.26 -39.39 12.57
C ASP A 3421 65.59 -39.92 11.18
N GLN A 3422 65.61 -39.05 10.17
CA GLN A 3422 65.91 -39.53 8.82
C GLN A 3422 67.40 -39.81 8.68
N GLN A 3423 68.23 -39.00 9.34
CA GLN A 3423 69.66 -39.31 9.34
C GLN A 3423 69.93 -40.60 10.12
N LEU A 3424 69.15 -40.86 11.17
CA LEU A 3424 69.24 -42.14 11.86
C LEU A 3424 68.90 -43.30 10.93
N ARG A 3425 67.75 -43.23 10.27
CA ARG A 3425 67.36 -44.32 9.38
C ARG A 3425 68.30 -44.44 8.20
N LYS A 3426 69.09 -43.40 7.91
CA LYS A 3426 70.22 -43.57 6.99
C LYS A 3426 71.37 -44.33 7.65
N GLU A 3427 71.67 -43.99 8.90
CA GLU A 3427 72.84 -44.58 9.57
C GLU A 3427 72.65 -46.05 9.89
N GLU A 3428 71.41 -46.50 10.10
CA GLU A 3428 71.18 -47.86 10.57
C GLU A 3428 71.66 -48.92 9.58
N GLU A 3429 71.86 -48.56 8.32
CA GLU A 3429 72.38 -49.50 7.34
C GLU A 3429 73.90 -49.48 7.32
N GLN A 3440 76.64 -37.13 19.01
CA GLN A 3440 75.68 -37.25 17.93
C GLN A 3440 74.42 -37.94 18.43
N ALA A 3441 74.00 -37.61 19.65
CA ALA A 3441 72.89 -38.32 20.27
C ALA A 3441 71.54 -37.88 19.70
N TYR A 3442 71.27 -38.27 18.45
CA TYR A 3442 69.96 -38.12 17.85
C TYR A 3442 68.93 -38.99 18.59
N PRO A 3443 69.23 -40.28 18.88
CA PRO A 3443 68.30 -41.07 19.69
C PRO A 3443 67.92 -40.39 20.99
N ALA A 3444 68.82 -39.57 21.52
CA ALA A 3444 68.50 -38.81 22.73
C ALA A 3444 67.83 -37.49 22.37
N LEU A 3445 68.17 -36.93 21.21
CA LEU A 3445 67.72 -35.58 20.87
C LEU A 3445 66.25 -35.55 20.48
N VAL A 3446 65.78 -36.56 19.74
CA VAL A 3446 64.44 -36.49 19.14
C VAL A 3446 63.36 -36.39 20.20
N VAL A 3447 63.49 -37.20 21.26
CA VAL A 3447 62.40 -37.40 22.22
C VAL A 3447 61.94 -36.08 22.84
N GLU A 3448 62.88 -35.20 23.19
CA GLU A 3448 62.49 -33.97 23.88
C GLU A 3448 61.57 -33.14 23.02
N LYS A 3449 61.93 -32.93 21.75
CA LYS A 3449 61.13 -32.09 20.88
C LYS A 3449 59.84 -32.78 20.50
N MET A 3450 59.89 -34.10 20.28
CA MET A 3450 58.67 -34.86 20.03
C MET A 3450 57.66 -34.68 21.16
N LEU A 3451 58.07 -34.92 22.40
CA LEU A 3451 57.16 -34.82 23.52
C LEU A 3451 56.81 -33.38 23.87
N LYS A 3452 57.68 -32.42 23.53
CA LYS A 3452 57.30 -31.02 23.68
C LYS A 3452 56.16 -30.67 22.74
N ALA A 3453 56.16 -31.25 21.54
CA ALA A 3453 55.10 -30.96 20.59
C ALA A 3453 53.84 -31.75 20.90
N LEU A 3454 53.99 -32.98 21.37
CA LEU A 3454 52.86 -33.73 21.90
C LEU A 3454 52.33 -33.14 23.19
N LYS A 3455 53.09 -32.23 23.81
CA LYS A 3455 52.56 -31.44 24.91
C LYS A 3455 51.59 -30.38 24.39
N LEU A 3456 51.76 -29.98 23.14
CA LEU A 3456 50.71 -29.35 22.35
C LEU A 3456 49.99 -30.45 21.58
N ASN A 3457 49.18 -30.06 20.59
CA ASN A 3457 48.49 -31.02 19.75
C ASN A 3457 49.30 -31.26 18.48
N SER A 3458 49.54 -32.53 18.16
CA SER A 3458 50.26 -32.88 16.94
C SER A 3458 50.05 -34.34 16.62
N ASN A 3459 49.52 -34.62 15.43
CA ASN A 3459 49.47 -36.00 14.93
C ASN A 3459 50.87 -36.51 14.62
N GLU A 3460 51.71 -35.66 14.04
CA GLU A 3460 53.07 -36.06 13.67
C GLU A 3460 53.97 -36.29 14.87
N ALA A 3461 53.83 -35.49 15.94
CA ALA A 3461 54.61 -35.74 17.14
C ALA A 3461 54.03 -36.86 17.99
N ARG A 3462 52.94 -37.47 17.56
CA ARG A 3462 52.23 -38.44 18.39
C ARG A 3462 53.02 -39.74 18.53
N LEU A 3463 54.09 -39.91 17.75
CA LEU A 3463 54.46 -41.23 17.26
C LEU A 3463 55.62 -41.86 18.00
N LYS A 3464 56.62 -41.07 18.39
CA LYS A 3464 57.97 -41.59 18.58
C LYS A 3464 58.26 -42.22 19.93
N PHE A 3465 57.25 -42.78 20.60
CA PHE A 3465 57.52 -43.70 21.70
C PHE A 3465 58.37 -44.88 21.23
N PRO A 3466 57.87 -45.79 20.39
CA PRO A 3466 58.50 -47.12 20.28
C PRO A 3466 59.80 -47.13 19.50
N ARG A 3467 59.96 -46.29 18.47
CA ARG A 3467 61.20 -46.33 17.69
C ARG A 3467 62.40 -45.97 18.56
N LEU A 3468 62.30 -44.88 19.31
CA LEU A 3468 63.40 -44.49 20.17
C LEU A 3468 63.45 -45.33 21.45
N LEU A 3469 62.33 -45.91 21.89
CA LEU A 3469 62.44 -46.89 22.96
C LEU A 3469 63.21 -48.12 22.51
N GLN A 3470 63.09 -48.49 21.23
CA GLN A 3470 63.91 -49.58 20.70
C GLN A 3470 65.38 -49.18 20.59
N ILE A 3471 65.65 -47.97 20.08
CA ILE A 3471 67.03 -47.53 19.99
C ILE A 3471 67.65 -47.31 21.37
N ILE A 3472 66.82 -47.26 22.42
CA ILE A 3472 67.34 -47.30 23.79
C ILE A 3472 67.34 -48.72 24.36
N GLU A 3473 66.53 -49.63 23.81
CA GLU A 3473 66.77 -51.05 24.09
C GLU A 3473 68.14 -51.46 23.59
N ARG A 3474 68.63 -50.80 22.55
CA ARG A 3474 70.01 -50.99 22.10
C ARG A 3474 71.00 -50.26 23.01
N TYR A 3475 70.64 -49.08 23.50
CA TYR A 3475 71.48 -48.27 24.39
C TYR A 3475 70.68 -47.80 25.59
N PRO A 3476 70.60 -48.60 26.66
CA PRO A 3476 69.65 -48.32 27.75
C PRO A 3476 70.10 -47.31 28.79
N GLU A 3477 71.28 -46.71 28.65
CA GLU A 3477 71.82 -45.89 29.75
C GLU A 3477 71.15 -44.53 29.83
N GLU A 3478 70.76 -43.95 28.70
CA GLU A 3478 70.57 -42.52 28.59
C GLU A 3478 69.19 -42.12 28.06
N THR A 3479 68.68 -41.00 28.56
CA THR A 3479 67.47 -40.30 28.13
C THR A 3479 66.19 -41.10 28.22
N LEU A 3480 65.80 -41.47 29.44
CA LEU A 3480 64.45 -41.93 29.74
C LEU A 3480 63.71 -40.97 30.68
N SER A 3481 64.39 -40.53 31.75
CA SER A 3481 63.73 -39.71 32.75
C SER A 3481 63.32 -38.36 32.20
N LEU A 3482 63.94 -37.90 31.12
CA LEU A 3482 63.52 -36.65 30.49
C LEU A 3482 62.26 -36.87 29.65
N MET A 3483 62.24 -37.94 28.86
CA MET A 3483 60.99 -38.46 28.30
C MET A 3483 59.88 -38.47 29.34
N THR A 3484 60.13 -39.11 30.49
CA THR A 3484 59.10 -39.26 31.51
C THR A 3484 58.70 -37.91 32.09
N LYS A 3485 59.66 -37.02 32.33
CA LYS A 3485 59.33 -35.71 32.88
C LYS A 3485 58.43 -34.93 31.93
N GLU A 3486 58.75 -34.93 30.63
CA GLU A 3486 57.94 -34.17 29.69
C GLU A 3486 56.58 -34.83 29.47
N ILE A 3487 56.52 -36.16 29.43
CA ILE A 3487 55.25 -36.84 29.25
C ILE A 3487 54.34 -36.61 30.46
N SER A 3488 54.91 -36.45 31.65
CA SER A 3488 54.09 -36.24 32.84
C SER A 3488 53.30 -34.94 32.75
N SER A 3489 53.92 -33.87 32.26
CA SER A 3489 53.29 -32.55 32.23
C SER A 3489 52.65 -32.30 30.86
N VAL A 3490 51.38 -32.69 30.77
CA VAL A 3490 50.60 -32.54 29.53
C VAL A 3490 49.14 -32.86 29.85
N PRO A 3491 48.18 -32.29 29.13
CA PRO A 3491 46.84 -32.90 29.12
C PRO A 3491 46.90 -34.23 28.39
N CYS A 3492 46.80 -35.34 29.12
CA CYS A 3492 46.96 -36.66 28.52
C CYS A 3492 45.57 -37.15 28.11
N TRP A 3493 45.04 -36.53 27.06
CA TRP A 3493 43.96 -37.04 26.25
C TRP A 3493 44.46 -37.43 24.87
N GLN A 3494 45.77 -37.54 24.71
CA GLN A 3494 46.39 -37.68 23.40
C GLN A 3494 47.07 -39.03 23.23
N PHE A 3495 46.88 -39.95 24.17
CA PHE A 3495 47.42 -41.28 24.08
C PHE A 3495 46.36 -42.32 23.78
N ILE A 3496 45.08 -41.96 23.88
CA ILE A 3496 44.01 -42.89 23.53
C ILE A 3496 44.17 -43.38 22.10
N SER A 3497 44.59 -42.49 21.20
CA SER A 3497 44.79 -42.90 19.82
C SER A 3497 45.92 -43.92 19.70
N TRP A 3498 46.80 -43.98 20.69
CA TRP A 3498 47.91 -44.93 20.71
C TRP A 3498 47.92 -45.79 21.97
N ILE A 3499 46.82 -45.84 22.70
CA ILE A 3499 46.79 -46.54 23.98
C ILE A 3499 47.16 -48.01 23.81
N SER A 3500 46.63 -48.65 22.77
CA SER A 3500 46.81 -50.09 22.64
C SER A 3500 48.22 -50.46 22.20
N HIS A 3501 49.04 -49.48 21.84
CA HIS A 3501 50.45 -49.73 21.55
C HIS A 3501 51.32 -49.55 22.76
N MET A 3502 51.02 -48.55 23.60
CA MET A 3502 51.80 -48.35 24.81
C MET A 3502 51.47 -49.36 25.90
N VAL A 3503 50.23 -49.85 25.98
CA VAL A 3503 49.94 -50.87 26.96
C VAL A 3503 50.60 -52.19 26.58
N ALA A 3504 51.06 -52.31 25.34
CA ALA A 3504 51.77 -53.51 24.92
C ALA A 3504 53.15 -53.60 25.58
N LEU A 3505 53.84 -52.46 25.72
CA LEU A 3505 55.21 -52.50 26.22
C LEU A 3505 55.27 -52.78 27.73
N LEU A 3506 54.15 -52.59 28.43
CA LEU A 3506 54.14 -52.82 29.87
C LEU A 3506 54.40 -54.28 30.21
N ASP A 3507 54.20 -55.18 29.25
CA ASP A 3507 54.50 -56.59 29.45
C ASP A 3507 55.99 -56.89 29.27
N LYS A 3508 56.75 -55.98 28.68
CA LYS A 3508 58.16 -56.15 28.45
C LYS A 3508 58.96 -55.16 29.30
N ASP A 3509 60.28 -55.21 29.18
CA ASP A 3509 61.17 -54.38 29.98
C ASP A 3509 61.01 -52.90 29.62
N GLN A 3510 61.62 -52.05 30.45
CA GLN A 3510 61.65 -50.60 30.24
C GLN A 3510 60.23 -50.01 30.26
N ALA A 3511 59.28 -50.76 30.81
CA ALA A 3511 57.86 -50.43 30.74
C ALA A 3511 57.51 -49.10 31.39
N VAL A 3512 58.39 -48.56 32.23
CA VAL A 3512 58.12 -47.30 32.93
C VAL A 3512 57.82 -46.15 31.99
N ALA A 3513 58.18 -46.28 30.70
CA ALA A 3513 58.04 -45.16 29.76
C ALA A 3513 56.60 -44.67 29.69
N VAL A 3514 55.63 -45.56 29.89
CA VAL A 3514 54.21 -45.18 29.93
C VAL A 3514 53.62 -45.76 31.21
N GLN A 3515 53.71 -44.99 32.29
CA GLN A 3515 53.05 -45.33 33.55
C GLN A 3515 52.16 -44.22 34.06
N HIS A 3516 52.65 -42.97 34.07
CA HIS A 3516 51.87 -41.88 34.62
C HIS A 3516 50.67 -41.53 33.75
N SER A 3517 50.90 -41.41 32.44
CA SER A 3517 49.85 -40.91 31.56
C SER A 3517 48.72 -41.92 31.41
N VAL A 3518 49.05 -43.21 31.47
CA VAL A 3518 48.01 -44.23 31.44
C VAL A 3518 47.22 -44.21 32.74
N GLU A 3519 47.89 -43.99 33.87
CA GLU A 3519 47.21 -43.96 35.15
C GLU A 3519 46.40 -42.67 35.30
N GLU A 3520 46.68 -41.68 34.47
CA GLU A 3520 45.87 -40.46 34.50
C GLU A 3520 44.70 -40.57 33.53
N ILE A 3521 44.92 -41.17 32.37
CA ILE A 3521 43.80 -41.50 31.47
C ILE A 3521 42.78 -42.34 32.20
N THR A 3522 43.23 -43.40 32.87
CA THR A 3522 42.31 -44.28 33.58
C THR A 3522 41.57 -43.56 34.71
N ASP A 3523 41.91 -42.30 34.99
CA ASP A 3523 41.18 -41.55 36.00
C ASP A 3523 40.30 -40.46 35.38
N ASN A 3524 40.43 -40.21 34.08
CA ASN A 3524 39.54 -39.30 33.37
C ASN A 3524 38.74 -40.00 32.29
N TYR A 3525 39.34 -40.97 31.60
CA TYR A 3525 38.70 -41.72 30.53
C TYR A 3525 38.99 -43.20 30.78
N PRO A 3526 38.30 -43.80 31.75
CA PRO A 3526 38.64 -45.10 32.37
C PRO A 3526 38.05 -46.36 31.74
N GLN A 3527 38.58 -46.83 30.61
CA GLN A 3527 38.25 -48.20 30.24
C GLN A 3527 39.41 -48.94 29.57
N ALA A 3528 40.54 -48.27 29.37
CA ALA A 3528 41.50 -48.71 28.36
C ALA A 3528 42.64 -49.54 28.93
N ILE A 3529 42.35 -50.70 29.53
CA ILE A 3529 43.40 -51.65 29.87
C ILE A 3529 43.02 -53.11 29.60
N VAL A 3530 41.74 -53.46 29.48
CA VAL A 3530 41.34 -54.87 29.59
C VAL A 3530 41.88 -55.70 28.43
N TYR A 3531 42.25 -55.05 27.33
CA TYR A 3531 42.56 -55.82 26.12
C TYR A 3531 43.96 -56.41 26.06
N PRO A 3532 45.05 -55.74 26.49
CA PRO A 3532 46.32 -56.46 26.52
C PRO A 3532 46.41 -57.38 27.73
N PHE A 3533 46.01 -56.87 28.89
CA PHE A 3533 46.38 -57.45 30.16
C PHE A 3533 45.40 -58.49 30.68
N ILE A 3534 44.62 -59.11 29.78
CA ILE A 3534 44.06 -60.43 30.06
C ILE A 3534 44.63 -61.46 29.09
N ILE A 3535 45.52 -61.03 28.19
CA ILE A 3535 46.13 -61.87 27.18
C ILE A 3535 47.64 -61.73 27.29
N SER A 3536 48.12 -60.49 27.25
CA SER A 3536 49.56 -60.24 27.36
C SER A 3536 50.07 -60.61 28.74
N SER A 3537 49.21 -60.54 29.75
CA SER A 3537 49.61 -60.91 31.11
C SER A 3537 50.07 -62.36 31.19
N GLU A 3538 49.33 -63.30 30.57
CA GLU A 3538 49.81 -64.68 30.50
C GLU A 3538 50.76 -64.88 29.33
N SER A 3539 50.86 -63.90 28.43
CA SER A 3539 51.85 -63.90 27.38
C SER A 3539 53.17 -63.29 27.82
N TYR A 3540 53.23 -62.75 29.03
CA TYR A 3540 54.45 -62.19 29.60
C TYR A 3540 54.80 -62.95 30.88
N SER A 3541 56.06 -63.33 31.00
CA SER A 3541 56.58 -64.06 32.15
C SER A 3541 57.38 -63.08 33.00
N PHE A 3542 56.75 -62.53 34.03
CA PHE A 3542 57.41 -61.56 34.90
C PHE A 3542 58.23 -62.29 35.94
N LYS A 3543 59.55 -62.22 35.82
CA LYS A 3543 60.46 -62.92 36.73
C LYS A 3543 60.65 -62.13 38.01
N ASP A 3544 61.66 -62.51 38.80
CA ASP A 3544 61.94 -61.89 40.08
C ASP A 3544 62.74 -60.60 39.96
N THR A 3545 62.77 -60.02 38.76
CA THR A 3545 63.54 -58.79 38.52
C THR A 3545 63.02 -57.66 39.41
N SER A 3546 63.94 -56.80 39.83
CA SER A 3546 63.64 -55.72 40.77
C SER A 3546 62.58 -54.76 40.22
N THR A 3547 62.50 -54.64 38.89
CA THR A 3547 61.54 -53.76 38.25
C THR A 3547 60.33 -54.47 37.69
N GLY A 3548 60.41 -55.78 37.44
CA GLY A 3548 59.25 -56.51 36.94
C GLY A 3548 58.13 -56.63 37.95
N HIS A 3549 58.48 -56.82 39.23
CA HIS A 3549 57.45 -56.95 40.25
C HIS A 3549 56.66 -55.66 40.41
N LYS A 3550 57.32 -54.51 40.37
CA LYS A 3550 56.59 -53.25 40.53
C LYS A 3550 55.75 -52.95 39.29
N ASN A 3551 56.23 -53.30 38.10
CA ASN A 3551 55.41 -53.14 36.91
C ASN A 3551 54.19 -54.05 36.94
N LYS A 3552 54.36 -55.29 37.39
CA LYS A 3552 53.22 -56.20 37.43
C LYS A 3552 52.22 -55.79 38.50
N GLU A 3553 52.70 -55.24 39.63
CA GLU A 3553 51.75 -54.74 40.62
C GLU A 3553 51.09 -53.45 40.15
N PHE A 3554 51.78 -52.66 39.33
CA PHE A 3554 51.17 -51.49 38.71
C PHE A 3554 50.03 -51.88 37.77
N VAL A 3555 50.28 -52.88 36.92
CA VAL A 3555 49.23 -53.28 35.99
C VAL A 3555 48.07 -53.95 36.74
N ALA A 3556 48.37 -54.74 37.77
CA ALA A 3556 47.30 -55.33 38.58
C ALA A 3556 46.53 -54.27 39.35
N ARG A 3557 47.21 -53.19 39.77
CA ARG A 3557 46.54 -52.15 40.54
C ARG A 3557 45.62 -51.33 39.66
N ILE A 3558 46.03 -51.06 38.41
CA ILE A 3558 45.12 -50.37 37.49
C ILE A 3558 43.96 -51.29 37.13
N LYS A 3559 44.25 -52.57 36.87
CA LYS A 3559 43.22 -53.56 36.63
C LYS A 3559 42.17 -53.56 37.73
N SER A 3560 42.62 -53.59 38.99
CA SER A 3560 41.70 -53.49 40.12
C SER A 3560 40.99 -52.14 40.17
N LYS A 3561 41.65 -51.07 39.70
CA LYS A 3561 41.04 -49.75 39.77
C LYS A 3561 40.24 -49.43 38.52
N LEU A 3562 40.48 -50.16 37.42
CA LEU A 3562 39.66 -50.02 36.23
C LEU A 3562 38.56 -51.08 36.23
N ASP A 3563 38.95 -52.36 36.27
CA ASP A 3563 37.98 -53.45 36.33
C ASP A 3563 37.51 -53.63 37.76
N GLN A 3564 36.53 -52.82 38.18
CA GLN A 3564 36.02 -52.92 39.55
C GLN A 3564 34.50 -53.09 39.54
N GLY A 3565 33.82 -52.45 38.58
CA GLY A 3565 32.38 -52.51 38.54
C GLY A 3565 31.80 -53.86 38.16
N GLY A 3566 32.60 -54.72 37.53
CA GLY A 3566 32.08 -55.98 37.04
C GLY A 3566 31.02 -55.82 35.98
N VAL A 3567 30.92 -54.63 35.37
CA VAL A 3567 29.90 -54.33 34.37
C VAL A 3567 30.50 -54.43 32.98
N ILE A 3568 31.68 -53.84 32.79
CA ILE A 3568 32.36 -53.97 31.50
C ILE A 3568 32.72 -55.42 31.27
N GLN A 3569 33.18 -56.11 32.33
CA GLN A 3569 33.44 -57.52 32.20
C GLN A 3569 32.15 -58.31 31.99
N ASP A 3570 31.04 -57.80 32.52
CA ASP A 3570 29.76 -58.48 32.34
C ASP A 3570 29.32 -58.38 30.88
N PHE A 3571 29.50 -57.21 30.27
CA PHE A 3571 29.23 -57.05 28.84
C PHE A 3571 30.16 -57.93 28.02
N ILE A 3572 31.43 -58.00 28.40
CA ILE A 3572 32.37 -58.85 27.68
C ILE A 3572 31.99 -60.33 27.78
N ASN A 3573 31.52 -60.79 28.94
CA ASN A 3573 31.10 -62.19 29.04
C ASN A 3573 29.81 -62.44 28.29
N ALA A 3574 28.89 -61.47 28.28
CA ALA A 3574 27.68 -61.62 27.48
C ALA A 3574 28.02 -61.80 26.02
N LEU A 3575 28.90 -60.95 25.49
CA LEU A 3575 29.33 -61.08 24.11
C LEU A 3575 30.12 -62.36 23.88
N ASP A 3576 30.95 -62.76 24.84
CA ASP A 3576 31.72 -63.99 24.71
C ASP A 3576 30.80 -65.20 24.57
N GLN A 3577 29.71 -65.22 25.35
CA GLN A 3577 28.76 -66.31 25.23
C GLN A 3577 27.90 -66.17 24.00
N LEU A 3578 27.81 -64.96 23.45
CA LEU A 3578 27.07 -64.76 22.21
C LEU A 3578 27.70 -65.51 21.04
N SER A 3579 28.96 -65.91 21.17
CA SER A 3579 29.59 -66.73 20.14
C SER A 3579 29.07 -68.15 20.23
N ASN A 3580 28.95 -68.80 19.07
CA ASN A 3580 28.50 -70.17 19.04
C ASN A 3580 29.47 -71.06 19.82
N PRO A 3581 28.97 -71.97 20.67
CA PRO A 3581 29.89 -72.87 21.38
C PRO A 3581 30.71 -73.75 20.45
N GLU A 3582 30.15 -74.10 19.29
CA GLU A 3582 30.87 -74.96 18.35
C GLU A 3582 32.14 -74.29 17.86
N LEU A 3583 32.09 -73.00 17.52
CA LEU A 3583 33.29 -72.33 17.03
C LEU A 3583 34.35 -72.21 18.11
N LEU A 3584 33.94 -71.94 19.35
CA LEU A 3584 34.92 -71.88 20.44
C LEU A 3584 35.54 -73.24 20.70
N PHE A 3585 34.74 -74.30 20.63
CA PHE A 3585 35.29 -75.65 20.77
C PHE A 3585 36.25 -75.96 19.64
N LYS A 3586 35.93 -75.52 18.43
CA LYS A 3586 36.83 -75.71 17.29
C LYS A 3586 38.14 -74.98 17.50
N ASP A 3587 38.08 -73.75 18.04
CA ASP A 3587 39.29 -73.00 18.34
C ASP A 3587 40.13 -73.71 19.40
N TRP A 3588 39.47 -74.25 20.43
CA TRP A 3588 40.20 -75.00 21.45
C TRP A 3588 40.85 -76.24 20.87
N SER A 3589 40.14 -76.93 19.97
CA SER A 3589 40.70 -78.10 19.30
C SER A 3589 41.90 -77.72 18.45
N ASN A 3590 41.82 -76.60 17.73
CA ASN A 3590 42.95 -76.13 16.96
C ASN A 3590 44.14 -75.82 17.85
N ASP A 3591 43.88 -75.19 19.01
CA ASP A 3591 44.95 -74.86 19.94
C ASP A 3591 45.64 -76.12 20.44
N VAL A 3592 44.85 -77.14 20.82
CA VAL A 3592 45.45 -78.35 21.37
C VAL A 3592 46.15 -79.15 20.28
N ARG A 3593 45.63 -79.10 19.04
CA ARG A 3593 46.27 -79.82 17.94
C ARG A 3593 47.52 -79.14 17.44
N ALA A 3594 47.64 -77.82 17.62
CA ALA A 3594 48.85 -77.11 17.21
C ALA A 3594 49.86 -76.93 18.33
N GLU A 3595 49.46 -77.15 19.58
CA GLU A 3595 50.33 -76.93 20.73
C GLU A 3595 50.93 -78.23 21.27
N LEU A 3596 50.10 -79.22 21.58
CA LEU A 3596 50.58 -80.45 22.22
C LEU A 3596 50.96 -81.54 21.22
N ALA A 3597 50.72 -81.35 19.94
CA ALA A 3597 51.00 -82.38 18.95
C ALA A 3597 52.39 -82.27 18.33
N LYS A 3598 53.00 -81.08 18.37
CA LYS A 3598 54.32 -80.91 17.77
C LYS A 3598 55.38 -81.72 18.53
N THR A 3599 55.42 -81.58 19.84
CA THR A 3599 56.36 -82.30 20.69
C THR A 3599 55.88 -82.26 22.14
N PRO A 3600 55.80 -83.40 22.83
CA PRO A 3600 55.32 -83.38 24.22
C PRO A 3600 56.32 -82.82 25.21
N VAL A 3601 56.81 -81.61 24.95
CA VAL A 3601 57.72 -80.94 25.87
C VAL A 3601 57.10 -79.70 26.49
N ASN A 3602 56.14 -79.06 25.82
CA ASN A 3602 55.46 -77.89 26.37
C ASN A 3602 54.51 -78.32 27.48
N LYS A 3603 54.98 -78.22 28.72
CA LYS A 3603 54.26 -78.73 29.88
C LYS A 3603 53.49 -77.62 30.58
N LYS A 3604 52.44 -78.03 31.30
CA LYS A 3604 51.65 -77.16 32.19
C LYS A 3604 50.83 -76.14 31.41
N ASN A 3605 51.01 -76.10 30.09
CA ASN A 3605 50.18 -75.21 29.27
C ASN A 3605 48.74 -75.70 29.23
N ILE A 3606 48.54 -76.99 28.95
CA ILE A 3606 47.19 -77.55 28.86
C ILE A 3606 46.48 -77.43 30.20
N GLU A 3607 47.18 -77.67 31.30
CA GLU A 3607 46.59 -77.52 32.61
C GLU A 3607 46.19 -76.08 32.87
N LYS A 3608 47.00 -75.13 32.42
CA LYS A 3608 46.75 -73.72 32.66
C LYS A 3608 45.72 -73.13 31.70
N MET A 3609 45.35 -73.83 30.62
CA MET A 3609 44.38 -73.30 29.69
C MET A 3609 43.07 -74.08 29.62
N TYR A 3610 43.02 -75.30 30.15
CA TYR A 3610 41.78 -76.08 30.08
C TYR A 3610 40.69 -75.48 30.95
N GLU A 3611 41.06 -74.93 32.11
CA GLU A 3611 40.05 -74.35 33.00
C GLU A 3611 39.42 -73.11 32.38
N ARG A 3612 40.14 -72.40 31.52
CA ARG A 3612 39.58 -71.21 30.89
C ARG A 3612 38.43 -71.58 29.97
N MET A 3613 38.61 -72.61 29.14
CA MET A 3613 37.52 -73.05 28.28
C MET A 3613 36.45 -73.82 29.04
N TYR A 3614 36.84 -74.52 30.11
CA TYR A 3614 35.86 -75.20 30.95
C TYR A 3614 35.00 -74.22 31.75
N ALA A 3615 35.48 -73.00 31.98
CA ALA A 3615 34.69 -72.00 32.67
C ALA A 3615 33.44 -71.60 31.88
N ALA A 3616 33.44 -71.85 30.57
CA ALA A 3616 32.29 -71.55 29.72
C ALA A 3616 31.63 -72.82 29.17
N LEU A 3617 32.43 -73.80 28.78
CA LEU A 3617 31.91 -75.03 28.21
C LEU A 3617 31.77 -76.10 29.30
N GLY A 3618 31.44 -77.32 28.90
CA GLY A 3618 31.34 -78.43 29.83
C GLY A 3618 30.06 -78.42 30.65
N ASP A 3619 30.20 -78.30 31.96
CA ASP A 3619 29.05 -78.30 32.84
C ASP A 3619 28.18 -77.06 32.58
N PRO A 3620 26.85 -77.22 32.55
CA PRO A 3620 25.99 -76.05 32.30
C PRO A 3620 26.05 -75.00 33.38
N LYS A 3621 26.49 -75.34 34.59
CA LYS A 3621 26.50 -74.38 35.69
C LYS A 3621 27.73 -73.48 35.71
N ALA A 3622 28.77 -73.81 34.94
CA ALA A 3622 29.96 -72.96 34.91
C ALA A 3622 29.66 -71.57 34.36
N PRO A 3623 29.02 -71.39 33.20
CA PRO A 3623 28.66 -70.04 32.78
C PRO A 3623 27.65 -69.36 33.70
N GLY A 3624 26.77 -70.13 34.32
CA GLY A 3624 25.86 -69.55 35.30
C GLY A 3624 26.60 -68.93 36.48
N LEU A 3625 27.64 -69.63 36.97
CA LEU A 3625 28.53 -69.02 37.96
C LEU A 3625 29.25 -67.81 37.36
N GLY A 3626 29.70 -67.92 36.12
CA GLY A 3626 30.41 -66.83 35.47
C GLY A 3626 29.54 -65.62 35.18
N ALA A 3627 28.60 -65.76 34.25
CA ALA A 3627 27.73 -64.66 33.86
C ALA A 3627 26.27 -64.93 34.17
N PHE A 3628 25.69 -66.01 33.62
CA PHE A 3628 24.28 -66.30 33.77
C PHE A 3628 24.01 -67.67 33.15
N ARG A 3629 22.79 -68.16 33.36
CA ARG A 3629 22.36 -69.41 32.73
C ARG A 3629 22.26 -69.19 31.22
N ARG A 3630 22.96 -70.01 30.45
CA ARG A 3630 23.11 -69.80 29.02
C ARG A 3630 22.31 -70.83 28.23
N LYS A 3631 21.55 -70.35 27.24
CA LYS A 3631 20.76 -71.25 26.41
C LYS A 3631 21.64 -72.15 25.54
N PHE A 3632 22.74 -71.63 25.01
CA PHE A 3632 23.66 -72.48 24.26
C PHE A 3632 24.26 -73.57 25.12
N ILE A 3633 24.60 -73.26 26.39
CA ILE A 3633 25.13 -74.32 27.23
C ILE A 3633 23.98 -75.20 27.72
N GLN A 3634 22.75 -74.66 27.73
CA GLN A 3634 21.58 -75.46 28.08
C GLN A 3634 21.31 -76.54 27.05
N THR A 3635 21.45 -76.21 25.77
CA THR A 3635 21.25 -77.18 24.69
C THR A 3635 22.55 -77.84 24.24
N PHE A 3636 23.68 -77.45 24.81
CA PHE A 3636 24.99 -77.96 24.42
C PHE A 3636 25.69 -78.70 25.55
N GLY A 3637 25.81 -78.08 26.72
CA GLY A 3637 26.42 -78.77 27.85
C GLY A 3637 25.63 -79.97 28.30
N LYS A 3638 24.31 -79.87 28.26
CA LYS A 3638 23.46 -81.03 28.55
C LYS A 3638 23.59 -82.09 27.46
N GLU A 3639 23.54 -81.66 26.19
CA GLU A 3639 23.68 -82.61 25.09
C GLU A 3639 25.07 -83.22 25.06
N PHE A 3640 26.11 -82.40 25.26
CA PHE A 3640 27.49 -82.89 25.32
C PHE A 3640 27.91 -83.11 26.78
N ASP A 3641 27.28 -84.11 27.39
CA ASP A 3641 27.54 -84.45 28.79
C ASP A 3641 28.52 -85.59 28.96
N LYS A 3642 28.26 -86.74 28.34
CA LYS A 3642 29.13 -87.90 28.46
C LYS A 3642 30.39 -87.79 27.62
N HIS A 3643 30.49 -86.79 26.75
CA HIS A 3643 31.73 -86.47 26.07
C HIS A 3643 32.60 -85.51 26.87
N PHE A 3644 32.00 -84.47 27.46
CA PHE A 3644 32.77 -83.60 28.32
C PHE A 3644 33.18 -84.28 29.62
N GLY A 3645 32.40 -85.27 30.08
CA GLY A 3645 32.86 -86.08 31.20
C GLY A 3645 34.13 -86.85 30.86
N LYS A 3646 34.16 -87.45 29.67
CA LYS A 3646 35.37 -88.13 29.20
C LYS A 3646 36.52 -87.14 29.04
N GLY A 3647 36.23 -85.94 28.54
CA GLY A 3647 37.23 -84.91 28.41
C GLY A 3647 37.85 -84.53 29.74
N GLY A 3648 37.01 -84.36 30.76
CA GLY A 3648 37.52 -84.09 32.09
C GLY A 3648 38.29 -85.25 32.69
N SER A 3649 37.86 -86.48 32.40
CA SER A 3649 38.51 -87.66 32.97
C SER A 3649 39.88 -87.92 32.35
N LYS A 3650 40.00 -87.81 31.03
CA LYS A 3650 41.22 -88.21 30.32
C LYS A 3650 41.95 -87.04 29.69
N LEU A 3651 41.25 -86.14 29.01
CA LEU A 3651 41.91 -85.07 28.28
C LEU A 3651 42.55 -84.03 29.19
N LEU A 3652 42.30 -84.10 30.51
CA LEU A 3652 42.84 -83.09 31.40
C LEU A 3652 44.36 -83.24 31.58
N ARG A 3653 44.86 -84.48 31.55
CA ARG A 3653 46.30 -84.72 31.69
C ARG A 3653 46.86 -85.63 30.59
N MET A 3654 46.15 -85.77 29.47
CA MET A 3654 46.61 -86.70 28.44
C MET A 3654 47.88 -86.18 27.75
N LYS A 3655 47.89 -84.90 27.38
CA LYS A 3655 49.10 -84.21 26.91
C LYS A 3655 49.74 -84.90 25.71
N LEU A 3656 48.94 -85.48 24.82
CA LEU A 3656 49.48 -86.18 23.65
C LEU A 3656 49.05 -85.56 22.34
N SER A 3657 47.75 -85.36 22.14
CA SER A 3657 47.19 -84.89 20.86
C SER A 3657 47.54 -85.82 19.70
N ASP A 3658 47.80 -87.09 20.02
CA ASP A 3658 48.18 -88.05 19.00
C ASP A 3658 47.00 -88.47 18.13
N PHE A 3659 45.83 -88.70 18.75
CA PHE A 3659 44.64 -89.20 18.07
C PHE A 3659 43.48 -88.28 18.43
N ASN A 3660 43.31 -87.20 17.65
CA ASN A 3660 42.27 -86.21 17.91
C ASN A 3660 41.00 -86.49 17.12
N ASP A 3661 40.77 -87.74 16.72
CA ASP A 3661 39.51 -88.08 16.04
C ASP A 3661 38.32 -87.84 16.95
N ILE A 3662 38.52 -87.96 18.27
CA ILE A 3662 37.45 -87.63 19.22
C ILE A 3662 37.05 -86.17 19.08
N THR A 3663 38.04 -85.28 18.96
CA THR A 3663 37.75 -83.86 18.76
C THR A 3663 37.00 -83.63 17.45
N ASN A 3664 37.41 -84.32 16.39
CA ASN A 3664 36.76 -84.14 15.09
C ASN A 3664 35.30 -84.61 15.13
N MET A 3665 35.05 -85.77 15.74
CA MET A 3665 33.68 -86.27 15.82
C MET A 3665 32.83 -85.38 16.72
N LEU A 3666 33.39 -84.89 17.83
CA LEU A 3666 32.64 -83.98 18.69
C LEU A 3666 32.32 -82.69 17.95
N LEU A 3667 33.28 -82.18 17.18
CA LEU A 3667 33.04 -80.95 16.41
C LEU A 3667 31.96 -81.14 15.37
N LEU A 3668 31.97 -82.26 14.65
CA LEU A 3668 30.93 -82.49 13.63
C LEU A 3668 29.57 -82.73 14.28
N LYS A 3669 29.54 -83.40 15.44
CA LYS A 3669 28.29 -83.53 16.18
C LYS A 3669 27.76 -82.18 16.61
N MET A 3670 28.65 -81.28 17.05
CA MET A 3670 28.23 -79.91 17.33
C MET A 3670 27.69 -79.22 16.08
N ASN A 3671 28.35 -79.46 14.94
CA ASN A 3671 27.85 -78.89 13.68
C ASN A 3671 26.44 -79.36 13.38
N LYS A 3672 26.12 -80.62 13.70
CA LYS A 3672 24.84 -81.16 13.26
C LYS A 3672 23.70 -80.90 14.24
N ASP A 3673 23.97 -80.83 15.55
CA ASP A 3673 22.89 -80.73 16.54
C ASP A 3673 23.15 -79.59 17.53
N SER A 3674 23.85 -78.55 17.08
CA SER A 3674 24.00 -77.34 17.86
C SER A 3674 23.79 -76.12 16.98
N LYS A 3675 22.66 -76.11 16.25
CA LYS A 3675 22.34 -75.20 15.14
C LYS A 3675 22.81 -73.78 15.38
N PRO A 3676 23.43 -73.15 14.37
CA PRO A 3676 23.81 -71.74 14.47
C PRO A 3676 22.61 -70.83 14.71
N PRO A 3677 21.41 -71.11 14.12
CA PRO A 3677 20.30 -70.17 14.34
C PRO A 3677 19.78 -70.15 15.76
N GLY A 3678 20.45 -69.41 16.64
CA GLY A 3678 19.86 -69.12 17.94
C GLY A 3678 18.54 -68.39 17.81
N ASN A 3679 18.39 -67.59 16.76
CA ASN A 3679 17.12 -67.05 16.29
C ASN A 3679 16.56 -65.93 17.16
N LEU A 3680 17.20 -65.63 18.28
CA LEU A 3680 16.72 -64.54 19.12
C LEU A 3680 17.81 -64.12 20.10
N LYS A 3681 17.68 -62.89 20.59
CA LYS A 3681 18.68 -62.32 21.48
C LYS A 3681 18.56 -62.87 22.90
N GLU A 3682 17.40 -63.42 23.26
CA GLU A 3682 17.14 -63.95 24.59
C GLU A 3682 18.22 -64.94 25.05
N CYS A 3683 19.04 -65.40 24.11
CA CYS A 3683 20.05 -66.40 24.43
C CYS A 3683 21.08 -65.91 25.43
N SER A 3684 21.20 -64.59 25.62
CA SER A 3684 22.01 -64.00 26.68
C SER A 3684 21.14 -63.03 27.45
N PRO A 3685 20.53 -63.48 28.55
CA PRO A 3685 19.52 -62.64 29.22
C PRO A 3685 20.02 -61.29 29.70
N TRP A 3686 21.29 -61.19 30.12
CA TRP A 3686 21.80 -59.90 30.54
C TRP A 3686 21.74 -58.88 29.43
N MET A 3687 22.12 -59.28 28.21
CA MET A 3687 21.91 -58.42 27.05
C MET A 3687 20.43 -58.28 26.75
N SER A 3688 19.68 -59.38 26.85
CA SER A 3688 18.25 -59.35 26.56
C SER A 3688 17.48 -58.52 27.58
N ASP A 3689 17.96 -58.45 28.82
CA ASP A 3689 17.28 -57.70 29.86
C ASP A 3689 18.22 -56.69 30.51
N PHE A 3690 18.95 -55.94 29.70
CA PHE A 3690 19.89 -54.96 30.21
C PHE A 3690 19.15 -53.94 31.07
N LYS A 3691 18.25 -53.17 30.46
CA LYS A 3691 17.32 -52.27 31.14
C LYS A 3691 17.99 -51.48 32.28
N VAL A 3692 18.93 -50.61 31.92
CA VAL A 3692 19.72 -49.84 32.87
C VAL A 3692 18.83 -49.26 33.97
N GLU A 3693 19.24 -49.48 35.22
CA GLU A 3693 18.38 -49.19 36.37
C GLU A 3693 19.11 -48.36 37.42
N PHE A 3694 20.44 -48.45 37.43
CA PHE A 3694 21.26 -47.79 38.44
C PHE A 3694 22.65 -47.60 37.86
N LEU A 3695 23.35 -46.58 38.35
CA LEU A 3695 24.72 -46.35 37.88
C LEU A 3695 25.66 -47.30 38.60
N ARG A 3696 26.05 -48.35 37.88
CA ARG A 3696 27.10 -49.28 38.22
C ARG A 3696 28.12 -49.33 37.08
N ASN A 3697 28.58 -48.14 36.71
CA ASN A 3697 29.49 -47.89 35.59
C ASN A 3697 28.85 -48.26 34.26
N GLU A 3698 27.82 -47.50 33.86
CA GLU A 3698 27.14 -47.67 32.59
C GLU A 3698 28.14 -47.87 31.44
N LEU A 3699 27.69 -48.58 30.41
CA LEU A 3699 28.60 -49.32 29.55
C LEU A 3699 29.43 -48.41 28.65
N GLU A 3700 28.81 -47.39 28.03
CA GLU A 3700 29.51 -46.56 27.05
C GLU A 3700 29.98 -47.42 25.86
N ILE A 3701 29.00 -47.78 25.03
CA ILE A 3701 29.19 -48.62 23.84
C ILE A 3701 30.52 -48.30 23.15
N PRO A 3702 31.29 -49.32 22.82
CA PRO A 3702 32.68 -49.09 22.42
C PRO A 3702 32.79 -48.55 21.00
N GLY A 3703 33.59 -47.49 20.86
CA GLY A 3703 33.81 -46.91 19.55
C GLY A 3703 33.97 -45.41 19.53
N GLN A 3704 33.74 -44.75 20.65
CA GLN A 3704 34.03 -43.32 20.76
C GLN A 3704 35.52 -43.15 21.03
N TYR A 3705 35.94 -41.96 21.47
CA TYR A 3705 37.33 -41.69 21.81
C TYR A 3705 38.22 -41.84 20.58
N ASP A 3706 37.98 -40.98 19.61
CA ASP A 3706 38.78 -40.96 18.39
C ASP A 3706 40.21 -40.55 18.67
N GLY A 3707 40.39 -39.48 19.41
CA GLY A 3707 41.61 -38.69 19.40
C GLY A 3707 41.41 -37.36 18.71
N ARG A 3708 42.32 -36.42 18.97
CA ARG A 3708 42.25 -35.06 18.43
C ARG A 3708 40.99 -34.35 18.88
N GLY A 3709 40.59 -34.61 20.13
CA GLY A 3709 39.59 -33.80 20.79
C GLY A 3709 39.60 -34.14 22.27
N LYS A 3710 39.08 -33.22 23.06
CA LYS A 3710 39.00 -33.45 24.49
C LYS A 3710 37.77 -34.30 24.76
N PRO A 3711 37.95 -35.59 25.07
CA PRO A 3711 36.80 -36.49 25.11
C PRO A 3711 35.76 -36.03 26.12
N LEU A 3712 34.49 -36.14 25.73
CA LEU A 3712 33.36 -35.75 26.56
C LEU A 3712 32.47 -36.96 26.72
N PRO A 3713 32.73 -37.80 27.72
CA PRO A 3713 31.99 -39.06 27.85
C PRO A 3713 30.54 -38.86 28.26
N GLU A 3714 30.10 -37.60 28.26
CA GLU A 3714 28.70 -37.28 28.54
C GLU A 3714 27.92 -37.01 27.26
N TYR A 3715 28.58 -36.50 26.22
CA TYR A 3715 27.98 -36.49 24.89
C TYR A 3715 28.11 -37.83 24.18
N HIS A 3716 29.03 -38.69 24.62
CA HIS A 3716 29.12 -40.02 24.05
C HIS A 3716 27.87 -40.82 24.33
N VAL A 3717 27.48 -41.66 23.37
CA VAL A 3717 26.25 -42.42 23.49
C VAL A 3717 26.47 -43.57 24.47
N ARG A 3718 25.60 -43.66 25.46
CA ARG A 3718 25.60 -44.75 26.42
C ARG A 3718 24.57 -45.79 26.02
N ILE A 3719 24.91 -47.05 26.25
CA ILE A 3719 23.97 -48.13 25.98
C ILE A 3719 22.73 -47.92 26.84
N ALA A 3720 21.58 -48.22 26.26
CA ALA A 3720 20.33 -48.10 27.00
C ALA A 3720 19.44 -49.31 26.85
N GLY A 3721 19.75 -50.24 25.96
CA GLY A 3721 18.97 -51.45 25.81
C GLY A 3721 19.48 -52.24 24.63
N PHE A 3722 18.72 -53.27 24.29
CA PHE A 3722 19.03 -54.11 23.15
C PHE A 3722 17.76 -54.34 22.35
N ASP A 3723 17.91 -54.45 21.03
CA ASP A 3723 16.81 -54.83 20.16
C ASP A 3723 16.66 -56.34 20.17
N GLU A 3724 15.43 -56.83 20.30
CA GLU A 3724 15.19 -58.25 20.51
C GLU A 3724 15.11 -58.98 19.16
N ARG A 3725 16.26 -59.04 18.49
CA ARG A 3725 16.46 -59.94 17.37
C ARG A 3725 17.95 -60.08 17.13
N VAL A 3726 18.37 -61.27 16.72
CA VAL A 3726 19.74 -61.53 16.30
C VAL A 3726 19.70 -62.27 14.98
N THR A 3727 20.51 -61.84 14.02
CA THR A 3727 20.65 -62.50 12.74
C THR A 3727 22.09 -62.96 12.59
N VAL A 3728 22.27 -64.26 12.37
CA VAL A 3728 23.59 -64.86 12.22
C VAL A 3728 24.00 -64.76 10.76
N MET A 3729 24.62 -63.65 10.39
CA MET A 3729 25.10 -63.48 9.03
C MET A 3729 26.11 -64.58 8.70
N ALA A 3730 25.96 -65.16 7.52
CA ALA A 3730 26.50 -66.49 7.23
C ALA A 3730 27.96 -66.40 6.83
N SER A 3731 28.85 -66.86 7.72
CA SER A 3731 30.26 -67.03 7.42
C SER A 3731 30.74 -68.31 8.08
N LEU A 3732 31.98 -68.70 7.76
CA LEU A 3732 32.56 -69.90 8.36
C LEU A 3732 32.66 -69.75 9.87
N ARG A 3733 33.44 -68.77 10.32
CA ARG A 3733 33.49 -68.46 11.74
C ARG A 3733 32.17 -67.92 12.26
N ARG A 3734 31.33 -67.39 11.37
CA ARG A 3734 30.00 -66.90 11.67
C ARG A 3734 29.96 -65.92 12.84
N PRO A 3735 30.44 -64.69 12.65
CA PRO A 3735 30.02 -63.62 13.55
C PRO A 3735 28.51 -63.41 13.43
N LYS A 3736 27.96 -62.67 14.37
CA LYS A 3736 26.55 -62.32 14.35
C LYS A 3736 26.38 -60.86 14.73
N ARG A 3737 25.29 -60.27 14.28
CA ARG A 3737 25.12 -58.83 14.35
C ARG A 3737 23.94 -58.47 15.24
N ILE A 3738 24.16 -57.44 16.05
CA ILE A 3738 23.33 -57.08 17.19
C ILE A 3738 23.01 -55.60 17.06
N ILE A 3739 21.90 -55.19 17.66
CA ILE A 3739 21.26 -53.92 17.33
C ILE A 3739 21.21 -53.04 18.59
N ILE A 3740 22.28 -53.09 19.38
CA ILE A 3740 22.34 -52.41 20.68
C ILE A 3740 21.81 -50.99 20.57
N ARG A 3741 20.98 -50.62 21.53
CA ARG A 3741 20.23 -49.37 21.50
C ARG A 3741 21.08 -48.26 22.10
N GLY A 3742 20.49 -47.09 22.32
CA GLY A 3742 21.25 -45.97 22.84
C GLY A 3742 20.34 -44.87 23.36
N HIS A 3743 20.92 -44.02 24.21
CA HIS A 3743 20.13 -42.97 24.85
C HIS A 3743 19.95 -41.76 23.96
N ASP A 3744 20.66 -41.69 22.83
CA ASP A 3744 20.47 -40.58 21.91
C ASP A 3744 19.17 -40.68 21.14
N GLU A 3745 18.37 -41.72 21.42
CA GLU A 3745 17.07 -41.97 20.83
C GLU A 3745 17.24 -42.46 19.39
N ARG A 3746 18.48 -42.46 18.92
CA ARG A 3746 18.83 -43.13 17.68
C ARG A 3746 19.17 -44.58 17.99
N GLU A 3747 19.78 -45.27 17.03
CA GLU A 3747 20.08 -46.68 17.19
C GLU A 3747 21.38 -46.99 16.45
N HIS A 3748 22.08 -48.02 16.92
CA HIS A 3748 23.43 -48.34 16.45
C HIS A 3748 23.61 -49.85 16.34
N PRO A 3749 23.66 -50.40 15.14
CA PRO A 3749 23.94 -51.83 14.98
C PRO A 3749 25.44 -52.11 14.82
N PHE A 3750 25.80 -53.36 15.11
CA PHE A 3750 27.19 -53.77 15.22
C PHE A 3750 27.31 -55.23 14.83
N LEU A 3751 28.52 -55.64 14.49
CA LEU A 3751 28.89 -57.06 14.39
C LEU A 3751 29.69 -57.43 15.62
N VAL A 3752 29.61 -58.69 16.04
CA VAL A 3752 30.47 -59.22 17.09
C VAL A 3752 31.19 -60.45 16.55
N LYS A 3753 32.52 -60.46 16.69
CA LYS A 3753 33.37 -61.55 16.25
C LYS A 3753 33.95 -62.19 17.49
N GLY A 3754 33.67 -63.49 17.67
CA GLY A 3754 34.15 -64.22 18.82
C GLY A 3754 35.15 -65.30 18.42
N GLY A 3755 36.27 -65.34 19.12
CA GLY A 3755 37.35 -66.24 18.76
C GLY A 3755 38.31 -65.68 17.74
N GLU A 3756 38.07 -64.47 17.23
CA GLU A 3756 38.88 -63.87 16.19
C GLU A 3756 39.52 -62.59 16.73
N ASP A 3757 40.80 -62.41 16.43
CA ASP A 3757 41.51 -61.20 16.80
C ASP A 3757 41.18 -60.09 15.81
N LEU A 3758 40.89 -58.91 16.34
CA LEU A 3758 40.52 -57.75 15.52
C LEU A 3758 41.50 -56.60 15.67
N ARG A 3759 42.74 -56.89 16.06
CA ARG A 3759 43.77 -55.84 16.02
C ARG A 3759 44.08 -55.43 14.59
N GLN A 3760 44.00 -56.38 13.65
CA GLN A 3760 44.30 -56.08 12.26
C GLN A 3760 43.31 -55.06 11.71
N ASP A 3761 42.01 -55.32 11.86
CA ASP A 3761 41.00 -54.43 11.31
C ASP A 3761 41.03 -53.07 11.99
N GLN A 3762 41.05 -53.04 13.32
CA GLN A 3762 41.08 -51.77 14.03
C GLN A 3762 42.30 -50.96 13.65
N ARG A 3763 43.43 -51.63 13.43
CA ARG A 3763 44.68 -50.92 13.28
C ARG A 3763 44.88 -50.46 11.83
N VAL A 3764 44.43 -51.23 10.84
CA VAL A 3764 44.38 -50.70 9.49
C VAL A 3764 43.34 -49.60 9.36
N GLU A 3765 42.30 -49.61 10.20
CA GLU A 3765 41.35 -48.50 10.17
C GLU A 3765 41.91 -47.25 10.84
N GLN A 3766 42.77 -47.43 11.86
CA GLN A 3766 43.61 -46.34 12.33
C GLN A 3766 44.44 -45.77 11.18
N LEU A 3767 45.00 -46.65 10.36
CA LEU A 3767 45.75 -46.20 9.19
C LEU A 3767 44.87 -45.44 8.22
N PHE A 3768 43.65 -45.91 7.97
CA PHE A 3768 42.77 -45.19 7.06
C PHE A 3768 42.37 -43.83 7.60
N GLN A 3769 42.20 -43.72 8.92
CA GLN A 3769 41.93 -42.40 9.50
C GLN A 3769 43.10 -41.46 9.31
N VAL A 3770 44.33 -41.93 9.52
CA VAL A 3770 45.46 -41.03 9.31
C VAL A 3770 45.61 -40.69 7.83
N MET A 3771 45.33 -41.66 6.93
CA MET A 3771 45.35 -41.37 5.50
C MET A 3771 44.38 -40.27 5.13
N ASN A 3772 43.12 -40.42 5.53
CA ASN A 3772 42.19 -39.40 5.06
C ASN A 3772 42.31 -38.11 5.86
N GLY A 3773 43.00 -38.12 7.00
CA GLY A 3773 43.44 -36.88 7.59
C GLY A 3773 44.49 -36.18 6.74
N ILE A 3774 45.41 -36.96 6.18
CA ILE A 3774 46.33 -36.41 5.18
C ILE A 3774 45.55 -35.84 4.00
N LEU A 3775 44.60 -36.62 3.50
CA LEU A 3775 43.84 -36.26 2.30
C LEU A 3775 43.10 -34.95 2.51
N ALA A 3776 42.42 -34.81 3.65
CA ALA A 3776 41.66 -33.59 3.91
C ALA A 3776 42.56 -32.37 3.99
N GLN A 3777 43.87 -32.57 4.13
CA GLN A 3777 44.82 -31.47 4.23
C GLN A 3777 45.60 -31.24 2.93
N ASP A 3778 45.46 -32.13 1.95
CA ASP A 3778 45.95 -31.84 0.60
C ASP A 3778 44.84 -31.16 -0.18
N SER A 3779 45.13 -29.98 -0.72
CA SER A 3779 44.09 -29.20 -1.40
C SER A 3779 43.59 -29.90 -2.65
N ALA A 3780 44.47 -30.55 -3.39
CA ALA A 3780 44.05 -31.29 -4.57
C ALA A 3780 43.07 -32.39 -4.21
N CYS A 3781 43.40 -33.19 -3.19
CA CYS A 3781 42.48 -34.22 -2.74
C CYS A 3781 41.27 -33.63 -2.01
N SER A 3782 41.44 -32.51 -1.33
CA SER A 3782 40.36 -31.91 -0.57
C SER A 3782 39.25 -31.39 -1.47
N GLN A 3783 39.61 -30.62 -2.50
CA GLN A 3783 38.59 -30.07 -3.39
C GLN A 3783 37.78 -31.17 -4.05
N ARG A 3784 38.40 -32.31 -4.35
CA ARG A 3784 37.68 -33.47 -4.85
C ARG A 3784 36.95 -34.21 -3.74
N ALA A 3785 36.96 -33.68 -2.52
CA ALA A 3785 36.34 -34.29 -1.34
C ALA A 3785 36.69 -35.78 -1.25
N LEU A 3786 37.99 -36.05 -1.21
CA LEU A 3786 38.50 -37.41 -1.24
C LEU A 3786 38.66 -37.90 0.19
N GLN A 3787 37.85 -38.88 0.57
CA GLN A 3787 37.88 -39.48 1.90
C GLN A 3787 37.59 -40.95 1.78
N LEU A 3788 38.26 -41.76 2.60
CA LEU A 3788 37.89 -43.15 2.71
C LEU A 3788 36.59 -43.24 3.49
N ARG A 3789 35.96 -44.41 3.43
CA ARG A 3789 34.85 -44.71 4.33
C ARG A 3789 35.34 -45.73 5.34
N THR A 3790 35.28 -45.35 6.61
CA THR A 3790 35.81 -46.15 7.70
C THR A 3790 34.70 -46.40 8.70
N TYR A 3791 34.77 -47.55 9.34
CA TYR A 3791 33.82 -47.93 10.37
C TYR A 3791 34.61 -48.15 11.65
N SER A 3792 33.97 -47.87 12.79
CA SER A 3792 34.68 -47.95 14.06
C SER A 3792 34.84 -49.42 14.47
N VAL A 3793 36.06 -49.91 14.40
CA VAL A 3793 36.40 -51.25 14.87
C VAL A 3793 36.98 -51.12 16.26
N VAL A 3794 36.39 -51.86 17.21
CA VAL A 3794 36.87 -51.83 18.59
C VAL A 3794 36.91 -53.26 19.10
N PRO A 3795 38.10 -53.85 19.26
CA PRO A 3795 38.19 -55.16 19.91
C PRO A 3795 38.18 -54.99 21.42
N MET A 3796 37.27 -55.69 22.10
CA MET A 3796 37.26 -55.61 23.55
C MET A 3796 38.11 -56.70 24.20
N THR A 3797 38.64 -57.62 23.40
CA THR A 3797 39.70 -58.54 23.79
C THR A 3797 40.04 -59.36 22.56
N SER A 3798 41.22 -59.97 22.55
CA SER A 3798 41.45 -61.03 21.59
C SER A 3798 40.43 -62.13 21.85
N ARG A 3799 39.83 -62.62 20.77
CA ARG A 3799 38.70 -63.55 20.74
C ARG A 3799 37.35 -62.87 20.97
N LEU A 3800 37.30 -61.53 21.01
CA LEU A 3800 36.01 -60.85 21.05
C LEU A 3800 36.16 -59.40 20.65
N GLY A 3801 35.57 -59.03 19.51
CA GLY A 3801 35.52 -57.64 19.10
C GLY A 3801 34.15 -57.30 18.55
N LEU A 3802 33.87 -56.01 18.46
CA LEU A 3802 32.67 -55.54 17.79
C LEU A 3802 33.03 -54.46 16.76
N ILE A 3803 32.20 -54.39 15.71
CA ILE A 3803 32.49 -53.60 14.53
C ILE A 3803 31.26 -52.77 14.18
N GLU A 3804 31.46 -51.46 14.00
CA GLU A 3804 30.37 -50.50 13.82
C GLU A 3804 29.76 -50.61 12.44
N TRP A 3805 28.67 -51.38 12.32
CA TRP A 3805 28.04 -51.66 11.03
C TRP A 3805 27.31 -50.44 10.50
N LEU A 3806 27.64 -50.01 9.29
CA LEU A 3806 27.10 -48.76 8.74
C LEU A 3806 25.70 -48.97 8.17
N GLU A 3807 25.00 -47.86 7.94
CA GLU A 3807 23.59 -47.89 7.64
C GLU A 3807 23.33 -47.72 6.15
N ASN A 3808 22.32 -48.45 5.66
CA ASN A 3808 21.86 -48.32 4.27
C ASN A 3808 22.99 -48.60 3.27
N THR A 3809 23.62 -49.77 3.42
CA THR A 3809 24.66 -50.21 2.51
C THR A 3809 24.30 -51.59 1.97
N VAL A 3810 25.06 -52.03 0.96
CA VAL A 3810 24.89 -53.36 0.38
C VAL A 3810 26.20 -53.78 -0.24
N THR A 3811 26.44 -55.08 -0.29
CA THR A 3811 27.66 -55.57 -0.91
C THR A 3811 27.51 -55.56 -2.44
N LEU A 3812 28.65 -55.44 -3.14
CA LEU A 3812 28.60 -55.38 -4.59
C LEU A 3812 27.95 -56.61 -5.18
N LYS A 3813 28.23 -57.78 -4.61
CA LYS A 3813 27.66 -59.01 -5.13
C LYS A 3813 26.14 -58.90 -5.23
N ASP A 3814 25.51 -58.26 -4.24
CA ASP A 3814 24.05 -58.23 -4.25
C ASP A 3814 23.52 -57.25 -5.29
N LEU A 3815 24.20 -56.11 -5.50
CA LEU A 3815 23.82 -55.26 -6.64
C LEU A 3815 23.97 -55.99 -7.95
N LEU A 3816 25.13 -56.64 -8.16
CA LEU A 3816 25.38 -57.29 -9.43
C LEU A 3816 24.34 -58.36 -9.74
N LEU A 3817 24.01 -59.21 -8.77
CA LEU A 3817 23.04 -60.27 -9.01
C LEU A 3817 21.59 -59.85 -8.81
N ASN A 3818 21.33 -58.65 -8.32
CA ASN A 3818 19.96 -58.17 -8.21
C ASN A 3818 19.56 -57.27 -9.36
N THR A 3819 20.53 -56.66 -10.05
CA THR A 3819 20.21 -55.92 -11.26
C THR A 3819 19.96 -56.85 -12.44
N MET A 3820 20.74 -57.93 -12.54
CA MET A 3820 20.62 -58.81 -13.70
C MET A 3820 19.31 -59.56 -13.67
N SER A 3821 18.99 -60.19 -14.81
CA SER A 3821 17.74 -60.91 -14.98
C SER A 3821 17.86 -62.34 -14.46
N GLN A 3822 16.71 -62.97 -14.23
CA GLN A 3822 16.69 -64.33 -13.71
C GLN A 3822 17.38 -65.31 -14.65
N GLU A 3823 17.15 -65.15 -15.96
CA GLU A 3823 17.75 -66.07 -16.93
C GLU A 3823 19.27 -66.02 -16.84
N GLU A 3824 19.85 -64.82 -16.78
CA GLU A 3824 21.30 -64.71 -16.79
C GLU A 3824 21.90 -65.03 -15.43
N LYS A 3825 21.16 -64.81 -14.34
CA LYS A 3825 21.67 -65.28 -13.05
C LYS A 3825 21.70 -66.81 -13.01
N ALA A 3826 20.69 -67.46 -13.59
CA ALA A 3826 20.71 -68.91 -13.70
C ALA A 3826 21.86 -69.39 -14.58
N ALA A 3827 22.07 -68.73 -15.72
CA ALA A 3827 23.17 -69.11 -16.60
C ALA A 3827 24.53 -68.88 -15.94
N TYR A 3828 24.62 -67.89 -15.06
CA TYR A 3828 25.87 -67.62 -14.36
C TYR A 3828 26.11 -68.62 -13.25
N LEU A 3829 25.04 -69.09 -12.60
CA LEU A 3829 25.19 -69.99 -11.47
C LEU A 3829 25.38 -71.45 -11.92
N SER A 3830 24.43 -71.97 -12.69
CA SER A 3830 24.40 -73.38 -13.06
C SER A 3830 24.49 -73.52 -14.57
N ASP A 3831 25.73 -73.57 -15.09
CA ASP A 3831 26.00 -73.84 -16.49
C ASP A 3831 27.47 -74.16 -16.68
N PRO A 3832 27.81 -75.23 -17.42
CA PRO A 3832 29.22 -75.55 -17.63
C PRO A 3832 29.99 -74.46 -18.36
N ARG A 3833 29.31 -73.67 -19.19
CA ARG A 3833 29.97 -72.61 -19.95
C ARG A 3833 30.12 -71.32 -19.13
N ALA A 3834 29.56 -71.28 -17.92
CA ALA A 3834 29.69 -70.12 -17.06
C ALA A 3834 31.15 -69.92 -16.65
N PRO A 3835 31.55 -68.68 -16.41
CA PRO A 3835 32.96 -68.39 -16.10
C PRO A 3835 33.49 -69.18 -14.92
N PRO A 3836 32.71 -69.41 -13.86
CA PRO A 3836 33.21 -70.32 -12.80
C PRO A 3836 33.46 -71.73 -13.30
N CYS A 3837 32.45 -72.36 -13.91
CA CYS A 3837 32.62 -73.72 -14.42
C CYS A 3837 33.63 -73.75 -15.56
N GLU A 3838 33.58 -72.75 -16.44
CA GLU A 3838 34.56 -72.69 -17.52
C GLU A 3838 35.98 -72.61 -16.99
N TYR A 3839 36.20 -71.82 -15.93
CA TYR A 3839 37.53 -71.67 -15.36
C TYR A 3839 37.99 -72.97 -14.70
N LYS A 3840 37.11 -73.60 -13.92
CA LYS A 3840 37.47 -74.87 -13.30
C LYS A 3840 37.80 -75.93 -14.35
N ASP A 3841 36.96 -76.03 -15.40
CA ASP A 3841 37.21 -77.00 -16.44
C ASP A 3841 38.47 -76.67 -17.22
N TRP A 3842 38.76 -75.39 -17.44
CA TRP A 3842 39.99 -74.98 -18.09
C TRP A 3842 41.20 -75.48 -17.32
N LEU A 3843 41.24 -75.17 -16.02
CA LEU A 3843 42.37 -75.59 -15.20
C LEU A 3843 42.51 -77.11 -15.21
N THR A 3844 41.41 -77.82 -14.96
CA THR A 3844 41.49 -79.28 -14.87
C THR A 3844 41.88 -79.91 -16.20
N LYS A 3845 41.30 -79.44 -17.31
CA LYS A 3845 41.46 -80.11 -18.59
C LYS A 3845 42.81 -79.83 -19.25
N MET A 3846 43.38 -78.64 -19.07
CA MET A 3846 44.67 -78.40 -19.74
C MET A 3846 45.78 -78.19 -18.71
N SER A 3847 45.51 -78.55 -17.43
CA SER A 3847 46.52 -78.72 -16.39
C SER A 3847 46.85 -80.18 -16.12
N GLY A 3848 45.85 -80.98 -15.77
CA GLY A 3848 46.09 -82.38 -15.43
C GLY A 3848 45.43 -82.81 -14.13
N LYS A 3849 45.26 -81.88 -13.19
CA LYS A 3849 44.63 -82.18 -11.91
C LYS A 3849 43.62 -81.09 -11.55
N HIS A 3850 43.04 -81.22 -10.35
CA HIS A 3850 41.83 -80.50 -9.98
C HIS A 3850 42.02 -79.45 -8.90
N ASP A 3851 43.19 -79.38 -8.27
CA ASP A 3851 43.33 -78.59 -7.05
C ASP A 3851 44.52 -77.64 -7.21
N VAL A 3852 44.89 -77.00 -6.10
CA VAL A 3852 45.95 -76.00 -6.11
C VAL A 3852 47.27 -76.62 -6.56
N GLY A 3853 48.19 -75.76 -6.99
CA GLY A 3853 49.45 -76.16 -7.57
C GLY A 3853 49.41 -76.34 -9.07
N ALA A 3854 48.20 -76.41 -9.64
CA ALA A 3854 48.07 -76.53 -11.09
C ALA A 3854 48.54 -75.27 -11.80
N TYR A 3855 48.51 -74.13 -11.10
CA TYR A 3855 48.94 -72.87 -11.71
C TYR A 3855 50.43 -72.89 -12.02
N MET A 3856 51.23 -73.42 -11.09
CA MET A 3856 52.67 -73.51 -11.33
C MET A 3856 53.00 -74.47 -12.46
N LEU A 3857 52.28 -75.59 -12.57
CA LEU A 3857 52.44 -76.47 -13.71
C LEU A 3857 52.02 -75.78 -15.00
N MET A 3858 50.94 -75.00 -14.93
CA MET A 3858 50.42 -74.23 -16.05
C MET A 3858 51.39 -73.22 -16.61
N TYR A 3859 52.06 -72.47 -15.73
CA TYR A 3859 52.65 -71.20 -16.12
C TYR A 3859 53.79 -71.32 -17.11
N LYS A 3860 54.36 -72.51 -17.31
CA LYS A 3860 55.37 -72.69 -18.36
C LYS A 3860 54.76 -73.05 -19.71
N GLY A 3861 53.48 -73.42 -19.74
CA GLY A 3861 52.79 -73.68 -20.99
C GLY A 3861 51.49 -72.92 -21.09
N ALA A 3862 51.50 -71.69 -20.58
CA ALA A 3862 50.33 -70.83 -20.46
C ALA A 3862 50.63 -69.45 -21.02
N ASN A 3863 51.17 -69.42 -22.24
CA ASN A 3863 51.64 -68.19 -22.85
C ASN A 3863 50.55 -67.10 -22.85
N ARG A 3864 51.01 -65.85 -22.98
CA ARG A 3864 50.13 -64.70 -22.80
C ARG A 3864 48.94 -64.74 -23.76
N THR A 3865 49.17 -65.09 -25.02
CA THR A 3865 48.12 -65.02 -26.03
C THR A 3865 46.95 -65.93 -25.68
N GLU A 3866 47.25 -67.20 -25.39
CA GLU A 3866 46.19 -68.16 -25.10
C GLU A 3866 45.43 -67.79 -23.84
N THR A 3867 46.15 -67.36 -22.79
CA THR A 3867 45.50 -66.98 -21.55
C THR A 3867 44.59 -65.78 -21.75
N VAL A 3868 45.06 -64.75 -22.48
CA VAL A 3868 44.22 -63.58 -22.73
C VAL A 3868 43.00 -63.96 -23.55
N THR A 3869 43.17 -64.83 -24.54
CA THR A 3869 42.02 -65.25 -25.35
C THR A 3869 40.99 -65.98 -24.50
N SER A 3870 41.45 -66.89 -23.63
CA SER A 3870 40.52 -67.60 -22.76
C SER A 3870 39.85 -66.66 -21.77
N PHE A 3871 40.59 -65.67 -21.27
CA PHE A 3871 40.03 -64.70 -20.35
C PHE A 3871 38.94 -63.88 -21.02
N ARG A 3872 39.18 -63.41 -22.24
CA ARG A 3872 38.14 -62.69 -22.97
C ARG A 3872 36.97 -63.61 -23.30
N LYS A 3873 37.23 -64.88 -23.61
CA LYS A 3873 36.15 -65.82 -23.87
C LYS A 3873 35.23 -65.94 -22.66
N ARG A 3874 35.80 -66.17 -21.49
CA ARG A 3874 34.97 -66.33 -20.29
C ARG A 3874 34.31 -65.01 -19.91
N GLU A 3875 35.01 -63.89 -20.10
CA GLU A 3875 34.46 -62.59 -19.72
C GLU A 3875 33.28 -62.23 -20.61
N SER A 3876 33.31 -62.63 -21.89
CA SER A 3876 32.23 -62.25 -22.80
C SER A 3876 30.88 -62.75 -22.31
N LYS A 3877 30.85 -63.86 -21.56
CA LYS A 3877 29.58 -64.36 -21.04
C LYS A 3877 28.93 -63.39 -20.09
N VAL A 3878 29.66 -62.92 -19.08
CA VAL A 3878 29.05 -62.05 -18.07
C VAL A 3878 28.74 -60.69 -18.69
N PRO A 3879 27.58 -60.11 -18.41
CA PRO A 3879 27.19 -58.88 -19.11
C PRO A 3879 28.13 -57.72 -18.82
N ALA A 3880 28.32 -56.88 -19.84
CA ALA A 3880 29.22 -55.74 -19.74
C ALA A 3880 28.57 -54.58 -19.02
N ASP A 3881 27.50 -54.03 -19.60
CA ASP A 3881 26.68 -53.04 -18.93
C ASP A 3881 25.77 -53.78 -17.94
N LEU A 3882 26.28 -53.93 -16.73
CA LEU A 3882 25.51 -54.52 -15.64
C LEU A 3882 25.47 -53.62 -14.41
N LEU A 3883 26.59 -53.00 -14.06
CA LEU A 3883 26.63 -52.08 -12.94
C LEU A 3883 26.08 -50.72 -13.35
N LYS A 3884 26.27 -50.36 -14.62
CA LYS A 3884 25.60 -49.20 -15.18
C LYS A 3884 24.09 -49.38 -15.15
N ARG A 3885 23.63 -50.60 -15.45
CA ARG A 3885 22.20 -50.87 -15.33
C ARG A 3885 21.72 -50.69 -13.90
N ALA A 3886 22.54 -51.13 -12.93
CA ALA A 3886 22.20 -50.94 -11.52
C ALA A 3886 21.99 -49.47 -11.21
N PHE A 3887 22.95 -48.62 -11.60
CA PHE A 3887 22.82 -47.20 -11.25
C PHE A 3887 21.71 -46.51 -12.01
N VAL A 3888 21.49 -46.86 -13.28
CA VAL A 3888 20.38 -46.29 -14.04
C VAL A 3888 19.06 -46.91 -13.64
N ARG A 3889 19.09 -47.91 -12.77
CA ARG A 3889 17.87 -48.60 -12.34
C ARG A 3889 17.28 -48.02 -11.06
N MET A 3890 18.12 -47.40 -10.24
CA MET A 3890 17.68 -46.82 -8.98
C MET A 3890 17.82 -45.30 -8.96
N SER A 3891 17.64 -44.65 -10.11
CA SER A 3891 17.97 -43.24 -10.25
C SER A 3891 16.73 -42.37 -10.50
N THR A 3892 15.96 -42.70 -11.53
CA THR A 3892 14.78 -41.94 -11.97
C THR A 3892 15.13 -40.53 -12.47
N SER A 3893 16.41 -40.14 -12.43
CA SER A 3893 16.80 -38.86 -12.97
C SER A 3893 18.13 -39.03 -13.69
N PRO A 3894 18.43 -38.20 -14.67
CA PRO A 3894 19.82 -38.12 -15.16
C PRO A 3894 20.80 -37.61 -14.10
N GLU A 3895 20.39 -36.65 -13.28
CA GLU A 3895 21.27 -36.16 -12.23
C GLU A 3895 21.59 -37.26 -11.24
N ALA A 3896 20.61 -38.07 -10.88
CA ALA A 3896 20.85 -39.19 -9.99
C ALA A 3896 21.90 -40.13 -10.55
N PHE A 3897 21.74 -40.53 -11.81
CA PHE A 3897 22.72 -41.41 -12.44
C PHE A 3897 24.10 -40.77 -12.45
N LEU A 3898 24.17 -39.49 -12.84
CA LEU A 3898 25.46 -38.83 -13.00
C LEU A 3898 26.20 -38.77 -11.66
N ALA A 3899 25.50 -38.32 -10.61
CA ALA A 3899 26.13 -38.22 -9.29
C ALA A 3899 26.48 -39.59 -8.73
N LEU A 3900 25.61 -40.57 -8.90
CA LEU A 3900 25.89 -41.89 -8.38
C LEU A 3900 27.12 -42.49 -9.02
N ARG A 3901 27.24 -42.38 -10.34
CA ARG A 3901 28.37 -42.97 -11.03
C ARG A 3901 29.66 -42.23 -10.71
N SER A 3902 29.61 -40.89 -10.64
CA SER A 3902 30.82 -40.15 -10.30
C SER A 3902 31.27 -40.47 -8.88
N HIS A 3903 30.32 -40.50 -7.93
CA HIS A 3903 30.65 -40.85 -6.55
C HIS A 3903 31.26 -42.23 -6.48
N PHE A 3904 30.66 -43.20 -7.15
CA PHE A 3904 31.17 -44.56 -7.13
C PHE A 3904 32.59 -44.63 -7.69
N ALA A 3905 32.82 -44.00 -8.84
CA ALA A 3905 34.14 -44.08 -9.48
C ALA A 3905 35.20 -43.40 -8.63
N SER A 3906 34.90 -42.20 -8.11
CA SER A 3906 35.86 -41.46 -7.31
C SER A 3906 36.21 -42.22 -6.02
N SER A 3907 35.18 -42.63 -5.28
CA SER A 3907 35.41 -43.34 -4.05
C SER A 3907 36.17 -44.63 -4.30
N HIS A 3908 35.82 -45.38 -5.35
CA HIS A 3908 36.51 -46.63 -5.60
C HIS A 3908 37.94 -46.41 -6.04
N ALA A 3909 38.23 -45.31 -6.75
CA ALA A 3909 39.61 -45.03 -7.14
C ALA A 3909 40.47 -44.81 -5.91
N LEU A 3910 39.97 -44.02 -4.94
CA LEU A 3910 40.81 -43.83 -3.76
C LEU A 3910 40.84 -45.09 -2.89
N ILE A 3911 39.76 -45.87 -2.87
CA ILE A 3911 39.79 -47.15 -2.18
C ILE A 3911 40.92 -48.01 -2.73
N CYS A 3912 41.01 -48.12 -4.05
CA CYS A 3912 41.99 -49.00 -4.67
C CYS A 3912 43.41 -48.51 -4.43
N ILE A 3913 43.66 -47.21 -4.60
CA ILE A 3913 45.05 -46.80 -4.44
C ILE A 3913 45.47 -46.81 -2.97
N SER A 3914 44.57 -46.45 -2.06
CA SER A 3914 44.90 -46.52 -0.64
C SER A 3914 45.06 -47.96 -0.18
N HIS A 3915 44.39 -48.89 -0.85
CA HIS A 3915 44.58 -50.30 -0.56
C HIS A 3915 45.86 -50.84 -1.21
N TRP A 3916 46.41 -50.12 -2.17
CA TRP A 3916 47.70 -50.57 -2.72
C TRP A 3916 48.89 -49.99 -1.94
N ILE A 3917 48.79 -48.75 -1.45
CA ILE A 3917 49.85 -48.18 -0.63
C ILE A 3917 50.28 -49.12 0.48
N LEU A 3918 49.34 -49.87 1.04
CA LEU A 3918 49.63 -50.95 1.98
C LEU A 3918 48.87 -52.16 1.48
N GLY A 3919 49.60 -53.17 1.03
CA GLY A 3919 48.98 -54.17 0.18
C GLY A 3919 47.81 -54.86 0.84
N ILE A 3920 46.61 -54.49 0.42
CA ILE A 3920 45.40 -55.12 0.87
C ILE A 3920 45.07 -56.20 -0.15
N GLY A 3921 45.35 -57.44 0.19
CA GLY A 3921 44.97 -58.54 -0.68
C GLY A 3921 43.52 -58.90 -0.48
N ASP A 3922 43.14 -60.00 -1.14
CA ASP A 3922 41.85 -60.64 -0.87
C ASP A 3922 40.68 -59.67 -1.10
N ARG A 3923 40.73 -58.97 -2.22
CA ARG A 3923 39.66 -58.05 -2.63
C ARG A 3923 38.61 -58.79 -3.46
N HIS A 3924 37.98 -59.79 -2.84
CA HIS A 3924 36.86 -60.41 -3.51
C HIS A 3924 35.75 -59.38 -3.72
N LEU A 3925 34.75 -59.78 -4.51
CA LEU A 3925 33.61 -58.91 -4.73
C LEU A 3925 32.82 -58.68 -3.45
N ASN A 3926 33.02 -59.51 -2.43
CA ASN A 3926 32.18 -59.43 -1.24
C ASN A 3926 32.84 -58.60 -0.14
N ASN A 3927 34.10 -58.22 -0.32
CA ASN A 3927 34.81 -57.31 0.58
C ASN A 3927 34.55 -55.87 0.25
N PHE A 3928 33.56 -55.58 -0.58
CA PHE A 3928 33.24 -54.23 -0.99
C PHE A 3928 31.81 -53.93 -0.59
N MET A 3929 31.62 -52.89 0.20
CA MET A 3929 30.28 -52.39 0.46
C MET A 3929 30.08 -51.14 -0.37
N VAL A 3930 28.83 -50.81 -0.64
CA VAL A 3930 28.47 -49.61 -1.39
C VAL A 3930 27.18 -49.07 -0.81
N ALA A 3931 27.17 -47.77 -0.54
CA ALA A 3931 25.93 -47.14 -0.13
C ALA A 3931 24.88 -47.33 -1.21
N MET A 3932 23.68 -47.72 -0.80
CA MET A 3932 22.54 -47.69 -1.71
C MET A 3932 21.77 -46.39 -1.55
N GLU A 3933 22.47 -45.34 -1.14
CA GLU A 3933 21.90 -44.01 -1.02
C GLU A 3933 22.79 -42.92 -1.59
N THR A 3934 24.10 -43.15 -1.73
CA THR A 3934 25.00 -42.26 -2.45
C THR A 3934 25.77 -42.94 -3.56
N GLY A 3935 25.90 -44.26 -3.53
CA GLY A 3935 26.73 -44.98 -4.46
C GLY A 3935 28.18 -45.10 -4.07
N GLY A 3936 28.62 -44.36 -3.03
CA GLY A 3936 30.00 -44.44 -2.62
C GLY A 3936 30.37 -45.82 -2.11
N VAL A 3937 31.68 -46.09 -2.07
CA VAL A 3937 32.19 -47.42 -1.80
C VAL A 3937 32.92 -47.43 -0.45
N ILE A 3938 32.88 -48.59 0.20
CA ILE A 3938 33.48 -48.82 1.51
C ILE A 3938 34.29 -50.11 1.45
N GLY A 3939 35.52 -50.04 1.94
CA GLY A 3939 36.33 -51.24 2.06
C GLY A 3939 36.12 -51.90 3.40
N ILE A 3940 36.06 -53.24 3.44
CA ILE A 3940 35.78 -53.96 4.67
C ILE A 3940 36.65 -55.21 4.75
N ASP A 3941 36.72 -55.76 5.96
CA ASP A 3941 37.22 -57.11 6.22
C ASP A 3941 38.68 -57.25 5.78
N PHE A 3942 39.52 -56.44 6.43
CA PHE A 3942 40.94 -56.36 6.08
C PHE A 3942 41.70 -57.48 6.78
N GLY A 3943 41.39 -58.72 6.38
CA GLY A 3943 42.13 -59.86 6.88
C GLY A 3943 43.60 -59.84 6.46
N HIS A 3944 43.85 -59.56 5.19
CA HIS A 3944 45.18 -59.32 4.68
C HIS A 3944 45.44 -57.81 4.71
N ALA A 3945 46.60 -57.43 5.20
CA ALA A 3945 46.88 -56.02 5.47
C ALA A 3945 48.15 -55.54 4.81
N PHE A 3946 49.13 -56.42 4.63
CA PHE A 3946 50.34 -56.14 3.88
C PHE A 3946 50.38 -57.13 2.73
N GLY A 3947 51.48 -57.14 1.97
CA GLY A 3947 51.55 -58.16 0.95
C GLY A 3947 51.45 -59.50 1.62
N SER A 3948 50.26 -60.08 1.60
CA SER A 3948 50.01 -61.31 2.36
C SER A 3948 49.43 -62.41 1.49
N ALA A 3949 48.47 -62.08 0.61
CA ALA A 3949 47.99 -63.06 -0.35
C ALA A 3949 49.01 -63.28 -1.46
N THR A 3950 49.90 -62.32 -1.68
CA THR A 3950 50.95 -62.44 -2.69
C THR A 3950 52.22 -63.05 -2.14
N GLN A 3951 52.29 -63.35 -0.85
CA GLN A 3951 53.51 -63.91 -0.25
C GLN A 3951 53.28 -65.24 0.46
N PHE A 3952 52.10 -65.44 1.04
CA PHE A 3952 51.86 -66.63 1.85
C PHE A 3952 50.82 -67.57 1.26
N LEU A 3953 49.77 -67.05 0.65
CA LEU A 3953 48.68 -67.88 0.19
C LEU A 3953 49.15 -68.86 -0.90
N PRO A 3954 48.57 -70.06 -0.94
CA PRO A 3954 48.92 -71.00 -2.01
C PRO A 3954 48.64 -70.46 -3.40
N VAL A 3955 47.61 -69.62 -3.53
CA VAL A 3955 47.31 -68.94 -4.79
C VAL A 3955 47.71 -67.48 -4.63
N PRO A 3956 48.80 -67.02 -5.25
CA PRO A 3956 49.19 -65.62 -5.09
C PRO A 3956 48.20 -64.70 -5.79
N GLU A 3957 48.24 -63.44 -5.40
CA GLU A 3957 47.36 -62.42 -5.95
C GLU A 3957 48.26 -61.32 -6.51
N LEU A 3958 48.50 -61.37 -7.82
CA LEU A 3958 49.57 -60.62 -8.45
C LEU A 3958 49.12 -59.23 -8.90
N MET A 3959 48.08 -58.69 -8.26
CA MET A 3959 47.37 -57.51 -8.73
C MET A 3959 47.28 -56.47 -7.63
N PRO A 3960 47.52 -55.20 -7.95
CA PRO A 3960 47.50 -54.18 -6.89
C PRO A 3960 46.13 -54.01 -6.26
N PHE A 3961 45.08 -54.11 -7.07
CA PHE A 3961 43.72 -53.78 -6.67
C PHE A 3961 42.76 -54.26 -7.73
N ARG A 3962 41.51 -54.44 -7.34
CA ARG A 3962 40.44 -54.83 -8.26
C ARG A 3962 40.05 -53.63 -9.11
N LEU A 3963 40.43 -53.67 -10.40
CA LEU A 3963 39.86 -52.82 -11.43
C LEU A 3963 39.47 -53.79 -12.55
N THR A 3964 38.29 -54.36 -12.41
CA THR A 3964 37.84 -55.43 -13.30
C THR A 3964 36.92 -54.86 -14.36
N ARG A 3965 36.37 -55.75 -15.17
CA ARG A 3965 35.53 -55.39 -16.31
C ARG A 3965 34.32 -54.47 -16.08
N GLN A 3966 33.63 -54.66 -14.97
CA GLN A 3966 32.43 -53.87 -14.69
C GLN A 3966 32.77 -52.44 -14.31
N PHE A 3967 33.82 -52.23 -13.53
CA PHE A 3967 34.25 -50.88 -13.22
C PHE A 3967 34.62 -50.12 -14.49
N ILE A 3968 35.32 -50.80 -15.41
CA ILE A 3968 35.68 -50.18 -16.67
C ILE A 3968 34.43 -49.77 -17.44
N ASN A 3969 33.56 -50.73 -17.72
CA ASN A 3969 32.35 -50.52 -18.52
C ASN A 3969 31.29 -49.71 -17.80
N LEU A 3970 31.53 -49.30 -16.55
CA LEU A 3970 30.64 -48.33 -15.92
C LEU A 3970 30.68 -47.00 -16.62
N MET A 3971 31.86 -46.54 -17.02
CA MET A 3971 32.01 -45.13 -17.38
C MET A 3971 31.95 -44.87 -18.88
N LEU A 3972 32.00 -45.89 -19.74
CA LEU A 3972 32.20 -45.61 -21.15
C LEU A 3972 30.96 -44.91 -21.69
N PRO A 3973 31.08 -44.15 -22.79
CA PRO A 3973 32.17 -43.95 -23.76
C PRO A 3973 33.45 -43.38 -23.16
N MET A 3974 33.36 -42.81 -21.95
CA MET A 3974 34.54 -42.31 -21.25
C MET A 3974 35.53 -43.45 -21.04
N LYS A 3975 36.80 -43.17 -21.33
CA LYS A 3975 37.79 -44.22 -21.19
C LYS A 3975 38.28 -44.30 -19.75
N GLU A 3976 38.89 -45.43 -19.40
CA GLU A 3976 39.26 -45.76 -18.03
C GLU A 3976 40.37 -44.88 -17.48
N THR A 3977 40.82 -43.87 -18.23
CA THR A 3977 41.91 -43.00 -17.81
C THR A 3977 41.46 -41.56 -17.59
N GLY A 3978 40.20 -41.35 -17.20
CA GLY A 3978 39.74 -39.99 -17.00
C GLY A 3978 39.30 -39.63 -15.60
N LEU A 3979 38.69 -40.56 -14.89
CA LEU A 3979 38.25 -40.30 -13.53
C LEU A 3979 38.78 -41.33 -12.54
N MET A 3980 38.90 -42.59 -12.94
CA MET A 3980 39.61 -43.58 -12.16
C MET A 3980 41.11 -43.50 -12.39
N TYR A 3981 41.58 -42.40 -12.96
CA TYR A 3981 43.01 -42.09 -13.06
C TYR A 3981 43.38 -40.83 -12.30
N SER A 3982 42.69 -39.72 -12.53
CA SER A 3982 43.07 -38.48 -11.89
C SER A 3982 42.86 -38.54 -10.38
N ILE A 3983 41.90 -39.33 -9.92
CA ILE A 3983 41.69 -39.48 -8.48
C ILE A 3983 42.82 -40.30 -7.88
N MET A 3984 43.19 -41.40 -8.54
CA MET A 3984 44.40 -42.13 -8.19
C MET A 3984 45.61 -41.20 -8.15
N VAL A 3985 45.75 -40.32 -9.14
CA VAL A 3985 46.94 -39.47 -9.21
C VAL A 3985 46.98 -38.52 -8.04
N HIS A 3986 45.86 -37.84 -7.76
CA HIS A 3986 45.85 -36.88 -6.65
C HIS A 3986 46.05 -37.60 -5.32
N ALA A 3987 45.50 -38.79 -5.17
CA ALA A 3987 45.67 -39.54 -3.94
C ALA A 3987 47.12 -39.95 -3.74
N LEU A 3988 47.73 -40.58 -4.77
CA LEU A 3988 49.13 -40.97 -4.69
C LEU A 3988 50.02 -39.77 -4.43
N ARG A 3989 49.70 -38.63 -5.04
CA ARG A 3989 50.46 -37.42 -4.78
C ARG A 3989 50.34 -37.01 -3.31
N ALA A 3990 49.13 -37.05 -2.75
CA ALA A 3990 48.97 -36.71 -1.34
C ALA A 3990 49.67 -37.70 -0.43
N PHE A 3991 49.88 -38.93 -0.91
CA PHE A 3991 50.51 -39.95 -0.09
C PHE A 3991 52.03 -39.87 -0.14
N ARG A 3992 52.61 -39.63 -1.31
CA ARG A 3992 54.04 -39.37 -1.41
C ARG A 3992 54.32 -37.87 -1.44
N SER A 3993 53.74 -37.19 -0.44
CA SER A 3993 54.12 -35.84 -0.08
C SER A 3993 54.17 -35.71 1.44
N ASP A 3994 54.77 -36.70 2.12
CA ASP A 3994 54.54 -36.97 3.53
C ASP A 3994 55.67 -36.46 4.41
N PRO A 3995 55.34 -36.12 5.66
CA PRO A 3995 56.35 -36.17 6.71
C PRO A 3995 56.88 -37.57 6.97
N GLY A 3996 56.12 -38.60 6.59
CA GLY A 3996 56.46 -39.97 6.88
C GLY A 3996 55.40 -40.65 7.72
N LEU A 3997 54.25 -39.97 7.86
CA LEU A 3997 53.20 -40.44 8.75
C LEU A 3997 52.76 -41.86 8.41
N LEU A 3998 52.44 -42.11 7.14
CA LEU A 3998 52.08 -43.45 6.72
C LEU A 3998 53.20 -44.43 7.03
N THR A 3999 54.41 -44.12 6.55
CA THR A 3999 55.55 -45.03 6.69
C THR A 3999 55.77 -45.47 8.13
N ASN A 4000 55.86 -44.52 9.06
CA ASN A 4000 56.21 -44.91 10.43
C ASN A 4000 55.01 -45.42 11.21
N THR A 4001 53.80 -44.97 10.89
CA THR A 4001 52.63 -45.63 11.47
C THR A 4001 52.54 -47.08 11.01
N MET A 4002 53.05 -47.37 9.80
CA MET A 4002 53.16 -48.75 9.35
C MET A 4002 54.29 -49.48 10.07
N ASP A 4003 55.37 -48.76 10.37
CA ASP A 4003 56.44 -49.32 11.18
C ASP A 4003 55.88 -49.81 12.52
N VAL A 4004 55.08 -48.99 13.17
CA VAL A 4004 54.44 -49.43 14.41
C VAL A 4004 53.29 -50.41 14.13
N PHE A 4005 52.77 -50.44 12.90
CA PHE A 4005 51.81 -51.45 12.50
C PHE A 4005 52.39 -52.84 12.72
N VAL A 4006 53.58 -53.10 12.15
CA VAL A 4006 54.02 -54.48 11.96
C VAL A 4006 55.06 -54.92 13.00
N LYS A 4007 55.72 -53.99 13.68
CA LYS A 4007 56.90 -54.31 14.48
C LYS A 4007 56.57 -54.65 15.92
N GLU A 4008 55.40 -55.22 16.17
CA GLU A 4008 55.06 -55.72 17.49
C GLU A 4008 54.71 -57.19 17.39
N PRO A 4009 54.92 -57.97 18.46
CA PRO A 4009 54.62 -59.40 18.44
C PRO A 4009 53.17 -59.69 18.78
N TYR A 4039 59.71 -61.70 7.32
CA TYR A 4039 60.49 -60.47 7.27
C TYR A 4039 59.61 -59.22 7.29
N PRO A 4040 59.23 -58.78 8.48
CA PRO A 4040 58.53 -57.48 8.59
C PRO A 4040 59.36 -56.32 8.09
N ARG A 4041 60.69 -56.40 8.25
CA ARG A 4041 61.56 -55.32 7.77
C ARG A 4041 61.42 -55.14 6.26
N GLN A 4042 61.36 -56.26 5.52
CA GLN A 4042 61.19 -56.14 4.07
C GLN A 4042 59.77 -55.73 3.70
N LYS A 4043 58.77 -56.01 4.55
CA LYS A 4043 57.45 -55.44 4.35
C LYS A 4043 57.50 -53.91 4.43
N ILE A 4044 58.12 -53.39 5.48
CA ILE A 4044 58.26 -51.94 5.61
C ILE A 4044 59.08 -51.38 4.45
N CYS A 4045 60.11 -52.09 4.02
CA CYS A 4045 60.92 -51.63 2.90
C CYS A 4045 60.11 -51.56 1.63
N TYR A 4046 59.26 -52.55 1.39
CA TYR A 4046 58.41 -52.56 0.20
C TYR A 4046 57.40 -51.41 0.26
N ALA A 4047 56.87 -51.13 1.45
CA ALA A 4047 55.97 -49.99 1.59
C ALA A 4047 56.68 -48.67 1.34
N LYS A 4048 57.92 -48.54 1.83
CA LYS A 4048 58.70 -47.34 1.57
C LYS A 4048 58.97 -47.19 0.08
N ARG A 4049 59.27 -48.29 -0.59
CA ARG A 4049 59.55 -48.25 -2.02
C ARG A 4049 58.31 -47.85 -2.81
N LYS A 4050 57.20 -48.56 -2.60
CA LYS A 4050 55.97 -48.29 -3.33
C LYS A 4050 55.13 -47.19 -2.69
N LEU A 4051 55.74 -46.37 -1.84
CA LEU A 4051 55.20 -45.06 -1.53
C LEU A 4051 56.12 -43.92 -1.97
N ALA A 4052 57.42 -44.15 -2.03
CA ALA A 4052 58.38 -43.11 -2.40
C ALA A 4052 58.69 -43.09 -3.88
N GLY A 4053 57.95 -43.83 -4.68
CA GLY A 4053 58.21 -43.93 -6.11
C GLY A 4053 58.84 -45.26 -6.43
N ALA A 4054 58.19 -46.04 -7.29
CA ALA A 4054 58.65 -47.38 -7.63
C ALA A 4054 57.75 -47.94 -8.72
N ASN A 4055 58.17 -49.06 -9.28
CA ASN A 4055 57.35 -49.76 -10.24
C ASN A 4055 56.52 -50.80 -9.52
N PRO A 4056 55.19 -50.77 -9.62
CA PRO A 4056 54.38 -51.81 -8.99
C PRO A 4056 54.80 -53.22 -9.32
N ALA A 4057 55.31 -53.47 -10.53
CA ALA A 4057 55.59 -54.84 -10.95
C ALA A 4057 56.87 -55.36 -10.32
N VAL A 4058 57.90 -54.51 -10.19
CA VAL A 4058 59.08 -54.92 -9.46
C VAL A 4058 58.76 -55.10 -7.98
N ILE A 4059 57.80 -54.33 -7.45
CA ILE A 4059 57.41 -54.48 -6.05
C ILE A 4059 56.70 -55.81 -5.84
N THR A 4060 55.81 -56.17 -6.75
CA THR A 4060 55.15 -57.46 -6.64
C THR A 4060 56.13 -58.59 -6.85
N CYS A 4061 57.14 -58.38 -7.69
CA CYS A 4061 58.25 -59.32 -7.79
C CYS A 4061 58.98 -59.49 -6.47
N ASP A 4062 59.26 -58.38 -5.80
CA ASP A 4062 59.88 -58.44 -4.48
C ASP A 4062 59.04 -59.23 -3.50
N GLU A 4063 57.75 -58.92 -3.43
CA GLU A 4063 56.84 -59.68 -2.57
C GLU A 4063 56.94 -61.16 -2.87
N LEU A 4064 56.83 -61.52 -4.13
CA LEU A 4064 56.72 -62.92 -4.51
C LEU A 4064 58.03 -63.66 -4.31
N LEU A 4065 59.16 -63.02 -4.58
CA LEU A 4065 60.46 -63.62 -4.28
C LEU A 4065 60.66 -63.79 -2.78
N LEU A 4066 60.12 -62.87 -1.97
CA LEU A 4066 60.18 -63.07 -0.53
C LEU A 4066 59.31 -64.24 -0.09
N GLY A 4067 58.18 -64.46 -0.76
CA GLY A 4067 57.26 -65.48 -0.33
C GLY A 4067 57.27 -66.76 -1.15
N HIS A 4068 58.00 -66.78 -2.26
CA HIS A 4068 58.04 -67.93 -3.15
C HIS A 4068 59.48 -68.23 -3.58
N GLU A 4069 60.38 -68.32 -2.61
CA GLU A 4069 61.75 -68.73 -2.89
C GLU A 4069 61.75 -70.16 -3.45
N LYS A 4070 62.55 -70.36 -4.51
CA LYS A 4070 62.71 -71.62 -5.22
C LYS A 4070 61.38 -72.31 -5.49
N ALA A 4071 60.32 -71.52 -5.64
CA ALA A 4071 58.99 -72.05 -5.89
C ALA A 4071 58.86 -72.50 -7.34
N PRO A 4072 57.95 -73.43 -7.63
CA PRO A 4072 57.74 -73.86 -9.01
C PRO A 4072 57.32 -72.72 -9.93
N ALA A 4073 57.94 -72.65 -11.11
CA ALA A 4073 57.63 -71.64 -12.12
C ALA A 4073 57.74 -70.22 -11.57
N PHE A 4074 58.74 -70.03 -10.70
CA PHE A 4074 59.03 -68.69 -10.20
C PHE A 4074 59.41 -67.74 -11.33
N ARG A 4075 60.07 -68.25 -12.36
CA ARG A 4075 60.38 -67.44 -13.54
C ARG A 4075 59.10 -66.96 -14.20
N ASP A 4076 58.11 -67.83 -14.31
CA ASP A 4076 56.83 -67.43 -14.88
C ASP A 4076 56.09 -66.48 -13.95
N TYR A 4077 56.19 -66.70 -12.64
CA TYR A 4077 55.66 -65.73 -11.68
C TYR A 4077 56.21 -64.34 -11.94
N VAL A 4078 57.54 -64.21 -12.00
CA VAL A 4078 58.14 -62.88 -12.18
C VAL A 4078 57.84 -62.34 -13.58
N ALA A 4079 57.72 -63.21 -14.58
CA ALA A 4079 57.46 -62.73 -15.93
C ALA A 4079 56.02 -62.24 -16.09
N VAL A 4080 55.09 -62.81 -15.33
CA VAL A 4080 53.71 -62.33 -15.38
C VAL A 4080 53.53 -61.12 -14.46
N ALA A 4081 54.31 -61.03 -13.40
CA ALA A 4081 54.37 -59.82 -12.58
C ALA A 4081 54.93 -58.63 -13.33
N ARG A 4082 56.08 -58.80 -13.99
CA ARG A 4082 56.83 -57.67 -14.53
C ARG A 4082 56.15 -57.07 -15.76
N GLY A 4083 55.57 -57.92 -16.59
CA GLY A 4083 54.90 -57.46 -17.79
C GLY A 4083 55.49 -58.12 -19.02
N SER A 4084 55.32 -57.44 -20.17
CA SER A 4084 55.65 -58.02 -21.46
C SER A 4084 56.72 -57.26 -22.23
N LYS A 4085 56.96 -55.99 -21.90
CA LYS A 4085 57.95 -55.12 -22.55
C LYS A 4085 57.47 -54.62 -23.90
N ASP A 4086 56.34 -55.15 -24.37
CA ASP A 4086 55.75 -54.66 -25.61
C ASP A 4086 54.24 -54.43 -25.54
N HIS A 4087 53.57 -54.82 -24.45
CA HIS A 4087 52.13 -54.59 -24.32
C HIS A 4087 51.72 -53.96 -23.01
N ASN A 4088 52.60 -53.87 -22.02
CA ASN A 4088 52.31 -53.30 -20.72
C ASN A 4088 53.34 -52.23 -20.41
N ILE A 4089 52.88 -51.03 -20.03
CA ILE A 4089 53.81 -49.95 -19.73
C ILE A 4089 54.61 -50.25 -18.48
N ARG A 4090 54.08 -51.14 -17.64
CA ARG A 4090 54.74 -51.52 -16.39
C ARG A 4090 56.14 -52.04 -16.66
N ALA A 4091 56.25 -52.99 -17.60
CA ALA A 4091 57.54 -53.56 -17.96
C ALA A 4091 58.47 -52.51 -18.55
N GLN A 4092 57.93 -51.63 -19.39
CA GLN A 4092 58.72 -50.69 -20.16
C GLN A 4092 59.14 -49.46 -19.36
N GLU A 4093 59.07 -49.50 -18.04
CA GLU A 4093 59.39 -48.33 -17.23
C GLU A 4093 60.44 -48.68 -16.19
N PRO A 4094 61.22 -47.69 -15.74
CA PRO A 4094 62.39 -47.98 -14.89
C PRO A 4094 62.03 -48.49 -13.50
N GLU A 4095 63.07 -48.72 -12.69
CA GLU A 4095 62.87 -49.36 -11.40
C GLU A 4095 62.20 -48.42 -10.40
N SER A 4096 62.53 -47.14 -10.45
CA SER A 4096 62.03 -46.20 -9.46
C SER A 4096 62.15 -44.79 -10.04
N GLY A 4097 61.96 -43.79 -9.19
CA GLY A 4097 61.92 -42.43 -9.66
C GLY A 4097 60.71 -42.12 -10.51
N LEU A 4098 59.78 -43.05 -10.62
CA LEU A 4098 58.54 -42.82 -11.36
C LEU A 4098 57.75 -41.71 -10.69
N SER A 4099 57.14 -40.86 -11.52
CA SER A 4099 56.29 -39.82 -10.98
C SER A 4099 54.98 -40.42 -10.50
N GLU A 4100 54.16 -39.61 -9.84
CA GLU A 4100 52.83 -40.05 -9.45
C GLU A 4100 52.07 -40.57 -10.66
N GLU A 4101 52.01 -39.76 -11.72
CA GLU A 4101 51.24 -40.13 -12.90
C GLU A 4101 51.76 -41.39 -13.55
N THR A 4102 53.08 -41.54 -13.63
CA THR A 4102 53.66 -42.71 -14.27
C THR A 4102 53.52 -43.95 -13.39
N GLN A 4103 53.73 -43.78 -12.08
CA GLN A 4103 53.49 -44.86 -11.13
C GLN A 4103 52.07 -45.40 -11.27
N VAL A 4104 51.07 -44.51 -11.24
CA VAL A 4104 49.69 -44.95 -11.31
C VAL A 4104 49.34 -45.50 -12.68
N LYS A 4105 49.90 -44.95 -13.76
CA LYS A 4105 49.64 -45.52 -15.07
C LYS A 4105 50.13 -46.96 -15.14
N CYS A 4106 51.36 -47.22 -14.66
CA CYS A 4106 51.84 -48.59 -14.59
C CYS A 4106 50.97 -49.43 -13.66
N LEU A 4107 50.46 -48.81 -12.60
CA LEU A 4107 49.63 -49.50 -11.62
C LEU A 4107 48.33 -49.99 -12.27
N MET A 4108 47.64 -49.10 -12.98
CA MET A 4108 46.41 -49.48 -13.67
C MET A 4108 46.68 -50.46 -14.79
N ASP A 4109 47.73 -50.24 -15.58
CA ASP A 4109 48.04 -51.21 -16.61
C ASP A 4109 48.51 -52.54 -16.04
N GLN A 4110 48.82 -52.59 -14.75
CA GLN A 4110 49.00 -53.88 -14.09
C GLN A 4110 47.69 -54.43 -13.55
N ALA A 4111 46.78 -53.55 -13.14
CA ALA A 4111 45.52 -54.00 -12.56
C ALA A 4111 44.59 -54.55 -13.62
N THR A 4112 44.60 -53.94 -14.81
CA THR A 4112 43.71 -54.33 -15.90
C THR A 4112 44.44 -55.25 -16.88
N ASP A 4113 45.58 -55.75 -16.44
CA ASP A 4113 46.42 -56.63 -17.26
C ASP A 4113 45.74 -57.98 -17.40
N PRO A 4114 45.47 -58.43 -18.62
CA PRO A 4114 44.78 -59.72 -18.78
C PRO A 4114 45.68 -60.93 -18.52
N ASN A 4115 46.98 -60.73 -18.37
CA ASN A 4115 47.86 -61.86 -18.14
C ASN A 4115 47.79 -62.35 -16.70
N ILE A 4116 47.34 -61.51 -15.76
CA ILE A 4116 47.18 -61.93 -14.37
C ILE A 4116 45.72 -62.27 -14.05
N LEU A 4117 44.77 -61.47 -14.56
CA LEU A 4117 43.36 -61.78 -14.31
C LEU A 4117 42.92 -63.09 -14.94
N GLY A 4118 43.65 -63.56 -15.95
CA GLY A 4118 43.37 -64.88 -16.48
C GLY A 4118 43.74 -66.01 -15.56
N ARG A 4119 44.70 -65.78 -14.67
CA ARG A 4119 45.19 -66.79 -13.73
C ARG A 4119 45.23 -66.19 -12.33
N THR A 4120 44.20 -66.41 -11.55
CA THR A 4120 44.19 -66.07 -10.13
C THR A 4120 43.09 -66.89 -9.46
N TRP A 4121 42.80 -66.57 -8.20
CA TRP A 4121 41.95 -67.41 -7.37
C TRP A 4121 40.54 -67.48 -7.94
N GLU A 4122 39.94 -68.67 -7.88
CA GLU A 4122 38.65 -68.90 -8.53
C GLU A 4122 37.53 -68.13 -7.86
N GLY A 4123 37.57 -68.01 -6.53
CA GLY A 4123 36.52 -67.29 -5.83
C GLY A 4123 36.64 -65.78 -5.91
N TRP A 4124 37.79 -65.26 -6.34
CA TRP A 4124 37.95 -63.82 -6.44
C TRP A 4124 37.09 -63.24 -7.56
N GLU A 4125 36.71 -64.09 -8.53
CA GLU A 4125 35.84 -63.75 -9.65
C GLU A 4125 36.47 -62.68 -10.53
N PRO A 4126 37.54 -63.03 -11.26
CA PRO A 4126 38.22 -62.02 -12.09
C PRO A 4126 37.45 -61.58 -13.31
N TRP A 4127 36.29 -62.16 -13.59
CA TRP A 4127 35.53 -61.79 -14.79
C TRP A 4127 34.47 -60.74 -14.53
N MET A 4128 34.33 -60.26 -13.29
CA MET A 4128 33.21 -59.41 -12.93
C MET A 4128 33.54 -58.56 -11.71
N LYS B 31 -18.58 32.84 -40.15
CA LYS B 31 -17.48 32.09 -39.57
C LYS B 31 -16.27 33.01 -39.34
N TYR B 32 -15.60 32.85 -38.21
CA TYR B 32 -14.44 33.67 -37.88
C TYR B 32 -13.14 32.87 -37.86
N SER B 33 -13.07 31.81 -37.06
CA SER B 33 -11.88 30.97 -37.06
C SER B 33 -11.96 30.02 -38.24
N GLY B 34 -12.20 30.59 -39.41
CA GLY B 34 -12.45 29.81 -40.60
C GLY B 34 -11.60 30.28 -41.75
N ARG B 35 -10.75 29.40 -42.25
CA ARG B 35 -9.86 29.79 -43.32
C ARG B 35 -10.23 29.09 -44.61
N ASP B 36 -10.37 29.88 -45.67
CA ASP B 36 -10.66 29.31 -46.98
C ASP B 36 -9.38 28.75 -47.58
N SER B 37 -9.54 27.90 -48.60
CA SER B 37 -8.41 27.12 -49.05
C SER B 37 -8.53 26.85 -50.54
N LEU B 38 -7.38 26.62 -51.16
CA LEU B 38 -7.25 26.35 -52.58
C LEU B 38 -6.36 25.12 -52.79
N ILE B 39 -6.88 24.14 -53.52
CA ILE B 39 -6.05 23.08 -54.09
C ILE B 39 -5.89 23.38 -55.57
N PHE B 40 -4.64 23.39 -56.03
CA PHE B 40 -4.33 23.67 -57.42
C PHE B 40 -4.09 22.35 -58.14
N LEU B 41 -4.92 22.07 -59.14
CA LEU B 41 -4.82 20.84 -59.91
C LEU B 41 -4.43 21.24 -61.33
N VAL B 42 -3.13 21.19 -61.61
CA VAL B 42 -2.56 21.69 -62.84
C VAL B 42 -2.37 20.53 -63.80
N ASP B 43 -2.97 20.64 -64.99
CA ASP B 43 -2.80 19.61 -66.00
C ASP B 43 -1.41 19.70 -66.61
N ALA B 44 -0.79 18.53 -66.81
CA ALA B 44 0.40 18.45 -67.67
C ALA B 44 0.36 17.10 -68.37
N SER B 45 -0.29 17.06 -69.55
CA SER B 45 -0.36 15.81 -70.30
C SER B 45 0.25 15.92 -71.69
N LYS B 46 -0.34 16.70 -72.60
CA LYS B 46 0.19 16.68 -73.97
C LYS B 46 0.33 18.05 -74.61
N ALA B 47 -0.62 18.95 -74.38
CA ALA B 47 -0.64 20.24 -75.05
C ALA B 47 -0.63 21.41 -74.10
N MET B 48 -1.13 21.25 -72.88
CA MET B 48 -0.88 22.27 -71.87
C MET B 48 0.60 22.41 -71.60
N PHE B 49 1.37 21.34 -71.81
CA PHE B 49 2.82 21.37 -71.69
C PHE B 49 3.48 22.06 -72.88
N GLU B 50 2.90 21.91 -74.07
CA GLU B 50 3.59 22.23 -75.30
C GLU B 50 3.18 23.62 -75.81
N SER B 51 4.16 24.32 -76.38
CA SER B 51 3.93 25.64 -76.98
C SER B 51 2.76 25.64 -77.94
N GLN B 52 2.58 24.56 -78.70
CA GLN B 52 1.45 24.40 -79.63
C GLN B 52 1.41 25.55 -80.64
N SER B 53 2.52 25.75 -81.35
CA SER B 53 2.64 26.71 -82.44
C SER B 53 2.39 28.15 -81.99
N GLU B 54 2.36 28.40 -80.68
CA GLU B 54 2.14 29.73 -80.14
C GLU B 54 3.42 30.21 -79.47
N ASP B 55 3.88 31.40 -79.87
CA ASP B 55 5.14 31.97 -79.39
C ASP B 55 4.94 32.97 -78.26
N GLU B 56 3.94 32.78 -77.41
CA GLU B 56 3.67 33.71 -76.32
C GLU B 56 3.95 33.11 -74.95
N LEU B 57 3.30 31.99 -74.60
CA LEU B 57 3.52 31.31 -73.34
C LEU B 57 2.82 29.96 -73.33
N THR B 58 3.54 28.90 -72.98
CA THR B 58 2.91 27.60 -72.90
C THR B 58 1.92 27.57 -71.73
N PRO B 59 0.76 26.93 -71.89
CA PRO B 59 -0.25 26.97 -70.83
C PRO B 59 0.15 26.30 -69.52
N PHE B 60 1.08 25.33 -69.53
CA PHE B 60 1.62 24.84 -68.27
C PHE B 60 2.36 25.95 -67.53
N ASP B 61 3.25 26.65 -68.25
CA ASP B 61 3.89 27.81 -67.65
C ASP B 61 2.88 28.88 -67.29
N MET B 62 1.82 29.05 -68.09
CA MET B 62 0.80 30.03 -67.75
C MET B 62 0.14 29.70 -66.42
N SER B 63 -0.16 28.42 -66.19
CA SER B 63 -0.74 28.02 -64.91
C SER B 63 0.27 28.22 -63.78
N ILE B 64 1.54 27.96 -64.03
CA ILE B 64 2.55 28.17 -62.99
C ILE B 64 2.63 29.66 -62.63
N GLN B 65 2.60 30.54 -63.62
CA GLN B 65 2.53 31.98 -63.35
C GLN B 65 1.30 32.30 -62.53
N CYS B 66 0.18 31.67 -62.88
CA CYS B 66 -1.07 31.91 -62.18
C CYS B 66 -0.96 31.56 -60.70
N ILE B 67 -0.38 30.40 -60.41
CA ILE B 67 -0.23 29.96 -59.02
C ILE B 67 0.76 30.85 -58.28
N GLN B 68 1.84 31.24 -58.96
CA GLN B 68 2.79 32.20 -58.38
C GLN B 68 2.07 33.46 -57.94
N SER B 69 1.23 34.00 -58.82
CA SER B 69 0.47 35.20 -58.49
C SER B 69 -0.45 34.95 -57.31
N VAL B 70 -1.09 33.79 -57.26
CA VAL B 70 -1.98 33.48 -56.14
C VAL B 70 -1.21 33.52 -54.83
N TYR B 71 -0.07 32.83 -54.77
CA TYR B 71 0.70 32.81 -53.53
C TYR B 71 1.17 34.21 -53.15
N ILE B 72 1.71 34.97 -54.11
CA ILE B 72 2.13 36.34 -53.81
C ILE B 72 0.98 37.13 -53.21
N SER B 73 -0.20 37.02 -53.81
CA SER B 73 -1.35 37.78 -53.33
C SER B 73 -1.75 37.35 -51.92
N LYS B 74 -1.76 36.05 -51.66
CA LYS B 74 -2.31 35.55 -50.40
C LYS B 74 -1.35 35.74 -49.25
N ILE B 75 -0.11 35.32 -49.42
CA ILE B 75 0.88 35.35 -48.35
C ILE B 75 1.06 36.75 -47.76
N ILE B 76 0.52 37.77 -48.41
CA ILE B 76 0.62 39.12 -47.89
C ILE B 76 -0.74 39.79 -47.77
N SER B 77 -1.79 39.21 -48.33
CA SER B 77 -3.15 39.72 -48.16
C SER B 77 -4.00 38.82 -47.27
N SER B 78 -3.81 37.51 -47.37
CA SER B 78 -4.60 36.54 -46.62
C SER B 78 -3.70 35.48 -46.02
N ASP B 79 -2.66 35.93 -45.31
CA ASP B 79 -1.57 35.04 -44.93
C ASP B 79 -1.95 34.14 -43.75
N ARG B 80 -3.08 33.47 -43.86
CA ARG B 80 -3.44 32.43 -42.92
C ARG B 80 -4.08 31.21 -43.59
N ASP B 81 -4.29 31.23 -44.91
CA ASP B 81 -5.08 30.21 -45.58
C ASP B 81 -4.26 28.95 -45.82
N LEU B 82 -4.90 27.96 -46.43
CA LEU B 82 -4.27 26.71 -46.80
C LEU B 82 -4.20 26.60 -48.32
N LEU B 83 -3.00 26.37 -48.85
CA LEU B 83 -2.78 26.27 -50.28
C LEU B 83 -2.06 24.97 -50.59
N ALA B 84 -2.34 24.43 -51.77
CA ALA B 84 -1.72 23.18 -52.19
C ALA B 84 -1.68 23.12 -53.70
N VAL B 85 -0.58 22.59 -54.24
CA VAL B 85 -0.41 22.39 -55.67
C VAL B 85 -0.23 20.90 -55.93
N VAL B 86 -1.00 20.38 -56.87
CA VAL B 86 -0.95 18.98 -57.29
C VAL B 86 -1.01 18.93 -58.81
N PHE B 87 -0.12 18.15 -59.42
CA PHE B 87 -0.09 17.96 -60.85
C PHE B 87 -0.55 16.54 -61.16
N TYR B 88 -1.35 16.38 -62.20
CA TYR B 88 -1.84 15.07 -62.59
C TYR B 88 -1.49 14.79 -64.05
N GLY B 89 -1.68 13.54 -64.46
CA GLY B 89 -1.23 13.12 -65.76
C GLY B 89 0.27 13.07 -65.92
N THR B 90 1.00 12.71 -64.86
CA THR B 90 2.44 12.70 -64.91
C THR B 90 2.96 11.30 -64.63
N GLU B 91 4.15 11.01 -65.18
CA GLU B 91 4.71 9.66 -65.03
C GLU B 91 4.95 9.31 -63.57
N LYS B 92 5.56 10.22 -62.81
CA LYS B 92 5.77 9.97 -61.39
C LYS B 92 4.46 10.19 -60.63
N ASP B 93 4.40 9.72 -59.38
CA ASP B 93 3.14 9.69 -58.66
C ASP B 93 3.39 9.71 -57.16
N LYS B 94 3.16 10.87 -56.53
CA LYS B 94 3.28 11.01 -55.08
C LYS B 94 1.93 11.42 -54.50
N ASN B 95 1.34 10.56 -53.67
CA ASN B 95 0.12 10.88 -52.95
C ASN B 95 0.00 9.92 -51.78
N SER B 96 -0.91 10.25 -50.85
CA SER B 96 -1.03 9.49 -49.62
C SER B 96 -1.44 8.04 -49.85
N VAL B 97 -2.21 7.74 -50.90
CA VAL B 97 -2.74 6.41 -51.13
C VAL B 97 -2.03 5.68 -52.25
N ASN B 98 -1.10 6.33 -52.95
CA ASN B 98 -0.39 5.73 -54.08
C ASN B 98 -1.34 5.30 -55.19
N PHE B 99 -2.04 6.26 -55.76
CA PHE B 99 -2.64 6.08 -57.08
C PHE B 99 -1.69 6.61 -58.14
N LYS B 100 -1.72 5.98 -59.30
CA LYS B 100 -0.77 6.33 -60.35
C LYS B 100 -1.10 7.69 -60.93
N ASN B 101 -0.07 8.33 -61.48
CA ASN B 101 -0.14 9.57 -62.27
C ASN B 101 -0.43 10.81 -61.43
N ILE B 102 -0.55 10.70 -60.12
CA ILE B 102 -0.96 11.82 -59.27
C ILE B 102 0.22 12.18 -58.39
N TYR B 103 0.70 13.41 -58.52
CA TYR B 103 1.86 13.89 -57.76
C TYR B 103 1.46 15.12 -56.98
N VAL B 104 1.24 14.94 -55.67
CA VAL B 104 0.91 16.04 -54.78
C VAL B 104 2.21 16.78 -54.48
N LEU B 105 2.44 17.87 -55.19
CA LEU B 105 3.65 18.66 -54.96
C LEU B 105 3.66 19.15 -53.52
N GLN B 106 2.67 19.95 -53.15
CA GLN B 106 2.56 20.45 -51.79
C GLN B 106 1.20 20.11 -51.20
N GLU B 107 1.17 19.83 -49.90
CA GLU B 107 -0.06 19.64 -49.17
C GLU B 107 -0.54 20.97 -48.60
N LEU B 108 -1.78 20.98 -48.12
CA LEU B 108 -2.39 22.20 -47.61
C LEU B 108 -1.64 22.74 -46.42
N ASP B 109 -1.01 23.91 -46.58
CA ASP B 109 -0.31 24.58 -45.50
C ASP B 109 -0.27 26.06 -45.82
N ASN B 110 0.19 26.84 -44.84
CA ASN B 110 0.22 28.27 -45.00
C ASN B 110 1.18 28.67 -46.12
N PRO B 111 0.83 29.70 -46.88
CA PRO B 111 1.75 30.17 -47.92
C PRO B 111 3.06 30.66 -47.32
N GLY B 112 4.15 30.23 -47.93
CA GLY B 112 5.48 30.65 -47.51
C GLY B 112 6.28 31.16 -48.68
N ALA B 113 7.42 31.76 -48.36
CA ALA B 113 8.38 32.12 -49.42
C ALA B 113 9.03 30.86 -49.99
N LYS B 114 9.25 29.85 -49.14
CA LYS B 114 9.90 28.63 -49.59
C LYS B 114 9.06 27.87 -50.60
N ARG B 115 7.74 27.82 -50.40
CA ARG B 115 6.89 27.08 -51.33
C ARG B 115 6.81 27.77 -52.69
N ILE B 116 6.78 29.10 -52.70
CA ILE B 116 6.72 29.79 -53.98
C ILE B 116 8.08 29.74 -54.67
N LEU B 117 9.17 29.71 -53.90
CA LEU B 117 10.48 29.47 -54.50
C LEU B 117 10.56 28.09 -55.11
N GLU B 118 10.09 27.06 -54.39
CA GLU B 118 10.08 25.71 -54.92
C GLU B 118 9.24 25.61 -56.18
N LEU B 119 8.13 26.35 -56.24
CA LEU B 119 7.28 26.34 -57.41
C LEU B 119 7.83 27.20 -58.56
N ASP B 120 8.75 28.10 -58.26
CA ASP B 120 9.36 28.97 -59.26
C ASP B 120 10.17 28.22 -60.31
N GLN B 121 10.71 27.06 -59.97
CA GLN B 121 11.70 26.39 -60.80
C GLN B 121 11.10 25.65 -61.99
N PHE B 122 9.86 25.93 -62.35
CA PHE B 122 9.17 25.32 -63.49
C PHE B 122 8.64 26.41 -64.42
N LYS B 123 9.51 27.36 -64.76
CA LYS B 123 9.19 28.46 -65.65
C LYS B 123 10.10 28.44 -66.86
N GLY B 124 9.53 28.72 -68.04
CA GLY B 124 10.31 28.77 -69.26
C GLY B 124 10.56 27.38 -69.84
N GLN B 125 11.38 27.36 -70.89
CA GLN B 125 11.79 26.08 -71.48
C GLN B 125 12.63 25.28 -70.48
N GLN B 126 13.55 25.95 -69.80
CA GLN B 126 14.30 25.28 -68.74
C GLN B 126 13.37 24.80 -67.63
N GLY B 127 12.29 25.55 -67.38
CA GLY B 127 11.31 25.09 -66.41
C GLY B 127 10.58 23.85 -66.86
N GLN B 128 10.19 23.80 -68.13
CA GLN B 128 9.54 22.60 -68.66
C GLN B 128 10.47 21.40 -68.56
N LYS B 129 11.75 21.58 -68.90
CA LYS B 129 12.67 20.45 -68.81
C LYS B 129 12.96 20.06 -67.36
N ARG B 130 12.91 21.03 -66.44
CA ARG B 130 13.10 20.71 -65.02
C ARG B 130 11.91 19.92 -64.48
N PHE B 131 10.70 20.31 -64.86
CA PHE B 131 9.53 19.51 -64.51
C PHE B 131 9.62 18.12 -65.11
N GLN B 132 10.09 18.01 -66.36
CA GLN B 132 10.30 16.69 -66.96
C GLN B 132 11.28 15.85 -66.15
N ASP B 133 12.45 16.40 -65.83
CA ASP B 133 13.43 15.57 -65.15
C ASP B 133 13.02 15.26 -63.71
N MET B 134 12.12 16.04 -63.12
CA MET B 134 11.63 15.66 -61.80
C MET B 134 10.30 14.91 -61.83
N MET B 135 9.31 15.37 -62.59
CA MET B 135 8.03 14.66 -62.72
C MET B 135 7.74 14.16 -64.12
N GLY B 136 7.75 15.01 -65.14
CA GLY B 136 7.63 14.52 -66.49
C GLY B 136 6.22 14.46 -67.07
N HIS B 137 5.96 15.24 -68.13
CA HIS B 137 4.64 15.26 -68.74
C HIS B 137 4.36 13.95 -69.47
N GLY B 138 3.11 13.79 -69.88
CA GLY B 138 2.73 12.72 -70.78
C GLY B 138 2.46 11.46 -70.02
N SER B 139 1.23 10.94 -70.10
CA SER B 139 0.86 9.73 -69.37
C SER B 139 -0.58 9.39 -69.72
N ASP B 140 -0.98 8.18 -69.35
CA ASP B 140 -2.39 7.82 -69.29
C ASP B 140 -2.99 8.50 -68.07
N TYR B 141 -3.23 9.81 -68.22
CA TYR B 141 -3.68 10.66 -67.12
C TYR B 141 -4.91 10.07 -66.46
N SER B 142 -4.83 9.85 -65.17
CA SER B 142 -5.92 9.21 -64.46
C SER B 142 -7.10 10.18 -64.39
N LEU B 143 -8.13 9.77 -63.68
CA LEU B 143 -9.43 10.42 -63.68
C LEU B 143 -9.88 10.49 -62.23
N SER B 144 -11.19 10.44 -61.98
CA SER B 144 -11.84 10.73 -60.71
C SER B 144 -10.92 10.51 -59.50
N GLU B 145 -10.12 9.44 -59.53
CA GLU B 145 -9.05 9.30 -58.55
C GLU B 145 -8.30 10.61 -58.35
N VAL B 146 -8.06 11.38 -59.42
CA VAL B 146 -7.39 12.67 -59.27
C VAL B 146 -8.20 13.58 -58.34
N LEU B 147 -9.49 13.75 -58.61
CA LEU B 147 -10.35 14.51 -57.72
C LEU B 147 -10.38 13.87 -56.34
N TRP B 148 -10.32 12.53 -56.30
CA TRP B 148 -10.24 11.83 -55.03
C TRP B 148 -9.14 12.39 -54.16
N VAL B 149 -7.93 12.55 -54.73
CA VAL B 149 -6.82 13.06 -53.94
C VAL B 149 -7.16 14.41 -53.37
N CYS B 150 -7.75 15.28 -54.18
CA CYS B 150 -8.15 16.59 -53.71
C CYS B 150 -9.03 16.47 -52.47
N ALA B 151 -10.04 15.59 -52.54
CA ALA B 151 -10.90 15.37 -51.38
C ALA B 151 -10.07 15.05 -50.15
N ASN B 152 -9.18 14.06 -50.25
CA ASN B 152 -8.40 13.69 -49.09
C ASN B 152 -7.50 14.82 -48.63
N LEU B 153 -6.96 15.59 -49.56
CA LEU B 153 -6.11 16.71 -49.16
C LEU B 153 -6.90 17.68 -48.30
N PHE B 154 -8.20 17.83 -48.58
CA PHE B 154 -9.06 18.60 -47.70
C PHE B 154 -9.39 17.82 -46.44
N SER B 155 -9.71 16.54 -46.59
CA SER B 155 -10.13 15.73 -45.46
C SER B 155 -9.05 15.66 -44.39
N ASP B 156 -7.85 15.24 -44.78
CA ASP B 156 -6.78 15.02 -43.80
C ASP B 156 -6.09 16.31 -43.42
N VAL B 157 -6.86 17.29 -42.96
CA VAL B 157 -6.34 18.49 -42.31
C VAL B 157 -7.16 18.69 -41.03
N GLN B 158 -6.58 19.38 -40.06
CA GLN B 158 -7.20 19.50 -38.74
C GLN B 158 -7.60 20.93 -38.43
N PHE B 159 -7.91 21.70 -39.48
CA PHE B 159 -8.34 23.07 -39.31
C PHE B 159 -9.82 23.19 -39.63
N LYS B 160 -10.36 24.40 -39.63
CA LYS B 160 -11.76 24.65 -39.97
C LYS B 160 -11.79 25.43 -41.27
N MET B 161 -12.43 24.85 -42.30
CA MET B 161 -12.44 25.41 -43.64
C MET B 161 -13.78 26.08 -43.91
N SER B 162 -13.79 27.41 -43.96
CA SER B 162 -14.97 28.12 -44.43
C SER B 162 -15.34 27.68 -45.84
N HIS B 163 -14.42 27.88 -46.78
CA HIS B 163 -14.64 27.53 -48.17
C HIS B 163 -13.59 26.52 -48.61
N LYS B 164 -13.99 25.64 -49.52
CA LYS B 164 -13.07 24.68 -50.13
C LYS B 164 -13.33 24.70 -51.62
N ARG B 165 -12.27 24.88 -52.41
CA ARG B 165 -12.41 24.87 -53.85
C ARG B 165 -11.12 24.36 -54.49
N ILE B 166 -11.26 23.78 -55.67
CA ILE B 166 -10.16 23.22 -56.44
C ILE B 166 -10.09 23.98 -57.75
N MET B 167 -9.01 24.73 -57.96
CA MET B 167 -8.76 25.35 -59.24
C MET B 167 -8.17 24.30 -60.19
N LEU B 168 -8.77 24.16 -61.36
CA LEU B 168 -8.41 23.08 -62.29
C LEU B 168 -7.89 23.72 -63.58
N PHE B 169 -6.57 23.83 -63.70
CA PHE B 169 -5.95 24.44 -64.86
C PHE B 169 -5.76 23.38 -65.94
N THR B 170 -6.56 23.44 -67.00
CA THR B 170 -6.41 22.47 -68.06
C THR B 170 -6.89 23.06 -69.38
N ASN B 171 -6.33 22.54 -70.47
CA ASN B 171 -6.84 22.78 -71.81
C ASN B 171 -7.61 21.59 -72.35
N GLU B 172 -7.27 20.37 -71.92
CA GLU B 172 -8.01 19.19 -72.32
C GLU B 172 -9.42 19.28 -71.74
N ASP B 173 -10.39 19.58 -72.60
CA ASP B 173 -11.75 19.83 -72.14
C ASP B 173 -12.75 18.78 -72.62
N ASN B 174 -12.30 17.78 -73.37
CA ASN B 174 -13.14 16.65 -73.75
C ASN B 174 -12.38 15.35 -73.50
N PRO B 175 -12.04 15.08 -72.24
CA PRO B 175 -11.00 14.07 -71.95
C PRO B 175 -11.45 12.64 -72.16
N HIS B 176 -12.61 12.42 -72.75
CA HIS B 176 -13.13 11.06 -72.91
C HIS B 176 -13.73 10.82 -74.29
N GLY B 177 -12.97 11.16 -75.34
CA GLY B 177 -13.35 10.73 -76.67
C GLY B 177 -13.18 9.24 -76.91
N ASN B 178 -12.64 8.51 -75.94
CA ASN B 178 -12.35 7.08 -76.09
C ASN B 178 -12.94 6.21 -74.99
N ASP B 179 -12.96 6.67 -73.74
CA ASP B 179 -13.40 5.87 -72.61
C ASP B 179 -14.67 6.45 -72.00
N SER B 180 -15.68 5.60 -71.83
CA SER B 180 -16.95 6.03 -71.25
C SER B 180 -17.11 5.63 -69.80
N ALA B 181 -16.39 4.60 -69.34
CA ALA B 181 -16.46 4.22 -67.93
C ALA B 181 -15.79 5.26 -67.04
N LYS B 182 -14.61 5.73 -67.45
CA LYS B 182 -13.89 6.69 -66.63
C LYS B 182 -14.62 8.02 -66.56
N ALA B 183 -15.33 8.39 -67.62
CA ALA B 183 -16.15 9.60 -67.56
C ALA B 183 -17.23 9.48 -66.50
N SER B 184 -17.90 8.32 -66.44
CA SER B 184 -18.95 8.13 -65.44
C SER B 184 -18.36 8.11 -64.04
N ARG B 185 -17.20 7.49 -63.87
CA ARG B 185 -16.58 7.49 -62.54
C ARG B 185 -16.17 8.90 -62.12
N ALA B 186 -15.66 9.71 -63.05
CA ALA B 186 -15.35 11.10 -62.75
C ALA B 186 -16.60 11.87 -62.37
N ARG B 187 -17.70 11.62 -63.07
CA ARG B 187 -18.95 12.33 -62.77
C ARG B 187 -19.45 11.98 -61.37
N THR B 188 -19.45 10.68 -61.04
CA THR B 188 -19.84 10.27 -59.70
C THR B 188 -18.96 10.92 -58.65
N LYS B 189 -17.64 10.86 -58.82
CA LYS B 189 -16.76 11.43 -57.80
C LYS B 189 -16.89 12.95 -57.71
N ALA B 190 -17.26 13.62 -58.79
CA ALA B 190 -17.44 15.06 -58.70
C ALA B 190 -18.70 15.42 -57.93
N GLY B 191 -19.78 14.64 -58.12
CA GLY B 191 -20.92 14.78 -57.25
C GLY B 191 -20.58 14.44 -55.80
N ASP B 192 -19.75 13.42 -55.62
CA ASP B 192 -19.25 13.02 -54.31
C ASP B 192 -18.49 14.15 -53.64
N LEU B 193 -17.83 14.99 -54.44
CA LEU B 193 -17.07 16.10 -53.87
C LEU B 193 -17.96 17.30 -53.59
N ARG B 194 -18.94 17.56 -54.47
CA ARG B 194 -19.81 18.70 -54.19
C ARG B 194 -20.77 18.39 -53.05
N ASP B 195 -20.95 17.11 -52.70
CA ASP B 195 -21.70 16.79 -51.49
C ASP B 195 -21.06 17.42 -50.27
N THR B 196 -19.74 17.27 -50.11
CA THR B 196 -19.03 17.68 -48.90
C THR B 196 -18.55 19.12 -48.95
N GLY B 197 -19.14 19.96 -49.80
CA GLY B 197 -18.81 21.37 -49.79
C GLY B 197 -17.60 21.76 -50.62
N ILE B 198 -17.20 20.93 -51.57
CA ILE B 198 -16.03 21.18 -52.41
C ILE B 198 -16.52 21.69 -53.75
N PHE B 199 -16.10 22.88 -54.13
CA PHE B 199 -16.56 23.55 -55.34
C PHE B 199 -15.44 23.56 -56.36
N LEU B 200 -15.60 22.81 -57.45
CA LEU B 200 -14.69 22.92 -58.58
C LEU B 200 -14.98 24.19 -59.36
N ASP B 201 -13.92 24.92 -59.71
CA ASP B 201 -14.00 26.09 -60.57
C ASP B 201 -12.75 26.08 -61.43
N LEU B 202 -12.86 25.60 -62.67
CA LEU B 202 -11.66 25.40 -63.47
C LEU B 202 -11.30 26.69 -64.18
N MET B 203 -10.14 27.25 -63.84
CA MET B 203 -9.55 28.27 -64.69
C MET B 203 -9.04 27.59 -65.95
N HIS B 204 -8.98 28.33 -67.05
CA HIS B 204 -9.14 27.73 -68.36
C HIS B 204 -7.95 28.05 -69.26
N LEU B 205 -7.08 27.07 -69.46
CA LEU B 205 -6.05 27.13 -70.49
C LEU B 205 -6.71 27.05 -71.86
N LYS B 206 -5.92 27.27 -72.90
CA LYS B 206 -6.46 27.43 -74.25
C LYS B 206 -5.72 26.57 -75.25
N LYS B 207 -6.44 26.13 -76.27
CA LYS B 207 -5.87 25.44 -77.43
C LYS B 207 -5.24 26.43 -78.42
N PRO B 208 -5.91 27.52 -78.80
CA PRO B 208 -5.26 28.50 -79.68
C PRO B 208 -4.59 29.66 -78.96
N GLY B 209 -4.74 29.77 -77.64
CA GLY B 209 -4.23 30.90 -76.90
C GLY B 209 -5.34 31.72 -76.31
N GLY B 210 -6.41 31.93 -77.07
CA GLY B 210 -7.63 32.53 -76.59
C GLY B 210 -8.78 31.54 -76.58
N PHE B 211 -9.98 32.08 -76.42
CA PHE B 211 -11.16 31.23 -76.31
C PHE B 211 -11.64 30.80 -77.69
N ASP B 212 -11.67 29.48 -77.91
CA ASP B 212 -12.52 28.86 -78.91
C ASP B 212 -13.20 27.60 -78.41
N ILE B 213 -12.75 27.04 -77.28
CA ILE B 213 -13.28 25.76 -76.79
C ILE B 213 -14.52 26.09 -75.97
N SER B 214 -15.68 26.03 -76.63
CA SER B 214 -16.97 26.09 -75.95
C SER B 214 -17.38 24.66 -75.63
N LEU B 215 -17.08 24.21 -74.41
CA LEU B 215 -17.24 22.80 -74.09
C LEU B 215 -18.12 22.59 -72.86
N PHE B 216 -18.32 21.32 -72.51
CA PHE B 216 -19.52 20.86 -71.83
C PHE B 216 -19.34 20.36 -70.40
N TYR B 217 -18.15 20.50 -69.80
CA TYR B 217 -18.09 20.20 -68.38
C TYR B 217 -18.69 21.34 -67.57
N ARG B 218 -20.01 21.48 -67.64
CA ARG B 218 -20.75 22.46 -66.85
C ARG B 218 -21.28 21.85 -65.57
N ASP B 219 -21.52 20.54 -65.55
CA ASP B 219 -21.96 19.87 -64.34
C ASP B 219 -20.83 19.68 -63.35
N ILE B 220 -19.64 19.34 -63.84
CA ILE B 220 -18.49 19.14 -62.98
C ILE B 220 -18.14 20.43 -62.25
N ILE B 221 -18.14 21.56 -62.97
CA ILE B 221 -17.92 22.86 -62.35
C ILE B 221 -19.22 23.34 -61.72
N SER B 222 -19.09 24.31 -60.81
CA SER B 222 -20.24 25.03 -60.29
C SER B 222 -20.99 25.73 -61.43
N SER B 237 -9.49 31.23 -69.29
CA SER B 237 -10.68 32.06 -69.41
C SER B 237 -10.33 33.49 -69.07
N LYS B 238 -10.73 33.92 -67.88
CA LYS B 238 -10.33 35.20 -67.32
C LYS B 238 -9.42 34.89 -66.13
N LEU B 239 -8.15 34.63 -66.42
CA LEU B 239 -7.12 34.49 -65.40
C LEU B 239 -6.43 35.81 -65.10
N GLU B 240 -6.70 36.86 -65.89
CA GLU B 240 -6.04 38.13 -65.68
C GLU B 240 -6.46 38.78 -64.37
N ASP B 241 -7.71 38.56 -63.95
CA ASP B 241 -8.12 39.04 -62.63
C ASP B 241 -7.35 38.31 -61.54
N LEU B 242 -6.99 37.06 -61.80
CA LEU B 242 -6.36 36.20 -60.81
C LEU B 242 -4.84 36.20 -60.96
N LEU B 243 -4.29 37.05 -61.83
CA LEU B 243 -2.86 37.21 -62.01
C LEU B 243 -2.34 38.54 -61.48
N ARG B 244 -3.11 39.62 -61.54
CA ARG B 244 -2.59 40.94 -61.22
C ARG B 244 -3.29 41.61 -60.04
N LYS B 245 -4.62 41.69 -60.03
CA LYS B 245 -5.33 42.64 -59.18
C LYS B 245 -5.72 42.05 -57.83
N VAL B 246 -4.81 41.32 -57.19
CA VAL B 246 -5.02 40.84 -55.82
C VAL B 246 -3.79 41.23 -55.02
N ARG B 247 -3.19 42.37 -55.38
CA ARG B 247 -1.82 42.67 -54.96
C ARG B 247 -1.68 42.72 -53.44
N ALA B 248 -2.62 43.36 -52.76
CA ALA B 248 -2.52 43.48 -51.30
C ALA B 248 -3.87 43.85 -50.70
N LYS B 249 -4.31 43.07 -49.73
CA LYS B 249 -5.57 43.29 -49.02
C LYS B 249 -5.35 42.80 -47.60
N GLU B 250 -6.46 42.57 -46.89
CA GLU B 250 -6.44 41.83 -45.64
C GLU B 250 -7.84 41.25 -45.43
N THR B 251 -7.93 40.23 -44.58
CA THR B 251 -9.17 39.49 -44.41
C THR B 251 -9.51 39.36 -42.93
N ARG B 252 -10.79 39.57 -42.62
CA ARG B 252 -11.28 39.57 -41.24
C ARG B 252 -12.79 39.81 -41.27
N LYS B 253 -13.41 39.68 -40.09
CA LYS B 253 -14.58 40.49 -39.73
C LYS B 253 -14.78 40.32 -38.24
N ARG B 254 -14.89 41.42 -37.51
CA ARG B 254 -14.92 41.38 -36.05
C ARG B 254 -15.61 42.63 -35.56
N ALA B 255 -15.96 42.61 -34.27
CA ALA B 255 -17.00 43.51 -33.80
C ALA B 255 -16.45 44.81 -33.22
N LEU B 256 -15.22 44.80 -32.71
CA LEU B 256 -14.57 45.97 -32.12
C LEU B 256 -15.26 46.43 -30.84
N SER B 257 -16.51 46.01 -30.61
CA SER B 257 -17.25 46.33 -29.40
C SER B 257 -18.57 45.56 -29.36
N ARG B 258 -19.07 45.29 -28.15
CA ARG B 258 -20.41 44.75 -27.94
C ARG B 258 -20.99 45.57 -26.79
N LEU B 259 -21.59 46.69 -27.14
CA LEU B 259 -22.00 47.70 -26.18
C LEU B 259 -23.51 47.76 -26.07
N LYS B 260 -23.97 48.54 -25.09
CA LYS B 260 -25.38 48.83 -24.88
C LYS B 260 -25.65 50.27 -25.28
N LEU B 261 -26.74 50.50 -25.98
CA LEU B 261 -27.23 51.86 -26.15
C LEU B 261 -28.48 52.01 -25.28
N LYS B 262 -28.45 52.96 -24.36
CA LYS B 262 -29.50 53.12 -23.38
C LYS B 262 -30.34 54.34 -23.70
N LEU B 263 -31.66 54.16 -23.70
CA LEU B 263 -32.59 55.17 -24.16
C LEU B 263 -33.02 56.09 -23.02
N ASN B 264 -33.68 55.54 -22.01
CA ASN B 264 -34.03 56.38 -20.87
C ASN B 264 -33.18 56.12 -19.63
N LYS B 265 -33.35 54.97 -18.97
CA LYS B 265 -32.41 54.53 -17.95
C LYS B 265 -32.29 53.02 -17.92
N ASP B 266 -33.30 52.34 -18.48
CA ASP B 266 -33.38 50.88 -18.32
C ASP B 266 -33.74 50.14 -19.60
N ILE B 267 -34.24 50.81 -20.62
CA ILE B 267 -34.52 50.14 -21.90
C ILE B 267 -33.24 50.25 -22.73
N VAL B 268 -32.34 49.31 -22.47
CA VAL B 268 -31.03 49.25 -23.11
C VAL B 268 -31.09 48.24 -24.24
N ILE B 269 -30.33 48.50 -25.29
CA ILE B 269 -30.37 47.70 -26.51
C ILE B 269 -28.96 47.21 -26.81
N SER B 270 -28.86 46.02 -27.39
CA SER B 270 -27.60 45.33 -27.60
C SER B 270 -27.05 45.64 -28.98
N VAL B 271 -26.08 46.55 -29.06
CA VAL B 271 -25.52 46.99 -30.32
C VAL B 271 -24.06 46.54 -30.39
N GLY B 272 -23.59 46.30 -31.61
CA GLY B 272 -22.17 46.12 -31.87
C GLY B 272 -21.70 47.29 -32.72
N ILE B 273 -20.42 47.63 -32.61
CA ILE B 273 -19.87 48.82 -33.23
C ILE B 273 -18.68 48.38 -34.09
N TYR B 274 -18.95 48.09 -35.36
CA TYR B 274 -17.91 47.70 -36.31
C TYR B 274 -17.32 48.95 -36.95
N ASN B 275 -16.24 48.75 -37.70
CA ASN B 275 -15.70 49.78 -38.57
C ASN B 275 -15.52 49.23 -39.98
N LEU B 276 -16.03 49.97 -40.95
CA LEU B 276 -15.92 49.57 -42.35
C LEU B 276 -14.72 50.19 -43.04
N VAL B 277 -14.04 51.13 -42.40
CA VAL B 277 -12.90 51.83 -42.96
C VAL B 277 -11.83 51.94 -41.87
N GLN B 278 -10.60 51.54 -42.19
CA GLN B 278 -9.64 51.24 -41.13
C GLN B 278 -8.36 52.05 -41.13
N LYS B 279 -7.77 52.28 -42.31
CA LYS B 279 -6.35 52.63 -42.45
C LYS B 279 -5.41 51.51 -42.04
N ALA B 280 -5.44 50.40 -42.75
CA ALA B 280 -4.44 49.35 -42.58
C ALA B 280 -3.05 49.89 -42.91
N LEU B 281 -2.04 49.36 -42.22
CA LEU B 281 -0.69 49.91 -42.27
C LEU B 281 0.30 48.78 -42.07
N LYS B 282 1.58 49.12 -42.25
CA LYS B 282 2.61 48.09 -42.40
C LYS B 282 2.74 47.25 -41.14
N PRO B 283 2.92 45.94 -41.28
CA PRO B 283 2.94 45.04 -40.12
C PRO B 283 4.06 45.38 -39.15
N PRO B 284 4.06 44.78 -37.96
CA PRO B 284 5.07 45.12 -36.96
C PRO B 284 6.44 44.59 -37.34
N PRO B 285 7.48 45.39 -37.16
CA PRO B 285 8.86 44.95 -37.42
C PRO B 285 9.51 44.16 -36.29
N ILE B 286 9.34 42.83 -36.24
CA ILE B 286 10.00 41.99 -35.24
C ILE B 286 11.51 42.20 -35.29
N LYS B 287 12.19 42.01 -34.15
CA LYS B 287 13.63 42.16 -34.06
C LYS B 287 14.31 40.80 -34.19
N LEU B 288 15.28 40.70 -35.10
CA LEU B 288 16.01 39.47 -35.35
C LEU B 288 17.47 39.59 -34.92
N TYR B 289 18.06 38.45 -34.57
CA TYR B 289 19.49 38.39 -34.28
C TYR B 289 20.29 38.47 -35.56
N ARG B 290 21.42 39.17 -35.51
CA ARG B 290 22.19 39.41 -36.73
C ARG B 290 22.79 38.12 -37.26
N GLU B 291 23.21 37.22 -36.37
CA GLU B 291 23.81 35.95 -36.78
C GLU B 291 22.80 34.80 -36.82
N THR B 292 22.18 34.48 -35.69
CA THR B 292 21.32 33.30 -35.62
C THR B 292 19.96 33.52 -36.28
N ASN B 293 19.57 34.76 -36.54
CA ASN B 293 18.28 35.10 -37.12
C ASN B 293 17.13 34.49 -36.31
N GLU B 294 17.04 34.93 -35.06
CA GLU B 294 15.96 34.58 -34.17
C GLU B 294 15.34 35.84 -33.58
N PRO B 295 14.04 35.77 -33.26
CA PRO B 295 13.30 36.89 -32.68
C PRO B 295 13.57 36.98 -31.19
N VAL B 296 14.55 37.78 -30.82
CA VAL B 296 14.90 37.96 -29.41
C VAL B 296 13.71 38.55 -28.67
N LYS B 297 13.38 37.98 -27.52
CA LYS B 297 12.26 38.46 -26.72
C LYS B 297 12.73 39.54 -25.78
N THR B 298 12.58 40.80 -26.18
CA THR B 298 13.00 41.91 -25.34
C THR B 298 12.23 41.99 -24.03
N LYS B 299 12.91 42.53 -23.01
CA LYS B 299 12.34 42.71 -21.68
C LYS B 299 12.73 44.09 -21.18
N THR B 300 11.74 44.87 -20.77
CA THR B 300 11.98 46.18 -20.21
C THR B 300 11.84 46.11 -18.69
N ARG B 301 12.54 47.02 -18.01
CA ARG B 301 12.71 46.89 -16.57
C ARG B 301 13.32 48.16 -16.01
N THR B 302 12.76 48.64 -14.90
CA THR B 302 13.19 49.88 -14.27
C THR B 302 13.90 49.57 -12.97
N PHE B 303 14.85 50.42 -12.61
CA PHE B 303 15.74 50.14 -11.48
C PHE B 303 16.21 51.48 -10.92
N ASN B 304 17.31 51.45 -10.16
CA ASN B 304 18.05 52.65 -9.79
C ASN B 304 17.18 53.64 -9.01
N THR B 305 16.91 53.26 -7.75
CA THR B 305 16.36 54.19 -6.78
C THR B 305 17.45 54.94 -6.03
N SER B 306 18.57 55.22 -6.72
CA SER B 306 19.86 55.69 -6.24
C SER B 306 20.69 54.55 -5.67
N THR B 307 20.19 53.31 -5.71
CA THR B 307 20.95 52.15 -5.27
C THR B 307 21.06 51.09 -6.37
N GLY B 308 20.68 51.43 -7.59
CA GLY B 308 20.58 50.43 -8.63
C GLY B 308 19.49 49.44 -8.31
N GLY B 309 19.85 48.20 -8.06
CA GLY B 309 18.87 47.23 -7.59
C GLY B 309 17.77 46.99 -8.61
N LEU B 310 16.53 47.10 -8.15
CA LEU B 310 15.39 46.77 -8.99
C LEU B 310 14.10 47.38 -8.45
N LEU B 311 13.46 48.26 -9.22
CA LEU B 311 12.22 48.88 -8.80
C LEU B 311 11.03 48.03 -9.21
N LEU B 312 9.90 48.27 -8.57
CA LEU B 312 8.74 47.40 -8.68
C LEU B 312 7.52 48.29 -8.85
N PRO B 313 6.48 47.85 -9.60
CA PRO B 313 5.37 48.74 -9.96
C PRO B 313 4.94 49.73 -8.88
N SER B 314 4.82 49.29 -7.64
CA SER B 314 4.39 50.16 -6.56
C SER B 314 5.50 51.06 -6.02
N ASP B 315 6.73 50.91 -6.50
CA ASP B 315 7.85 51.73 -6.09
C ASP B 315 7.93 53.05 -6.85
N THR B 316 6.95 53.37 -7.68
CA THR B 316 7.03 54.55 -8.52
C THR B 316 5.69 55.26 -8.54
N LYS B 317 5.76 56.59 -8.66
CA LYS B 317 4.60 57.46 -8.80
C LYS B 317 4.64 58.10 -10.18
N ARG B 318 3.60 58.87 -10.50
CA ARG B 318 3.54 59.63 -11.73
C ARG B 318 3.46 61.11 -11.37
N SER B 319 4.08 61.96 -12.19
CA SER B 319 4.15 63.37 -11.83
C SER B 319 4.10 64.23 -13.08
N GLN B 320 3.74 65.49 -12.87
CA GLN B 320 3.91 66.55 -13.87
C GLN B 320 4.43 67.79 -13.19
N ILE B 321 5.45 68.40 -13.79
CA ILE B 321 6.04 69.63 -13.23
C ILE B 321 5.63 70.86 -14.03
N TYR B 322 4.52 71.48 -13.65
CA TYR B 322 4.03 72.66 -14.33
C TYR B 322 4.57 73.94 -13.67
N GLY B 323 5.12 74.84 -14.48
CA GLY B 323 5.67 76.07 -13.97
C GLY B 323 6.78 75.67 -13.02
N SER B 324 6.73 76.18 -11.81
CA SER B 324 7.73 75.83 -10.81
C SER B 324 7.13 74.96 -9.70
N ARG B 325 6.31 73.98 -10.05
CA ARG B 325 5.74 73.13 -9.03
C ARG B 325 5.42 71.75 -9.58
N GLN B 326 5.84 70.72 -8.85
CA GLN B 326 5.56 69.34 -9.21
C GLN B 326 4.23 68.91 -8.59
N ILE B 327 3.51 68.07 -9.31
CA ILE B 327 2.27 67.45 -8.85
C ILE B 327 2.44 65.95 -8.98
N ILE B 328 2.02 65.21 -7.96
CA ILE B 328 2.31 63.80 -7.82
C ILE B 328 1.00 63.04 -7.65
N LEU B 329 0.86 61.94 -8.40
CA LEU B 329 -0.33 61.11 -8.38
C LEU B 329 0.09 59.65 -8.44
N GLU B 330 -0.83 58.79 -8.03
CA GLU B 330 -0.70 57.35 -8.20
C GLU B 330 -1.12 56.95 -9.61
N LYS B 331 -0.66 55.78 -10.05
CA LYS B 331 -1.09 55.24 -11.33
C LYS B 331 -2.61 55.17 -11.41
N GLU B 332 -3.24 54.64 -10.37
CA GLU B 332 -4.69 54.50 -10.36
C GLU B 332 -5.37 55.86 -10.29
N GLU B 333 -4.72 56.87 -9.73
CA GLU B 333 -5.32 58.20 -9.69
C GLU B 333 -5.47 58.77 -11.09
N THR B 334 -4.42 58.70 -11.90
CA THR B 334 -4.52 59.11 -13.29
C THR B 334 -5.51 58.23 -14.06
N GLU B 335 -5.43 56.91 -13.86
CA GLU B 335 -6.32 56.02 -14.59
C GLU B 335 -7.79 56.28 -14.24
N GLU B 336 -8.04 56.83 -13.06
CA GLU B 336 -9.42 57.05 -12.62
C GLU B 336 -9.93 58.43 -13.01
N LEU B 337 -9.09 59.46 -13.00
CA LEU B 337 -9.59 60.79 -13.29
C LEU B 337 -10.17 60.89 -14.70
N LYS B 338 -9.84 59.95 -15.59
CA LYS B 338 -10.46 59.92 -16.92
C LYS B 338 -11.59 58.91 -16.96
N ARG B 339 -12.46 58.98 -15.94
CA ARG B 339 -13.62 58.09 -15.83
C ARG B 339 -14.89 58.94 -15.77
N PHE B 340 -15.82 58.66 -16.68
CA PHE B 340 -17.09 59.36 -16.69
C PHE B 340 -18.30 58.44 -16.73
N ASP B 341 -18.19 57.29 -17.39
CA ASP B 341 -19.38 56.48 -17.62
C ASP B 341 -18.94 55.03 -17.82
N ASP B 342 -19.90 54.13 -17.66
CA ASP B 342 -19.71 52.77 -18.11
C ASP B 342 -19.76 52.74 -19.63
N PRO B 343 -19.16 51.75 -20.28
CA PRO B 343 -19.19 51.70 -21.74
C PRO B 343 -20.63 51.67 -22.27
N GLY B 344 -20.77 51.94 -23.55
CA GLY B 344 -22.08 51.97 -24.18
C GLY B 344 -22.62 53.36 -24.45
N LEU B 345 -23.57 53.44 -25.37
CA LEU B 345 -24.14 54.70 -25.79
C LEU B 345 -25.32 55.08 -24.89
N MET B 346 -25.44 56.37 -24.60
CA MET B 346 -26.66 56.87 -23.95
C MET B 346 -27.38 57.81 -24.91
N LEU B 347 -28.63 57.48 -25.24
CA LEU B 347 -29.41 58.26 -26.18
C LEU B 347 -29.62 59.66 -25.65
N MET B 348 -29.35 60.67 -26.47
CA MET B 348 -29.50 62.06 -26.12
C MET B 348 -30.47 62.77 -27.04
N GLY B 349 -31.48 62.05 -27.52
CA GLY B 349 -32.44 62.62 -28.43
C GLY B 349 -31.95 62.63 -29.86
N PHE B 350 -32.84 63.09 -30.74
CA PHE B 350 -32.67 62.95 -32.18
C PHE B 350 -32.51 64.32 -32.82
N LYS B 351 -31.84 64.36 -33.98
CA LYS B 351 -31.55 65.62 -34.67
C LYS B 351 -31.60 65.41 -36.18
N PRO B 352 -31.98 66.42 -36.93
CA PRO B 352 -32.11 66.26 -38.39
C PRO B 352 -30.76 66.03 -39.07
N LEU B 353 -30.80 65.30 -40.19
CA LEU B 353 -29.59 65.14 -40.99
C LEU B 353 -29.40 66.34 -41.90
N VAL B 354 -29.56 67.54 -41.36
CA VAL B 354 -29.16 68.76 -42.03
C VAL B 354 -28.38 69.68 -41.11
N LEU B 355 -28.36 69.40 -39.80
CA LEU B 355 -27.66 70.24 -38.85
C LEU B 355 -26.23 69.78 -38.62
N LEU B 356 -25.96 68.48 -38.61
CA LEU B 356 -24.58 68.01 -38.55
C LEU B 356 -23.96 68.21 -39.92
N LYS B 357 -23.23 69.31 -40.08
CA LYS B 357 -22.61 69.60 -41.36
C LYS B 357 -21.51 68.58 -41.63
N LYS B 358 -20.91 68.68 -42.82
CA LYS B 358 -19.98 67.66 -43.26
C LYS B 358 -18.52 68.04 -43.06
N HIS B 359 -18.23 69.33 -42.96
CA HIS B 359 -16.87 69.77 -42.65
C HIS B 359 -16.46 69.44 -41.22
N HIS B 360 -17.40 68.98 -40.37
CA HIS B 360 -17.08 68.43 -39.06
C HIS B 360 -16.99 66.91 -39.21
N TYR B 361 -15.79 66.35 -39.21
CA TYR B 361 -15.68 64.99 -38.72
C TYR B 361 -14.38 64.95 -37.93
N LEU B 362 -14.23 63.91 -37.12
CA LEU B 362 -13.01 63.86 -36.32
C LEU B 362 -12.28 62.55 -36.51
N ARG B 363 -13.02 61.46 -36.67
CA ARG B 363 -12.48 60.12 -36.76
C ARG B 363 -13.19 59.38 -37.89
N PRO B 364 -12.58 58.32 -38.41
CA PRO B 364 -13.31 57.44 -39.32
C PRO B 364 -14.63 56.99 -38.72
N SER B 365 -15.70 57.20 -39.47
CA SER B 365 -17.03 56.81 -39.00
C SER B 365 -17.06 55.33 -38.68
N LEU B 366 -17.72 54.99 -37.59
CA LEU B 366 -17.95 53.60 -37.22
C LEU B 366 -19.29 53.17 -37.84
N PHE B 367 -19.81 52.03 -37.43
CA PHE B 367 -21.07 51.54 -37.97
C PHE B 367 -21.67 50.61 -36.93
N VAL B 368 -22.83 50.96 -36.40
CA VAL B 368 -23.45 50.15 -35.36
C VAL B 368 -24.49 49.24 -35.98
N TYR B 369 -24.76 48.12 -35.30
CA TYR B 369 -25.66 47.12 -35.85
C TYR B 369 -26.15 46.26 -34.70
N PRO B 370 -27.42 45.90 -34.66
CA PRO B 370 -27.92 45.15 -33.51
C PRO B 370 -27.57 43.67 -33.60
N GLU B 371 -26.98 43.17 -32.51
CA GLU B 371 -26.80 41.74 -32.32
C GLU B 371 -27.67 41.32 -31.15
N GLU B 372 -28.42 40.24 -31.31
CA GLU B 372 -29.42 39.86 -30.33
C GLU B 372 -28.77 39.07 -29.19
N SER B 373 -27.70 39.61 -28.60
CA SER B 373 -26.92 38.88 -27.61
C SER B 373 -27.03 39.47 -26.21
N LEU B 374 -26.71 40.74 -26.03
CA LEU B 374 -26.75 41.33 -24.69
C LEU B 374 -28.18 41.41 -24.17
N VAL B 375 -29.11 41.87 -25.01
CA VAL B 375 -30.53 41.86 -24.71
C VAL B 375 -31.29 41.45 -25.96
N ILE B 376 -32.30 40.61 -25.79
CA ILE B 376 -33.02 40.01 -26.90
C ILE B 376 -34.14 40.94 -27.35
N GLY B 377 -34.45 40.89 -28.65
CA GLY B 377 -35.36 41.85 -29.24
C GLY B 377 -34.69 43.13 -29.70
N SER B 378 -33.37 43.22 -29.59
CA SER B 378 -32.66 44.44 -29.97
C SER B 378 -32.83 44.74 -31.45
N SER B 379 -32.72 43.72 -32.30
CA SER B 379 -32.82 43.93 -33.74
C SER B 379 -34.17 44.48 -34.13
N THR B 380 -35.22 44.04 -33.45
CA THR B 380 -36.58 44.43 -33.82
C THR B 380 -36.77 45.94 -33.65
N LEU B 381 -36.61 46.43 -32.43
CA LEU B 381 -36.86 47.85 -32.22
C LEU B 381 -35.75 48.69 -32.81
N PHE B 382 -34.55 48.11 -32.97
CA PHE B 382 -33.46 48.82 -33.64
C PHE B 382 -33.84 49.13 -35.08
N SER B 383 -34.32 48.11 -35.80
CA SER B 383 -34.84 48.34 -37.14
C SER B 383 -36.03 49.29 -37.11
N ALA B 384 -36.85 49.22 -36.06
CA ALA B 384 -37.99 50.11 -35.96
C ALA B 384 -37.56 51.57 -35.96
N LEU B 385 -36.64 51.94 -35.06
CA LEU B 385 -36.28 53.35 -35.06
C LEU B 385 -35.28 53.69 -36.15
N LEU B 386 -34.69 52.69 -36.82
CA LEU B 386 -33.94 52.97 -38.03
C LEU B 386 -34.88 53.39 -39.16
N ILE B 387 -35.98 52.66 -39.32
CA ILE B 387 -37.00 53.03 -40.31
C ILE B 387 -37.57 54.41 -39.97
N LYS B 388 -37.78 54.67 -38.68
CA LYS B 388 -38.30 55.96 -38.28
C LYS B 388 -37.31 57.08 -38.57
N CYS B 389 -36.04 56.86 -38.26
CA CYS B 389 -35.01 57.88 -38.51
C CYS B 389 -34.81 58.08 -40.00
N LEU B 390 -35.06 57.05 -40.81
CA LEU B 390 -35.06 57.24 -42.26
C LEU B 390 -36.21 58.13 -42.70
N GLU B 391 -37.45 57.70 -42.43
CA GLU B 391 -38.59 58.40 -43.01
C GLU B 391 -38.70 59.81 -42.46
N LYS B 392 -38.21 60.04 -41.25
CA LYS B 392 -38.24 61.36 -40.64
C LYS B 392 -36.98 62.17 -40.93
N GLU B 393 -35.98 61.56 -41.56
CA GLU B 393 -34.69 62.21 -41.83
C GLU B 393 -34.13 62.78 -40.53
N VAL B 394 -33.85 61.88 -39.59
CA VAL B 394 -33.36 62.26 -38.29
C VAL B 394 -32.33 61.20 -37.86
N ALA B 395 -31.51 61.56 -36.89
CA ALA B 395 -30.34 60.77 -36.50
C ALA B 395 -30.21 60.79 -34.98
N ALA B 396 -29.75 59.67 -34.41
CA ALA B 396 -29.74 59.50 -32.96
C ALA B 396 -28.46 60.09 -32.37
N LEU B 397 -28.52 61.33 -31.90
CA LEU B 397 -27.37 61.90 -31.19
C LEU B 397 -27.21 61.18 -29.86
N CYS B 398 -25.97 60.95 -29.44
CA CYS B 398 -25.66 60.16 -28.25
C CYS B 398 -24.34 60.62 -27.63
N ARG B 399 -24.02 60.07 -26.46
CA ARG B 399 -22.74 60.29 -25.81
C ARG B 399 -22.01 58.97 -25.74
N TYR B 400 -21.09 58.76 -26.68
CA TYR B 400 -20.33 57.52 -26.81
C TYR B 400 -19.34 57.38 -25.66
N THR B 401 -19.22 56.17 -25.14
CA THR B 401 -18.14 55.81 -24.22
C THR B 401 -17.76 54.37 -24.59
N PRO B 402 -16.65 54.19 -25.30
CA PRO B 402 -16.38 52.89 -25.91
C PRO B 402 -15.85 51.82 -24.96
N ARG B 403 -14.99 52.22 -24.03
CA ARG B 403 -14.26 51.28 -23.19
C ARG B 403 -14.43 51.67 -21.73
N ARG B 404 -13.95 50.78 -20.86
CA ARG B 404 -14.32 50.79 -19.45
C ARG B 404 -14.15 52.17 -18.81
N ASN B 405 -12.95 52.72 -18.88
CA ASN B 405 -12.63 53.93 -18.13
C ASN B 405 -12.04 54.91 -19.15
N ILE B 406 -12.91 55.57 -19.89
CA ILE B 406 -12.57 56.40 -21.04
C ILE B 406 -13.44 57.66 -20.96
N PRO B 407 -12.90 58.84 -21.27
CA PRO B 407 -13.74 60.03 -21.25
C PRO B 407 -14.85 59.93 -22.28
N PRO B 408 -15.98 60.56 -22.03
CA PRO B 408 -17.10 60.47 -22.96
C PRO B 408 -16.81 61.29 -24.20
N TYR B 409 -17.54 61.03 -25.27
CA TYR B 409 -17.28 61.80 -26.47
C TYR B 409 -18.56 61.79 -27.27
N PHE B 410 -19.01 62.95 -27.75
CA PHE B 410 -20.32 63.03 -28.38
C PHE B 410 -20.31 62.45 -29.78
N VAL B 411 -21.36 61.68 -30.10
CA VAL B 411 -21.44 61.00 -31.38
C VAL B 411 -22.85 61.17 -31.93
N ALA B 412 -23.02 60.90 -33.22
CA ALA B 412 -24.32 60.99 -33.88
C ALA B 412 -24.51 59.76 -34.75
N LEU B 413 -25.63 59.07 -34.56
CA LEU B 413 -25.97 57.87 -35.34
C LEU B 413 -26.79 58.33 -36.53
N VAL B 414 -26.12 58.60 -37.64
CA VAL B 414 -26.76 58.93 -38.91
C VAL B 414 -27.33 57.65 -39.48
N PRO B 415 -28.63 57.61 -39.78
CA PRO B 415 -29.23 56.37 -40.29
C PRO B 415 -28.76 56.06 -41.70
N GLN B 416 -28.77 54.78 -42.03
CA GLN B 416 -28.17 54.30 -43.26
C GLN B 416 -28.97 53.15 -43.82
N GLU B 417 -29.60 53.36 -44.97
CA GLU B 417 -30.29 52.30 -45.66
C GLU B 417 -29.32 51.51 -46.52
N GLU B 418 -29.65 50.24 -46.71
CA GLU B 418 -28.76 49.32 -47.41
C GLU B 418 -28.91 49.52 -48.92
N GLU B 419 -28.32 48.62 -49.69
CA GLU B 419 -28.35 48.70 -51.15
C GLU B 419 -28.12 47.29 -51.69
N LEU B 420 -28.89 46.93 -52.70
CA LEU B 420 -28.77 45.62 -53.33
C LEU B 420 -29.49 45.64 -54.67
N ASP B 421 -29.23 44.63 -55.48
CA ASP B 421 -29.81 44.49 -56.80
C ASP B 421 -29.98 43.00 -57.09
N ASP B 422 -30.42 42.68 -58.31
CA ASP B 422 -30.47 41.28 -58.72
C ASP B 422 -29.10 40.64 -58.66
N GLN B 423 -28.06 41.42 -58.94
CA GLN B 423 -26.68 40.97 -58.82
C GLN B 423 -26.23 40.82 -57.36
N LYS B 424 -27.08 41.21 -56.40
CA LYS B 424 -26.78 41.11 -54.97
C LYS B 424 -25.52 41.90 -54.62
N ILE B 425 -25.56 43.19 -54.93
CA ILE B 425 -24.47 44.11 -54.60
C ILE B 425 -24.75 44.65 -53.21
N GLN B 426 -24.05 44.11 -52.22
CA GLN B 426 -24.15 44.61 -50.86
C GLN B 426 -23.26 45.84 -50.72
N VAL B 427 -23.60 46.90 -51.46
CA VAL B 427 -22.78 48.11 -51.46
C VAL B 427 -22.77 48.75 -50.08
N THR B 428 -23.92 48.80 -49.43
CA THR B 428 -24.04 49.34 -48.09
C THR B 428 -24.86 48.38 -47.23
N PRO B 429 -24.54 48.25 -45.95
CA PRO B 429 -25.38 47.47 -45.05
C PRO B 429 -26.38 48.37 -44.33
N PRO B 430 -27.41 47.78 -43.70
CA PRO B 430 -28.42 48.60 -43.03
C PRO B 430 -28.14 48.87 -41.56
N GLY B 431 -28.17 50.13 -41.15
CA GLY B 431 -27.99 50.45 -39.74
C GLY B 431 -27.75 51.94 -39.56
N PHE B 432 -27.12 52.27 -38.43
CA PHE B 432 -26.68 53.63 -38.15
C PHE B 432 -25.18 53.74 -38.44
N GLN B 433 -24.64 54.94 -38.21
CA GLN B 433 -23.27 55.27 -38.64
C GLN B 433 -22.72 56.27 -37.64
N LEU B 434 -21.85 55.80 -36.74
CA LEU B 434 -21.40 56.63 -35.63
C LEU B 434 -20.44 57.71 -36.11
N VAL B 435 -20.94 58.90 -36.41
CA VAL B 435 -20.09 60.02 -36.75
C VAL B 435 -19.66 60.73 -35.47
N PHE B 436 -18.36 60.94 -35.32
CA PHE B 436 -17.83 61.53 -34.10
C PHE B 436 -17.87 63.05 -34.20
N LEU B 437 -18.46 63.69 -33.21
CA LEU B 437 -18.62 65.13 -33.23
C LEU B 437 -17.43 65.80 -32.55
N PRO B 438 -16.80 66.79 -33.19
CA PRO B 438 -15.77 67.58 -32.49
C PRO B 438 -16.36 68.35 -31.33
N PHE B 439 -15.52 68.70 -30.36
CA PHE B 439 -16.09 69.41 -29.22
C PHE B 439 -16.00 70.92 -29.30
N ALA B 440 -14.82 71.50 -29.04
CA ALA B 440 -14.76 72.96 -29.11
C ALA B 440 -13.41 73.48 -29.59
N ASP B 441 -12.35 72.73 -29.31
CA ASP B 441 -11.02 73.10 -29.75
C ASP B 441 -10.49 72.17 -30.83
N ASP B 442 -11.23 71.09 -31.11
CA ASP B 442 -11.01 70.37 -32.35
C ASP B 442 -11.16 71.32 -33.53
N LYS B 443 -12.19 72.16 -33.48
CA LYS B 443 -12.43 73.22 -34.44
C LYS B 443 -11.39 74.31 -34.25
N ARG B 444 -10.43 74.40 -35.16
CA ARG B 444 -9.44 75.46 -35.09
C ARG B 444 -9.97 76.72 -35.77
N LYS B 445 -9.25 77.82 -35.57
CA LYS B 445 -9.67 79.14 -36.04
C LYS B 445 -8.75 79.60 -37.15
N MET B 446 -9.33 79.83 -38.32
CA MET B 446 -8.61 80.32 -39.49
C MET B 446 -8.66 81.83 -39.53
N PRO B 447 -7.74 82.47 -40.28
CA PRO B 447 -7.70 83.94 -40.27
C PRO B 447 -8.99 84.60 -40.71
N PHE B 448 -9.70 84.03 -41.68
CA PHE B 448 -11.00 84.48 -42.18
C PHE B 448 -10.94 85.84 -42.88
N THR B 449 -9.78 86.48 -42.97
CA THR B 449 -9.67 87.81 -43.55
C THR B 449 -9.29 87.74 -45.02
N GLU B 450 -10.21 87.17 -45.81
CA GLU B 450 -10.03 87.04 -47.26
C GLU B 450 -11.33 87.45 -47.94
N LYS B 451 -11.29 88.56 -48.67
CA LYS B 451 -12.49 89.03 -49.38
C LYS B 451 -12.05 89.69 -50.68
N ILE B 452 -12.03 88.91 -51.75
CA ILE B 452 -11.84 89.41 -53.10
C ILE B 452 -12.86 88.72 -54.00
N MET B 453 -13.69 89.50 -54.68
CA MET B 453 -14.76 88.95 -55.48
C MET B 453 -14.21 88.39 -56.80
N ALA B 454 -15.09 87.78 -57.58
CA ALA B 454 -14.70 87.08 -58.80
C ALA B 454 -15.47 87.64 -59.99
N THR B 455 -15.06 87.21 -61.17
CA THR B 455 -15.67 87.63 -62.43
C THR B 455 -16.50 86.49 -62.98
N PRO B 456 -17.83 86.56 -62.97
CA PRO B 456 -18.68 85.43 -63.36
C PRO B 456 -18.81 85.24 -64.86
N GLU B 457 -17.69 85.37 -65.58
CA GLU B 457 -17.62 85.02 -66.99
C GLU B 457 -16.67 83.86 -67.25
N GLN B 458 -15.42 83.99 -66.81
CA GLN B 458 -14.45 82.89 -66.85
C GLN B 458 -14.83 81.71 -65.97
N VAL B 459 -15.77 81.89 -65.04
CA VAL B 459 -16.17 80.80 -64.16
C VAL B 459 -16.71 79.64 -64.99
N GLY B 460 -17.46 79.94 -66.06
CA GLY B 460 -17.91 78.90 -66.96
C GLY B 460 -16.78 78.24 -67.72
N LYS B 461 -15.73 79.00 -68.04
CA LYS B 461 -14.56 78.41 -68.69
C LYS B 461 -13.91 77.39 -67.77
N MET B 462 -13.74 77.73 -66.49
CA MET B 462 -13.23 76.75 -65.53
C MET B 462 -14.19 75.58 -65.37
N LYS B 463 -15.50 75.85 -65.39
CA LYS B 463 -16.47 74.75 -65.38
C LYS B 463 -16.22 73.79 -66.52
N ALA B 464 -16.01 74.31 -67.73
CA ALA B 464 -15.75 73.45 -68.88
C ALA B 464 -14.45 72.69 -68.73
N ILE B 465 -13.43 73.35 -68.18
CA ILE B 465 -12.16 72.67 -67.89
C ILE B 465 -12.41 71.46 -67.00
N VAL B 466 -13.18 71.64 -65.93
CA VAL B 466 -13.40 70.51 -65.03
C VAL B 466 -14.40 69.52 -65.61
N GLU B 467 -15.21 69.93 -66.60
CA GLU B 467 -16.09 68.98 -67.26
C GLU B 467 -15.31 68.07 -68.20
N LYS B 468 -14.24 68.59 -68.81
CA LYS B 468 -13.39 67.67 -69.55
C LYS B 468 -12.42 66.93 -68.65
N LEU B 469 -12.17 67.44 -67.44
CA LEU B 469 -11.31 66.76 -66.48
C LEU B 469 -12.00 65.61 -65.76
N ARG B 470 -13.33 65.55 -65.79
CA ARG B 470 -14.07 64.59 -64.98
C ARG B 470 -13.99 63.18 -65.54
N PHE B 471 -14.12 62.21 -64.64
CA PHE B 471 -14.39 60.82 -64.98
C PHE B 471 -14.85 60.13 -63.71
N THR B 472 -15.35 58.91 -63.86
CA THR B 472 -15.81 58.14 -62.72
C THR B 472 -14.74 58.12 -61.63
N TYR B 473 -15.12 58.55 -60.43
CA TYR B 473 -14.17 58.57 -59.33
C TYR B 473 -13.64 57.18 -58.99
N ARG B 474 -14.48 56.37 -58.35
CA ARG B 474 -14.19 54.96 -58.09
C ARG B 474 -15.29 54.34 -57.25
N SER B 475 -15.18 53.04 -57.01
CA SER B 475 -15.67 52.41 -55.79
C SER B 475 -14.56 51.68 -55.05
N ASP B 476 -13.41 51.49 -55.69
CA ASP B 476 -12.28 50.72 -55.20
C ASP B 476 -11.02 51.29 -55.84
N SER B 477 -9.94 50.50 -55.82
CA SER B 477 -8.79 50.71 -56.71
C SER B 477 -8.01 52.00 -56.51
N PHE B 478 -7.38 52.17 -55.34
CA PHE B 478 -6.36 53.20 -55.14
C PHE B 478 -5.22 52.67 -54.28
N GLU B 479 -4.67 51.51 -54.66
CA GLU B 479 -3.65 50.81 -53.89
C GLU B 479 -2.63 51.77 -53.27
N ASN B 480 -2.30 51.54 -52.01
CA ASN B 480 -1.46 52.46 -51.24
C ASN B 480 -0.02 52.40 -51.72
N PRO B 481 0.55 53.51 -52.21
CA PRO B 481 1.93 53.47 -52.71
C PRO B 481 2.93 52.89 -51.73
N VAL B 482 2.99 53.44 -50.52
CA VAL B 482 3.98 53.01 -49.54
C VAL B 482 3.79 51.55 -49.18
N LEU B 483 2.54 51.16 -48.90
CA LEU B 483 2.27 49.78 -48.52
C LEU B 483 2.58 48.82 -49.66
N GLN B 484 2.18 49.17 -50.88
CA GLN B 484 2.41 48.28 -52.01
C GLN B 484 3.90 48.11 -52.27
N GLN B 485 4.65 49.21 -52.20
CA GLN B 485 6.10 49.13 -52.35
C GLN B 485 6.71 48.28 -51.25
N HIS B 486 6.23 48.42 -50.02
CA HIS B 486 6.71 47.58 -48.93
C HIS B 486 6.51 46.12 -49.23
N PHE B 487 5.36 45.77 -49.81
CA PHE B 487 5.06 44.37 -50.03
C PHE B 487 5.88 43.81 -51.19
N ARG B 488 6.02 44.61 -52.25
CA ARG B 488 7.01 44.33 -53.28
C ARG B 488 8.37 44.03 -52.67
N ASN B 489 8.89 44.95 -51.85
CA ASN B 489 10.21 44.78 -51.25
C ASN B 489 10.32 43.50 -50.44
N LEU B 490 9.32 43.20 -49.62
CA LEU B 490 9.39 41.94 -48.87
C LEU B 490 9.41 40.75 -49.81
N GLU B 491 8.59 40.78 -50.87
CA GLU B 491 8.62 39.71 -51.87
C GLU B 491 10.02 39.57 -52.46
N ALA B 492 10.48 40.60 -53.16
CA ALA B 492 11.81 40.57 -53.75
C ALA B 492 12.86 40.96 -52.73
N LEU B 493 12.70 40.47 -51.52
CA LEU B 493 13.79 40.31 -50.57
C LEU B 493 13.75 38.96 -49.87
N ALA B 494 12.65 38.22 -49.96
CA ALA B 494 12.62 36.84 -49.54
C ALA B 494 12.34 35.89 -50.70
N LEU B 495 12.11 36.41 -51.91
CA LEU B 495 12.07 35.61 -53.11
C LEU B 495 13.40 35.61 -53.87
N ASP B 496 14.32 36.50 -53.49
CA ASP B 496 15.68 36.61 -54.02
C ASP B 496 15.74 37.21 -55.41
N LEU B 497 14.60 37.50 -56.04
CA LEU B 497 14.59 38.03 -57.39
C LEU B 497 15.09 39.47 -57.37
N MET B 498 16.36 39.64 -57.78
CA MET B 498 17.16 40.78 -57.33
C MET B 498 16.55 42.11 -57.71
N GLU B 499 15.73 42.16 -58.75
CA GLU B 499 15.05 43.39 -59.07
C GLU B 499 13.74 43.46 -58.30
N PRO B 500 13.57 44.42 -57.40
CA PRO B 500 12.26 44.58 -56.73
C PRO B 500 11.29 45.23 -57.70
N GLU B 501 10.07 44.70 -57.76
CA GLU B 501 9.06 45.28 -58.63
C GLU B 501 8.89 46.76 -58.34
N GLN B 502 8.39 47.50 -59.31
CA GLN B 502 8.17 48.92 -59.13
C GLN B 502 6.68 49.18 -59.01
N ALA B 503 6.23 49.57 -57.83
CA ALA B 503 4.82 49.90 -57.66
C ALA B 503 4.45 51.07 -58.56
N VAL B 504 3.40 50.90 -59.35
CA VAL B 504 2.89 51.96 -60.21
C VAL B 504 2.12 52.93 -59.32
N ASP B 505 2.62 54.15 -59.18
CA ASP B 505 1.97 55.11 -58.29
C ASP B 505 0.69 55.58 -58.94
N LEU B 506 -0.36 54.76 -58.85
CA LEU B 506 -1.64 55.11 -59.42
C LEU B 506 -2.11 56.47 -58.94
N THR B 507 -1.83 56.81 -57.69
CA THR B 507 -2.28 58.08 -57.13
C THR B 507 -1.75 59.27 -57.90
N LEU B 508 -0.56 59.15 -58.49
CA LEU B 508 0.06 60.29 -59.16
C LEU B 508 -0.74 60.68 -60.40
N PRO B 509 -1.17 61.93 -60.52
CA PRO B 509 -1.96 62.31 -61.70
C PRO B 509 -1.12 62.27 -62.97
N LYS B 510 -1.78 61.92 -64.07
CA LYS B 510 -1.16 61.94 -65.39
C LYS B 510 -1.29 63.36 -65.93
N VAL B 511 -0.38 64.23 -65.46
CA VAL B 511 -0.50 65.66 -65.73
C VAL B 511 -0.42 65.93 -67.22
N GLU B 512 0.47 65.24 -67.93
CA GLU B 512 0.60 65.45 -69.37
C GLU B 512 -0.66 64.99 -70.11
N ALA B 513 -1.26 63.90 -69.67
CA ALA B 513 -2.45 63.38 -70.35
C ALA B 513 -3.60 64.36 -70.25
N MET B 514 -3.88 64.87 -69.06
CA MET B 514 -4.98 65.82 -68.93
C MET B 514 -4.59 67.22 -69.37
N ASN B 515 -3.30 67.51 -69.56
CA ASN B 515 -2.94 68.77 -70.21
C ASN B 515 -3.20 68.71 -71.72
N LYS B 516 -2.86 67.59 -72.34
CA LYS B 516 -3.17 67.45 -73.77
C LYS B 516 -4.66 67.25 -73.98
N ARG B 517 -5.39 66.79 -72.97
CA ARG B 517 -6.84 66.80 -73.03
C ARG B 517 -7.40 68.20 -72.77
N LEU B 518 -6.65 69.02 -72.04
CA LEU B 518 -7.11 70.36 -71.70
C LEU B 518 -7.18 71.27 -72.91
N GLY B 519 -6.10 71.34 -73.68
CA GLY B 519 -5.98 72.35 -74.72
C GLY B 519 -5.24 73.58 -74.21
N SER B 520 -4.95 74.49 -75.14
CA SER B 520 -4.17 75.69 -74.86
C SER B 520 -5.12 76.85 -74.57
N LEU B 521 -5.73 76.80 -73.38
CA LEU B 521 -6.65 77.85 -72.95
C LEU B 521 -6.33 78.44 -71.58
N VAL B 522 -5.79 77.66 -70.64
CA VAL B 522 -5.55 78.15 -69.28
C VAL B 522 -4.54 79.30 -69.29
N ASP B 523 -3.66 79.36 -70.29
CA ASP B 523 -2.76 80.50 -70.42
C ASP B 523 -3.55 81.79 -70.59
N GLU B 524 -4.66 81.72 -71.32
CA GLU B 524 -5.54 82.88 -71.42
C GLU B 524 -6.16 83.23 -70.07
N PHE B 525 -6.48 82.22 -69.26
CA PHE B 525 -6.98 82.50 -67.91
C PHE B 525 -5.92 83.18 -67.05
N LYS B 526 -4.66 82.81 -67.23
CA LYS B 526 -3.59 83.48 -66.49
C LYS B 526 -3.44 84.92 -66.95
N GLU B 527 -3.43 85.15 -68.26
CA GLU B 527 -3.29 86.51 -68.79
C GLU B 527 -4.54 87.35 -68.58
N LEU B 528 -5.68 86.75 -68.24
CA LEU B 528 -6.93 87.47 -68.17
C LEU B 528 -6.90 88.55 -67.08
N VAL B 529 -6.41 88.19 -65.89
CA VAL B 529 -6.38 89.13 -64.78
C VAL B 529 -5.02 89.22 -64.10
N TYR B 530 -4.12 88.25 -64.28
CA TYR B 530 -2.80 88.28 -63.66
C TYR B 530 -1.72 87.94 -64.68
N PRO B 531 -1.47 88.83 -65.64
CA PRO B 531 -0.33 88.63 -66.53
C PRO B 531 0.97 88.73 -65.77
N PRO B 532 2.04 88.07 -66.25
CA PRO B 532 3.34 88.24 -65.57
C PRO B 532 3.78 89.69 -65.48
N ASP B 533 3.80 90.40 -66.61
CA ASP B 533 3.96 91.85 -66.73
C ASP B 533 4.86 92.48 -65.68
N TYR B 534 6.04 91.88 -65.47
CA TYR B 534 7.00 92.33 -64.47
C TYR B 534 6.37 92.44 -63.08
N ASN C 6 3.73 88.11 -30.11
CA ASN C 6 3.88 86.68 -29.90
C ASN C 6 3.07 86.20 -28.71
N LYS C 7 2.86 87.10 -27.75
CA LYS C 7 2.15 86.79 -26.52
C LYS C 7 0.95 87.73 -26.35
N ALA C 8 -0.08 87.23 -25.69
CA ALA C 8 -1.32 87.97 -25.47
C ALA C 8 -1.52 88.18 -23.97
N ALA C 9 -2.14 89.30 -23.61
CA ALA C 9 -2.39 89.64 -22.22
C ALA C 9 -3.89 89.74 -21.98
N VAL C 10 -4.38 89.02 -20.99
CA VAL C 10 -5.78 89.10 -20.56
C VAL C 10 -5.81 89.71 -19.17
N VAL C 11 -6.66 90.72 -18.99
CA VAL C 11 -6.78 91.44 -17.72
C VAL C 11 -8.23 91.30 -17.27
N LEU C 12 -8.48 90.35 -16.37
CA LEU C 12 -9.80 90.08 -15.87
C LEU C 12 -10.19 91.09 -14.79
N CYS C 13 -11.50 91.25 -14.58
CA CYS C 13 -12.01 92.03 -13.46
C CYS C 13 -13.16 91.28 -12.81
N MET C 14 -13.19 91.28 -11.50
CA MET C 14 -14.20 90.55 -10.73
C MET C 14 -14.90 91.48 -9.76
N ASP C 15 -16.22 91.56 -9.86
CA ASP C 15 -17.02 92.22 -8.84
C ASP C 15 -17.25 91.24 -7.69
N VAL C 16 -17.06 91.73 -6.46
CA VAL C 16 -17.22 90.91 -5.26
C VAL C 16 -18.31 91.43 -4.34
N GLY C 17 -18.89 92.59 -4.64
CA GLY C 17 -19.77 93.30 -3.74
C GLY C 17 -20.95 92.52 -3.17
N PHE C 18 -21.61 93.11 -2.17
CA PHE C 18 -22.72 92.43 -1.51
C PHE C 18 -23.83 92.09 -2.50
N THR C 19 -24.14 93.01 -3.41
CA THR C 19 -25.12 92.71 -4.44
C THR C 19 -24.63 91.59 -5.35
N MET C 20 -23.34 91.62 -5.71
CA MET C 20 -22.75 90.50 -6.45
C MET C 20 -22.88 89.21 -5.65
N SER C 21 -22.61 89.28 -4.35
CA SER C 21 -22.71 88.12 -3.47
C SER C 21 -24.08 88.01 -2.80
N ASN C 22 -25.13 88.45 -3.49
CA ASN C 22 -26.48 88.39 -2.95
C ASN C 22 -26.83 86.96 -2.55
N SER C 23 -27.46 86.83 -1.38
CA SER C 23 -27.84 85.52 -0.88
C SER C 23 -28.74 84.80 -1.87
N ILE C 24 -28.62 83.48 -1.91
CA ILE C 24 -29.20 82.63 -2.95
C ILE C 24 -30.66 82.98 -3.20
N PRO C 25 -30.98 83.51 -4.39
CA PRO C 25 -32.38 83.80 -4.72
C PRO C 25 -33.21 82.56 -5.00
N GLY C 26 -32.63 81.37 -4.91
CA GLY C 26 -33.37 80.15 -5.14
C GLY C 26 -32.64 79.14 -6.00
N ILE C 27 -31.56 79.57 -6.65
CA ILE C 27 -30.80 78.66 -7.51
C ILE C 27 -29.35 78.57 -7.07
N GLU C 28 -28.60 79.69 -7.17
CA GLU C 28 -27.18 79.75 -6.84
C GLU C 28 -26.75 81.19 -7.08
N SER C 29 -25.58 81.56 -6.55
CA SER C 29 -25.18 82.96 -6.54
C SER C 29 -24.45 83.32 -7.82
N PRO C 30 -24.79 84.44 -8.47
CA PRO C 30 -24.02 84.88 -9.64
C PRO C 30 -22.55 85.12 -9.36
N PHE C 31 -22.20 85.60 -8.16
CA PHE C 31 -20.79 85.80 -7.83
C PHE C 31 -20.03 84.47 -7.84
N GLU C 32 -20.62 83.43 -7.27
CA GLU C 32 -19.93 82.14 -7.25
C GLU C 32 -19.87 81.53 -8.64
N GLN C 33 -20.86 81.79 -9.50
CA GLN C 33 -20.75 81.42 -10.91
C GLN C 33 -19.58 82.13 -11.57
N ALA C 34 -19.43 83.43 -11.31
CA ALA C 34 -18.28 84.15 -11.84
C ALA C 34 -16.98 83.55 -11.34
N LYS C 35 -16.96 83.15 -10.06
CA LYS C 35 -15.80 82.49 -9.50
C LYS C 35 -15.51 81.18 -10.23
N LYS C 36 -16.54 80.39 -10.50
CA LYS C 36 -16.35 79.11 -11.20
C LYS C 36 -15.78 79.33 -12.59
N VAL C 37 -16.36 80.28 -13.33
CA VAL C 37 -15.89 80.52 -14.71
C VAL C 37 -14.46 81.06 -14.70
N ILE C 38 -14.17 82.03 -13.84
CA ILE C 38 -12.80 82.56 -13.79
C ILE C 38 -11.82 81.47 -13.38
N THR C 39 -12.25 80.54 -12.53
CA THR C 39 -11.35 79.44 -12.17
C THR C 39 -11.11 78.53 -13.35
N MET C 40 -12.14 78.27 -14.16
CA MET C 40 -11.93 77.53 -15.40
C MET C 40 -10.90 78.21 -16.29
N PHE C 41 -11.09 79.51 -16.51
CA PHE C 41 -10.17 80.26 -17.35
C PHE C 41 -8.74 80.16 -16.84
N VAL C 42 -8.55 80.41 -15.54
CA VAL C 42 -7.20 80.46 -15.00
C VAL C 42 -6.56 79.07 -14.96
N GLN C 43 -7.35 78.03 -14.65
CA GLN C 43 -6.75 76.70 -14.62
C GLN C 43 -6.32 76.25 -16.01
N ARG C 44 -7.14 76.54 -17.03
CA ARG C 44 -6.73 76.19 -18.38
C ARG C 44 -5.50 76.99 -18.80
N GLN C 45 -5.46 78.28 -18.46
CA GLN C 45 -4.30 79.09 -18.82
C GLN C 45 -3.04 78.59 -18.14
N VAL C 46 -3.13 78.24 -16.86
CA VAL C 46 -1.94 77.81 -16.13
C VAL C 46 -1.52 76.40 -16.52
N PHE C 47 -2.46 75.58 -17.00
CA PHE C 47 -2.12 74.24 -17.47
C PHE C 47 -1.84 74.18 -18.96
N ALA C 48 -1.91 75.31 -19.67
CA ALA C 48 -1.49 75.36 -21.05
C ALA C 48 -0.04 75.79 -21.23
N GLU C 49 0.61 76.24 -20.15
CA GLU C 49 2.02 76.61 -20.15
C GLU C 49 2.38 77.64 -21.20
N ASN C 50 1.39 78.40 -21.66
CA ASN C 50 1.60 79.46 -22.63
C ASN C 50 2.14 80.71 -21.97
N LYS C 51 2.66 81.62 -22.78
CA LYS C 51 3.01 82.95 -22.32
C LYS C 51 1.87 83.93 -22.54
N ASP C 52 0.66 83.55 -22.16
CA ASP C 52 -0.49 84.43 -22.19
C ASP C 52 -0.73 84.89 -20.76
N GLU C 53 -0.27 86.10 -20.45
CA GLU C 53 -0.25 86.57 -19.08
C GLU C 53 -1.67 86.84 -18.59
N ILE C 54 -1.79 86.99 -17.27
CA ILE C 54 -3.06 87.33 -16.63
C ILE C 54 -2.80 88.45 -15.64
N ALA C 55 -3.68 89.44 -15.63
CA ALA C 55 -3.69 90.47 -14.59
C ALA C 55 -5.08 90.51 -13.98
N LEU C 56 -5.15 90.29 -12.67
CA LEU C 56 -6.42 90.19 -11.95
C LEU C 56 -6.64 91.45 -11.13
N VAL C 57 -7.84 92.00 -11.23
CA VAL C 57 -8.23 93.16 -10.42
C VAL C 57 -9.55 92.81 -9.74
N LEU C 58 -9.82 93.51 -8.64
CA LEU C 58 -11.04 93.28 -7.86
C LEU C 58 -11.70 94.62 -7.59
N PHE C 59 -13.01 94.70 -7.85
CA PHE C 59 -13.79 95.88 -7.58
C PHE C 59 -15.06 95.49 -6.84
N GLY C 60 -15.64 96.47 -6.14
CA GLY C 60 -16.65 96.18 -5.14
C GLY C 60 -16.07 95.69 -3.85
N THR C 61 -14.86 96.11 -3.50
CA THR C 61 -14.10 95.54 -2.40
C THR C 61 -14.35 96.33 -1.11
N ASP C 62 -13.64 95.95 -0.04
CA ASP C 62 -13.79 96.62 1.24
C ASP C 62 -13.10 97.98 1.24
N GLY C 63 -11.78 97.97 1.04
CA GLY C 63 -10.99 99.18 0.95
C GLY C 63 -10.71 99.59 -0.47
N THR C 64 -9.59 100.27 -0.68
CA THR C 64 -9.17 100.66 -2.03
C THR C 64 -7.65 100.71 -2.06
N ASP C 65 -7.04 99.59 -2.46
CA ASP C 65 -5.61 99.53 -2.76
C ASP C 65 -5.34 99.71 -4.24
N ASN C 66 -5.88 100.77 -4.84
CA ASN C 66 -5.70 100.92 -6.27
C ASN C 66 -4.38 101.61 -6.59
N PRO C 67 -3.76 101.26 -7.72
CA PRO C 67 -2.55 102.00 -8.13
C PRO C 67 -2.79 103.48 -8.31
N LEU C 68 -3.98 103.87 -8.77
CA LEU C 68 -4.37 105.27 -8.87
C LEU C 68 -5.78 105.42 -8.31
N SER C 69 -5.94 106.34 -7.35
CA SER C 69 -7.24 106.59 -6.73
C SER C 69 -7.23 108.02 -6.20
N GLY C 70 -7.89 108.91 -6.92
CA GLY C 70 -7.91 110.31 -6.54
C GLY C 70 -9.25 110.79 -6.04
N GLY C 71 -9.35 111.06 -4.74
CA GLY C 71 -10.60 111.59 -4.19
C GLY C 71 -11.67 110.53 -4.08
N ASP C 72 -12.93 110.96 -4.25
CA ASP C 72 -14.06 110.05 -4.11
C ASP C 72 -14.04 108.97 -5.18
N GLN C 73 -13.71 109.33 -6.42
CA GLN C 73 -13.71 108.36 -7.51
C GLN C 73 -12.59 107.35 -7.32
N TYR C 74 -12.70 106.24 -8.06
CA TYR C 74 -11.76 105.12 -7.97
C TYR C 74 -11.71 104.58 -6.53
N GLN C 75 -12.87 104.07 -6.09
CA GLN C 75 -13.03 103.55 -4.74
C GLN C 75 -13.66 102.17 -4.80
N ASN C 76 -13.44 101.40 -3.73
CA ASN C 76 -13.90 100.01 -3.65
C ASN C 76 -13.31 99.15 -4.76
N ILE C 77 -12.18 99.58 -5.31
CA ILE C 77 -11.50 98.87 -6.39
C ILE C 77 -10.09 98.55 -5.94
N THR C 78 -9.63 97.33 -6.24
CA THR C 78 -8.29 96.89 -5.89
C THR C 78 -7.73 96.10 -7.07
N VAL C 79 -6.72 96.64 -7.73
CA VAL C 79 -6.02 95.91 -8.80
C VAL C 79 -5.17 94.85 -8.10
N HIS C 80 -5.66 93.60 -8.13
CA HIS C 80 -5.01 92.55 -7.36
C HIS C 80 -3.68 92.12 -7.95
N ARG C 81 -3.58 92.05 -9.29
CA ARG C 81 -2.42 91.47 -9.94
C ARG C 81 -2.00 92.32 -11.12
N HIS C 82 -0.71 92.23 -11.45
CA HIS C 82 -0.13 92.85 -12.64
C HIS C 82 0.05 91.78 -13.72
N LEU C 83 0.69 92.16 -14.83
CA LEU C 83 0.81 91.29 -16.00
C LEU C 83 2.12 90.53 -15.95
N MET C 84 2.04 89.27 -15.53
CA MET C 84 3.15 88.32 -15.64
C MET C 84 2.59 86.91 -15.59
N LEU C 85 3.49 85.93 -15.51
CA LEU C 85 3.11 84.53 -15.70
C LEU C 85 2.15 84.06 -14.60
N PRO C 86 0.96 83.59 -14.94
CA PRO C 86 0.05 83.06 -13.91
C PRO C 86 0.45 81.67 -13.45
N ASP C 87 0.33 81.44 -12.15
CA ASP C 87 0.71 80.17 -11.54
C ASP C 87 -0.37 79.73 -10.56
N PHE C 88 -0.09 78.73 -9.73
CA PHE C 88 -1.03 78.31 -8.70
C PHE C 88 -1.24 79.37 -7.63
N ASP C 89 -0.42 80.43 -7.59
CA ASP C 89 -0.63 81.49 -6.62
C ASP C 89 -1.96 82.21 -6.86
N LEU C 90 -2.18 82.67 -8.10
CA LEU C 90 -3.44 83.33 -8.43
C LEU C 90 -4.61 82.35 -8.40
N LEU C 91 -4.36 81.10 -8.80
CA LEU C 91 -5.40 80.08 -8.76
C LEU C 91 -5.87 79.83 -7.33
N GLU C 92 -4.94 79.76 -6.38
CA GLU C 92 -5.30 79.73 -4.96
C GLU C 92 -6.00 81.01 -4.53
N ASP C 93 -5.50 82.16 -4.99
CA ASP C 93 -6.06 83.44 -4.54
C ASP C 93 -7.53 83.56 -4.93
N ILE C 94 -7.87 83.16 -6.16
CA ILE C 94 -9.27 83.13 -6.56
C ILE C 94 -9.99 81.92 -5.97
N GLU C 95 -9.24 80.90 -5.52
CA GLU C 95 -9.90 79.75 -4.89
C GLU C 95 -10.37 80.09 -3.48
N SER C 96 -9.79 81.11 -2.85
CA SER C 96 -10.14 81.44 -1.47
C SER C 96 -10.50 82.92 -1.30
N LYS C 97 -11.34 83.45 -2.18
CA LYS C 97 -11.77 84.85 -2.07
C LYS C 97 -13.29 84.96 -2.27
N ILE C 98 -14.03 84.10 -1.57
CA ILE C 98 -15.49 84.16 -1.58
C ILE C 98 -16.02 85.37 -0.83
N GLN C 99 -15.14 86.14 -0.19
CA GLN C 99 -15.57 87.24 0.67
C GLN C 99 -16.41 88.25 -0.11
N PRO C 100 -17.51 88.75 0.47
CA PRO C 100 -18.28 89.80 -0.21
C PRO C 100 -17.57 91.13 -0.27
N GLY C 101 -17.12 91.64 0.88
CA GLY C 101 -16.62 93.00 0.92
C GLY C 101 -17.74 93.97 0.57
N SER C 102 -18.71 94.11 1.47
CA SER C 102 -20.00 94.73 1.13
C SER C 102 -19.89 96.23 0.91
N GLN C 103 -19.18 96.65 -0.13
CA GLN C 103 -19.09 98.06 -0.55
C GLN C 103 -19.08 98.09 -2.07
N GLN C 104 -20.26 98.26 -2.67
CA GLN C 104 -20.41 98.28 -4.11
C GLN C 104 -20.39 99.73 -4.61
N ALA C 105 -19.40 100.06 -5.43
CA ALA C 105 -19.24 101.43 -5.90
C ALA C 105 -19.42 101.57 -7.41
N ASP C 106 -18.65 100.85 -8.22
CA ASP C 106 -18.63 101.07 -9.66
C ASP C 106 -17.97 99.88 -10.33
N PHE C 107 -18.15 99.82 -11.66
CA PHE C 107 -17.54 98.78 -12.49
C PHE C 107 -16.74 99.35 -13.65
N LEU C 108 -17.19 100.45 -14.26
CA LEU C 108 -16.47 101.03 -15.39
C LEU C 108 -15.11 101.55 -14.97
N ASP C 109 -15.01 102.14 -13.77
CA ASP C 109 -13.73 102.62 -13.28
C ASP C 109 -12.71 101.49 -13.22
N ALA C 110 -13.15 100.28 -12.85
CA ALA C 110 -12.24 99.15 -12.81
C ALA C 110 -11.68 98.84 -14.19
N LEU C 111 -12.52 98.88 -15.22
CA LEU C 111 -12.04 98.61 -16.57
C LEU C 111 -11.12 99.71 -17.06
N ILE C 112 -11.42 100.97 -16.71
CA ILE C 112 -10.54 102.07 -17.11
C ILE C 112 -9.17 101.92 -16.45
N VAL C 113 -9.15 101.58 -15.17
CA VAL C 113 -7.88 101.34 -14.49
C VAL C 113 -7.16 100.16 -15.11
N SER C 114 -7.90 99.12 -15.50
CA SER C 114 -7.28 97.95 -16.11
C SER C 114 -6.59 98.31 -17.43
N MET C 115 -7.28 99.05 -18.29
CA MET C 115 -6.67 99.42 -19.57
C MET C 115 -5.52 100.41 -19.36
N ASP C 116 -5.65 101.32 -18.40
CA ASP C 116 -4.57 102.26 -18.12
C ASP C 116 -3.33 101.54 -17.62
N VAL C 117 -3.49 100.56 -16.73
CA VAL C 117 -2.34 99.81 -16.25
C VAL C 117 -1.82 98.87 -17.34
N ILE C 118 -2.68 98.49 -18.28
CA ILE C 118 -2.21 97.76 -19.46
C ILE C 118 -1.21 98.62 -20.24
N GLN C 119 -1.59 99.87 -20.51
CA GLN C 119 -0.66 100.78 -21.18
C GLN C 119 0.56 101.09 -20.31
N HIS C 120 0.39 101.07 -18.99
CA HIS C 120 1.50 101.38 -18.10
C HIS C 120 2.55 100.27 -18.09
N GLU C 121 2.11 99.02 -18.04
CA GLU C 121 3.01 97.88 -17.87
C GLU C 121 3.32 97.16 -19.17
N THR C 122 2.95 97.73 -20.32
CA THR C 122 3.36 97.14 -21.59
C THR C 122 4.71 97.69 -22.01
N ILE C 123 5.67 97.67 -21.10
CA ILE C 123 7.01 98.17 -21.33
C ILE C 123 7.99 97.02 -21.16
N GLY C 124 8.84 96.81 -22.16
CA GLY C 124 9.73 95.67 -22.17
C GLY C 124 9.07 94.35 -22.51
N LYS C 125 7.76 94.35 -22.77
CA LYS C 125 7.04 93.13 -23.13
C LYS C 125 5.87 93.52 -24.03
N LYS C 126 6.07 93.39 -25.34
CA LYS C 126 5.01 93.71 -26.29
C LYS C 126 3.93 92.64 -26.25
N PHE C 127 2.68 93.06 -26.45
CA PHE C 127 1.53 92.16 -26.44
C PHE C 127 0.82 92.26 -27.77
N GLU C 128 0.55 91.12 -28.40
CA GLU C 128 -0.16 91.13 -29.68
C GLU C 128 -1.65 91.35 -29.50
N LYS C 129 -2.26 90.72 -28.49
CA LYS C 129 -3.68 90.84 -28.23
C LYS C 129 -3.90 91.12 -26.75
N ARG C 130 -4.46 92.28 -26.44
CA ARG C 130 -4.73 92.68 -25.08
C ARG C 130 -6.23 92.56 -24.83
N HIS C 131 -6.60 91.83 -23.78
CA HIS C 131 -7.96 91.40 -23.57
C HIS C 131 -8.41 91.74 -22.15
N ILE C 132 -9.68 92.11 -22.02
CA ILE C 132 -10.29 92.40 -20.73
C ILE C 132 -11.68 91.79 -20.72
N GLU C 133 -12.05 91.20 -19.60
CA GLU C 133 -13.38 90.60 -19.42
C GLU C 133 -14.05 91.27 -18.22
N ILE C 134 -15.38 91.36 -18.29
CA ILE C 134 -16.17 92.03 -17.27
C ILE C 134 -17.16 91.04 -16.69
N PHE C 135 -17.28 91.05 -15.35
CA PHE C 135 -18.29 90.25 -14.65
C PHE C 135 -18.90 91.14 -13.57
N THR C 136 -20.06 91.73 -13.88
CA THR C 136 -20.72 92.66 -12.97
C THR C 136 -22.22 92.46 -13.02
N ASP C 137 -22.86 92.48 -11.84
CA ASP C 137 -24.32 92.45 -11.77
C ASP C 137 -24.94 93.71 -12.36
N LEU C 138 -24.17 94.81 -12.44
CA LEU C 138 -24.65 96.08 -12.97
C LEU C 138 -25.82 96.64 -12.16
N SER C 139 -25.90 96.26 -10.88
CA SER C 139 -26.96 96.75 -10.01
C SER C 139 -26.57 98.02 -9.26
N SER C 140 -25.32 98.44 -9.35
CA SER C 140 -24.90 99.69 -8.74
C SER C 140 -24.95 100.81 -9.76
N ARG C 141 -24.98 102.05 -9.27
CA ARG C 141 -25.07 103.21 -10.14
C ARG C 141 -23.72 103.46 -10.80
N PHE C 142 -23.74 103.65 -12.12
CA PHE C 142 -22.52 103.85 -12.89
C PHE C 142 -22.06 105.31 -12.78
N SER C 143 -21.00 105.64 -13.52
CA SER C 143 -20.44 106.98 -13.53
C SER C 143 -20.32 107.46 -14.98
N LYS C 144 -20.63 108.73 -15.19
CA LYS C 144 -20.55 109.35 -16.51
C LYS C 144 -19.46 110.40 -16.59
N SER C 145 -18.38 110.23 -15.81
CA SER C 145 -17.32 111.23 -15.77
C SER C 145 -16.67 111.38 -17.14
N GLN C 146 -16.36 110.27 -17.80
CA GLN C 146 -15.89 110.33 -19.18
C GLN C 146 -16.26 109.03 -19.88
N LEU C 147 -16.91 109.15 -21.03
CA LEU C 147 -17.25 108.00 -21.87
C LEU C 147 -16.65 108.08 -23.25
N ASP C 148 -16.72 109.24 -23.91
CA ASP C 148 -16.09 109.40 -25.22
C ASP C 148 -14.57 109.30 -25.11
N ILE C 149 -14.01 109.81 -24.00
CA ILE C 149 -12.57 109.75 -23.81
C ILE C 149 -12.10 108.30 -23.75
N ILE C 150 -12.82 107.47 -22.98
CA ILE C 150 -12.43 106.06 -22.88
C ILE C 150 -12.64 105.34 -24.21
N ILE C 151 -13.68 105.73 -24.97
CA ILE C 151 -13.91 105.13 -26.28
C ILE C 151 -12.73 105.41 -27.20
N HIS C 152 -12.28 106.68 -27.22
CA HIS C 152 -11.14 107.06 -28.05
C HIS C 152 -9.87 106.35 -27.59
N SER C 153 -9.66 106.27 -26.28
CA SER C 153 -8.46 105.62 -25.76
C SER C 153 -8.46 104.13 -26.07
N LEU C 154 -9.64 103.51 -26.14
CA LEU C 154 -9.70 102.09 -26.47
C LEU C 154 -9.49 101.87 -27.96
N LYS C 155 -10.02 102.75 -28.80
CA LYS C 155 -9.75 102.66 -30.23
C LYS C 155 -8.28 102.87 -30.55
N LYS C 156 -7.63 103.85 -29.91
CA LYS C 156 -6.20 104.04 -30.16
C LYS C 156 -5.39 102.88 -29.59
N CYS C 157 -5.93 102.17 -28.60
CA CYS C 157 -5.28 100.99 -28.03
C CYS C 157 -5.67 99.71 -28.76
N ASP C 158 -6.60 99.79 -29.72
CA ASP C 158 -7.05 98.68 -30.56
C ASP C 158 -7.18 97.36 -29.78
N ILE C 159 -7.89 97.43 -28.66
CA ILE C 159 -8.20 96.24 -27.86
C ILE C 159 -9.69 95.98 -27.95
N SER C 160 -10.05 94.70 -28.09
CA SER C 160 -11.43 94.27 -28.24
C SER C 160 -11.88 93.58 -26.96
N LEU C 161 -12.62 94.30 -26.13
CA LEU C 161 -13.13 93.74 -24.90
C LEU C 161 -14.27 92.77 -25.19
N GLN C 162 -14.52 91.88 -24.24
CA GLN C 162 -15.69 91.02 -24.27
C GLN C 162 -16.41 91.15 -22.94
N PHE C 163 -17.71 91.41 -23.00
CA PHE C 163 -18.51 91.64 -21.80
C PHE C 163 -19.28 90.37 -21.45
N PHE C 164 -19.08 89.88 -20.23
CA PHE C 164 -19.86 88.78 -19.69
C PHE C 164 -20.76 89.31 -18.58
N LEU C 165 -21.86 88.63 -18.34
CA LEU C 165 -22.87 89.07 -17.40
C LEU C 165 -23.49 87.88 -16.68
N PRO C 166 -24.05 88.09 -15.49
CA PRO C 166 -24.64 86.98 -14.73
C PRO C 166 -25.90 86.42 -15.37
N PHE C 167 -26.58 85.51 -14.67
CA PHE C 167 -27.77 84.86 -15.23
C PHE C 167 -28.80 85.85 -15.77
N SER C 168 -28.69 87.13 -15.45
CA SER C 168 -29.69 88.13 -15.84
C SER C 168 -29.47 88.52 -17.30
N LEU C 169 -30.14 87.80 -18.20
CA LEU C 169 -30.16 88.16 -19.62
C LEU C 169 -31.36 89.03 -19.96
N GLY C 170 -32.53 88.68 -19.44
CA GLY C 170 -33.74 89.45 -19.69
C GLY C 170 -34.73 89.40 -18.53
N GLY C 181 -36.87 75.36 -16.15
CA GLY C 181 -37.19 75.46 -14.73
C GLY C 181 -35.98 75.40 -13.83
N PRO C 182 -35.46 74.19 -13.60
CA PRO C 182 -34.28 74.04 -12.74
C PRO C 182 -33.02 74.56 -13.41
N PHE C 183 -32.88 75.88 -13.51
CA PHE C 183 -31.66 76.50 -14.03
C PHE C 183 -30.62 76.47 -12.92
N ARG C 184 -29.67 75.54 -13.01
CA ARG C 184 -28.67 75.38 -11.94
C ARG C 184 -27.25 75.68 -12.41
N LEU C 185 -26.71 74.98 -13.40
CA LEU C 185 -25.35 75.26 -13.86
C LEU C 185 -25.30 75.59 -15.34
N GLY C 186 -25.81 74.71 -16.20
CA GLY C 186 -25.86 74.91 -17.63
C GLY C 186 -26.75 73.86 -18.27
N GLY C 187 -27.76 74.27 -19.03
CA GLY C 187 -28.73 73.33 -19.53
C GLY C 187 -29.23 73.59 -20.93
N HIS C 188 -28.48 74.38 -21.70
CA HIS C 188 -28.78 74.63 -23.12
C HIS C 188 -30.10 75.36 -23.30
N GLY C 189 -30.55 76.07 -22.26
CA GLY C 189 -31.86 76.68 -22.29
C GLY C 189 -31.93 78.03 -21.61
N PRO C 190 -32.90 78.21 -20.72
CA PRO C 190 -33.16 79.53 -20.14
C PRO C 190 -32.08 79.95 -19.16
N SER C 191 -32.11 81.23 -18.82
CA SER C 191 -31.15 81.81 -17.88
C SER C 191 -31.82 82.28 -16.59
N PHE C 192 -32.85 83.13 -16.67
CA PHE C 192 -33.46 83.49 -15.40
C PHE C 192 -34.57 82.50 -15.06
N PRO C 193 -34.70 82.11 -13.78
CA PRO C 193 -35.69 81.09 -13.41
C PRO C 193 -37.12 81.49 -13.75
N LEU C 194 -37.62 82.56 -13.13
CA LEU C 194 -38.91 83.12 -13.51
C LEU C 194 -38.80 84.57 -13.95
N LYS C 195 -38.28 85.45 -13.10
CA LYS C 195 -38.10 86.89 -13.37
C LYS C 195 -36.77 87.29 -12.71
N GLY C 196 -35.71 87.32 -13.51
CA GLY C 196 -34.39 87.59 -12.95
C GLY C 196 -33.83 88.96 -13.23
N ILE C 197 -34.67 89.89 -13.69
CA ILE C 197 -34.22 91.21 -14.09
C ILE C 197 -34.91 92.27 -13.25
N THR C 198 -34.24 93.41 -13.08
CA THR C 198 -34.77 94.58 -12.41
C THR C 198 -34.57 95.80 -13.31
N GLU C 199 -35.14 96.93 -12.89
CA GLU C 199 -35.04 98.16 -13.68
C GLU C 199 -33.59 98.63 -13.77
N GLN C 200 -32.90 98.68 -12.62
CA GLN C 200 -31.50 99.12 -12.62
C GLN C 200 -30.63 98.16 -13.42
N GLN C 201 -30.86 96.86 -13.27
CA GLN C 201 -30.11 95.88 -14.05
C GLN C 201 -30.38 96.05 -15.54
N LYS C 202 -31.64 96.25 -15.91
CA LYS C 202 -31.98 96.41 -17.32
C LYS C 202 -31.32 97.65 -17.91
N GLU C 203 -31.36 98.78 -17.19
CA GLU C 203 -30.74 99.99 -17.71
C GLU C 203 -29.22 99.89 -17.73
N GLY C 204 -28.63 99.16 -16.78
CA GLY C 204 -27.20 98.92 -16.84
C GLY C 204 -26.81 98.10 -18.05
N LEU C 205 -27.56 97.02 -18.33
CA LEU C 205 -27.35 96.27 -19.56
C LEU C 205 -27.48 97.17 -20.78
N GLU C 206 -28.52 98.02 -20.81
CA GLU C 206 -28.72 98.92 -21.94
C GLU C 206 -27.50 99.81 -22.17
N ILE C 207 -27.04 100.50 -21.11
CA ILE C 207 -25.95 101.44 -21.29
C ILE C 207 -24.66 100.73 -21.66
N VAL C 208 -24.36 99.61 -21.00
CA VAL C 208 -23.11 98.92 -21.31
C VAL C 208 -23.11 98.39 -22.74
N LYS C 209 -24.23 97.80 -23.17
CA LYS C 209 -24.28 97.26 -24.52
C LYS C 209 -24.20 98.38 -25.55
N MET C 210 -24.86 99.51 -25.28
CA MET C 210 -24.79 100.62 -26.22
C MET C 210 -23.35 101.15 -26.33
N VAL C 211 -22.68 101.31 -25.19
CA VAL C 211 -21.32 101.83 -25.21
C VAL C 211 -20.39 100.88 -25.97
N MET C 212 -20.49 99.58 -25.68
CA MET C 212 -19.57 98.64 -26.31
C MET C 212 -19.92 98.39 -27.78
N ILE C 213 -21.19 98.57 -28.15
CA ILE C 213 -21.57 98.52 -29.57
C ILE C 213 -20.96 99.71 -30.30
N SER C 214 -21.12 100.91 -29.75
CA SER C 214 -20.53 102.09 -30.38
C SER C 214 -19.02 101.98 -30.44
N LEU C 215 -18.41 101.29 -29.47
CA LEU C 215 -16.97 101.09 -29.49
C LEU C 215 -16.54 100.11 -30.58
N GLU C 216 -17.25 98.97 -30.68
CA GLU C 216 -16.86 97.90 -31.59
C GLU C 216 -17.85 97.69 -32.73
N GLY C 217 -19.11 97.40 -32.43
CA GLY C 217 -20.12 97.16 -33.44
C GLY C 217 -20.90 95.89 -33.15
N GLU C 218 -21.67 95.46 -34.14
CA GLU C 218 -22.58 94.32 -33.97
C GLU C 218 -21.86 93.08 -33.50
N ASP C 219 -20.58 92.92 -33.87
CA ASP C 219 -19.80 91.80 -33.38
C ASP C 219 -19.76 91.78 -31.85
N GLY C 220 -19.81 92.95 -31.21
CA GLY C 220 -19.86 92.99 -29.77
C GLY C 220 -21.14 92.39 -29.21
N LEU C 221 -22.28 92.76 -29.79
CA LEU C 221 -23.54 92.15 -29.38
C LEU C 221 -23.55 90.67 -29.66
N ASP C 222 -22.84 90.23 -30.71
CA ASP C 222 -22.68 88.80 -30.95
C ASP C 222 -21.85 88.15 -29.85
N GLU C 223 -20.93 88.90 -29.25
CA GLU C 223 -20.04 88.38 -28.23
C GLU C 223 -20.56 88.80 -26.85
N ILE C 224 -21.52 88.05 -26.34
CA ILE C 224 -22.06 88.27 -25.00
C ILE C 224 -22.74 86.98 -24.55
N TYR C 225 -22.49 86.58 -23.30
CA TYR C 225 -22.99 85.31 -22.79
C TYR C 225 -23.20 85.40 -21.29
N SER C 226 -23.68 84.31 -20.72
CA SER C 226 -23.96 84.24 -19.30
C SER C 226 -22.82 83.52 -18.57
N PHE C 227 -23.03 83.23 -17.29
CA PHE C 227 -22.13 82.40 -16.51
C PHE C 227 -22.45 80.92 -16.67
N SER C 228 -23.53 80.58 -17.37
CA SER C 228 -23.93 79.20 -17.61
C SER C 228 -23.41 78.68 -18.93
N GLU C 229 -23.53 79.46 -20.01
CA GLU C 229 -22.99 79.03 -21.29
C GLU C 229 -21.50 79.33 -21.43
N SER C 230 -20.96 80.31 -20.71
CA SER C 230 -19.51 80.48 -20.69
C SER C 230 -18.85 79.29 -20.01
N LEU C 231 -19.59 78.57 -19.18
CA LEU C 231 -19.15 77.27 -18.68
C LEU C 231 -19.56 76.16 -19.62
N ARG C 232 -20.45 76.45 -20.57
CA ARG C 232 -20.85 75.53 -21.62
C ARG C 232 -20.05 75.71 -22.90
N LYS C 233 -19.26 76.79 -23.00
CA LYS C 233 -18.55 77.12 -24.22
C LYS C 233 -17.14 77.57 -23.87
N LEU C 234 -16.33 77.74 -24.91
CA LEU C 234 -15.00 78.31 -24.79
C LEU C 234 -15.00 79.82 -25.07
N CYS C 235 -16.10 80.49 -24.77
CA CYS C 235 -16.24 81.89 -25.15
C CYS C 235 -15.25 82.78 -24.41
N VAL C 236 -14.87 82.40 -23.19
CA VAL C 236 -13.87 83.16 -22.47
C VAL C 236 -12.52 83.06 -23.16
N PHE C 237 -12.35 82.12 -24.08
CA PHE C 237 -11.11 81.92 -24.83
C PHE C 237 -11.38 82.34 -26.28
N LYS C 238 -11.07 83.59 -26.60
CA LYS C 238 -11.26 84.12 -27.94
C LYS C 238 -10.12 85.05 -28.29
N LYS C 239 -9.72 85.02 -29.57
CA LYS C 239 -8.71 85.91 -30.17
C LYS C 239 -7.41 85.92 -29.37
N ILE C 240 -7.21 84.95 -28.48
CA ILE C 240 -6.00 84.82 -27.70
C ILE C 240 -5.05 83.79 -28.32
N GLU C 241 -5.57 82.62 -28.67
CA GLU C 241 -4.77 81.63 -29.36
C GLU C 241 -4.53 82.05 -30.81
N ARG C 242 -3.51 81.46 -31.41
CA ARG C 242 -3.04 81.86 -32.73
C ARG C 242 -3.49 80.86 -33.80
N HIS C 243 -3.37 81.29 -35.05
CA HIS C 243 -3.69 80.43 -36.18
C HIS C 243 -2.69 79.27 -36.26
N SER C 244 -3.14 78.16 -36.83
CA SER C 244 -2.32 76.94 -36.79
C SER C 244 -1.01 77.11 -37.54
N ILE C 245 -1.07 77.11 -38.87
CA ILE C 245 0.07 77.30 -39.78
C ILE C 245 -0.52 77.61 -41.15
N HIS C 246 0.08 78.57 -41.88
CA HIS C 246 -0.31 78.81 -43.26
C HIS C 246 0.54 77.91 -44.16
N TRP C 247 0.23 76.61 -44.13
CA TRP C 247 1.03 75.62 -44.82
C TRP C 247 1.01 75.87 -46.32
N PRO C 248 2.10 76.31 -46.94
CA PRO C 248 2.03 76.71 -48.35
C PRO C 248 2.33 75.57 -49.30
N CYS C 249 1.51 75.46 -50.33
CA CYS C 249 1.71 74.50 -51.42
C CYS C 249 1.08 75.09 -52.68
N ARG C 250 0.86 74.25 -53.70
CA ARG C 250 0.28 74.74 -54.95
C ARG C 250 -0.74 73.75 -55.50
N LEU C 251 -1.92 74.24 -55.84
CA LEU C 251 -2.90 73.51 -56.65
C LEU C 251 -2.36 73.39 -58.07
N THR C 252 -1.98 72.19 -58.47
CA THR C 252 -1.55 71.93 -59.84
C THR C 252 -2.61 71.09 -60.55
N ILE C 253 -3.26 71.68 -61.54
CA ILE C 253 -4.09 70.96 -62.50
C ILE C 253 -3.26 70.79 -63.76
N GLY C 254 -3.05 69.55 -64.15
CA GLY C 254 -2.07 69.26 -65.19
C GLY C 254 -0.70 69.75 -64.78
N SER C 255 0.03 70.26 -65.77
CA SER C 255 1.32 70.87 -65.52
C SER C 255 1.29 72.39 -65.72
N ASN C 256 0.14 72.96 -66.00
CA ASN C 256 0.04 74.40 -66.27
C ASN C 256 -0.84 75.14 -65.28
N LEU C 257 -2.04 74.62 -64.97
CA LEU C 257 -2.99 75.39 -64.17
C LEU C 257 -2.51 75.38 -62.73
N SER C 258 -1.73 76.39 -62.35
CA SER C 258 -1.08 76.42 -61.05
C SER C 258 -1.66 77.54 -60.20
N ILE C 259 -1.92 77.24 -58.93
CA ILE C 259 -2.55 78.17 -58.00
C ILE C 259 -1.82 78.06 -56.67
N ARG C 260 -0.98 79.05 -56.36
CA ARG C 260 -0.33 79.07 -55.05
C ARG C 260 -1.37 79.16 -53.96
N ILE C 261 -1.21 78.35 -52.92
CA ILE C 261 -2.22 78.20 -51.88
C ILE C 261 -1.52 78.09 -50.54
N ALA C 262 -2.21 78.53 -49.48
CA ALA C 262 -1.83 78.23 -48.11
C ALA C 262 -3.00 77.51 -47.45
N ALA C 263 -2.81 76.24 -47.14
CA ALA C 263 -3.80 75.45 -46.42
C ALA C 263 -3.70 75.78 -44.95
N TYR C 264 -4.85 75.90 -44.30
CA TYR C 264 -4.92 76.07 -42.86
C TYR C 264 -5.54 74.82 -42.26
N LYS C 265 -4.89 74.25 -41.25
CA LYS C 265 -5.40 73.02 -40.67
C LYS C 265 -6.68 73.29 -39.89
N SER C 266 -7.69 72.50 -40.18
CA SER C 266 -9.00 72.59 -39.57
C SER C 266 -9.18 71.31 -38.75
N ILE C 267 -10.41 70.99 -38.37
CA ILE C 267 -10.74 70.13 -37.24
C ILE C 267 -9.79 68.95 -37.10
N LEU C 268 -9.19 68.82 -35.92
CA LEU C 268 -8.37 67.68 -35.54
C LEU C 268 -8.46 67.51 -34.04
N GLN C 269 -8.32 66.28 -33.58
CA GLN C 269 -8.48 66.00 -32.17
C GLN C 269 -7.40 66.70 -31.36
N GLU C 270 -7.80 67.35 -30.26
CA GLU C 270 -6.83 67.89 -29.33
C GLU C 270 -6.54 66.88 -28.24
N ARG C 271 -5.49 67.15 -27.47
CA ARG C 271 -4.90 66.15 -26.61
C ARG C 271 -4.14 66.84 -25.50
N VAL C 272 -3.80 66.08 -24.45
CA VAL C 272 -3.07 66.63 -23.33
C VAL C 272 -1.61 66.81 -23.73
N LYS C 273 -1.07 68.00 -23.46
CA LYS C 273 0.28 68.35 -23.88
C LYS C 273 1.34 67.98 -22.85
N LYS C 274 0.95 67.45 -21.70
CA LYS C 274 1.90 67.05 -20.66
C LYS C 274 1.89 65.54 -20.49
N THR C 275 3.06 64.99 -20.22
CA THR C 275 3.21 63.56 -19.98
C THR C 275 3.23 63.31 -18.49
N TRP C 276 2.48 62.31 -18.05
CA TRP C 276 2.56 61.87 -16.66
C TRP C 276 3.89 61.20 -16.46
N THR C 277 4.86 61.96 -15.96
CA THR C 277 6.24 61.49 -15.86
C THR C 277 6.38 60.50 -14.71
N VAL C 278 7.07 59.38 -14.98
CA VAL C 278 7.33 58.41 -13.93
C VAL C 278 8.44 58.93 -13.04
N VAL C 279 8.26 58.78 -11.72
CA VAL C 279 9.25 59.20 -10.74
C VAL C 279 9.49 58.05 -9.77
N ASP C 280 10.29 58.29 -8.74
CA ASP C 280 10.47 57.31 -7.67
C ASP C 280 9.49 57.60 -6.55
N ALA C 281 9.05 56.55 -5.87
CA ALA C 281 8.15 56.70 -4.74
C ALA C 281 8.89 57.26 -3.54
N LYS C 282 8.19 58.08 -2.77
CA LYS C 282 8.58 58.59 -1.45
C LYS C 282 9.87 59.43 -1.48
N THR C 283 10.44 59.68 -2.65
CA THR C 283 11.55 60.62 -2.79
C THR C 283 11.36 61.63 -3.91
N LEU C 284 10.42 61.41 -4.82
CA LEU C 284 9.81 62.47 -5.64
C LEU C 284 10.79 63.11 -6.62
N LYS C 285 11.82 62.41 -7.05
CA LYS C 285 12.80 62.95 -7.98
C LYS C 285 12.69 62.24 -9.32
N LYS C 286 12.65 63.02 -10.41
CA LYS C 286 12.49 62.43 -11.73
C LYS C 286 13.75 61.72 -12.19
N GLU C 287 14.92 62.31 -11.91
CA GLU C 287 16.17 61.72 -12.37
C GLU C 287 16.57 60.49 -11.57
N ASP C 288 15.95 60.25 -10.43
CA ASP C 288 16.36 59.14 -9.58
C ASP C 288 15.74 57.83 -9.99
N ILE C 289 15.32 57.72 -11.25
CA ILE C 289 14.90 56.45 -11.83
C ILE C 289 15.44 56.41 -13.26
N GLN C 290 15.75 55.20 -13.71
CA GLN C 290 16.03 55.00 -15.12
C GLN C 290 15.66 53.58 -15.52
N LYS C 291 14.84 53.47 -16.56
CA LYS C 291 14.49 52.19 -17.15
C LYS C 291 15.64 51.67 -17.99
N GLU C 292 15.39 50.57 -18.69
CA GLU C 292 16.34 50.08 -19.68
C GLU C 292 15.56 49.25 -20.69
N THR C 293 16.30 48.54 -21.53
CA THR C 293 15.73 47.55 -22.43
C THR C 293 16.85 46.60 -22.81
N VAL C 294 16.70 45.33 -22.47
CA VAL C 294 17.73 44.32 -22.71
C VAL C 294 17.12 43.23 -23.56
N TYR C 295 17.71 42.97 -24.72
CA TYR C 295 17.21 41.96 -25.63
C TYR C 295 17.74 40.55 -25.37
N CYS C 296 17.14 39.87 -24.40
CA CYS C 296 17.54 38.51 -24.05
C CYS C 296 17.16 37.54 -25.17
N LEU C 297 17.99 36.52 -25.38
CA LEU C 297 17.74 35.53 -26.42
C LEU C 297 16.86 34.39 -25.89
N ASN C 298 16.30 33.60 -26.80
CA ASN C 298 15.45 32.49 -26.41
C ASN C 298 16.26 31.30 -25.87
N ASP C 299 17.40 31.57 -25.25
CA ASP C 299 18.32 30.54 -24.81
C ASP C 299 17.95 30.07 -23.41
N ASP C 300 18.83 29.28 -22.79
CA ASP C 300 18.53 28.68 -21.49
C ASP C 300 18.39 29.71 -20.39
N ASP C 301 18.96 30.90 -20.59
CA ASP C 301 18.83 32.00 -19.63
C ASP C 301 18.75 33.32 -20.40
N GLU C 302 18.89 34.42 -19.66
CA GLU C 302 18.89 35.74 -20.26
C GLU C 302 20.24 36.02 -20.92
N THR C 303 20.54 35.27 -22.00
CA THR C 303 21.84 35.34 -22.66
C THR C 303 21.92 36.65 -23.44
N GLU C 304 22.19 37.72 -22.69
CA GLU C 304 22.06 39.08 -23.19
C GLU C 304 22.85 39.28 -24.48
N VAL C 305 22.29 40.07 -25.39
CA VAL C 305 22.99 40.53 -26.58
C VAL C 305 22.84 42.04 -26.67
N LEU C 306 23.76 42.67 -27.38
CA LEU C 306 23.79 44.12 -27.41
C LEU C 306 22.87 44.66 -28.49
N LYS C 307 22.61 45.97 -28.40
CA LYS C 307 21.69 46.62 -29.32
C LYS C 307 22.18 46.53 -30.77
N GLU C 308 23.48 46.72 -30.98
CA GLU C 308 24.01 46.84 -32.34
C GLU C 308 24.02 45.53 -33.12
N ASP C 309 23.72 44.41 -32.48
CA ASP C 309 23.74 43.12 -33.16
C ASP C 309 22.33 42.57 -33.36
N ILE C 310 21.33 43.45 -33.35
CA ILE C 310 19.94 43.10 -33.58
C ILE C 310 19.43 43.91 -34.76
N ILE C 311 18.91 43.23 -35.78
CA ILE C 311 18.28 43.88 -36.91
C ILE C 311 16.82 43.43 -36.93
N GLN C 312 15.96 44.27 -37.51
CA GLN C 312 14.54 43.95 -37.51
C GLN C 312 14.22 42.94 -38.59
N GLY C 313 13.15 42.17 -38.37
CA GLY C 313 12.59 41.33 -39.38
C GLY C 313 11.25 41.83 -39.86
N PHE C 314 10.50 40.94 -40.50
CA PHE C 314 9.15 41.22 -40.96
C PHE C 314 8.46 39.88 -41.19
N ARG C 315 7.16 39.85 -40.95
CA ARG C 315 6.41 38.62 -41.20
C ARG C 315 6.13 38.47 -42.69
N TYR C 316 6.51 37.32 -43.23
CA TYR C 316 6.20 36.98 -44.62
C TYR C 316 6.07 35.45 -44.66
N GLY C 317 4.84 34.96 -44.52
CA GLY C 317 4.66 33.54 -44.45
C GLY C 317 4.98 32.98 -43.07
N SER C 318 5.61 31.82 -43.05
CA SER C 318 5.92 31.14 -41.80
C SER C 318 7.28 31.54 -41.22
N ASP C 319 8.05 32.35 -41.92
CA ASP C 319 9.37 32.76 -41.49
C ASP C 319 9.45 34.29 -41.46
N ILE C 320 10.65 34.82 -41.28
CA ILE C 320 10.87 36.25 -41.11
C ILE C 320 11.92 36.70 -42.10
N VAL C 321 11.85 37.97 -42.51
CA VAL C 321 12.69 38.54 -43.54
C VAL C 321 13.62 39.57 -42.90
N PRO C 322 14.94 39.33 -42.95
CA PRO C 322 15.94 40.25 -42.39
C PRO C 322 16.01 41.60 -43.09
N PHE C 323 14.93 42.38 -43.01
CA PHE C 323 14.86 43.69 -43.67
C PHE C 323 15.78 44.75 -43.07
N SER C 324 15.99 44.67 -41.75
CA SER C 324 16.85 45.60 -41.00
C SER C 324 16.41 47.07 -41.11
N LYS C 325 17.33 47.97 -41.43
CA LYS C 325 16.97 49.39 -41.50
C LYS C 325 17.39 50.18 -42.75
N VAL C 326 18.70 50.35 -42.94
CA VAL C 326 19.23 51.12 -44.06
C VAL C 326 18.69 50.58 -45.37
N ASP C 327 18.52 49.26 -45.45
CA ASP C 327 18.02 48.65 -46.67
C ASP C 327 16.64 49.16 -47.02
N GLU C 328 15.72 49.22 -46.04
CA GLU C 328 14.40 49.73 -46.36
C GLU C 328 14.36 51.25 -46.40
N GLU C 329 15.38 51.91 -45.84
CA GLU C 329 15.47 53.36 -46.00
C GLU C 329 16.02 53.73 -47.36
N GLN C 330 16.56 52.75 -48.10
CA GLN C 330 16.95 52.97 -49.48
C GLN C 330 15.83 52.60 -50.45
N MET C 331 15.26 51.41 -50.32
CA MET C 331 14.28 50.90 -51.26
C MET C 331 12.84 51.17 -50.81
N LYS C 332 12.63 52.25 -50.08
CA LYS C 332 11.28 52.68 -49.73
C LYS C 332 10.70 53.57 -50.81
N TYR C 333 9.39 53.76 -50.74
CA TYR C 333 8.73 54.72 -51.60
C TYR C 333 9.28 56.13 -51.36
N LYS C 334 9.39 56.89 -52.45
CA LYS C 334 9.86 58.27 -52.40
C LYS C 334 8.74 59.19 -52.82
N SER C 335 8.66 60.36 -52.19
CA SER C 335 7.43 61.12 -52.16
C SER C 335 7.40 62.29 -53.14
N GLU C 336 8.52 62.65 -53.75
CA GLU C 336 8.58 63.78 -54.68
C GLU C 336 8.13 65.07 -54.00
N GLY C 337 8.46 65.20 -52.72
CA GLY C 337 8.17 66.41 -51.97
C GLY C 337 6.68 66.57 -51.66
N LYS C 338 6.37 67.71 -51.06
CA LYS C 338 4.99 68.05 -50.75
C LYS C 338 4.24 68.40 -52.02
N CYS C 339 3.06 67.79 -52.19
CA CYS C 339 2.34 67.86 -53.46
C CYS C 339 0.84 67.98 -53.21
N PHE C 340 0.24 69.03 -53.75
CA PHE C 340 -1.21 69.22 -53.69
C PHE C 340 -1.78 69.13 -55.10
N SER C 341 -1.36 68.12 -55.85
CA SER C 341 -1.73 67.96 -57.25
C SER C 341 -3.06 67.24 -57.40
N VAL C 342 -3.94 67.84 -58.21
CA VAL C 342 -5.31 67.38 -58.36
C VAL C 342 -5.34 66.16 -59.26
N LEU C 343 -5.95 65.07 -58.79
CA LEU C 343 -6.06 63.84 -59.55
C LEU C 343 -7.29 63.81 -60.44
N GLY C 344 -8.12 64.84 -60.39
CA GLY C 344 -9.27 64.89 -61.27
C GLY C 344 -10.47 65.54 -60.62
N PHE C 345 -11.66 65.14 -61.06
CA PHE C 345 -12.90 65.66 -60.50
C PHE C 345 -13.96 64.57 -60.66
N CYS C 346 -15.15 64.83 -60.13
CA CYS C 346 -16.26 63.89 -60.26
C CYS C 346 -17.56 64.57 -59.87
N LYS C 347 -18.58 64.43 -60.72
CA LYS C 347 -19.89 65.00 -60.42
C LYS C 347 -20.68 64.12 -59.47
N SER C 348 -20.90 62.86 -59.83
CA SER C 348 -21.67 61.97 -58.99
C SER C 348 -20.87 61.67 -57.72
N SER C 349 -21.42 62.08 -56.58
CA SER C 349 -20.69 62.00 -55.32
C SER C 349 -20.68 60.55 -54.85
N GLN C 350 -19.69 59.80 -55.31
CA GLN C 350 -19.29 58.58 -54.62
C GLN C 350 -18.50 58.90 -53.36
N VAL C 351 -18.09 60.15 -53.20
CA VAL C 351 -17.38 60.57 -52.00
C VAL C 351 -18.41 60.95 -50.94
N GLN C 352 -18.90 59.95 -50.22
CA GLN C 352 -19.89 60.13 -49.18
C GLN C 352 -19.25 60.10 -47.81
N ARG C 353 -19.83 60.89 -46.89
CA ARG C 353 -19.22 61.17 -45.59
C ARG C 353 -18.80 59.92 -44.83
N ARG C 354 -19.35 58.75 -45.17
CA ARG C 354 -19.03 57.53 -44.45
C ARG C 354 -17.71 56.94 -44.94
N PHE C 355 -16.90 57.75 -45.60
CA PHE C 355 -15.66 57.25 -46.17
C PHE C 355 -14.50 58.22 -45.98
N PHE C 356 -14.51 59.07 -44.95
CA PHE C 356 -13.56 60.17 -44.93
C PHE C 356 -12.19 59.77 -44.39
N MET C 357 -12.08 58.71 -43.58
CA MET C 357 -10.83 58.02 -43.28
C MET C 357 -9.75 58.91 -42.65
N GLY C 358 -9.99 60.20 -42.46
CA GLY C 358 -8.94 61.11 -42.08
C GLY C 358 -8.64 61.08 -40.60
N ASN C 359 -7.76 61.98 -40.19
CA ASN C 359 -7.57 62.36 -38.81
C ASN C 359 -7.62 63.86 -38.64
N GLN C 360 -7.89 64.59 -39.72
CA GLN C 360 -7.97 66.04 -39.71
C GLN C 360 -8.78 66.46 -40.93
N VAL C 361 -9.11 67.75 -40.98
CA VAL C 361 -9.73 68.35 -42.14
C VAL C 361 -8.88 69.56 -42.54
N LEU C 362 -8.62 69.71 -43.83
CA LEU C 362 -7.88 70.86 -44.30
C LEU C 362 -8.84 71.86 -44.94
N LYS C 363 -8.45 73.13 -44.95
CA LYS C 363 -9.29 74.19 -45.49
C LYS C 363 -8.40 75.21 -46.20
N VAL C 364 -8.47 75.26 -47.53
CA VAL C 364 -7.57 76.07 -48.34
C VAL C 364 -8.32 77.30 -48.84
N PHE C 365 -7.72 78.48 -48.66
CA PHE C 365 -8.36 79.75 -48.96
C PHE C 365 -7.75 80.44 -50.17
N ALA C 366 -6.47 80.78 -50.05
CA ALA C 366 -5.80 81.77 -50.86
C ALA C 366 -4.35 81.78 -50.40
N ALA C 367 -3.61 82.81 -50.78
CA ALA C 367 -2.36 83.14 -50.11
C ALA C 367 -2.32 84.64 -49.86
N ARG C 368 -1.18 85.15 -49.44
CA ARG C 368 -0.94 86.58 -49.42
C ARG C 368 -0.25 86.99 -50.72
N ASP C 369 0.34 88.19 -50.74
CA ASP C 369 1.30 88.58 -51.77
C ASP C 369 0.65 88.61 -53.17
N ASP C 370 -0.21 89.62 -53.36
CA ASP C 370 -0.86 89.88 -54.64
C ASP C 370 -1.76 88.71 -55.04
N GLU C 371 -2.84 88.58 -54.29
CA GLU C 371 -3.71 87.41 -54.31
C GLU C 371 -4.44 87.24 -55.63
N ALA C 372 -3.74 86.80 -56.67
CA ALA C 372 -4.40 86.37 -57.90
C ALA C 372 -4.81 84.91 -57.80
N ALA C 373 -3.95 84.07 -57.22
CA ALA C 373 -4.31 82.67 -56.98
C ALA C 373 -5.56 82.57 -56.12
N ALA C 374 -5.81 83.59 -55.30
CA ALA C 374 -7.09 83.71 -54.60
C ALA C 374 -8.25 83.52 -55.57
N VAL C 375 -8.34 84.39 -56.57
CA VAL C 375 -9.49 84.32 -57.48
C VAL C 375 -9.35 83.14 -58.43
N ALA C 376 -8.13 82.64 -58.65
CA ALA C 376 -7.98 81.42 -59.45
C ALA C 376 -8.70 80.24 -58.81
N LEU C 377 -8.32 79.89 -57.57
CA LEU C 377 -8.99 78.77 -56.93
C LEU C 377 -10.41 79.14 -56.54
N SER C 378 -10.71 80.44 -56.36
CA SER C 378 -12.09 80.86 -56.16
C SER C 378 -12.94 80.52 -57.37
N SER C 379 -12.42 80.74 -58.57
CA SER C 379 -13.10 80.30 -59.78
C SER C 379 -13.26 78.79 -59.79
N LEU C 380 -12.20 78.06 -59.41
CA LEU C 380 -12.31 76.60 -59.37
C LEU C 380 -13.44 76.17 -58.46
N ILE C 381 -13.58 76.80 -57.29
CA ILE C 381 -14.54 76.31 -56.31
C ILE C 381 -15.93 76.87 -56.56
N HIS C 382 -16.04 78.04 -57.20
CA HIS C 382 -17.32 78.52 -57.69
C HIS C 382 -17.79 77.77 -58.94
N ALA C 383 -16.90 77.01 -59.57
CA ALA C 383 -17.33 76.03 -60.56
C ALA C 383 -17.72 74.72 -59.89
N LEU C 384 -16.99 74.34 -58.85
CA LEU C 384 -17.24 73.06 -58.17
C LEU C 384 -18.46 73.09 -57.27
N ASP C 385 -18.90 74.26 -56.82
CA ASP C 385 -19.96 74.34 -55.82
C ASP C 385 -21.36 74.26 -56.43
N ASP C 386 -21.65 75.12 -57.40
CA ASP C 386 -23.00 75.20 -57.94
C ASP C 386 -23.44 73.89 -58.56
N LEU C 387 -22.56 73.26 -59.34
CA LEU C 387 -22.83 71.94 -59.89
C LEU C 387 -22.14 70.93 -58.98
N ASP C 388 -22.63 69.69 -58.98
CA ASP C 388 -22.39 68.75 -57.89
C ASP C 388 -21.00 68.09 -57.94
N MET C 389 -20.04 68.68 -58.65
CA MET C 389 -18.73 68.03 -58.78
C MET C 389 -17.89 68.21 -57.53
N VAL C 390 -16.98 67.26 -57.34
CA VAL C 390 -16.00 67.28 -56.27
C VAL C 390 -14.60 67.23 -56.90
N ALA C 391 -13.59 67.24 -56.04
CA ALA C 391 -12.20 67.33 -56.49
C ALA C 391 -11.37 66.25 -55.81
N ILE C 392 -11.08 65.17 -56.53
CA ILE C 392 -10.22 64.12 -56.02
C ILE C 392 -8.78 64.58 -56.19
N VAL C 393 -8.03 64.58 -55.09
CA VAL C 393 -6.79 65.31 -54.99
C VAL C 393 -5.74 64.41 -54.35
N ARG C 394 -4.47 64.73 -54.58
CA ARG C 394 -3.34 64.06 -53.96
C ARG C 394 -2.63 65.07 -53.05
N TYR C 395 -2.26 64.62 -51.86
CA TYR C 395 -1.76 65.52 -50.83
C TYR C 395 -0.67 64.84 -50.03
N ALA C 396 0.46 65.53 -49.86
CA ALA C 396 1.53 65.09 -48.99
C ALA C 396 1.96 66.28 -48.14
N TYR C 397 2.16 66.03 -46.84
CA TYR C 397 2.59 67.11 -45.96
C TYR C 397 3.97 67.61 -46.34
N ASP C 398 4.89 66.69 -46.60
CA ASP C 398 6.26 67.03 -46.97
C ASP C 398 6.90 65.82 -47.63
N LYS C 399 8.21 65.87 -47.83
CA LYS C 399 8.92 64.77 -48.45
C LYS C 399 8.86 63.51 -47.59
N ARG C 400 8.99 63.66 -46.27
CA ARG C 400 8.98 62.49 -45.40
C ARG C 400 7.61 61.84 -45.35
N ALA C 401 6.55 62.64 -45.36
CA ALA C 401 5.20 62.13 -45.16
C ALA C 401 4.74 61.29 -46.34
N ASN C 402 3.82 60.37 -46.06
CA ASN C 402 3.24 59.54 -47.09
C ASN C 402 2.17 60.31 -47.86
N PRO C 403 1.92 59.94 -49.11
CA PRO C 403 0.90 60.64 -49.89
C PRO C 403 -0.48 60.04 -49.67
N GLN C 404 -1.49 60.91 -49.64
CA GLN C 404 -2.86 60.54 -49.37
C GLN C 404 -3.75 61.13 -50.45
N VAL C 405 -4.59 60.29 -51.05
CA VAL C 405 -5.58 60.74 -52.02
C VAL C 405 -6.89 60.99 -51.27
N GLY C 406 -7.48 62.14 -51.50
CA GLY C 406 -8.72 62.50 -50.84
C GLY C 406 -9.69 63.24 -51.74
N VAL C 407 -10.73 63.80 -51.15
CA VAL C 407 -11.76 64.55 -51.88
C VAL C 407 -11.77 65.99 -51.38
N ALA C 408 -11.95 66.94 -52.28
CA ALA C 408 -11.99 68.36 -51.93
C ALA C 408 -13.38 68.93 -52.21
N PHE C 409 -14.28 68.78 -51.23
CA PHE C 409 -15.57 69.45 -51.29
C PHE C 409 -15.36 70.96 -51.26
N PRO C 410 -16.16 71.71 -52.03
CA PRO C 410 -16.08 73.17 -52.10
C PRO C 410 -16.70 73.83 -50.87
N HIS C 411 -16.06 74.91 -50.39
CA HIS C 411 -16.54 75.63 -49.22
C HIS C 411 -17.88 76.33 -49.48
N ILE C 412 -18.73 76.37 -48.46
CA ILE C 412 -20.04 77.02 -48.57
C ILE C 412 -20.31 77.94 -47.38
N LYS C 413 -19.80 79.17 -47.46
CA LYS C 413 -19.98 80.17 -46.39
C LYS C 413 -20.02 81.60 -46.98
N HIS C 414 -20.25 82.65 -46.17
CA HIS C 414 -20.26 83.96 -46.81
C HIS C 414 -18.95 84.71 -46.62
N ASN C 415 -18.34 84.60 -45.43
CA ASN C 415 -17.19 85.43 -45.11
C ASN C 415 -15.88 84.87 -45.66
N TYR C 416 -15.88 83.62 -46.11
CA TYR C 416 -14.76 83.11 -46.90
C TYR C 416 -15.27 81.96 -47.75
N GLU C 417 -14.49 81.64 -48.78
CA GLU C 417 -14.85 80.62 -49.76
C GLU C 417 -13.62 79.74 -49.93
N CYS C 418 -13.62 78.57 -49.31
CA CYS C 418 -12.46 77.69 -49.28
C CYS C 418 -12.71 76.47 -50.14
N LEU C 419 -11.77 75.53 -50.12
CA LEU C 419 -11.94 74.21 -50.75
C LEU C 419 -11.51 73.18 -49.70
N VAL C 420 -12.47 72.75 -48.88
CA VAL C 420 -12.12 71.84 -47.79
C VAL C 420 -11.60 70.54 -48.38
N TYR C 421 -10.66 69.92 -47.67
CA TYR C 421 -10.04 68.69 -48.10
C TYR C 421 -10.10 67.67 -46.99
N VAL C 422 -10.25 66.41 -47.38
CA VAL C 422 -10.47 65.30 -46.45
C VAL C 422 -9.81 64.06 -47.05
N GLN C 423 -9.14 63.28 -46.21
CA GLN C 423 -8.47 62.08 -46.72
C GLN C 423 -9.55 61.06 -47.11
N LEU C 424 -9.12 59.88 -47.54
CA LEU C 424 -10.05 59.00 -48.23
C LEU C 424 -9.37 57.64 -48.39
N PRO C 425 -10.12 56.54 -48.36
CA PRO C 425 -9.46 55.24 -48.21
C PRO C 425 -8.64 54.85 -49.43
N PHE C 426 -7.64 54.01 -49.18
CA PHE C 426 -6.97 53.26 -50.23
C PHE C 426 -7.63 51.89 -50.31
N MET C 427 -7.29 51.13 -51.35
CA MET C 427 -7.97 49.86 -51.61
C MET C 427 -7.84 48.88 -50.44
N GLU C 428 -6.80 49.02 -49.63
CA GLU C 428 -6.63 48.14 -48.48
C GLU C 428 -7.38 48.63 -47.27
N ASP C 429 -7.63 49.93 -47.17
CA ASP C 429 -8.27 50.50 -45.99
C ASP C 429 -9.70 50.02 -45.82
N LEU C 430 -10.51 50.08 -46.88
CA LEU C 430 -11.94 49.85 -46.75
C LEU C 430 -12.26 48.36 -46.82
N ARG C 431 -13.18 47.93 -45.94
CA ARG C 431 -13.52 46.53 -45.77
C ARG C 431 -14.98 46.31 -46.15
N GLN C 432 -15.28 45.09 -46.60
CA GLN C 432 -16.64 44.70 -46.94
C GLN C 432 -17.14 43.70 -45.91
N TYR C 433 -18.25 44.03 -45.25
CA TYR C 433 -18.82 43.20 -44.20
C TYR C 433 -20.28 42.90 -44.54
N MET C 434 -20.56 41.65 -44.88
CA MET C 434 -21.92 41.23 -45.19
C MET C 434 -22.77 41.25 -43.92
N PHE C 435 -23.74 42.16 -43.87
CA PHE C 435 -24.69 42.24 -42.77
C PHE C 435 -26.08 41.87 -43.28
N SER C 436 -26.74 40.95 -42.60
CA SER C 436 -28.06 40.51 -43.00
C SER C 436 -29.05 41.68 -42.99
N SER C 437 -29.95 41.70 -43.95
CA SER C 437 -30.82 42.85 -44.16
C SER C 437 -31.86 42.95 -43.05
N LEU C 438 -32.45 44.14 -42.93
CA LEU C 438 -33.49 44.42 -41.96
C LEU C 438 -34.86 44.62 -42.60
N LYS C 439 -34.93 45.35 -43.72
CA LYS C 439 -36.19 45.45 -44.45
C LYS C 439 -36.63 44.08 -44.95
N ASN C 440 -35.70 43.26 -45.40
CA ASN C 440 -35.99 41.88 -45.77
C ASN C 440 -35.76 40.93 -44.60
N SER C 441 -36.34 41.25 -43.46
CA SER C 441 -36.27 40.42 -42.27
C SER C 441 -37.68 40.17 -41.76
N LYS C 442 -37.97 38.92 -41.38
CA LYS C 442 -39.31 38.52 -40.98
C LYS C 442 -39.49 38.47 -39.47
N LYS C 443 -38.64 37.73 -38.76
CA LYS C 443 -38.85 37.50 -37.33
C LYS C 443 -38.65 38.75 -36.50
N TYR C 444 -38.11 39.82 -37.08
CA TYR C 444 -37.98 41.11 -36.41
C TYR C 444 -39.00 42.13 -36.91
N ALA C 445 -40.10 41.68 -37.49
CA ALA C 445 -41.04 42.60 -38.13
C ALA C 445 -41.64 43.55 -37.10
N PRO C 446 -41.51 44.86 -37.29
CA PRO C 446 -42.13 45.81 -36.36
C PRO C 446 -43.56 46.13 -36.74
N THR C 447 -44.42 46.19 -35.72
CA THR C 447 -45.81 46.59 -35.90
C THR C 447 -45.91 48.11 -35.98
N GLU C 448 -46.94 48.58 -36.71
CA GLU C 448 -47.14 50.02 -36.87
C GLU C 448 -47.36 50.71 -35.53
N ALA C 449 -47.92 49.99 -34.55
CA ALA C 449 -48.00 50.54 -33.20
C ALA C 449 -46.63 50.95 -32.68
N GLN C 450 -45.65 50.05 -32.82
CA GLN C 450 -44.28 50.37 -32.42
C GLN C 450 -43.75 51.56 -33.22
N LEU C 451 -44.06 51.59 -34.52
CA LEU C 451 -43.56 52.66 -35.38
C LEU C 451 -44.04 54.03 -34.88
N ASN C 452 -45.35 54.17 -34.63
CA ASN C 452 -45.84 55.45 -34.14
C ASN C 452 -45.39 55.73 -32.70
N ALA C 453 -45.19 54.68 -31.89
CA ALA C 453 -44.67 54.90 -30.55
C ALA C 453 -43.29 55.55 -30.59
N VAL C 454 -42.39 55.01 -31.40
CA VAL C 454 -41.07 55.60 -31.51
C VAL C 454 -41.10 56.88 -32.33
N ASP C 455 -42.12 57.08 -33.15
CA ASP C 455 -42.35 58.39 -33.76
C ASP C 455 -42.56 59.46 -32.70
N ALA C 456 -43.47 59.19 -31.76
CA ALA C 456 -43.69 60.10 -30.65
C ALA C 456 -42.43 60.22 -29.80
N LEU C 457 -41.67 59.13 -29.68
CA LEU C 457 -40.42 59.19 -28.93
C LEU C 457 -39.43 60.16 -29.57
N ILE C 458 -39.27 60.07 -30.89
CA ILE C 458 -38.35 60.94 -31.60
C ILE C 458 -38.81 62.39 -31.52
N ASP C 459 -40.10 62.63 -31.71
CA ASP C 459 -40.57 64.01 -31.72
C ASP C 459 -40.56 64.60 -30.32
N SER C 460 -40.66 63.77 -29.28
CA SER C 460 -40.48 64.26 -27.92
C SER C 460 -39.05 64.74 -27.69
N MET C 461 -38.06 63.95 -28.12
CA MET C 461 -36.66 64.29 -27.92
C MET C 461 -36.00 64.88 -29.16
N SER C 462 -36.74 65.49 -30.06
CA SER C 462 -36.10 66.26 -31.11
C SER C 462 -35.30 67.40 -30.49
N LEU C 463 -34.08 67.61 -30.97
CA LEU C 463 -33.22 68.68 -30.50
C LEU C 463 -33.24 69.88 -31.43
N ALA C 464 -34.16 69.93 -32.37
CA ALA C 464 -34.29 71.06 -33.28
C ALA C 464 -35.74 71.47 -33.39
N LYS C 465 -35.96 72.74 -33.70
CA LYS C 465 -37.30 73.31 -33.82
C LYS C 465 -37.20 74.55 -34.70
N LYS C 466 -38.31 75.26 -34.83
CA LYS C 466 -38.36 76.52 -35.56
C LYS C 466 -39.09 77.55 -34.71
N ASP C 467 -38.58 78.78 -34.69
CA ASP C 467 -39.14 79.81 -33.84
C ASP C 467 -38.77 81.18 -34.42
N GLU C 468 -39.12 82.23 -33.65
CA GLU C 468 -38.92 83.64 -34.00
C GLU C 468 -39.31 83.96 -35.45
N LYS C 469 -40.22 83.16 -36.04
CA LYS C 469 -40.82 83.45 -37.34
C LYS C 469 -39.79 83.64 -38.44
N THR C 470 -38.59 83.07 -38.28
CA THR C 470 -37.53 83.23 -39.27
C THR C 470 -37.42 82.05 -40.22
N ASP C 471 -38.21 80.99 -40.02
CA ASP C 471 -38.16 79.79 -40.84
C ASP C 471 -36.76 79.18 -40.88
N THR C 472 -35.99 79.37 -39.81
CA THR C 472 -34.66 78.81 -39.67
C THR C 472 -34.60 78.02 -38.38
N LEU C 473 -34.02 76.83 -38.45
CA LEU C 473 -33.97 75.95 -37.30
C LEU C 473 -32.95 76.44 -36.29
N GLU C 474 -33.29 76.27 -35.01
CA GLU C 474 -32.38 76.56 -33.91
C GLU C 474 -31.65 75.29 -33.52
N ASP C 475 -30.66 75.43 -32.64
CA ASP C 475 -29.74 74.35 -32.32
C ASP C 475 -29.82 74.08 -30.83
N LEU C 476 -30.78 73.24 -30.42
CA LEU C 476 -30.90 72.83 -29.03
C LEU C 476 -29.93 71.68 -28.78
N PHE C 477 -29.10 71.84 -27.74
CA PHE C 477 -28.02 70.90 -27.40
C PHE C 477 -27.04 70.82 -28.56
N PRO C 478 -26.32 71.93 -28.84
CA PRO C 478 -25.34 71.93 -29.93
C PRO C 478 -24.00 71.34 -29.53
N THR C 479 -23.85 70.03 -29.64
CA THR C 479 -22.69 69.32 -29.09
C THR C 479 -21.39 69.66 -29.80
N THR C 480 -21.41 70.65 -30.70
CA THR C 480 -20.23 71.05 -31.44
C THR C 480 -19.63 72.37 -30.95
N LYS C 481 -20.07 72.88 -29.80
CA LYS C 481 -19.48 74.07 -29.22
C LYS C 481 -19.02 73.87 -27.79
N ILE C 482 -19.44 72.81 -27.11
CA ILE C 482 -19.13 72.65 -25.69
C ILE C 482 -17.74 72.03 -25.54
N PRO C 483 -17.04 72.31 -24.46
CA PRO C 483 -15.65 71.84 -24.33
C PRO C 483 -15.52 70.34 -24.18
N ASN C 484 -14.28 69.86 -24.05
CA ASN C 484 -14.03 68.46 -23.77
C ASN C 484 -14.06 68.26 -22.26
N PRO C 485 -14.98 67.47 -21.72
CA PRO C 485 -14.98 67.23 -20.28
C PRO C 485 -13.71 66.56 -19.80
N ARG C 486 -13.05 65.79 -20.67
CA ARG C 486 -11.81 65.11 -20.33
C ARG C 486 -10.81 66.05 -19.67
N PHE C 487 -10.34 67.04 -20.42
CA PHE C 487 -9.22 67.82 -19.91
C PHE C 487 -9.66 68.86 -18.89
N GLN C 488 -10.93 69.28 -18.92
CA GLN C 488 -11.41 70.18 -17.86
C GLN C 488 -11.51 69.46 -16.52
N ARG C 489 -12.04 68.23 -16.52
CA ARG C 489 -12.08 67.44 -15.31
C ARG C 489 -10.68 67.10 -14.84
N LEU C 490 -9.77 66.79 -15.76
CA LEU C 490 -8.38 66.60 -15.40
C LEU C 490 -7.79 67.87 -14.78
N PHE C 491 -8.14 69.03 -15.32
CA PHE C 491 -7.62 70.28 -14.80
C PHE C 491 -8.07 70.49 -13.36
N GLN C 492 -9.33 70.26 -13.06
CA GLN C 492 -9.81 70.51 -11.70
C GLN C 492 -9.34 69.42 -10.73
N CYS C 493 -9.26 68.17 -11.18
CA CYS C 493 -8.69 67.11 -10.36
C CYS C 493 -7.25 67.42 -9.98
N LEU C 494 -6.44 67.81 -10.96
CA LEU C 494 -5.05 68.14 -10.66
C LEU C 494 -4.94 69.40 -9.81
N LEU C 495 -5.85 70.35 -9.98
CA LEU C 495 -5.87 71.51 -9.09
C LEU C 495 -6.08 71.08 -7.64
N HIS C 496 -7.11 70.27 -7.40
CA HIS C 496 -7.39 69.82 -6.05
C HIS C 496 -6.24 69.02 -5.47
N ARG C 497 -5.69 68.08 -6.23
CA ARG C 497 -4.58 67.28 -5.71
C ARG C 497 -3.29 68.10 -5.61
N ALA C 498 -3.23 69.25 -6.26
CA ALA C 498 -2.03 70.07 -6.18
C ALA C 498 -2.05 71.01 -4.98
N LEU C 499 -3.21 71.59 -4.67
CA LEU C 499 -3.29 72.45 -3.49
C LEU C 499 -3.35 71.62 -2.22
N HIS C 500 -3.97 70.43 -2.29
CA HIS C 500 -4.38 69.65 -1.14
C HIS C 500 -3.76 68.26 -1.23
N PRO C 501 -2.46 68.13 -0.99
CA PRO C 501 -1.76 66.87 -1.30
C PRO C 501 -2.29 65.65 -0.57
N ARG C 502 -3.28 65.80 0.32
CA ARG C 502 -3.72 64.68 1.15
C ARG C 502 -5.05 64.08 0.71
N GLU C 503 -6.04 64.91 0.40
CA GLU C 503 -7.37 64.40 0.10
C GLU C 503 -7.33 63.50 -1.13
N PRO C 504 -8.20 62.50 -1.20
CA PRO C 504 -8.28 61.67 -2.41
C PRO C 504 -8.89 62.41 -3.58
N LEU C 505 -9.08 61.71 -4.69
CA LEU C 505 -9.64 62.31 -5.90
C LEU C 505 -11.01 62.90 -5.61
N PRO C 506 -11.30 64.09 -6.12
CA PRO C 506 -12.64 64.68 -5.94
C PRO C 506 -13.67 63.93 -6.77
N PRO C 507 -14.94 64.34 -6.71
CA PRO C 507 -15.92 63.86 -7.68
C PRO C 507 -16.04 64.80 -8.87
N ILE C 508 -16.64 64.28 -9.94
CA ILE C 508 -16.89 65.09 -11.12
C ILE C 508 -17.92 66.16 -10.79
N GLN C 509 -17.63 67.39 -11.19
CA GLN C 509 -18.48 68.51 -10.84
C GLN C 509 -19.92 68.30 -11.33
N GLN C 510 -20.85 69.03 -10.72
CA GLN C 510 -22.23 69.00 -11.19
C GLN C 510 -22.37 69.71 -12.53
N HIS C 511 -21.56 70.74 -12.77
CA HIS C 511 -21.68 71.49 -14.00
C HIS C 511 -21.17 70.69 -15.19
N ILE C 512 -20.16 69.84 -14.98
CA ILE C 512 -19.76 68.89 -16.01
C ILE C 512 -20.93 68.00 -16.39
N TRP C 513 -21.52 67.32 -15.40
CA TRP C 513 -22.65 66.44 -15.69
C TRP C 513 -23.83 67.19 -16.28
N ASN C 514 -23.90 68.51 -16.11
CA ASN C 514 -24.92 69.29 -16.81
C ASN C 514 -24.51 69.55 -18.25
N MET C 515 -23.21 69.76 -18.48
CA MET C 515 -22.68 69.85 -19.85
C MET C 515 -23.16 68.69 -20.70
N LEU C 516 -23.02 67.47 -20.17
CA LEU C 516 -23.12 66.25 -20.94
C LEU C 516 -24.49 65.60 -20.85
N ASN C 517 -25.53 66.37 -20.54
CA ASN C 517 -26.89 65.90 -20.44
C ASN C 517 -27.82 66.76 -21.28
N PRO C 518 -28.84 66.19 -21.90
CA PRO C 518 -29.71 66.96 -22.79
C PRO C 518 -30.47 68.01 -22.01
N PRO C 519 -31.06 69.00 -22.68
CA PRO C 519 -31.83 70.02 -21.96
C PRO C 519 -33.01 69.40 -21.24
N ALA C 520 -33.41 70.03 -20.13
CA ALA C 520 -34.49 69.48 -19.32
C ALA C 520 -35.80 69.39 -20.09
N GLU C 521 -36.03 70.29 -21.05
CA GLU C 521 -37.29 70.30 -21.78
C GLU C 521 -37.53 68.98 -22.50
N VAL C 522 -36.50 68.47 -23.18
CA VAL C 522 -36.68 67.24 -23.95
C VAL C 522 -36.91 66.06 -23.02
N THR C 523 -36.22 66.02 -21.88
CA THR C 523 -36.43 64.92 -20.94
C THR C 523 -37.84 64.95 -20.36
N THR C 524 -38.31 66.14 -19.98
CA THR C 524 -39.67 66.28 -19.47
C THR C 524 -40.70 65.87 -20.50
N LYS C 525 -40.54 66.33 -21.75
CA LYS C 525 -41.41 65.86 -22.81
C LYS C 525 -41.22 64.38 -23.11
N SER C 526 -40.14 63.78 -22.63
CA SER C 526 -39.75 62.43 -23.01
C SER C 526 -40.29 61.34 -22.10
N GLN C 527 -40.33 61.55 -20.77
CA GLN C 527 -40.53 60.41 -19.87
C GLN C 527 -41.66 59.48 -20.31
N ILE C 528 -42.75 60.06 -20.84
CA ILE C 528 -43.95 59.25 -21.10
C ILE C 528 -43.77 58.30 -22.28
N PRO C 529 -43.44 58.77 -23.50
CA PRO C 529 -43.21 57.80 -24.59
C PRO C 529 -42.04 56.86 -24.31
N LEU C 530 -41.10 57.26 -23.47
CA LEU C 530 -40.05 56.35 -23.02
C LEU C 530 -40.67 55.12 -22.35
N SER C 531 -41.58 55.33 -21.41
CA SER C 531 -42.26 54.22 -20.77
C SER C 531 -43.21 53.50 -21.72
N LYS C 532 -43.79 54.25 -22.67
CA LYS C 532 -44.67 53.62 -23.65
C LYS C 532 -43.91 52.59 -24.46
N ILE C 533 -42.68 52.92 -24.85
CA ILE C 533 -41.76 51.93 -25.43
C ILE C 533 -41.41 50.84 -24.44
N LYS C 534 -41.10 51.23 -23.19
CA LYS C 534 -40.65 50.26 -22.18
C LYS C 534 -41.63 49.10 -22.08
N THR C 535 -42.92 49.41 -22.00
CA THR C 535 -43.94 48.36 -21.99
C THR C 535 -44.21 47.81 -23.39
N LEU C 536 -44.36 48.71 -24.38
CA LEU C 536 -44.92 48.40 -25.70
C LEU C 536 -44.00 47.58 -26.58
N PHE C 537 -42.76 47.38 -26.19
CA PHE C 537 -41.77 46.71 -27.01
C PHE C 537 -41.38 45.39 -26.35
N PRO C 538 -40.68 44.49 -27.07
CA PRO C 538 -40.27 43.25 -26.41
C PRO C 538 -39.31 43.54 -25.26
N LEU C 539 -38.98 42.51 -24.48
CA LEU C 539 -38.40 42.77 -23.17
C LEU C 539 -36.89 42.97 -23.27
N ILE C 540 -36.37 43.68 -22.28
CA ILE C 540 -34.91 43.82 -22.11
C ILE C 540 -34.50 42.60 -21.29
N GLU C 541 -34.31 41.48 -22.00
CA GLU C 541 -34.36 40.18 -21.35
C GLU C 541 -33.10 39.88 -20.57
N ALA C 542 -31.96 39.80 -21.25
CA ALA C 542 -30.75 39.24 -20.67
C ALA C 542 -29.98 40.29 -19.89
N LYS C 543 -29.64 39.96 -18.64
CA LYS C 543 -28.82 40.82 -17.78
C LYS C 543 -28.07 39.89 -16.82
N LYS C 544 -26.86 39.49 -17.20
CA LYS C 544 -26.05 38.59 -16.39
C LYS C 544 -24.60 39.05 -16.35
N LYS C 545 -24.38 40.36 -16.26
CA LYS C 545 -23.04 40.92 -16.32
C LYS C 545 -22.81 41.85 -15.13
N ASP C 546 -21.58 41.87 -14.64
CA ASP C 546 -21.17 42.75 -13.56
C ASP C 546 -19.73 43.19 -13.80
N GLN C 547 -19.44 44.44 -13.44
CA GLN C 547 -18.14 45.05 -13.64
C GLN C 547 -17.69 45.75 -12.36
N VAL C 548 -17.80 45.03 -11.23
CA VAL C 548 -17.53 45.62 -9.93
C VAL C 548 -16.04 45.90 -9.76
N THR C 549 -15.72 47.09 -9.28
CA THR C 549 -14.35 47.51 -9.05
C THR C 549 -13.80 46.83 -7.79
N ALA C 550 -12.49 46.97 -7.60
CA ALA C 550 -11.85 46.38 -6.44
C ALA C 550 -12.36 47.01 -5.15
N GLN C 551 -12.46 48.34 -5.11
CA GLN C 551 -12.91 49.03 -3.91
C GLN C 551 -14.37 48.71 -3.56
N GLU C 552 -15.11 48.08 -4.47
CA GLU C 552 -16.49 47.72 -4.20
C GLU C 552 -16.70 46.23 -3.95
N ILE C 553 -15.62 45.43 -3.96
CA ILE C 553 -15.73 44.01 -3.64
C ILE C 553 -14.89 43.63 -2.45
N PHE C 554 -14.02 44.52 -1.97
CA PHE C 554 -13.22 44.25 -0.78
C PHE C 554 -13.17 45.47 0.13
N GLN C 555 -14.13 46.38 -0.03
CA GLN C 555 -14.25 47.56 0.82
C GLN C 555 -15.54 48.32 0.51
N ALA C 595 -41.67 22.62 35.96
CA ALA C 595 -40.91 23.71 36.53
C ALA C 595 -41.83 24.76 37.14
N GLU C 596 -41.41 25.33 38.28
CA GLU C 596 -42.24 26.31 38.97
C GLU C 596 -41.52 27.64 39.12
N ASN C 597 -40.21 27.60 39.39
CA ASN C 597 -39.45 28.84 39.57
C ASN C 597 -39.52 29.71 38.32
N PHE C 598 -39.41 29.09 37.14
CA PHE C 598 -39.58 29.85 35.90
C PHE C 598 -41.00 30.38 35.78
N ARG C 599 -41.99 29.58 36.18
CA ARG C 599 -43.37 30.06 36.15
C ARG C 599 -43.60 31.17 37.19
N VAL C 600 -42.96 31.07 38.36
CA VAL C 600 -43.06 32.15 39.34
C VAL C 600 -42.45 33.43 38.77
N LEU C 601 -41.30 33.31 38.09
CA LEU C 601 -40.69 34.47 37.46
C LEU C 601 -41.61 35.06 36.39
N VAL C 602 -42.25 34.20 35.59
CA VAL C 602 -43.17 34.67 34.56
C VAL C 602 -44.34 35.42 35.20
N LYS C 603 -44.91 34.87 36.27
CA LYS C 603 -46.01 35.55 36.95
C LYS C 603 -45.55 36.87 37.52
N GLN C 604 -44.31 36.95 38.02
CA GLN C 604 -43.80 38.18 38.60
C GLN C 604 -43.52 39.23 37.53
N LYS C 605 -42.63 38.93 36.59
CA LYS C 605 -42.18 39.89 35.60
C LYS C 605 -42.60 39.47 34.19
N LYS C 606 -43.01 40.46 33.40
CA LYS C 606 -43.38 40.22 32.00
C LYS C 606 -43.33 41.56 31.27
N ALA C 607 -42.55 41.62 30.20
CA ALA C 607 -42.44 42.86 29.43
C ALA C 607 -43.77 43.22 28.77
N SER C 608 -44.42 42.25 28.15
CA SER C 608 -45.73 42.45 27.54
C SER C 608 -46.81 42.09 28.57
N PHE C 609 -48.06 42.03 28.14
CA PHE C 609 -49.15 41.68 29.03
C PHE C 609 -50.27 41.06 28.21
N GLU C 610 -51.15 40.33 28.91
CA GLU C 610 -52.31 39.65 28.34
C GLU C 610 -51.91 38.43 27.53
N GLU C 611 -50.61 38.22 27.33
CA GLU C 611 -50.15 36.92 26.83
C GLU C 611 -49.77 36.00 27.98
N ALA C 612 -49.13 36.56 29.02
CA ALA C 612 -48.97 35.82 30.25
C ALA C 612 -50.32 35.49 30.86
N SER C 613 -51.28 36.42 30.76
CA SER C 613 -52.62 36.16 31.26
C SER C 613 -53.26 34.99 30.52
N ASN C 614 -53.13 34.96 29.19
CA ASN C 614 -53.69 33.87 28.41
C ASN C 614 -53.02 32.54 28.76
N GLN C 615 -51.69 32.54 28.88
CA GLN C 615 -51.00 31.29 29.17
C GLN C 615 -51.34 30.79 30.58
N LEU C 616 -51.49 31.70 31.55
CA LEU C 616 -51.89 31.26 32.88
C LEU C 616 -53.35 30.80 32.89
N ILE C 617 -54.20 31.39 32.06
CA ILE C 617 -55.56 30.89 31.92
C ILE C 617 -55.54 29.44 31.44
N ASN C 618 -54.73 29.16 30.42
CA ASN C 618 -54.62 27.79 29.94
C ASN C 618 -54.04 26.87 31.01
N HIS C 619 -53.03 27.34 31.75
CA HIS C 619 -52.41 26.53 32.79
C HIS C 619 -53.41 26.19 33.88
N ILE C 620 -54.18 27.18 34.35
CA ILE C 620 -55.14 26.90 35.41
C ILE C 620 -56.29 26.04 34.89
N GLU C 621 -56.67 26.21 33.62
CA GLU C 621 -57.72 25.35 33.07
C GLU C 621 -57.28 23.89 33.04
N GLN C 622 -56.05 23.63 32.59
CA GLN C 622 -55.58 22.25 32.57
C GLN C 622 -55.31 21.73 33.98
N PHE C 623 -54.95 22.61 34.91
CA PHE C 623 -54.78 22.20 36.30
C PHE C 623 -56.12 21.81 36.92
N LEU C 624 -57.17 22.56 36.62
CA LEU C 624 -58.50 22.22 37.11
C LEU C 624 -59.05 20.99 36.41
N ASP C 625 -58.59 20.72 35.19
CA ASP C 625 -58.99 19.49 34.51
C ASP C 625 -58.56 18.26 35.31
N THR C 626 -57.31 18.23 35.72
CA THR C 626 -56.86 17.19 36.64
C THR C 626 -57.28 17.55 38.07
N ASN C 627 -57.14 16.59 38.98
CA ASN C 627 -57.66 16.74 40.33
C ASN C 627 -56.63 16.32 41.36
N GLU C 628 -55.40 16.82 41.20
CA GLU C 628 -54.39 16.71 42.25
C GLU C 628 -54.49 17.92 43.16
N THR C 629 -54.64 17.67 44.46
CA THR C 629 -54.70 18.77 45.43
C THR C 629 -53.50 19.72 45.34
N PRO C 630 -52.25 19.27 45.14
CA PRO C 630 -51.18 20.25 44.94
C PRO C 630 -51.45 21.22 43.81
N TYR C 631 -52.09 20.76 42.72
CA TYR C 631 -52.49 21.69 41.67
C TYR C 631 -53.58 22.65 42.16
N PHE C 632 -54.42 22.23 43.11
CA PHE C 632 -55.42 23.13 43.66
C PHE C 632 -54.78 24.23 44.49
N MET C 633 -53.83 23.88 45.35
CA MET C 633 -53.07 24.94 46.04
C MET C 633 -52.26 25.77 45.07
N LYS C 634 -51.80 25.17 43.97
CA LYS C 634 -51.15 25.92 42.90
C LYS C 634 -52.08 26.99 42.36
N SER C 635 -53.32 26.62 42.07
CA SER C 635 -54.30 27.56 41.54
C SER C 635 -54.62 28.66 42.54
N ILE C 636 -54.77 28.31 43.82
CA ILE C 636 -55.12 29.34 44.80
C ILE C 636 -53.95 30.30 45.00
N ASP C 637 -52.72 29.79 44.99
CA ASP C 637 -51.56 30.67 45.07
C ASP C 637 -51.46 31.56 43.84
N CYS C 638 -51.77 30.99 42.66
CA CYS C 638 -51.73 31.78 41.43
C CYS C 638 -52.75 32.92 41.47
N ILE C 639 -53.98 32.63 41.89
CA ILE C 639 -54.99 33.69 41.92
C ILE C 639 -54.64 34.72 42.99
N ARG C 640 -54.06 34.29 44.12
CA ARG C 640 -53.60 35.26 45.10
C ARG C 640 -52.52 36.17 44.52
N ALA C 641 -51.58 35.60 43.77
CA ALA C 641 -50.54 36.41 43.15
C ALA C 641 -51.11 37.37 42.12
N PHE C 642 -52.10 36.91 41.34
CA PHE C 642 -52.72 37.78 40.35
C PHE C 642 -53.45 38.93 41.02
N ARG C 643 -54.16 38.66 42.11
CA ARG C 643 -54.83 39.73 42.85
C ARG C 643 -53.80 40.72 43.41
N GLU C 644 -52.70 40.22 43.96
CA GLU C 644 -51.67 41.10 44.52
C GLU C 644 -51.07 41.98 43.44
N GLU C 645 -50.74 41.40 42.28
CA GLU C 645 -50.14 42.20 41.21
C GLU C 645 -51.15 43.17 40.60
N ALA C 646 -52.42 42.79 40.56
CA ALA C 646 -53.45 43.72 40.09
C ALA C 646 -53.57 44.92 41.03
N ILE C 647 -53.51 44.68 42.35
CA ILE C 647 -53.56 45.78 43.29
C ILE C 647 -52.31 46.65 43.18
N LYS C 648 -51.14 46.02 43.03
CA LYS C 648 -49.87 46.74 43.02
C LYS C 648 -49.49 47.28 41.64
N PHE C 649 -50.34 47.07 40.63
CA PHE C 649 -50.01 47.61 39.32
C PHE C 649 -51.15 48.44 38.72
N SER C 650 -52.10 48.92 39.51
CA SER C 650 -53.19 49.77 39.04
C SER C 650 -53.98 49.12 37.92
N GLU C 651 -54.63 47.99 38.22
CA GLU C 651 -55.44 47.28 37.23
C GLU C 651 -56.52 46.50 37.96
N GLU C 652 -57.77 46.64 37.51
CA GLU C 652 -58.89 45.93 38.13
C GLU C 652 -59.76 45.26 37.09
N GLN C 653 -59.72 45.73 35.84
CA GLN C 653 -60.54 45.15 34.79
C GLN C 653 -60.15 43.70 34.53
N ARG C 654 -58.84 43.41 34.49
CA ARG C 654 -58.39 42.04 34.32
C ARG C 654 -58.83 41.17 35.49
N PHE C 655 -58.72 41.70 36.72
CA PHE C 655 -59.09 40.93 37.90
C PHE C 655 -60.56 40.56 37.88
N ASN C 656 -61.45 41.52 37.59
CA ASN C 656 -62.86 41.22 37.62
C ASN C 656 -63.29 40.35 36.43
N ASN C 657 -62.70 40.56 35.26
CA ASN C 657 -63.00 39.68 34.13
C ASN C 657 -62.58 38.24 34.43
N PHE C 658 -61.38 38.06 35.01
CA PHE C 658 -60.93 36.74 35.38
C PHE C 658 -61.84 36.11 36.43
N LEU C 659 -62.25 36.90 37.42
CA LEU C 659 -63.15 36.38 38.46
C LEU C 659 -64.49 35.96 37.87
N LYS C 660 -65.03 36.76 36.96
CA LYS C 660 -66.30 36.39 36.31
C LYS C 660 -66.14 35.10 35.50
N ALA C 661 -65.03 34.99 34.76
CA ALA C 661 -64.80 33.79 33.95
C ALA C 661 -64.69 32.55 34.83
N LEU C 662 -63.94 32.63 35.93
CA LEU C 662 -63.79 31.47 36.79
C LEU C 662 -65.08 31.14 37.54
N GLN C 663 -65.85 32.17 37.91
CA GLN C 663 -67.15 31.91 38.54
C GLN C 663 -68.08 31.17 37.58
N GLU C 664 -68.12 31.61 36.32
CA GLU C 664 -68.94 30.90 35.34
C GLU C 664 -68.44 29.48 35.13
N LYS C 665 -67.12 29.29 35.08
CA LYS C 665 -66.57 27.96 34.87
C LYS C 665 -66.92 27.02 36.02
N VAL C 666 -66.80 27.49 37.27
CA VAL C 666 -67.13 26.62 38.40
C VAL C 666 -68.63 26.39 38.46
N GLU C 667 -69.45 27.36 38.01
CA GLU C 667 -70.88 27.14 38.00
C GLU C 667 -71.29 26.10 36.96
N ILE C 668 -70.65 26.10 35.79
CA ILE C 668 -71.07 25.21 34.71
C ILE C 668 -70.44 23.83 34.81
N LYS C 669 -69.40 23.64 35.62
CA LYS C 669 -68.70 22.37 35.71
C LYS C 669 -68.80 21.81 37.13
N GLN C 670 -68.06 20.74 37.37
CA GLN C 670 -68.04 20.00 38.64
C GLN C 670 -66.82 20.33 39.48
N LEU C 671 -66.44 21.61 39.52
CA LEU C 671 -65.26 22.08 40.23
C LEU C 671 -65.59 22.52 41.66
N ASN C 672 -66.54 21.83 42.30
CA ASN C 672 -66.97 22.19 43.64
C ASN C 672 -65.80 22.30 44.61
N HIS C 673 -64.80 21.43 44.46
CA HIS C 673 -63.62 21.51 45.32
C HIS C 673 -62.86 22.81 45.10
N PHE C 674 -62.70 23.23 43.84
CA PHE C 674 -62.00 24.48 43.56
C PHE C 674 -62.74 25.67 44.15
N TRP C 675 -64.06 25.70 44.00
CA TRP C 675 -64.84 26.77 44.62
C TRP C 675 -64.74 26.72 46.14
N GLU C 676 -64.72 25.52 46.73
CA GLU C 676 -64.59 25.41 48.18
C GLU C 676 -63.26 25.97 48.66
N ILE C 677 -62.16 25.63 47.97
CA ILE C 677 -60.86 26.15 48.38
C ILE C 677 -60.73 27.64 48.07
N VAL C 678 -61.47 28.15 47.10
CA VAL C 678 -61.48 29.59 46.85
C VAL C 678 -62.20 30.32 47.97
N VAL C 679 -63.38 29.82 48.37
CA VAL C 679 -64.16 30.47 49.42
C VAL C 679 -63.58 30.23 50.81
N GLN C 680 -62.68 29.25 50.95
CA GLN C 680 -61.99 29.08 52.22
C GLN C 680 -61.17 30.33 52.57
N ASP C 681 -60.50 30.91 51.57
CA ASP C 681 -59.78 32.16 51.73
C ASP C 681 -60.64 33.37 51.42
N GLY C 682 -61.35 33.37 50.30
CA GLY C 682 -62.24 34.45 49.96
C GLY C 682 -61.69 35.38 48.89
N ILE C 683 -62.14 35.21 47.65
CA ILE C 683 -61.74 36.06 46.54
C ILE C 683 -63.00 36.70 45.97
N THR C 684 -63.02 38.03 45.91
CA THR C 684 -64.19 38.76 45.45
C THR C 684 -63.71 40.02 44.73
N LEU C 685 -64.58 40.56 43.87
CA LEU C 685 -64.30 41.76 43.10
C LEU C 685 -63.95 42.94 44.00
N ILE C 686 -63.44 44.02 43.40
CA ILE C 686 -63.12 45.21 44.18
C ILE C 686 -64.38 45.78 44.79
N THR C 687 -64.39 45.97 46.11
CA THR C 687 -65.59 46.35 46.84
C THR C 687 -65.50 47.76 47.42
N LYS C 688 -64.48 48.55 47.07
CA LYS C 688 -64.34 49.88 47.64
C LYS C 688 -65.32 50.86 46.98
N GLU C 689 -65.13 51.13 45.68
CA GLU C 689 -66.12 51.92 44.95
C GLU C 689 -66.32 51.43 43.52
N GLU C 690 -66.03 50.16 43.24
CA GLU C 690 -66.07 49.61 41.88
C GLU C 690 -65.17 50.40 40.94
N ALA C 691 -63.99 50.78 41.45
CA ALA C 691 -63.04 51.57 40.68
C ALA C 691 -61.64 51.20 41.15
N SER C 692 -60.65 52.05 40.83
CA SER C 692 -59.25 51.72 41.08
C SER C 692 -58.94 51.66 42.58
N GLY C 693 -59.10 52.77 43.28
CA GLY C 693 -58.71 52.85 44.67
C GLY C 693 -59.63 53.74 45.49
N SER C 694 -59.74 53.41 46.77
CA SER C 694 -60.53 54.16 47.75
C SER C 694 -60.14 53.66 49.14
N SER C 695 -60.89 54.08 50.14
CA SER C 695 -60.67 53.67 51.53
C SER C 695 -61.97 53.22 52.17
N VAL C 696 -62.75 52.42 51.45
CA VAL C 696 -64.04 51.93 51.93
C VAL C 696 -63.92 50.44 52.20
N THR C 697 -64.62 49.99 53.25
CA THR C 697 -64.61 48.60 53.63
C THR C 697 -65.26 47.73 52.56
N ALA C 698 -64.98 46.43 52.63
CA ALA C 698 -65.44 45.48 51.62
C ALA C 698 -66.83 44.98 51.97
N GLU C 699 -67.78 45.21 51.08
CA GLU C 699 -69.14 44.71 51.26
C GLU C 699 -69.62 43.82 50.11
N GLU C 700 -68.92 43.83 48.98
CA GLU C 700 -69.32 42.98 47.85
C GLU C 700 -69.12 41.50 48.19
N ALA C 701 -68.15 41.20 49.06
CA ALA C 701 -67.89 39.81 49.41
C ALA C 701 -69.10 39.16 50.07
N LYS C 702 -69.75 39.88 50.99
CA LYS C 702 -70.93 39.33 51.64
C LYS C 702 -72.15 39.33 50.72
N LYS C 703 -72.27 40.35 49.86
CA LYS C 703 -73.44 40.46 48.99
C LYS C 703 -73.38 39.50 47.80
N PHE C 704 -72.20 38.99 47.45
CA PHE C 704 -72.07 38.09 46.31
C PHE C 704 -71.59 36.70 46.69
N LEU C 705 -70.94 36.52 47.84
CA LEU C 705 -70.41 35.23 48.26
C LEU C 705 -70.73 35.05 49.74
N ALA C 706 -71.88 34.44 50.02
CA ALA C 706 -72.31 34.22 51.40
C ALA C 706 -71.62 32.99 51.98
N ASP C 724 -85.69 -9.38 12.82
CA ASP C 724 -84.65 -9.34 11.80
C ASP C 724 -83.28 -9.56 12.41
N VAL C 725 -82.74 -8.50 13.02
CA VAL C 725 -81.43 -8.59 13.66
C VAL C 725 -81.47 -9.56 14.83
N ASP C 726 -82.63 -9.71 15.47
CA ASP C 726 -82.76 -10.67 16.57
C ASP C 726 -82.55 -12.09 16.08
N ASP C 727 -83.10 -12.42 14.90
CA ASP C 727 -82.95 -13.76 14.35
C ASP C 727 -81.51 -14.08 13.99
N LEU C 728 -80.69 -13.06 13.70
CA LEU C 728 -79.32 -13.27 13.30
C LEU C 728 -78.45 -13.81 14.43
N LEU C 729 -78.94 -13.82 15.67
CA LEU C 729 -78.10 -14.15 16.81
C LEU C 729 -78.00 -15.66 17.03
N ASP C 730 -79.14 -16.34 17.17
CA ASP C 730 -79.16 -17.75 17.52
C ASP C 730 -78.98 -18.68 16.33
N MET C 731 -78.48 -18.17 15.20
CA MET C 731 -78.12 -19.03 14.08
C MET C 731 -76.90 -19.90 14.37
N ILE C 732 -76.19 -19.61 15.46
CA ILE C 732 -75.01 -20.38 15.87
C ILE C 732 -75.39 -21.82 16.16
C10 1IX F . 31.10 -61.00 5.28
C11 1IX F . 30.97 -62.17 6.01
C12 1IX F . 31.49 -62.23 7.32
C13 1IX F . 32.16 -61.05 7.89
C15 1IX F . 31.76 -59.87 5.85
N17 1IX F . 34.22 -58.77 8.24
C18 1IX F . 34.84 -57.72 8.73
N19 1IX F . 34.27 -56.51 8.77
C20 1IX F . 33.05 -56.30 8.29
C21 1IX F . 32.36 -57.36 7.77
C22 1IX F . 31.01 -57.15 7.27
C01 1IX F . 24.67 -58.60 3.74
C03 1IX F . 27.03 -58.50 4.02
C06 1IX F . 29.30 -60.02 3.90
C07 1IX F . 29.44 -58.61 3.94
C08 1IX F . 28.27 -57.81 4.00
C09 1IX F . 30.53 -60.89 3.84
C14 1IX F . 32.28 -59.91 7.18
C16 1IX F . 33.00 -58.65 7.76
C23 1IX F . 30.43 -55.89 7.31
C24 1IX F . 31.15 -54.79 7.84
C25 1IX F . 32.43 -54.98 8.34
C27 1IX F . 31.04 -52.30 8.49
C28 1IX F . 30.74 -51.00 7.73
C30 1IX F . 28.99 -51.91 6.62
C31 1IX F . 29.16 -53.26 7.30
F32 1IX F . 32.66 -61.11 9.13
N04 1IX F . 27.00 -59.80 3.99
N05 1IX F . 28.12 -60.57 3.92
N26 1IX F . 30.49 -53.47 7.87
O02 1IX F . 25.85 -57.80 4.08
O29 1IX F . 29.42 -50.87 7.40
O34 1IX F . 31.51 -60.28 3.04
CL1 1IX F . 30.12 -63.61 5.26
#